data_5MV3
#
_entry.id   5MV3
#
_cell.length_a   87.353
_cell.length_b   92.844
_cell.length_c   121.706
_cell.angle_alpha   92.50
_cell.angle_beta   106.53
_cell.angle_gamma   104.31
#
_symmetry.space_group_name_H-M   'P 1'
#
loop_
_entity.id
_entity.type
_entity.pdbx_description
1 polymer 'heavy chain of ACC1 Fab fragment'
2 polymer 'light chain of ACC1 Fab fragment'
3 polymer 'synthetic peptide containing the CII583-591 epitope of collagen type II,Collagen alpha-1(II) chain,synthetic peptide containing the CII583-591 epitope of collagen type II,'
4 polymer 'heavy chain of ACC1 Fab fragment'
#
loop_
_entity_poly.entity_id
_entity_poly.type
_entity_poly.pdbx_seq_one_letter_code
_entity_poly.pdbx_strand_id
1 'polypeptide(L)'
;EVKLEESGGGLVQPGGSMKLSCAASGFTFSDAWMDWVRQSPEKGLEWVAEIRNKVNNHATNYAESVKGRFTISRDDSRSV
VYLQMNNLKPEDTGIYYCTGLTFDYWGQGTTLTVSSAKTTAPSVYPLAPVCGGTTGSSVTLGCLVKGYFPEPVTLTWNSG
SLSSGVHTFPALLLSGLYTLSSSVTVTSNTWPSQTITCNVAHPASSTKVDKKIEPRGP
;
A,C,F,I,O,R,U
2 'polypeptide(L)'
;DIVLTQSPASLAVSLGQRATISCRASESVDNYGISSMNWFQQKAGQPPKFLIYAASKQGSGVPARFSGSGSGTDFSLIIH
PVEEDDTAVYFCQQSKGVPYTFGGGTKLEIKRADAAPTVSIFPPSSEQLTSGGASVVCFLNNFYPKDINVKWKIDGSERQ
NGVLNSWTDQDSKDSTYSMSSTLTLTKDEYERHNSYTCEATHKTSTSPIVKSFNRNEC
;
B,D,G,J,M,P,S,V
3 'polypeptide(L)' GP(HYP)GP(HYP)GP(HYP)GP(HYP)GGRGLTGPIGP(HYP)GP(HYP)GP(HYP) X,E,H,K,N,Q,T,W
4 'polypeptide(L)'
;EVKLEESGGGLVQPGGSMKLSCAASGFTFSDAWMDWVRQSPEKGLEWVAEIRNKVNNHATNYAESVKGRFTISRDDSRSV
VYLQMNNLKPEDTGIYYCTGLTFDYWGQGTTLTVSSAKTTAPSVYPLAPVCGGTTGSSVTLGCLVKGYFPEPVTLTWNSG
SLSSGVHTFPALLLSGLYTLSSSVTVTSNTWPSQTITCNVAHPASSTKVDKKIEPRGPTI
;
L
#
# COMPACT_ATOMS: atom_id res chain seq x y z
N GLU A 1 -16.38 17.28 -31.57
CA GLU A 1 -16.81 15.87 -31.33
C GLU A 1 -18.33 15.79 -31.42
N VAL A 2 -18.83 14.77 -32.09
CA VAL A 2 -20.25 14.63 -32.40
C VAL A 2 -20.86 13.53 -31.52
N LYS A 3 -22.07 13.76 -31.00
CA LYS A 3 -22.69 12.85 -30.03
C LYS A 3 -24.21 12.72 -30.29
N LEU A 4 -24.70 11.49 -30.29
CA LEU A 4 -26.12 11.17 -30.44
C LEU A 4 -26.46 10.15 -29.37
N GLU A 5 -27.41 10.47 -28.50
CA GLU A 5 -27.81 9.58 -27.41
C GLU A 5 -29.28 9.27 -27.54
N GLU A 6 -29.59 7.97 -27.65
CA GLU A 6 -30.95 7.51 -27.71
C GLU A 6 -31.41 7.13 -26.33
N SER A 7 -32.69 7.35 -26.08
CA SER A 7 -33.38 6.93 -24.86
C SER A 7 -34.79 6.42 -25.23
N GLY A 8 -35.55 5.98 -24.22
CA GLY A 8 -36.96 5.61 -24.38
C GLY A 8 -37.22 4.22 -24.92
N GLY A 9 -36.17 3.41 -25.09
CA GLY A 9 -36.35 1.98 -25.33
C GLY A 9 -36.74 1.22 -24.07
N GLY A 10 -37.07 -0.05 -24.21
CA GLY A 10 -37.52 -0.88 -23.07
C GLY A 10 -38.60 -1.89 -23.44
N LEU A 11 -39.33 -2.37 -22.42
CA LEU A 11 -40.31 -3.46 -22.59
C LEU A 11 -41.71 -2.90 -22.81
N VAL A 12 -42.45 -3.47 -23.75
CA VAL A 12 -43.88 -3.12 -23.95
C VAL A 12 -44.62 -4.20 -24.72
N GLN A 13 -45.93 -4.30 -24.45
CA GLN A 13 -46.76 -5.40 -24.97
C GLN A 13 -47.27 -5.07 -26.38
N PRO A 14 -47.51 -6.11 -27.22
CA PRO A 14 -48.06 -5.90 -28.57
C PRO A 14 -49.29 -5.01 -28.66
N GLY A 15 -49.33 -4.18 -29.70
CA GLY A 15 -50.36 -3.16 -29.86
C GLY A 15 -50.12 -1.88 -29.08
N GLY A 16 -49.26 -1.92 -28.05
CA GLY A 16 -48.98 -0.78 -27.22
C GLY A 16 -48.13 0.27 -27.89
N SER A 17 -47.51 1.13 -27.08
CA SER A 17 -46.82 2.31 -27.57
C SER A 17 -45.58 2.68 -26.79
N MET A 18 -44.76 3.50 -27.43
CA MET A 18 -43.45 3.86 -26.92
C MET A 18 -42.92 5.01 -27.76
N LYS A 19 -42.31 5.97 -27.07
CA LYS A 19 -41.72 7.15 -27.69
C LYS A 19 -40.21 7.09 -27.45
N LEU A 20 -39.47 6.78 -28.52
CA LEU A 20 -38.02 6.89 -28.50
C LEU A 20 -37.63 8.32 -28.80
N SER A 21 -36.57 8.80 -28.17
CA SER A 21 -36.01 10.11 -28.49
C SER A 21 -34.49 10.09 -28.55
N CYS A 22 -33.94 11.14 -29.14
CA CYS A 22 -32.56 11.19 -29.56
C CYS A 22 -31.98 12.59 -29.37
N ALA A 23 -30.97 12.71 -28.50
CA ALA A 23 -30.30 13.99 -28.24
C ALA A 23 -29.02 14.14 -29.06
N ALA A 24 -28.86 15.28 -29.76
CA ALA A 24 -27.81 15.44 -30.76
C ALA A 24 -27.04 16.72 -30.52
N SER A 25 -25.73 16.60 -30.43
CA SER A 25 -24.83 17.75 -30.34
C SER A 25 -23.66 17.57 -31.31
N GLY A 26 -22.84 18.60 -31.46
CA GLY A 26 -21.63 18.55 -32.28
C GLY A 26 -21.76 18.84 -33.76
N PHE A 27 -22.98 19.04 -34.25
CA PHE A 27 -23.21 19.43 -35.65
C PHE A 27 -24.41 20.35 -35.72
N THR A 28 -24.51 21.14 -36.79
CA THR A 28 -25.56 22.15 -36.88
C THR A 28 -26.90 21.46 -37.16
N PHE A 29 -27.64 21.16 -36.09
CA PHE A 29 -28.80 20.30 -36.11
C PHE A 29 -29.90 20.74 -37.06
N SER A 30 -30.24 22.03 -37.04
CA SER A 30 -31.34 22.57 -37.90
C SER A 30 -31.20 22.18 -39.38
N ASP A 31 -29.93 22.17 -39.82
CA ASP A 31 -29.58 21.80 -41.17
C ASP A 31 -29.62 20.29 -41.40
N ALA A 32 -29.35 19.47 -40.37
CA ALA A 32 -29.16 18.01 -40.55
C ALA A 32 -30.43 17.28 -40.88
N TRP A 33 -30.32 16.34 -41.80
CA TRP A 33 -31.36 15.33 -42.06
C TRP A 33 -31.11 14.21 -41.06
N MET A 34 -32.17 13.85 -40.34
CA MET A 34 -32.08 12.80 -39.31
C MET A 34 -32.86 11.56 -39.73
N ASP A 35 -32.50 10.43 -39.13
CA ASP A 35 -33.08 9.13 -39.48
C ASP A 35 -33.06 8.21 -38.28
N TRP A 36 -33.90 7.18 -38.31
CA TRP A 36 -33.77 6.05 -37.38
C TRP A 36 -33.49 4.80 -38.17
N VAL A 37 -32.50 4.04 -37.75
CA VAL A 37 -32.21 2.72 -38.28
C VAL A 37 -32.38 1.72 -37.14
N ARG A 38 -32.80 0.50 -37.44
CA ARG A 38 -32.92 -0.54 -36.42
C ARG A 38 -32.21 -1.81 -36.84
N GLN A 39 -31.73 -2.59 -35.87
CA GLN A 39 -30.96 -3.79 -36.14
C GLN A 39 -31.46 -4.96 -35.30
N SER A 40 -31.75 -6.06 -35.99
CA SER A 40 -32.20 -7.30 -35.38
C SER A 40 -31.52 -8.47 -36.12
N PRO A 41 -31.36 -9.63 -35.49
CA PRO A 41 -30.70 -10.77 -36.15
C PRO A 41 -31.40 -11.27 -37.41
N GLU A 42 -32.73 -11.30 -37.38
CA GLU A 42 -33.50 -11.87 -38.49
C GLU A 42 -33.41 -10.98 -39.73
N LYS A 43 -33.74 -9.70 -39.56
CA LYS A 43 -33.92 -8.78 -40.69
C LYS A 43 -32.65 -7.98 -41.09
N GLY A 44 -31.68 -7.88 -40.18
CA GLY A 44 -30.39 -7.26 -40.48
C GLY A 44 -30.47 -5.83 -40.03
N LEU A 45 -30.13 -4.89 -40.92
CA LEU A 45 -30.25 -3.46 -40.65
C LEU A 45 -31.36 -2.86 -41.50
N GLU A 46 -32.36 -2.26 -40.86
CA GLU A 46 -33.54 -1.68 -41.52
C GLU A 46 -33.59 -0.19 -41.26
N TRP A 47 -33.57 0.61 -42.32
CA TRP A 47 -33.87 2.03 -42.23
C TRP A 47 -35.36 2.12 -41.95
N VAL A 48 -35.69 2.84 -40.90
CA VAL A 48 -37.04 2.93 -40.40
C VAL A 48 -37.69 4.22 -40.86
N ALA A 49 -37.11 5.37 -40.54
CA ALA A 49 -37.69 6.65 -40.96
C ALA A 49 -36.69 7.77 -41.16
N GLU A 50 -37.05 8.69 -42.04
CA GLU A 50 -36.26 9.88 -42.34
C GLU A 50 -37.05 11.13 -41.93
N ILE A 51 -36.33 12.21 -41.61
CA ILE A 51 -36.90 13.53 -41.53
C ILE A 51 -35.87 14.53 -42.01
N ARG A 52 -36.23 15.28 -43.03
CA ARG A 52 -35.33 16.23 -43.66
C ARG A 52 -35.32 17.54 -42.87
N ASN A 53 -34.57 18.52 -43.36
CA ASN A 53 -34.38 19.78 -42.63
C ASN A 53 -35.51 20.78 -42.87
N LYS A 54 -35.46 21.90 -42.17
CA LYS A 54 -36.40 23.00 -42.35
C LYS A 54 -36.48 23.48 -43.81
N VAL A 55 -35.35 23.50 -44.51
CA VAL A 55 -35.32 23.92 -45.92
C VAL A 55 -36.16 22.99 -46.79
N ASN A 56 -36.19 21.69 -46.45
CA ASN A 56 -36.97 20.68 -47.18
C ASN A 56 -38.27 20.25 -46.49
N ASN A 57 -38.91 21.24 -45.87
CA ASN A 57 -40.26 21.09 -45.31
C ASN A 57 -40.37 19.99 -44.22
N HIS A 58 -39.29 19.65 -43.53
CA HIS A 58 -39.27 18.54 -42.57
C HIS A 58 -39.95 17.29 -43.11
N ALA A 59 -39.63 16.96 -44.35
CA ALA A 59 -40.26 15.82 -45.05
C ALA A 59 -39.98 14.52 -44.33
N THR A 60 -41.02 13.71 -44.17
CA THR A 60 -40.90 12.40 -43.56
C THR A 60 -41.01 11.34 -44.64
N ASN A 61 -40.34 10.22 -44.37
CA ASN A 61 -40.48 9.03 -45.19
C ASN A 61 -40.24 7.83 -44.30
N TYR A 62 -40.94 6.74 -44.58
CA TYR A 62 -40.88 5.55 -43.73
C TYR A 62 -40.71 4.27 -44.51
N ALA A 63 -40.31 3.23 -43.81
CA ALA A 63 -40.36 1.89 -44.36
C ALA A 63 -41.82 1.50 -44.49
N GLU A 64 -42.21 0.93 -45.62
CA GLU A 64 -43.62 0.53 -45.82
C GLU A 64 -44.14 -0.38 -44.69
N SER A 65 -43.26 -1.13 -44.04
CA SER A 65 -43.65 -1.98 -42.92
C SER A 65 -43.98 -1.25 -41.62
N VAL A 66 -43.72 0.06 -41.53
CA VAL A 66 -44.14 0.85 -40.35
C VAL A 66 -45.04 2.10 -40.66
N LYS A 67 -45.49 2.24 -41.90
CA LYS A 67 -46.33 3.36 -42.33
C LYS A 67 -47.62 3.48 -41.53
N GLY A 68 -47.91 4.69 -41.04
CA GLY A 68 -49.09 4.94 -40.23
C GLY A 68 -49.11 4.23 -38.88
N ARG A 69 -47.98 3.67 -38.48
CA ARG A 69 -47.79 3.11 -37.15
C ARG A 69 -46.72 3.89 -36.38
N PHE A 70 -45.61 4.20 -37.05
CA PHE A 70 -44.55 5.02 -36.53
C PHE A 70 -44.71 6.46 -37.05
N THR A 71 -44.25 7.44 -36.27
CA THR A 71 -44.18 8.83 -36.70
C THR A 71 -42.87 9.49 -36.21
N ILE A 72 -42.10 10.01 -37.15
CA ILE A 72 -40.83 10.69 -36.85
C ILE A 72 -41.05 12.20 -36.83
N SER A 73 -40.34 12.90 -35.97
CA SER A 73 -40.49 14.35 -35.78
C SER A 73 -39.33 14.91 -34.96
N ARG A 74 -39.20 16.23 -34.95
CA ARG A 74 -38.01 16.87 -34.40
C ARG A 74 -38.30 18.22 -33.78
N ASP A 75 -37.38 18.66 -32.90
CA ASP A 75 -37.40 20.00 -32.32
C ASP A 75 -36.04 20.64 -32.58
N ASP A 76 -35.96 21.40 -33.67
CA ASP A 76 -34.70 22.07 -34.03
C ASP A 76 -34.19 23.02 -32.91
N SER A 77 -35.07 23.49 -32.02
CA SER A 77 -34.64 24.31 -30.87
C SER A 77 -33.95 23.45 -29.78
N ARG A 78 -34.48 22.24 -29.54
CA ARG A 78 -33.90 21.32 -28.55
C ARG A 78 -32.84 20.39 -29.11
N SER A 79 -32.69 20.34 -30.43
CA SER A 79 -31.83 19.38 -31.11
C SER A 79 -32.17 17.96 -30.67
N VAL A 80 -33.36 17.51 -31.06
CA VAL A 80 -33.89 16.24 -30.61
C VAL A 80 -34.84 15.64 -31.65
N VAL A 81 -34.68 14.33 -31.87
CA VAL A 81 -35.52 13.58 -32.80
C VAL A 81 -36.34 12.62 -31.95
N TYR A 82 -37.57 12.41 -32.38
CA TYR A 82 -38.52 11.57 -31.68
C TYR A 82 -39.05 10.52 -32.66
N LEU A 83 -39.28 9.32 -32.18
CA LEU A 83 -39.99 8.29 -32.93
C LEU A 83 -41.15 7.79 -32.08
N GLN A 84 -42.36 8.21 -32.45
CA GLN A 84 -43.58 7.70 -31.82
C GLN A 84 -43.93 6.42 -32.52
N MET A 85 -44.06 5.36 -31.74
CA MET A 85 -44.32 4.03 -32.24
C MET A 85 -45.63 3.50 -31.65
N ASN A 86 -46.61 3.26 -32.52
CA ASN A 86 -47.97 2.89 -32.13
C ASN A 86 -48.36 1.58 -32.81
N ASN A 87 -49.20 0.79 -32.15
CA ASN A 87 -49.56 -0.57 -32.61
C ASN A 87 -48.28 -1.37 -32.88
N LEU A 88 -47.48 -1.49 -31.83
CA LEU A 88 -46.17 -2.12 -31.92
C LEU A 88 -46.31 -3.63 -32.05
N LYS A 89 -45.49 -4.21 -32.93
CA LYS A 89 -45.56 -5.63 -33.26
C LYS A 89 -44.30 -6.36 -32.80
N PRO A 90 -44.35 -7.70 -32.73
CA PRO A 90 -43.16 -8.44 -32.34
C PRO A 90 -41.96 -8.25 -33.27
N GLU A 91 -42.19 -8.11 -34.58
CA GLU A 91 -41.12 -7.84 -35.54
C GLU A 91 -40.43 -6.47 -35.35
N ASP A 92 -41.09 -5.52 -34.68
CA ASP A 92 -40.46 -4.23 -34.36
C ASP A 92 -39.37 -4.34 -33.30
N THR A 93 -39.30 -5.47 -32.60
CA THR A 93 -38.18 -5.76 -31.68
C THR A 93 -36.81 -5.63 -32.38
N GLY A 94 -35.86 -5.02 -31.66
CA GLY A 94 -34.56 -4.66 -32.20
C GLY A 94 -33.90 -3.51 -31.47
N ILE A 95 -32.67 -3.21 -31.88
CA ILE A 95 -31.92 -2.06 -31.37
C ILE A 95 -32.17 -0.88 -32.31
N TYR A 96 -32.64 0.24 -31.79
CA TYR A 96 -32.91 1.43 -32.64
C TYR A 96 -31.77 2.42 -32.52
N TYR A 97 -31.10 2.67 -33.64
CA TYR A 97 -30.06 3.70 -33.74
C TYR A 97 -30.63 4.98 -34.36
N CYS A 98 -30.22 6.09 -33.81
CA CYS A 98 -30.55 7.41 -34.31
C CYS A 98 -29.33 7.90 -35.05
N THR A 99 -29.53 8.30 -36.30
CA THR A 99 -28.42 8.73 -37.13
C THR A 99 -28.59 10.16 -37.63
N GLY A 100 -27.46 10.80 -37.91
CA GLY A 100 -27.41 12.19 -38.31
C GLY A 100 -26.65 12.36 -39.61
N LEU A 101 -27.06 13.35 -40.42
CA LEU A 101 -26.49 13.55 -41.76
C LEU A 101 -26.69 12.25 -42.54
N THR A 102 -27.96 11.93 -42.76
CA THR A 102 -28.40 10.59 -43.13
C THR A 102 -27.70 9.53 -42.25
N PHE A 103 -26.61 8.88 -42.70
CA PHE A 103 -25.95 7.84 -41.88
C PHE A 103 -24.48 8.15 -41.63
N ASP A 104 -24.10 9.42 -41.57
CA ASP A 104 -22.72 9.78 -41.20
C ASP A 104 -22.45 9.46 -39.74
N TYR A 105 -23.36 9.94 -38.90
CA TYR A 105 -23.25 9.81 -37.43
C TYR A 105 -24.28 8.85 -36.88
N TRP A 106 -23.93 8.14 -35.81
CA TRP A 106 -24.77 7.06 -35.26
C TRP A 106 -24.67 7.05 -33.75
N GLY A 107 -25.80 7.07 -33.06
CA GLY A 107 -25.82 6.87 -31.61
C GLY A 107 -25.49 5.44 -31.22
N GLN A 108 -25.43 5.17 -29.93
CA GLN A 108 -25.08 3.81 -29.46
C GLN A 108 -26.25 2.82 -29.51
N GLY A 109 -27.46 3.36 -29.46
CA GLY A 109 -28.68 2.62 -29.74
C GLY A 109 -29.48 2.39 -28.47
N THR A 110 -30.81 2.36 -28.60
CA THR A 110 -31.68 1.98 -27.47
C THR A 110 -32.49 0.75 -27.89
N THR A 111 -32.57 -0.22 -26.99
CA THR A 111 -33.16 -1.53 -27.30
C THR A 111 -34.66 -1.53 -27.02
N LEU A 112 -35.44 -1.98 -28.01
CA LEU A 112 -36.88 -2.07 -27.87
C LEU A 112 -37.24 -3.51 -27.88
N THR A 113 -37.96 -3.97 -26.85
CA THR A 113 -38.50 -5.33 -26.83
C THR A 113 -40.05 -5.31 -26.81
N VAL A 114 -40.66 -5.90 -27.84
CA VAL A 114 -42.12 -6.00 -27.97
C VAL A 114 -42.53 -7.47 -27.77
N SER A 115 -42.78 -7.80 -26.51
CA SER A 115 -43.13 -9.14 -26.08
C SER A 115 -44.20 -9.07 -24.97
N SER A 116 -45.11 -10.04 -24.99
CA SER A 116 -46.10 -10.21 -23.92
C SER A 116 -45.47 -10.72 -22.62
N ALA A 117 -44.24 -11.25 -22.69
CA ALA A 117 -43.52 -11.68 -21.48
C ALA A 117 -43.34 -10.58 -20.45
N LYS A 118 -43.04 -10.98 -19.22
CA LYS A 118 -42.85 -10.07 -18.10
C LYS A 118 -41.36 -9.88 -17.85
N THR A 119 -40.98 -8.67 -17.44
CA THR A 119 -39.64 -8.40 -16.90
C THR A 119 -39.27 -9.41 -15.79
N THR A 120 -38.01 -9.86 -15.78
CA THR A 120 -37.52 -10.85 -14.81
C THR A 120 -36.05 -10.51 -14.57
N ALA A 121 -35.70 -10.01 -13.37
CA ALA A 121 -34.34 -9.43 -13.15
C ALA A 121 -33.30 -10.53 -13.04
N PRO A 122 -32.02 -10.22 -13.37
CA PRO A 122 -30.97 -11.24 -13.28
C PRO A 122 -30.74 -11.68 -11.84
N SER A 123 -30.19 -12.88 -11.70
CA SER A 123 -29.54 -13.30 -10.48
C SER A 123 -28.06 -13.29 -10.80
N VAL A 124 -27.28 -12.62 -9.96
CA VAL A 124 -25.88 -12.34 -10.24
C VAL A 124 -25.06 -13.11 -9.21
N TYR A 125 -24.41 -14.19 -9.68
CA TYR A 125 -23.64 -15.08 -8.81
C TYR A 125 -22.14 -14.92 -9.11
N PRO A 126 -21.30 -14.67 -8.08
CA PRO A 126 -19.87 -14.49 -8.31
C PRO A 126 -19.10 -15.81 -8.24
N LEU A 127 -18.11 -15.97 -9.12
CA LEU A 127 -17.38 -17.23 -9.27
C LEU A 127 -15.91 -17.04 -8.89
N ALA A 128 -15.53 -17.63 -7.76
CA ALA A 128 -14.13 -17.67 -7.31
C ALA A 128 -13.45 -18.96 -7.78
N PRO A 129 -12.10 -18.94 -7.98
CA PRO A 129 -11.41 -20.16 -8.44
C PRO A 129 -11.59 -21.36 -7.50
N VAL A 130 -11.25 -22.55 -8.01
CA VAL A 130 -11.28 -23.77 -7.19
C VAL A 130 -10.35 -23.60 -5.97
N CYS A 131 -10.78 -24.12 -4.83
CA CYS A 131 -9.92 -24.26 -3.68
C CYS A 131 -8.58 -24.93 -4.02
N GLY A 132 -7.47 -24.33 -3.58
CA GLY A 132 -6.13 -24.92 -3.73
C GLY A 132 -5.06 -23.87 -3.97
N THR A 135 -2.64 -22.39 -9.69
CA THR A 135 -1.29 -22.00 -10.04
C THR A 135 -0.89 -20.77 -9.18
N GLY A 136 -0.92 -19.57 -9.76
CA GLY A 136 -0.40 -18.36 -9.09
C GLY A 136 0.01 -17.26 -10.05
N SER A 137 0.78 -17.62 -11.09
CA SER A 137 1.30 -16.64 -12.10
C SER A 137 0.24 -15.69 -12.67
N SER A 138 -0.95 -16.24 -12.95
CA SER A 138 -2.18 -15.46 -13.10
C SER A 138 -3.37 -16.14 -12.36
N VAL A 139 -4.56 -15.55 -12.46
CA VAL A 139 -5.74 -16.01 -11.74
C VAL A 139 -6.97 -15.42 -12.41
N THR A 140 -7.98 -16.27 -12.63
CA THR A 140 -9.10 -15.94 -13.49
C THR A 140 -10.36 -16.04 -12.66
N LEU A 141 -11.11 -14.96 -12.63
CA LEU A 141 -12.31 -14.81 -11.82
C LEU A 141 -13.50 -14.73 -12.75
N GLY A 142 -14.70 -15.04 -12.25
CA GLY A 142 -15.92 -15.09 -13.08
C GLY A 142 -17.14 -14.47 -12.43
N CYS A 143 -18.06 -13.97 -13.26
CA CYS A 143 -19.33 -13.43 -12.78
C CYS A 143 -20.44 -13.94 -13.67
N LEU A 144 -21.44 -14.59 -13.09
CA LEU A 144 -22.43 -15.34 -13.86
C LEU A 144 -23.78 -14.67 -13.66
N VAL A 145 -24.45 -14.40 -14.77
CA VAL A 145 -25.63 -13.54 -14.76
C VAL A 145 -26.76 -14.28 -15.47
N LYS A 146 -27.75 -14.73 -14.69
CA LYS A 146 -28.68 -15.77 -15.11
C LYS A 146 -30.15 -15.36 -15.06
N GLY A 147 -30.93 -15.92 -15.99
CA GLY A 147 -32.39 -15.85 -15.96
C GLY A 147 -32.95 -14.46 -15.88
N TYR A 148 -32.53 -13.61 -16.80
CA TYR A 148 -33.09 -12.25 -16.95
C TYR A 148 -33.82 -12.04 -18.27
N PHE A 149 -34.63 -11.00 -18.31
CA PHE A 149 -35.43 -10.62 -19.47
C PHE A 149 -36.02 -9.22 -19.19
N PRO A 150 -36.09 -8.32 -20.17
CA PRO A 150 -35.58 -8.50 -21.52
C PRO A 150 -34.07 -8.32 -21.55
N GLU A 151 -33.53 -8.35 -22.76
CA GLU A 151 -32.22 -7.75 -23.02
C GLU A 151 -32.36 -6.22 -23.06
N PRO A 152 -31.27 -5.47 -22.81
CA PRO A 152 -29.95 -5.97 -22.43
C PRO A 152 -29.69 -5.92 -20.92
N VAL A 153 -28.53 -6.43 -20.55
CA VAL A 153 -27.86 -6.09 -19.30
C VAL A 153 -26.54 -5.38 -19.66
N THR A 154 -25.90 -4.77 -18.67
CA THR A 154 -24.51 -4.28 -18.81
C THR A 154 -23.71 -4.79 -17.63
N LEU A 155 -22.44 -5.13 -17.86
CA LEU A 155 -21.59 -5.78 -16.86
C LEU A 155 -20.21 -5.23 -17.00
N THR A 156 -19.72 -4.68 -15.89
CA THR A 156 -18.36 -4.21 -15.82
C THR A 156 -17.67 -4.68 -14.54
N TRP A 157 -16.34 -4.53 -14.48
CA TRP A 157 -15.55 -4.86 -13.27
C TRP A 157 -14.92 -3.61 -12.69
N ASN A 158 -15.07 -3.47 -11.37
CA ASN A 158 -14.62 -2.26 -10.64
C ASN A 158 -15.04 -0.97 -11.35
N SER A 159 -16.30 -0.95 -11.82
CA SER A 159 -16.91 0.19 -12.49
C SER A 159 -16.05 0.70 -13.64
N GLY A 160 -15.68 -0.22 -14.52
CA GLY A 160 -14.95 0.12 -15.73
C GLY A 160 -13.43 0.12 -15.62
N SER A 161 -12.90 -0.01 -14.40
CA SER A 161 -11.45 0.09 -14.17
C SER A 161 -10.75 -1.07 -14.83
N LEU A 162 -11.17 -2.26 -14.44
CA LEU A 162 -10.74 -3.49 -15.08
C LEU A 162 -11.52 -3.59 -16.38
N SER A 163 -10.81 -3.34 -17.47
CA SER A 163 -11.29 -3.57 -18.82
C SER A 163 -10.41 -4.60 -19.54
N SER A 164 -9.08 -4.39 -19.50
CA SER A 164 -8.12 -5.36 -20.03
C SER A 164 -8.22 -6.67 -19.26
N GLY A 165 -8.06 -7.78 -19.98
CA GLY A 165 -8.15 -9.12 -19.42
C GLY A 165 -9.57 -9.62 -19.15
N VAL A 166 -10.58 -8.91 -19.62
CA VAL A 166 -11.98 -9.31 -19.48
C VAL A 166 -12.51 -9.88 -20.79
N HIS A 167 -13.40 -10.85 -20.65
CA HIS A 167 -14.17 -11.44 -21.73
C HIS A 167 -15.61 -11.63 -21.26
N THR A 168 -16.55 -10.83 -21.78
CA THR A 168 -17.96 -10.97 -21.48
C THR A 168 -18.63 -11.65 -22.64
N PHE A 169 -19.37 -12.70 -22.34
CA PHE A 169 -19.89 -13.59 -23.36
C PHE A 169 -21.26 -13.11 -23.81
N PRO A 170 -21.56 -13.22 -25.13
CA PRO A 170 -22.89 -12.81 -25.62
C PRO A 170 -23.97 -13.62 -24.95
N ALA A 171 -25.07 -12.95 -24.62
CA ALA A 171 -26.18 -13.62 -23.97
C ALA A 171 -26.74 -14.73 -24.84
N LEU A 172 -27.21 -15.79 -24.20
CA LEU A 172 -28.00 -16.81 -24.85
C LEU A 172 -29.32 -17.05 -24.13
N LEU A 173 -30.31 -17.45 -24.93
CA LEU A 173 -31.62 -17.85 -24.43
C LEU A 173 -31.48 -19.24 -23.83
N LEU A 174 -31.53 -19.32 -22.50
CA LEU A 174 -31.58 -20.58 -21.75
C LEU A 174 -32.96 -20.65 -21.09
N SER A 175 -33.83 -21.51 -21.64
CA SER A 175 -35.19 -21.73 -21.11
C SER A 175 -36.04 -20.44 -21.23
N GLY A 176 -36.18 -19.89 -22.45
CA GLY A 176 -36.96 -18.63 -22.69
C GLY A 176 -36.49 -17.32 -22.03
N LEU A 177 -35.41 -17.39 -21.26
CA LEU A 177 -34.84 -16.26 -20.52
C LEU A 177 -33.28 -16.26 -20.65
N TYR A 178 -32.70 -15.06 -20.67
CA TYR A 178 -31.28 -14.86 -20.99
C TYR A 178 -30.31 -15.21 -19.88
N THR A 179 -29.15 -15.70 -20.31
CA THR A 179 -27.98 -15.95 -19.46
C THR A 179 -26.74 -15.39 -20.13
N LEU A 180 -25.82 -14.92 -19.31
CA LEU A 180 -24.46 -14.62 -19.74
C LEU A 180 -23.49 -14.69 -18.57
N SER A 181 -22.22 -14.54 -18.91
CA SER A 181 -21.16 -14.55 -17.94
C SER A 181 -20.06 -13.63 -18.44
N SER A 182 -19.16 -13.29 -17.54
CA SER A 182 -17.93 -12.58 -17.85
C SER A 182 -16.79 -13.20 -17.05
N SER A 183 -15.58 -13.15 -17.60
CA SER A 183 -14.39 -13.65 -16.92
C SER A 183 -13.26 -12.64 -17.01
N VAL A 184 -12.51 -12.45 -15.91
CA VAL A 184 -11.45 -11.44 -15.84
C VAL A 184 -10.21 -12.10 -15.30
N THR A 185 -9.07 -11.86 -15.95
CA THR A 185 -7.80 -12.52 -15.59
C THR A 185 -6.79 -11.47 -15.12
N VAL A 186 -6.20 -11.72 -13.94
CA VAL A 186 -5.26 -10.79 -13.32
C VAL A 186 -4.03 -11.58 -12.81
N THR A 187 -3.13 -10.95 -12.07
CA THR A 187 -2.06 -11.65 -11.34
C THR A 187 -2.46 -11.95 -9.88
N SER A 188 -1.77 -12.90 -9.23
CA SER A 188 -2.04 -13.21 -7.80
C SER A 188 -1.59 -12.14 -6.80
N ASN A 189 -0.76 -11.17 -7.22
CA ASN A 189 -0.50 -9.96 -6.44
C ASN A 189 -1.69 -9.00 -6.36
N THR A 190 -2.49 -8.97 -7.43
CA THR A 190 -3.69 -8.14 -7.51
C THR A 190 -4.83 -8.71 -6.65
N TRP A 191 -5.13 -9.99 -6.85
CA TRP A 191 -6.19 -10.67 -6.11
C TRP A 191 -5.63 -11.87 -5.33
N PRO A 192 -6.00 -12.08 -4.05
CA PRO A 192 -7.05 -11.32 -3.32
C PRO A 192 -6.57 -10.11 -2.48
N SER A 193 -5.38 -9.57 -2.76
CA SER A 193 -4.88 -8.35 -2.09
C SER A 193 -5.86 -7.19 -2.22
N GLN A 194 -6.25 -6.90 -3.47
CA GLN A 194 -7.23 -5.86 -3.76
C GLN A 194 -8.55 -6.47 -4.23
N THR A 195 -9.61 -5.73 -3.98
CA THR A 195 -10.98 -6.18 -4.20
C THR A 195 -11.42 -6.01 -5.65
N ILE A 196 -11.95 -7.10 -6.23
CA ILE A 196 -12.42 -7.12 -7.61
C ILE A 196 -13.92 -7.33 -7.53
N THR A 197 -14.70 -6.33 -7.96
CA THR A 197 -16.16 -6.33 -7.81
C THR A 197 -16.83 -6.35 -9.20
N CYS A 198 -17.69 -7.34 -9.43
CA CYS A 198 -18.45 -7.47 -10.70
C CYS A 198 -19.72 -6.66 -10.56
N ASN A 199 -19.86 -5.57 -11.31
CA ASN A 199 -21.07 -4.69 -11.26
C ASN A 199 -22.05 -5.03 -12.38
N VAL A 200 -23.31 -5.35 -12.05
CA VAL A 200 -24.33 -5.60 -13.08
C VAL A 200 -25.46 -4.60 -13.01
N ALA A 201 -25.96 -4.26 -14.19
CA ALA A 201 -27.13 -3.40 -14.37
C ALA A 201 -28.15 -4.12 -15.28
N HIS A 202 -29.43 -3.90 -15.01
CA HIS A 202 -30.51 -4.36 -15.88
C HIS A 202 -31.61 -3.31 -15.85
N PRO A 203 -31.49 -2.27 -16.71
CA PRO A 203 -32.33 -1.08 -16.53
C PRO A 203 -33.86 -1.25 -16.70
N ALA A 204 -34.34 -2.35 -17.29
CA ALA A 204 -35.79 -2.62 -17.38
C ALA A 204 -36.40 -2.97 -16.01
N SER A 205 -35.67 -3.70 -15.18
CA SER A 205 -36.08 -4.01 -13.79
C SER A 205 -35.56 -3.01 -12.76
N SER A 206 -34.72 -2.07 -13.19
CA SER A 206 -34.07 -1.05 -12.33
C SER A 206 -32.97 -1.60 -11.39
N THR A 207 -32.34 -2.71 -11.77
CA THR A 207 -31.40 -3.45 -10.92
C THR A 207 -30.00 -2.94 -11.16
N LYS A 208 -29.25 -2.68 -10.08
CA LYS A 208 -27.81 -2.37 -10.17
C LYS A 208 -27.11 -2.98 -8.95
N VAL A 209 -26.37 -4.07 -9.13
CA VAL A 209 -25.80 -4.83 -7.99
C VAL A 209 -24.31 -5.05 -8.19
N ASP A 210 -23.53 -4.76 -7.15
CA ASP A 210 -22.07 -4.89 -7.17
C ASP A 210 -21.71 -6.08 -6.30
N LYS A 211 -21.18 -7.15 -6.91
CA LYS A 211 -20.85 -8.39 -6.18
C LYS A 211 -19.33 -8.58 -6.11
N LYS A 212 -18.81 -8.70 -4.88
CA LYS A 212 -17.38 -8.89 -4.64
C LYS A 212 -17.04 -10.35 -4.91
N ILE A 213 -15.88 -10.59 -5.50
CA ILE A 213 -15.38 -11.94 -5.73
C ILE A 213 -14.72 -12.41 -4.42
N GLU A 214 -15.53 -13.01 -3.56
CA GLU A 214 -15.06 -13.63 -2.32
C GLU A 214 -14.52 -15.03 -2.63
N PRO A 215 -13.36 -15.42 -2.05
CA PRO A 215 -12.89 -16.80 -2.24
C PRO A 215 -13.76 -17.86 -1.53
N ARG A 216 -13.68 -19.09 -2.01
CA ARG A 216 -14.41 -20.20 -1.40
C ARG A 216 -13.58 -20.64 -0.20
N GLY A 217 -14.18 -20.57 0.98
CA GLY A 217 -13.52 -20.96 2.23
C GLY A 217 -14.30 -22.14 2.76
N PRO A 218 -13.60 -23.25 3.13
CA PRO A 218 -14.30 -24.44 3.61
C PRO A 218 -14.85 -24.28 5.02
N ASP B 1 -38.01 -1.43 -53.70
CA ASP B 1 -36.79 -1.60 -52.83
C ASP B 1 -35.64 -2.05 -53.76
N ILE B 2 -34.55 -1.27 -53.87
CA ILE B 2 -33.30 -1.75 -54.50
C ILE B 2 -32.58 -2.67 -53.49
N VAL B 3 -32.49 -3.95 -53.81
CA VAL B 3 -31.97 -4.96 -52.85
C VAL B 3 -30.46 -5.16 -53.10
N LEU B 4 -29.68 -5.11 -52.02
CA LEU B 4 -28.25 -5.38 -52.05
C LEU B 4 -27.98 -6.81 -51.56
N THR B 5 -27.14 -7.53 -52.31
CA THR B 5 -26.62 -8.82 -51.86
C THR B 5 -25.09 -8.71 -51.80
N GLN B 6 -24.53 -8.91 -50.60
CA GLN B 6 -23.09 -8.96 -50.42
C GLN B 6 -22.51 -10.36 -50.60
N SER B 7 -21.26 -10.43 -51.06
CA SER B 7 -20.51 -11.69 -51.03
C SER B 7 -19.03 -11.44 -50.76
N PRO B 8 -18.37 -12.33 -50.00
CA PRO B 8 -18.95 -13.54 -49.40
C PRO B 8 -19.72 -13.24 -48.13
N ALA B 9 -20.19 -14.27 -47.45
CA ALA B 9 -20.80 -14.13 -46.13
C ALA B 9 -19.77 -13.76 -45.06
N SER B 10 -18.61 -14.41 -45.17
CA SER B 10 -17.47 -14.22 -44.29
C SER B 10 -16.19 -14.67 -45.02
N LEU B 11 -15.07 -14.05 -44.71
CA LEU B 11 -13.73 -14.59 -45.05
C LEU B 11 -12.73 -14.46 -43.92
N ALA B 12 -11.61 -15.14 -44.10
CA ALA B 12 -10.52 -15.13 -43.12
C ALA B 12 -9.20 -14.86 -43.81
N VAL B 13 -8.62 -13.71 -43.49
CA VAL B 13 -7.51 -13.14 -44.22
C VAL B 13 -6.29 -13.00 -43.30
N SER B 14 -5.13 -13.44 -43.78
CA SER B 14 -3.88 -13.27 -43.04
C SER B 14 -3.46 -11.80 -42.99
N LEU B 15 -2.67 -11.46 -41.98
CA LEU B 15 -2.17 -10.10 -41.79
C LEU B 15 -1.38 -9.60 -42.98
N GLY B 16 -1.58 -8.34 -43.32
CA GLY B 16 -0.94 -7.75 -44.49
C GLY B 16 -1.38 -8.34 -45.82
N GLN B 17 -2.59 -8.88 -45.89
CA GLN B 17 -3.15 -9.39 -47.14
C GLN B 17 -4.34 -8.56 -47.57
N ARG B 18 -4.79 -8.85 -48.77
CA ARG B 18 -5.96 -8.18 -49.35
C ARG B 18 -7.24 -8.82 -48.87
N ALA B 19 -8.21 -7.99 -48.49
CA ALA B 19 -9.55 -8.41 -48.18
C ALA B 19 -10.47 -7.67 -49.15
N THR B 20 -11.17 -8.41 -50.00
CA THR B 20 -12.05 -7.85 -51.01
C THR B 20 -13.46 -8.33 -50.71
N ILE B 21 -14.39 -7.39 -50.47
CA ILE B 21 -15.79 -7.69 -50.11
C ILE B 21 -16.64 -7.05 -51.17
N SER B 22 -17.57 -7.78 -51.80
CA SER B 22 -18.34 -7.22 -52.96
C SER B 22 -19.81 -6.98 -52.65
N CYS B 23 -20.42 -6.01 -53.35
CA CYS B 23 -21.84 -5.66 -53.16
C CYS B 23 -22.58 -5.66 -54.51
N ARG B 24 -23.74 -6.30 -54.55
CA ARG B 24 -24.55 -6.48 -55.77
C ARG B 24 -25.99 -5.90 -55.68
N ALA B 25 -26.22 -4.82 -56.41
CA ALA B 25 -27.47 -4.08 -56.34
C ALA B 25 -28.44 -4.51 -57.43
N SER B 26 -29.72 -4.70 -57.08
CA SER B 26 -30.72 -5.17 -58.05
C SER B 26 -31.23 -4.09 -59.02
N GLU B 27 -30.82 -2.84 -58.84
CA GLU B 27 -30.94 -1.78 -59.88
C GLU B 27 -29.76 -0.83 -59.72
N SER B 28 -29.48 -0.02 -60.74
CA SER B 28 -28.38 0.95 -60.63
C SER B 28 -28.63 2.00 -59.54
N VAL B 29 -27.55 2.48 -58.95
CA VAL B 29 -27.58 3.43 -57.84
C VAL B 29 -26.90 4.76 -58.19
N ASP B 30 -26.52 4.98 -59.45
CA ASP B 30 -25.85 6.22 -59.86
C ASP B 30 -26.88 7.33 -60.01
N ASN B 31 -26.52 8.51 -59.56
CA ASN B 31 -27.36 9.70 -59.59
C ASN B 31 -26.49 10.97 -59.78
N TYR B 32 -26.78 11.74 -60.84
CA TYR B 32 -26.11 13.00 -61.13
C TYR B 32 -24.58 12.88 -61.27
N GLY B 33 -24.15 11.86 -62.01
CA GLY B 33 -22.72 11.61 -62.25
C GLY B 33 -21.91 11.23 -61.00
N ILE B 34 -22.61 10.69 -59.99
CA ILE B 34 -22.03 10.22 -58.73
C ILE B 34 -22.71 8.88 -58.38
N SER B 35 -21.93 7.89 -57.92
CA SER B 35 -22.45 6.57 -57.59
C SER B 35 -22.91 6.52 -56.12
N SER B 36 -24.21 6.38 -55.87
CA SER B 36 -24.74 6.45 -54.50
C SER B 36 -24.56 5.12 -53.77
N MET B 37 -23.33 4.85 -53.34
CA MET B 37 -22.99 3.61 -52.63
C MET B 37 -22.04 3.90 -51.47
N ASN B 38 -22.36 3.40 -50.28
CA ASN B 38 -21.56 3.64 -49.08
C ASN B 38 -21.21 2.34 -48.41
N TRP B 39 -20.21 2.38 -47.53
CA TRP B 39 -19.78 1.18 -46.78
C TRP B 39 -19.67 1.47 -45.30
N PHE B 40 -19.99 0.46 -44.49
CA PHE B 40 -20.01 0.59 -43.06
C PHE B 40 -19.23 -0.55 -42.42
N GLN B 41 -18.53 -0.23 -41.33
CA GLN B 41 -17.87 -1.20 -40.48
C GLN B 41 -18.59 -1.29 -39.14
N GLN B 42 -18.92 -2.49 -38.70
CA GLN B 42 -19.49 -2.70 -37.39
C GLN B 42 -18.60 -3.63 -36.58
N LYS B 43 -17.92 -3.02 -35.61
CA LYS B 43 -17.11 -3.78 -34.69
C LYS B 43 -18.06 -4.27 -33.60
N ALA B 44 -17.64 -5.34 -32.95
CA ALA B 44 -18.45 -5.99 -31.93
C ALA B 44 -18.95 -5.00 -30.85
N GLY B 45 -20.22 -5.14 -30.51
CA GLY B 45 -20.87 -4.33 -29.51
C GLY B 45 -21.10 -2.88 -29.84
N GLN B 46 -20.96 -2.50 -31.11
CA GLN B 46 -20.95 -1.09 -31.51
C GLN B 46 -21.79 -0.82 -32.71
N PRO B 47 -22.17 0.46 -32.90
CA PRO B 47 -22.96 0.78 -34.08
C PRO B 47 -22.13 0.72 -35.33
N PRO B 48 -22.80 0.68 -36.48
CA PRO B 48 -22.05 0.79 -37.70
C PRO B 48 -21.36 2.15 -37.80
N LYS B 49 -20.14 2.10 -38.30
CA LYS B 49 -19.31 3.26 -38.53
C LYS B 49 -19.25 3.47 -40.03
N PHE B 50 -19.46 4.70 -40.48
CA PHE B 50 -19.33 5.06 -41.91
C PHE B 50 -17.85 5.10 -42.34
N LEU B 51 -17.60 4.51 -43.50
CA LEU B 51 -16.24 4.32 -44.04
C LEU B 51 -15.99 5.00 -45.38
N ILE B 52 -16.83 4.65 -46.35
CA ILE B 52 -16.71 5.08 -47.72
C ILE B 52 -18.08 5.62 -48.15
N TYR B 53 -18.03 6.70 -48.93
CA TYR B 53 -19.21 7.22 -49.60
C TYR B 53 -18.89 7.46 -51.07
N ALA B 54 -19.96 7.71 -51.84
CA ALA B 54 -19.88 7.91 -53.29
C ALA B 54 -19.00 6.83 -53.97
N ALA B 55 -19.18 5.57 -53.55
CA ALA B 55 -18.44 4.40 -54.05
C ALA B 55 -16.92 4.34 -53.73
N SER B 56 -16.21 5.43 -54.04
CA SER B 56 -14.77 5.51 -53.95
C SER B 56 -14.18 6.60 -53.04
N LYS B 57 -15.02 7.47 -52.45
CA LYS B 57 -14.53 8.55 -51.57
C LYS B 57 -14.40 8.12 -50.10
N GLN B 58 -13.54 8.82 -49.38
CA GLN B 58 -13.04 8.38 -48.07
C GLN B 58 -13.66 9.21 -46.97
N GLY B 59 -14.18 8.55 -45.92
CA GLY B 59 -14.63 9.26 -44.72
C GLY B 59 -13.44 9.90 -44.01
N SER B 60 -13.71 10.91 -43.18
CA SER B 60 -12.64 11.67 -42.50
C SER B 60 -11.98 10.85 -41.37
N GLY B 61 -10.65 10.89 -41.34
CA GLY B 61 -9.85 10.03 -40.46
C GLY B 61 -9.85 8.52 -40.79
N VAL B 62 -10.51 8.11 -41.88
CA VAL B 62 -10.71 6.70 -42.21
C VAL B 62 -9.44 6.19 -42.88
N PRO B 63 -8.77 5.19 -42.29
CA PRO B 63 -7.40 4.81 -42.73
C PRO B 63 -7.22 4.53 -44.23
N ALA B 64 -6.03 4.80 -44.75
CA ALA B 64 -5.74 4.71 -46.20
C ALA B 64 -5.96 3.31 -46.77
N ARG B 65 -5.67 2.31 -45.94
CA ARG B 65 -5.89 0.90 -46.29
C ARG B 65 -7.31 0.50 -46.66
N PHE B 66 -8.32 1.28 -46.23
CA PHE B 66 -9.71 1.14 -46.73
C PHE B 66 -9.92 1.93 -48.01
N SER B 67 -10.50 1.30 -49.04
CA SER B 67 -10.83 1.99 -50.29
C SER B 67 -11.84 1.18 -51.07
N GLY B 68 -12.77 1.88 -51.70
CA GLY B 68 -13.85 1.26 -52.46
C GLY B 68 -13.81 1.63 -53.92
N SER B 69 -14.50 0.84 -54.74
CA SER B 69 -14.47 1.03 -56.18
C SER B 69 -15.63 0.29 -56.83
N GLY B 70 -16.05 0.81 -57.98
CA GLY B 70 -17.22 0.31 -58.69
C GLY B 70 -18.06 1.40 -59.34
N SER B 71 -19.14 0.95 -59.98
CA SER B 71 -20.06 1.81 -60.73
C SER B 71 -21.27 0.98 -61.12
N GLY B 72 -22.42 1.63 -61.24
CA GLY B 72 -23.64 0.96 -61.70
C GLY B 72 -24.10 -0.09 -60.72
N THR B 73 -23.80 -1.36 -61.03
CA THR B 73 -24.39 -2.50 -60.32
C THR B 73 -23.44 -2.98 -59.23
N ASP B 74 -22.15 -3.08 -59.57
CA ASP B 74 -21.17 -3.83 -58.77
C ASP B 74 -20.12 -2.96 -58.11
N PHE B 75 -20.08 -3.08 -56.78
CA PHE B 75 -19.15 -2.33 -55.95
C PHE B 75 -18.32 -3.30 -55.10
N SER B 76 -17.21 -2.78 -54.56
CA SER B 76 -16.38 -3.54 -53.66
C SER B 76 -15.64 -2.66 -52.65
N LEU B 77 -15.35 -3.27 -51.51
CA LEU B 77 -14.56 -2.68 -50.45
C LEU B 77 -13.26 -3.48 -50.41
N ILE B 78 -12.13 -2.76 -50.38
CA ILE B 78 -10.80 -3.36 -50.42
C ILE B 78 -10.04 -2.84 -49.20
N ILE B 79 -9.68 -3.74 -48.31
CA ILE B 79 -8.83 -3.47 -47.16
C ILE B 79 -7.48 -4.12 -47.38
N HIS B 80 -6.40 -3.34 -47.35
CA HIS B 80 -5.03 -3.83 -47.62
C HIS B 80 -4.01 -2.73 -47.29
N PRO B 81 -3.02 -2.98 -46.42
CA PRO B 81 -2.79 -4.24 -45.71
C PRO B 81 -3.71 -4.36 -44.52
N VAL B 82 -4.38 -5.48 -44.42
CA VAL B 82 -5.22 -5.82 -43.24
C VAL B 82 -4.44 -5.80 -41.91
N GLU B 83 -5.13 -5.36 -40.86
CA GLU B 83 -4.61 -5.34 -39.48
C GLU B 83 -5.63 -5.91 -38.48
N GLU B 84 -5.18 -6.09 -37.24
CA GLU B 84 -5.96 -6.81 -36.23
C GLU B 84 -7.32 -6.14 -35.93
N ASP B 85 -7.35 -4.79 -35.97
CA ASP B 85 -8.58 -4.02 -35.69
C ASP B 85 -9.61 -4.09 -36.81
N ASP B 86 -9.21 -4.56 -37.99
CA ASP B 86 -10.16 -4.70 -39.09
C ASP B 86 -11.12 -5.89 -38.93
N THR B 87 -10.94 -6.73 -37.89
CA THR B 87 -11.96 -7.78 -37.56
C THR B 87 -13.31 -7.13 -37.18
N ALA B 88 -14.26 -7.25 -38.08
CA ALA B 88 -15.55 -6.58 -37.97
C ALA B 88 -16.56 -7.21 -38.92
N VAL B 89 -17.78 -6.68 -38.91
CA VAL B 89 -18.72 -6.96 -40.01
C VAL B 89 -18.84 -5.72 -40.89
N TYR B 90 -18.81 -5.92 -42.20
CA TYR B 90 -18.87 -4.84 -43.19
C TYR B 90 -20.21 -4.90 -43.93
N PHE B 91 -20.93 -3.79 -43.94
CA PHE B 91 -22.15 -3.60 -44.73
C PHE B 91 -21.90 -2.60 -45.88
N CYS B 92 -22.50 -2.86 -47.02
CA CYS B 92 -22.66 -1.87 -48.08
C CYS B 92 -24.05 -1.32 -47.98
N GLN B 93 -24.24 -0.07 -48.37
CA GLN B 93 -25.53 0.59 -48.21
C GLN B 93 -25.77 1.56 -49.34
N GLN B 94 -27.01 1.56 -49.82
CA GLN B 94 -27.42 2.28 -51.02
C GLN B 94 -28.34 3.46 -50.64
N SER B 95 -28.16 4.61 -51.30
CA SER B 95 -28.80 5.86 -50.91
C SER B 95 -29.39 6.65 -52.10
N LYS B 96 -29.61 6.02 -53.26
CA LYS B 96 -30.23 6.74 -54.38
C LYS B 96 -31.73 6.69 -54.17
N GLY B 97 -32.25 5.48 -54.14
CA GLY B 97 -33.70 5.25 -54.04
C GLY B 97 -34.12 4.96 -52.61
N VAL B 98 -35.30 5.46 -52.24
CA VAL B 98 -35.95 5.15 -50.98
C VAL B 98 -36.75 3.85 -51.25
N PRO B 99 -36.72 2.81 -50.37
CA PRO B 99 -35.99 2.85 -49.12
C PRO B 99 -34.50 2.71 -49.27
N TYR B 100 -33.80 3.38 -48.36
CA TYR B 100 -32.36 3.25 -48.24
C TYR B 100 -32.14 1.86 -47.65
N THR B 101 -31.23 1.11 -48.26
CA THR B 101 -31.14 -0.35 -48.04
C THR B 101 -29.73 -0.79 -47.69
N PHE B 102 -29.63 -1.72 -46.74
CA PHE B 102 -28.37 -2.25 -46.29
C PHE B 102 -28.20 -3.68 -46.82
N GLY B 103 -27.00 -4.04 -47.23
CA GLY B 103 -26.65 -5.46 -47.40
C GLY B 103 -26.82 -6.23 -46.09
N GLY B 104 -26.87 -7.55 -46.18
CA GLY B 104 -26.94 -8.41 -45.00
C GLY B 104 -25.66 -8.49 -44.18
N GLY B 105 -24.54 -8.07 -44.75
CA GLY B 105 -23.25 -8.02 -44.05
C GLY B 105 -22.28 -9.10 -44.46
N THR B 106 -21.00 -8.81 -44.29
CA THR B 106 -19.88 -9.70 -44.61
C THR B 106 -18.93 -9.66 -43.43
N LYS B 107 -18.66 -10.81 -42.81
CA LYS B 107 -17.74 -10.90 -41.63
C LYS B 107 -16.29 -11.10 -42.03
N LEU B 108 -15.38 -10.23 -41.57
CA LEU B 108 -13.95 -10.39 -41.79
C LEU B 108 -13.32 -10.99 -40.53
N GLU B 109 -12.74 -12.18 -40.65
CA GLU B 109 -11.89 -12.75 -39.60
C GLU B 109 -10.44 -12.52 -39.99
N ILE B 110 -9.58 -12.23 -39.00
CA ILE B 110 -8.15 -12.02 -39.24
C ILE B 110 -7.39 -13.24 -38.76
N LYS B 111 -6.59 -13.83 -39.65
CA LYS B 111 -5.87 -15.07 -39.34
C LYS B 111 -4.61 -14.73 -38.58
N ARG B 112 -4.33 -15.49 -37.53
CA ARG B 112 -3.09 -15.36 -36.79
C ARG B 112 -2.52 -16.75 -36.45
N ALA B 113 -1.40 -16.77 -35.75
CA ALA B 113 -0.81 -18.01 -35.27
C ALA B 113 -1.79 -18.75 -34.40
N ASP B 114 -1.81 -20.07 -34.55
CA ASP B 114 -2.64 -20.92 -33.71
C ASP B 114 -2.24 -20.70 -32.23
N ALA B 115 -3.23 -20.87 -31.34
CA ALA B 115 -3.08 -20.51 -29.93
C ALA B 115 -4.05 -21.29 -29.09
N ALA B 116 -3.53 -21.95 -28.06
CA ALA B 116 -4.31 -22.88 -27.27
C ALA B 116 -5.06 -22.12 -26.18
N PRO B 117 -6.22 -22.62 -25.77
CA PRO B 117 -7.00 -21.95 -24.78
C PRO B 117 -6.39 -22.03 -23.37
N THR B 118 -6.96 -21.25 -22.45
CA THR B 118 -6.67 -21.33 -21.04
C THR B 118 -7.98 -21.68 -20.34
N VAL B 119 -8.07 -22.93 -19.92
CA VAL B 119 -9.29 -23.46 -19.32
C VAL B 119 -9.27 -23.20 -17.80
N SER B 120 -10.41 -22.73 -17.32
CA SER B 120 -10.67 -22.46 -15.91
C SER B 120 -12.06 -23.05 -15.55
N ILE B 121 -12.16 -23.74 -14.42
CA ILE B 121 -13.41 -24.42 -14.03
C ILE B 121 -13.93 -23.84 -12.73
N PHE B 122 -15.24 -23.60 -12.69
CA PHE B 122 -15.91 -22.86 -11.61
C PHE B 122 -17.13 -23.63 -11.15
N PRO B 123 -17.13 -24.07 -9.88
CA PRO B 123 -18.35 -24.66 -9.33
C PRO B 123 -19.50 -23.67 -9.25
N PRO B 124 -20.68 -24.15 -8.81
CA PRO B 124 -21.70 -23.23 -8.34
C PRO B 124 -21.17 -22.35 -7.22
N SER B 125 -21.53 -21.08 -7.24
CA SER B 125 -21.25 -20.19 -6.12
C SER B 125 -22.11 -20.60 -4.92
N SER B 126 -21.61 -20.29 -3.72
CA SER B 126 -22.35 -20.54 -2.48
C SER B 126 -23.74 -19.88 -2.54
N GLU B 127 -23.76 -18.63 -3.04
CA GLU B 127 -25.00 -17.90 -3.28
C GLU B 127 -26.00 -18.66 -4.15
N GLN B 128 -25.50 -19.34 -5.18
CA GLN B 128 -26.34 -20.12 -6.07
C GLN B 128 -26.93 -21.36 -5.44
N LEU B 129 -26.21 -21.98 -4.49
CA LEU B 129 -26.70 -23.17 -3.77
C LEU B 129 -27.89 -22.80 -2.88
N THR B 130 -27.75 -21.72 -2.12
CA THR B 130 -28.86 -21.14 -1.34
C THR B 130 -30.12 -20.92 -2.21
N SER B 131 -29.93 -20.54 -3.46
CA SER B 131 -31.01 -20.30 -4.44
C SER B 131 -31.77 -21.56 -4.91
N GLY B 132 -31.18 -22.75 -4.73
CA GLY B 132 -31.73 -24.00 -5.25
C GLY B 132 -31.43 -24.29 -6.72
N GLY B 133 -30.31 -23.77 -7.24
CA GLY B 133 -29.78 -24.15 -8.56
C GLY B 133 -28.32 -24.61 -8.51
N ALA B 134 -27.79 -25.06 -9.65
CA ALA B 134 -26.37 -25.47 -9.76
C ALA B 134 -25.79 -25.27 -11.18
N SER B 135 -25.04 -24.17 -11.38
CA SER B 135 -24.48 -23.83 -12.68
C SER B 135 -22.97 -24.01 -12.56
N VAL B 136 -22.47 -25.04 -13.22
CA VAL B 136 -21.04 -25.27 -13.34
C VAL B 136 -20.59 -24.61 -14.62
N VAL B 137 -19.49 -23.88 -14.53
CA VAL B 137 -18.97 -23.08 -15.65
C VAL B 137 -17.51 -23.43 -16.00
N CYS B 138 -17.21 -23.27 -17.29
CA CYS B 138 -15.85 -23.42 -17.79
C CYS B 138 -15.54 -22.29 -18.76
N PHE B 139 -14.46 -21.56 -18.50
CA PHE B 139 -14.03 -20.50 -19.38
C PHE B 139 -12.84 -21.01 -20.16
N LEU B 140 -13.00 -21.01 -21.47
CA LEU B 140 -11.95 -21.39 -22.40
C LEU B 140 -11.55 -20.11 -23.09
N ASN B 141 -10.40 -19.56 -22.71
CA ASN B 141 -10.05 -18.20 -23.06
C ASN B 141 -8.86 -18.07 -23.99
N ASN B 142 -8.97 -17.12 -24.91
CA ASN B 142 -7.86 -16.61 -25.74
C ASN B 142 -7.23 -17.58 -26.74
N PHE B 143 -8.06 -18.30 -27.47
CA PHE B 143 -7.63 -19.32 -28.41
C PHE B 143 -7.97 -18.96 -29.86
N TYR B 144 -7.26 -19.61 -30.77
CA TYR B 144 -7.48 -19.52 -32.20
C TYR B 144 -7.00 -20.86 -32.82
N PRO B 145 -7.71 -21.43 -33.79
CA PRO B 145 -8.91 -20.90 -34.41
C PRO B 145 -10.19 -21.11 -33.59
N LYS B 146 -11.31 -20.61 -34.12
CA LYS B 146 -12.60 -20.58 -33.37
C LYS B 146 -13.15 -21.95 -33.02
N ASP B 147 -12.91 -22.91 -33.90
CA ASP B 147 -13.44 -24.27 -33.74
C ASP B 147 -12.84 -24.95 -32.52
N ILE B 148 -13.70 -25.23 -31.54
CA ILE B 148 -13.28 -25.83 -30.29
C ILE B 148 -14.37 -26.78 -29.77
N ASN B 149 -13.94 -27.89 -29.20
CA ASN B 149 -14.84 -28.85 -28.57
C ASN B 149 -14.71 -28.83 -27.06
N VAL B 150 -15.86 -28.81 -26.38
CA VAL B 150 -15.88 -29.03 -24.94
C VAL B 150 -16.73 -30.26 -24.59
N LYS B 151 -16.33 -30.97 -23.54
CA LYS B 151 -16.90 -32.27 -23.19
C LYS B 151 -17.04 -32.32 -21.67
N TRP B 152 -18.26 -32.45 -21.17
CA TRP B 152 -18.50 -32.48 -19.73
C TRP B 152 -18.59 -33.91 -19.23
N LYS B 153 -18.02 -34.16 -18.05
CA LYS B 153 -18.10 -35.46 -17.37
C LYS B 153 -18.51 -35.29 -15.91
N ILE B 154 -19.42 -36.15 -15.47
CA ILE B 154 -19.91 -36.18 -14.11
C ILE B 154 -19.57 -37.60 -13.58
N ASP B 155 -18.61 -37.68 -12.64
CA ASP B 155 -18.01 -38.95 -12.16
C ASP B 155 -17.34 -39.78 -13.27
N GLY B 156 -16.82 -39.11 -14.30
CA GLY B 156 -16.28 -39.79 -15.48
C GLY B 156 -17.30 -40.03 -16.58
N SER B 157 -18.57 -40.23 -16.20
CA SER B 157 -19.67 -40.48 -17.16
C SER B 157 -20.03 -39.20 -17.93
N GLU B 158 -20.29 -39.32 -19.23
CA GLU B 158 -20.51 -38.16 -20.11
C GLU B 158 -21.90 -37.55 -19.91
N ARG B 159 -21.99 -36.26 -20.20
CA ARG B 159 -23.23 -35.50 -20.09
C ARG B 159 -23.38 -34.53 -21.26
N GLN B 160 -24.55 -34.53 -21.91
CA GLN B 160 -24.84 -33.70 -23.08
C GLN B 160 -25.89 -32.59 -22.86
N ASN B 161 -26.88 -32.84 -21.99
CA ASN B 161 -28.02 -31.93 -21.83
C ASN B 161 -27.82 -30.94 -20.69
N GLY B 162 -28.20 -29.68 -20.93
CA GLY B 162 -27.89 -28.57 -20.01
C GLY B 162 -26.80 -27.63 -20.51
N VAL B 163 -25.91 -28.16 -21.36
CA VAL B 163 -24.66 -27.48 -21.72
C VAL B 163 -24.97 -26.46 -22.79
N LEU B 164 -24.72 -25.17 -22.52
CA LEU B 164 -24.82 -24.11 -23.55
C LEU B 164 -23.47 -23.37 -23.69
N ASN B 165 -23.05 -23.14 -24.93
CA ASN B 165 -21.75 -22.51 -25.22
C ASN B 165 -21.93 -21.16 -25.91
N SER B 166 -21.13 -20.17 -25.51
CA SER B 166 -21.19 -18.84 -26.07
C SER B 166 -19.76 -18.40 -26.35
N TRP B 167 -19.50 -18.01 -27.60
CA TRP B 167 -18.20 -17.47 -28.03
C TRP B 167 -18.26 -15.97 -28.16
N THR B 168 -17.11 -15.34 -28.02
CA THR B 168 -16.95 -13.90 -28.24
C THR B 168 -16.58 -13.67 -29.66
N ASP B 169 -16.87 -12.47 -30.12
CA ASP B 169 -16.36 -11.99 -31.39
C ASP B 169 -14.85 -11.90 -31.29
N GLN B 170 -14.17 -12.05 -32.43
CA GLN B 170 -12.73 -12.05 -32.46
C GLN B 170 -12.21 -10.74 -31.90
N ASP B 171 -11.21 -10.83 -31.03
CA ASP B 171 -10.60 -9.69 -30.37
C ASP B 171 -9.99 -8.74 -31.40
N SER B 172 -10.12 -7.44 -31.16
CA SER B 172 -9.55 -6.42 -32.05
C SER B 172 -8.02 -6.30 -31.97
N LYS B 173 -7.43 -6.76 -30.86
CA LYS B 173 -6.00 -6.55 -30.61
C LYS B 173 -5.21 -7.83 -30.86
N ASP B 174 -5.51 -8.88 -30.11
CA ASP B 174 -4.77 -10.15 -30.22
C ASP B 174 -5.41 -11.23 -31.10
N SER B 175 -6.49 -10.88 -31.80
CA SER B 175 -7.11 -11.72 -32.84
C SER B 175 -7.55 -13.13 -32.40
N THR B 176 -7.84 -13.31 -31.10
CA THR B 176 -8.26 -14.60 -30.55
C THR B 176 -9.74 -14.58 -30.24
N TYR B 177 -10.26 -15.76 -29.96
CA TYR B 177 -11.60 -15.98 -29.51
C TYR B 177 -11.57 -16.43 -28.07
N SER B 178 -12.72 -16.33 -27.42
CA SER B 178 -12.95 -16.94 -26.13
C SER B 178 -14.34 -17.52 -26.08
N MET B 179 -14.53 -18.50 -25.21
CA MET B 179 -15.84 -19.13 -25.03
C MET B 179 -16.10 -19.46 -23.57
N SER B 180 -17.38 -19.42 -23.19
CA SER B 180 -17.84 -20.01 -21.95
C SER B 180 -18.73 -21.24 -22.21
N SER B 181 -18.59 -22.25 -21.36
CA SER B 181 -19.45 -23.43 -21.37
C SER B 181 -20.12 -23.55 -20.02
N THR B 182 -21.42 -23.84 -20.03
CA THR B 182 -22.25 -23.68 -18.84
C THR B 182 -23.28 -24.82 -18.73
N LEU B 183 -22.80 -25.93 -18.15
CA LEU B 183 -23.68 -27.00 -17.67
C LEU B 183 -24.53 -26.51 -16.50
N THR B 184 -25.86 -26.52 -16.63
CA THR B 184 -26.77 -26.05 -15.57
C THR B 184 -27.70 -27.16 -15.06
N LEU B 185 -27.68 -27.39 -13.76
CA LEU B 185 -28.38 -28.49 -13.12
C LEU B 185 -29.24 -27.99 -11.97
N THR B 186 -30.00 -28.92 -11.38
CA THR B 186 -30.66 -28.69 -10.10
C THR B 186 -29.64 -28.94 -8.99
N LYS B 187 -29.87 -28.31 -7.83
CA LYS B 187 -29.14 -28.65 -6.60
C LYS B 187 -29.19 -30.17 -6.33
N ASP B 188 -30.38 -30.78 -6.53
CA ASP B 188 -30.60 -32.20 -6.25
C ASP B 188 -29.68 -33.07 -7.09
N GLU B 189 -29.70 -32.85 -8.40
CA GLU B 189 -28.88 -33.66 -9.34
C GLU B 189 -27.36 -33.34 -9.25
N TYR B 190 -27.02 -32.10 -8.88
CA TYR B 190 -25.63 -31.67 -8.76
C TYR B 190 -24.97 -32.46 -7.63
N GLU B 191 -25.60 -32.43 -6.47
CA GLU B 191 -25.01 -32.99 -5.25
C GLU B 191 -25.03 -34.52 -5.16
N ARG B 192 -25.70 -35.21 -6.10
CA ARG B 192 -25.66 -36.67 -6.18
C ARG B 192 -24.24 -37.09 -6.48
N HIS B 193 -23.73 -36.59 -7.61
CA HIS B 193 -22.38 -36.92 -8.09
C HIS B 193 -21.33 -35.95 -7.52
N ASN B 194 -20.06 -36.34 -7.62
CA ASN B 194 -18.96 -35.63 -6.96
C ASN B 194 -17.97 -34.98 -7.94
N SER B 195 -17.45 -35.75 -8.89
CA SER B 195 -16.29 -35.33 -9.69
C SER B 195 -16.77 -34.69 -10.99
N TYR B 196 -16.59 -33.37 -11.14
CA TYR B 196 -17.12 -32.60 -12.28
C TYR B 196 -15.96 -32.09 -13.15
N THR B 197 -15.88 -32.62 -14.38
CA THR B 197 -14.81 -32.29 -15.30
C THR B 197 -15.36 -31.59 -16.51
N CYS B 198 -14.62 -30.60 -16.97
CA CYS B 198 -14.82 -29.97 -18.26
C CYS B 198 -13.55 -30.20 -19.09
N GLU B 199 -13.72 -30.73 -20.30
CA GLU B 199 -12.63 -31.28 -21.10
C GLU B 199 -12.60 -30.62 -22.48
N ALA B 200 -11.50 -29.94 -22.79
CA ALA B 200 -11.41 -29.08 -23.94
C ALA B 200 -10.50 -29.75 -24.95
N THR B 201 -11.06 -30.07 -26.10
CA THR B 201 -10.28 -30.52 -27.26
C THR B 201 -10.17 -29.38 -28.28
N HIS B 202 -9.00 -29.25 -28.89
CA HIS B 202 -8.70 -28.12 -29.75
C HIS B 202 -7.49 -28.43 -30.63
N LYS B 203 -7.50 -27.82 -31.81
CA LYS B 203 -6.51 -28.06 -32.86
C LYS B 203 -5.05 -28.01 -32.42
N THR B 204 -4.73 -27.07 -31.53
CA THR B 204 -3.38 -26.89 -31.02
C THR B 204 -2.93 -28.04 -30.13
N SER B 205 -3.83 -28.48 -29.24
CA SER B 205 -3.42 -29.28 -28.09
C SER B 205 -3.54 -30.76 -28.42
N THR B 206 -2.46 -31.52 -28.18
CA THR B 206 -2.32 -32.87 -28.70
C THR B 206 -3.19 -33.85 -27.91
N SER B 207 -3.06 -33.77 -26.59
CA SER B 207 -4.02 -34.37 -25.65
C SER B 207 -5.02 -33.32 -25.16
N PRO B 208 -6.28 -33.74 -24.90
CA PRO B 208 -7.27 -32.76 -24.43
C PRO B 208 -6.87 -32.08 -23.11
N ILE B 209 -7.28 -30.82 -22.97
CA ILE B 209 -7.04 -30.08 -21.72
C ILE B 209 -8.16 -30.52 -20.78
N VAL B 210 -7.82 -31.19 -19.67
CA VAL B 210 -8.79 -31.48 -18.61
C VAL B 210 -8.67 -30.48 -17.48
N LYS B 211 -9.83 -30.04 -17.04
CA LYS B 211 -9.94 -29.28 -15.83
C LYS B 211 -11.10 -29.85 -15.02
N SER B 212 -10.84 -30.05 -13.73
CA SER B 212 -11.84 -30.61 -12.83
C SER B 212 -11.71 -30.15 -11.38
N PHE B 213 -12.77 -30.39 -10.62
CA PHE B 213 -12.72 -30.38 -9.16
C PHE B 213 -13.58 -31.52 -8.64
N ASN B 214 -13.21 -32.07 -7.49
CA ASN B 214 -14.14 -32.85 -6.67
C ASN B 214 -14.91 -31.87 -5.78
N ARG B 215 -16.19 -32.16 -5.54
CA ARG B 215 -17.13 -31.24 -4.87
C ARG B 215 -16.71 -30.84 -3.43
N ASN B 216 -15.92 -31.68 -2.76
CA ASN B 216 -15.49 -31.43 -1.38
C ASN B 216 -14.04 -31.01 -1.15
N GLU B 217 -13.12 -31.37 -2.04
CA GLU B 217 -11.69 -31.01 -1.95
C GLU B 217 -11.51 -29.50 -1.81
N CYS B 218 -10.98 -29.06 -0.65
CA CYS B 218 -10.75 -27.64 -0.34
C CYS B 218 -9.84 -27.47 0.87
N GLY C 10 -23.41 20.96 -55.84
CA GLY C 10 -23.11 21.73 -54.60
C GLY C 10 -22.78 20.83 -53.42
N PRO C 11 -22.36 21.40 -52.30
CA PRO C 11 -22.07 20.58 -51.14
C PRO C 11 -23.35 19.99 -50.57
N HYP C 12 -23.22 18.90 -49.74
CA HYP C 12 -24.47 18.35 -49.22
C HYP C 12 -24.85 18.94 -47.90
O HYP C 12 -25.80 19.73 -47.83
CB HYP C 12 -24.30 16.85 -49.05
CG HYP C 12 -22.83 16.54 -49.27
CD HYP C 12 -22.17 17.90 -49.23
OD1 HYP C 12 -22.68 15.99 -50.57
N GLY C 13 -24.13 18.59 -46.84
CA GLY C 13 -24.44 19.11 -45.52
C GLY C 13 -25.50 18.30 -44.83
N GLY C 14 -26.60 18.96 -44.44
CA GLY C 14 -27.71 18.32 -43.77
C GLY C 14 -28.01 16.96 -44.34
N ARG C 15 -27.83 16.86 -45.64
CA ARG C 15 -28.01 15.59 -46.38
C ARG C 15 -27.05 14.52 -45.86
N GLY C 16 -25.79 14.93 -45.74
CA GLY C 16 -24.72 14.08 -45.22
C GLY C 16 -23.95 13.50 -46.37
N LEU C 17 -22.68 13.16 -46.12
CA LEU C 17 -21.83 12.54 -47.14
C LEU C 17 -22.42 11.21 -47.64
N THR C 18 -23.20 10.53 -46.78
CA THR C 18 -23.91 9.28 -47.13
C THR C 18 -25.37 9.47 -47.62
N GLY C 19 -25.86 10.71 -47.65
CA GLY C 19 -27.25 10.98 -48.06
C GLY C 19 -27.44 11.06 -49.57
N PRO C 20 -28.69 10.96 -50.06
CA PRO C 20 -28.96 11.07 -51.51
C PRO C 20 -28.56 12.42 -52.05
N ILE C 21 -28.35 12.49 -53.37
CA ILE C 21 -27.68 13.63 -53.99
C ILE C 21 -28.70 14.63 -54.57
N GLY C 22 -28.38 15.93 -54.54
CA GLY C 22 -29.27 17.00 -55.04
C GLY C 22 -28.64 17.82 -56.17
N PRO C 23 -29.47 18.34 -57.11
CA PRO C 23 -28.91 18.94 -58.35
C PRO C 23 -28.29 20.32 -58.16
N GLU D 1 26.41 10.74 -3.02
CA GLU D 1 27.01 9.95 -4.11
C GLU D 1 28.46 10.39 -4.17
N VAL D 2 29.39 9.45 -3.95
CA VAL D 2 30.81 9.71 -4.07
C VAL D 2 31.21 9.71 -5.54
N LYS D 3 32.12 10.61 -5.87
CA LYS D 3 32.60 10.79 -7.25
C LYS D 3 34.04 11.29 -7.22
N LEU D 4 34.93 10.63 -7.95
CA LEU D 4 36.36 10.96 -8.02
C LEU D 4 36.72 11.06 -9.47
N GLU D 5 37.18 12.22 -9.89
CA GLU D 5 37.57 12.43 -11.27
C GLU D 5 39.05 12.74 -11.33
N GLU D 6 39.82 11.89 -12.01
CA GLU D 6 41.25 12.15 -12.21
C GLU D 6 41.48 12.86 -13.52
N SER D 7 42.65 13.47 -13.59
CA SER D 7 43.05 14.32 -14.69
C SER D 7 44.55 14.45 -14.68
N GLY D 8 45.09 14.86 -15.83
CA GLY D 8 46.52 15.19 -15.97
C GLY D 8 47.40 14.05 -16.44
N GLY D 9 46.81 13.04 -17.05
CA GLY D 9 47.58 11.99 -17.73
C GLY D 9 48.18 12.50 -19.03
N GLY D 10 48.75 11.57 -19.80
CA GLY D 10 49.27 11.88 -21.13
C GLY D 10 50.72 11.45 -21.31
N LEU D 11 51.34 12.02 -22.35
CA LEU D 11 52.70 11.67 -22.75
C LEU D 11 53.73 12.45 -21.94
N VAL D 12 54.85 11.79 -21.67
CA VAL D 12 56.04 12.44 -21.17
C VAL D 12 57.28 11.54 -21.34
N GLN D 13 58.41 12.13 -21.68
CA GLN D 13 59.67 11.40 -21.90
C GLN D 13 60.28 10.90 -20.59
N PRO D 14 61.00 9.74 -20.61
CA PRO D 14 61.68 9.25 -19.38
C PRO D 14 62.60 10.31 -18.75
N GLY D 15 62.46 10.52 -17.45
CA GLY D 15 63.17 11.58 -16.73
C GLY D 15 62.35 12.85 -16.54
N GLY D 16 61.37 13.09 -17.39
CA GLY D 16 60.44 14.22 -17.25
C GLY D 16 59.53 14.13 -16.03
N SER D 17 58.53 15.02 -15.99
CA SER D 17 57.66 15.16 -14.81
C SER D 17 56.19 15.33 -15.19
N MET D 18 55.30 14.93 -14.29
CA MET D 18 53.86 14.97 -14.52
C MET D 18 53.14 15.10 -13.19
N LYS D 19 52.19 16.02 -13.07
CA LYS D 19 51.31 16.08 -11.88
C LYS D 19 49.91 15.56 -12.20
N LEU D 20 49.48 14.51 -11.49
CA LEU D 20 48.12 14.00 -11.58
C LEU D 20 47.27 14.75 -10.58
N SER D 21 46.06 15.09 -10.98
CA SER D 21 45.07 15.63 -10.05
C SER D 21 43.86 14.70 -9.93
N CYS D 22 43.19 14.75 -8.75
CA CYS D 22 41.97 13.97 -8.49
C CYS D 22 40.99 14.82 -7.70
N ALA D 23 39.85 15.18 -8.31
CA ALA D 23 38.80 15.98 -7.63
C ALA D 23 37.72 15.07 -7.05
N ALA D 24 37.47 15.20 -5.75
CA ALA D 24 36.52 14.34 -5.02
C ALA D 24 35.28 15.07 -4.51
N SER D 25 34.16 14.35 -4.42
CA SER D 25 32.89 14.90 -3.93
C SER D 25 32.11 13.88 -3.15
N GLY D 26 31.11 14.34 -2.42
CA GLY D 26 30.18 13.48 -1.71
C GLY D 26 30.77 12.59 -0.64
N PHE D 27 31.84 13.05 -0.01
CA PHE D 27 32.16 12.62 1.35
C PHE D 27 32.88 13.74 2.08
N THR D 28 32.99 13.61 3.41
CA THR D 28 33.67 14.61 4.20
C THR D 28 35.14 14.43 3.88
N PHE D 29 35.64 15.27 2.98
CA PHE D 29 36.96 15.10 2.37
C PHE D 29 38.09 15.25 3.38
N SER D 30 38.06 16.34 4.16
CA SER D 30 39.08 16.59 5.18
C SER D 30 39.32 15.40 6.10
N ASP D 31 38.23 14.69 6.40
CA ASP D 31 38.28 13.48 7.20
C ASP D 31 38.85 12.23 6.48
N ALA D 32 38.83 12.24 5.15
CA ALA D 32 39.11 11.07 4.35
C ALA D 32 40.55 10.73 4.17
N TRP D 33 40.85 9.43 4.21
CA TRP D 33 42.15 8.91 3.82
C TRP D 33 42.11 8.73 2.32
N MET D 34 43.09 9.30 1.61
CA MET D 34 43.16 9.20 0.16
C MET D 34 44.45 8.53 -0.29
N ASP D 35 44.45 8.04 -1.53
CA ASP D 35 45.47 7.12 -2.01
C ASP D 35 45.55 7.20 -3.55
N TRP D 36 46.67 6.78 -4.13
CA TRP D 36 46.80 6.56 -5.59
C TRP D 36 47.13 5.09 -5.86
N VAL D 37 46.54 4.51 -6.89
CA VAL D 37 46.79 3.12 -7.33
C VAL D 37 47.01 3.19 -8.82
N ARG D 38 47.93 2.39 -9.32
CA ARG D 38 48.11 2.26 -10.76
C ARG D 38 47.91 0.83 -11.23
N GLN D 39 47.70 0.69 -12.53
CA GLN D 39 47.46 -0.59 -13.14
C GLN D 39 48.13 -0.74 -14.50
N SER D 40 48.66 -1.93 -14.70
CA SER D 40 49.34 -2.30 -15.91
C SER D 40 49.20 -3.82 -16.09
N PRO D 41 49.21 -4.32 -17.34
CA PRO D 41 49.23 -5.75 -17.58
C PRO D 41 50.39 -6.49 -16.91
N GLU D 42 51.55 -5.85 -16.71
CA GLU D 42 52.70 -6.54 -16.11
C GLU D 42 52.52 -6.61 -14.61
N LYS D 43 52.43 -5.43 -13.98
CA LYS D 43 52.48 -5.34 -12.51
C LYS D 43 51.17 -5.74 -11.82
N GLY D 44 50.04 -5.57 -12.51
CA GLY D 44 48.73 -5.72 -11.91
C GLY D 44 48.30 -4.42 -11.23
N LEU D 45 47.49 -4.56 -10.19
CA LEU D 45 47.12 -3.43 -9.34
C LEU D 45 48.22 -3.18 -8.35
N GLU D 46 48.75 -1.97 -8.42
CA GLU D 46 49.83 -1.52 -7.55
C GLU D 46 49.41 -0.29 -6.78
N TRP D 47 49.45 -0.38 -5.46
CA TRP D 47 49.28 0.80 -4.61
C TRP D 47 50.52 1.68 -4.75
N VAL D 48 50.32 2.98 -4.95
CA VAL D 48 51.41 3.91 -5.23
C VAL D 48 51.73 4.81 -4.04
N ALA D 49 50.73 5.48 -3.48
CA ALA D 49 50.93 6.38 -2.34
C ALA D 49 49.68 6.63 -1.49
N GLU D 50 49.91 6.93 -0.21
CA GLU D 50 48.85 7.22 0.75
C GLU D 50 48.99 8.65 1.25
N ILE D 51 47.87 9.24 1.66
CA ILE D 51 47.88 10.45 2.47
C ILE D 51 46.75 10.34 3.46
N ARG D 52 47.10 10.32 4.73
CA ARG D 52 46.12 10.18 5.79
C ARG D 52 45.45 11.53 6.08
N ASN D 53 44.51 11.56 7.02
CA ASN D 53 43.76 12.80 7.34
C ASN D 53 44.48 13.67 8.36
N LYS D 54 43.96 14.88 8.59
CA LYS D 54 44.57 15.85 9.52
C LYS D 54 44.78 15.31 10.93
N VAL D 55 43.87 14.47 11.40
CA VAL D 55 43.98 13.84 12.72
C VAL D 55 45.22 12.92 12.85
N ASN D 56 45.70 12.38 11.72
CA ASN D 56 46.95 11.62 11.66
C ASN D 56 48.11 12.41 10.98
N ASN D 57 48.11 13.73 11.18
CA ASN D 57 49.11 14.64 10.67
C ASN D 57 49.40 14.50 9.16
N HIS D 58 48.36 14.24 8.38
CA HIS D 58 48.48 14.14 6.92
C HIS D 58 49.64 13.24 6.49
N ALA D 59 49.79 12.12 7.18
CA ALA D 59 50.96 11.26 7.03
C ALA D 59 50.97 10.61 5.66
N THR D 60 52.08 10.73 4.94
CA THR D 60 52.23 10.17 3.61
C THR D 60 53.03 8.88 3.71
N ASN D 61 52.65 7.88 2.93
CA ASN D 61 53.54 6.77 2.67
C ASN D 61 53.57 6.44 1.19
N TYR D 62 54.64 5.78 0.78
CA TYR D 62 54.87 5.50 -0.62
C TYR D 62 55.27 4.07 -0.86
N ALA D 63 55.06 3.62 -2.08
CA ALA D 63 55.55 2.34 -2.52
C ALA D 63 57.05 2.50 -2.80
N GLU D 64 57.85 1.54 -2.34
CA GLU D 64 59.29 1.63 -2.52
C GLU D 64 59.71 1.78 -3.98
N SER D 65 58.88 1.37 -4.94
CA SER D 65 59.17 1.61 -6.36
C SER D 65 59.25 3.10 -6.72
N VAL D 66 58.56 3.96 -5.98
CA VAL D 66 58.42 5.39 -6.33
C VAL D 66 58.96 6.39 -5.26
N LYS D 67 59.65 5.90 -4.23
CA LYS D 67 60.20 6.79 -3.15
C LYS D 67 61.20 7.82 -3.71
N GLY D 68 61.08 9.07 -3.25
CA GLY D 68 61.96 10.17 -3.69
C GLY D 68 61.65 10.80 -5.04
N ARG D 69 60.61 10.29 -5.69
CA ARG D 69 60.25 10.67 -7.05
C ARG D 69 58.81 11.14 -7.10
N PHE D 70 57.90 10.38 -6.49
CA PHE D 70 56.49 10.70 -6.43
C PHE D 70 56.20 11.32 -5.08
N THR D 71 55.42 12.39 -5.09
CA THR D 71 55.03 13.09 -3.89
C THR D 71 53.52 13.34 -3.88
N ILE D 72 52.83 12.80 -2.88
CA ILE D 72 51.36 12.96 -2.75
C ILE D 72 51.05 14.15 -1.84
N SER D 73 49.93 14.79 -2.11
CA SER D 73 49.46 15.90 -1.29
C SER D 73 47.98 16.16 -1.54
N ARG D 74 47.43 17.03 -0.70
CA ARG D 74 46.03 17.33 -0.76
C ARG D 74 45.71 18.77 -0.40
N ASP D 75 44.58 19.23 -0.92
CA ASP D 75 44.04 20.54 -0.66
C ASP D 75 42.62 20.34 -0.15
N ASP D 76 42.52 20.20 1.17
CA ASP D 76 41.22 20.02 1.81
C ASP D 76 40.29 21.21 1.55
N SER D 77 40.84 22.42 1.41
CA SER D 77 40.02 23.58 1.05
C SER D 77 39.27 23.40 -0.28
N ARG D 78 39.80 22.60 -1.21
CA ARG D 78 39.16 22.38 -2.52
C ARG D 78 38.76 20.93 -2.82
N SER D 79 39.02 20.02 -1.89
CA SER D 79 38.67 18.59 -2.05
C SER D 79 39.29 18.03 -3.31
N VAL D 80 40.60 17.94 -3.28
CA VAL D 80 41.40 17.42 -4.38
C VAL D 80 42.72 16.88 -3.84
N VAL D 81 43.10 15.70 -4.30
CA VAL D 81 44.40 15.10 -4.03
C VAL D 81 45.20 15.23 -5.30
N TYR D 82 46.50 15.47 -5.14
CA TYR D 82 47.44 15.54 -6.25
C TYR D 82 48.52 14.46 -6.13
N LEU D 83 49.19 14.15 -7.25
CA LEU D 83 50.38 13.26 -7.23
C LEU D 83 51.48 13.75 -8.17
N GLN D 84 52.54 14.31 -7.59
CA GLN D 84 53.66 14.90 -8.34
C GLN D 84 54.65 13.78 -8.61
N MET D 85 54.97 13.53 -9.88
CA MET D 85 55.83 12.43 -10.30
C MET D 85 57.03 13.02 -11.05
N ASN D 86 58.23 12.86 -10.47
CA ASN D 86 59.48 13.34 -11.05
C ASN D 86 60.36 12.19 -11.44
N ASN D 87 61.19 12.43 -12.45
CA ASN D 87 62.15 11.45 -12.93
C ASN D 87 61.45 10.15 -13.29
N LEU D 88 60.52 10.27 -14.22
CA LEU D 88 59.69 9.14 -14.64
C LEU D 88 60.50 8.08 -15.38
N LYS D 89 59.99 6.85 -15.30
CA LYS D 89 60.57 5.68 -15.95
C LYS D 89 59.48 5.01 -16.80
N PRO D 90 59.87 4.16 -17.78
CA PRO D 90 58.86 3.42 -18.55
C PRO D 90 57.98 2.50 -17.67
N GLU D 91 58.53 1.90 -16.61
CA GLU D 91 57.75 1.02 -15.69
C GLU D 91 56.70 1.75 -14.80
N ASP D 92 56.76 3.07 -14.75
CA ASP D 92 55.73 3.88 -14.14
C ASP D 92 54.51 4.02 -15.06
N THR D 93 54.62 3.64 -16.35
CA THR D 93 53.46 3.64 -17.28
C THR D 93 52.27 2.82 -16.75
N GLY D 94 51.08 3.29 -17.09
CA GLY D 94 49.84 2.64 -16.71
C GLY D 94 48.73 3.62 -16.40
N ILE D 95 47.62 3.03 -15.95
CA ILE D 95 46.42 3.81 -15.60
C ILE D 95 46.48 4.16 -14.09
N TYR D 96 46.29 5.44 -13.74
CA TYR D 96 46.36 5.86 -12.34
C TYR D 96 44.96 6.15 -11.81
N TYR D 97 44.56 5.41 -10.78
CA TYR D 97 43.30 5.57 -10.08
C TYR D 97 43.52 6.31 -8.76
N CYS D 98 42.79 7.39 -8.52
CA CYS D 98 42.72 8.02 -7.21
C CYS D 98 41.61 7.32 -6.42
N THR D 99 41.87 7.07 -5.13
CA THR D 99 40.93 6.34 -4.31
C THR D 99 40.63 7.10 -3.02
N GLY D 100 39.39 7.02 -2.55
CA GLY D 100 38.94 7.69 -1.33
C GLY D 100 38.43 6.70 -0.31
N LEU D 101 38.55 7.07 0.96
CA LEU D 101 38.41 6.15 2.09
C LEU D 101 39.20 4.88 1.86
N THR D 102 40.50 5.08 1.71
CA THR D 102 41.43 4.07 1.25
C THR D 102 40.92 3.53 -0.08
N PHE D 103 40.29 2.36 -0.11
CA PHE D 103 39.83 1.75 -1.37
C PHE D 103 38.33 1.55 -1.50
N ASP D 104 37.55 2.16 -0.60
CA ASP D 104 36.11 2.12 -0.73
C ASP D 104 35.64 2.76 -2.03
N TYR D 105 36.26 3.89 -2.40
CA TYR D 105 35.88 4.66 -3.62
C TYR D 105 37.04 4.77 -4.58
N TRP D 106 36.73 4.70 -5.87
CA TRP D 106 37.72 4.74 -6.95
C TRP D 106 37.21 5.67 -8.08
N GLY D 107 38.13 6.47 -8.61
CA GLY D 107 37.86 7.27 -9.80
C GLY D 107 37.95 6.44 -11.06
N GLN D 108 37.78 7.11 -12.20
CA GLN D 108 37.74 6.42 -13.49
C GLN D 108 39.08 6.11 -14.09
N GLY D 109 40.16 6.57 -13.47
CA GLY D 109 41.52 6.36 -13.95
C GLY D 109 41.94 7.42 -14.95
N THR D 110 43.25 7.54 -15.14
CA THR D 110 43.84 8.49 -16.09
C THR D 110 45.19 7.95 -16.52
N THR D 111 45.45 7.99 -17.82
CA THR D 111 46.49 7.15 -18.41
C THR D 111 47.80 7.91 -18.51
N LEU D 112 48.88 7.33 -17.95
CA LEU D 112 50.22 7.91 -18.10
C LEU D 112 50.97 7.07 -19.10
N THR D 113 51.60 7.71 -20.07
CA THR D 113 52.46 7.04 -21.04
C THR D 113 53.87 7.63 -21.01
N VAL D 114 54.86 6.79 -20.68
CA VAL D 114 56.26 7.21 -20.52
C VAL D 114 57.15 6.63 -21.62
N SER D 115 57.46 7.45 -22.62
CA SER D 115 58.24 7.02 -23.80
C SER D 115 58.99 8.18 -24.46
N SER D 116 60.04 7.83 -25.19
CA SER D 116 60.67 8.77 -26.13
C SER D 116 59.78 9.09 -27.33
N ALA D 117 58.73 8.29 -27.57
CA ALA D 117 57.84 8.46 -28.72
C ALA D 117 57.15 9.81 -28.75
N LYS D 118 56.81 10.23 -29.96
CA LYS D 118 56.08 11.46 -30.19
C LYS D 118 54.58 11.22 -30.20
N THR D 119 53.83 12.28 -29.91
CA THR D 119 52.41 12.30 -30.08
C THR D 119 52.15 12.24 -31.58
N THR D 120 51.56 11.15 -32.04
CA THR D 120 51.00 11.06 -33.38
C THR D 120 49.47 11.09 -33.27
N ALA D 121 48.86 11.99 -34.03
CA ALA D 121 47.41 12.06 -34.13
C ALA D 121 46.88 10.86 -34.94
N PRO D 122 45.63 10.40 -34.66
CA PRO D 122 45.07 9.28 -35.40
C PRO D 122 44.54 9.68 -36.77
N SER D 123 44.46 8.71 -37.67
CA SER D 123 43.66 8.81 -38.88
C SER D 123 42.39 8.02 -38.60
N VAL D 124 41.25 8.61 -38.92
CA VAL D 124 39.96 8.03 -38.64
C VAL D 124 39.28 7.71 -39.98
N TYR D 125 39.17 6.42 -40.30
CA TYR D 125 38.59 5.96 -41.57
C TYR D 125 37.20 5.37 -41.31
N PRO D 126 36.16 5.83 -42.04
CA PRO D 126 34.83 5.25 -41.92
C PRO D 126 34.66 4.03 -42.82
N LEU D 127 34.08 2.95 -42.29
CA LEU D 127 33.97 1.68 -43.01
C LEU D 127 32.53 1.34 -43.32
N ALA D 128 32.21 1.20 -44.60
CA ALA D 128 30.85 0.93 -45.06
C ALA D 128 30.79 -0.42 -45.79
N PRO D 129 29.61 -1.07 -45.85
CA PRO D 129 29.49 -2.38 -46.47
C PRO D 129 29.84 -2.40 -47.94
N VAL D 130 30.04 -3.61 -48.46
CA VAL D 130 30.29 -3.83 -49.88
C VAL D 130 29.08 -3.33 -50.71
N CYS D 131 29.35 -2.76 -51.89
CA CYS D 131 28.29 -2.44 -52.86
C CYS D 131 28.16 -3.57 -53.87
N SER D 137 18.70 -8.02 -44.45
CA SER D 137 18.16 -8.46 -43.15
C SER D 137 18.64 -7.59 -41.99
N SER D 138 19.94 -7.31 -41.95
CA SER D 138 20.54 -6.25 -41.11
C SER D 138 21.82 -5.71 -41.74
N VAL D 139 22.39 -4.66 -41.12
CA VAL D 139 23.58 -3.99 -41.66
C VAL D 139 24.57 -3.74 -40.54
N THR D 140 25.84 -4.01 -40.82
CA THR D 140 26.93 -3.62 -39.93
C THR D 140 27.80 -2.55 -40.61
N LEU D 141 28.15 -1.52 -39.84
CA LEU D 141 29.13 -0.52 -40.23
C LEU D 141 30.31 -0.60 -39.28
N GLY D 142 31.38 0.14 -39.61
CA GLY D 142 32.60 0.18 -38.79
C GLY D 142 33.39 1.46 -38.87
N CYS D 143 34.29 1.64 -37.93
CA CYS D 143 35.12 2.83 -37.84
C CYS D 143 36.53 2.40 -37.43
N LEU D 144 37.53 2.77 -38.25
CA LEU D 144 38.92 2.42 -38.00
C LEU D 144 39.67 3.64 -37.47
N VAL D 145 40.45 3.44 -36.41
CA VAL D 145 41.25 4.47 -35.79
C VAL D 145 42.71 3.96 -35.79
N LYS D 146 43.53 4.49 -36.71
CA LYS D 146 44.86 3.94 -37.00
C LYS D 146 45.98 4.97 -36.85
N GLY D 147 47.11 4.52 -36.30
CA GLY D 147 48.35 5.29 -36.27
C GLY D 147 48.50 6.36 -35.19
N TYR D 148 47.99 6.06 -33.99
CA TYR D 148 47.88 7.05 -32.92
C TYR D 148 48.81 6.71 -31.76
N PHE D 149 49.41 7.74 -31.16
CA PHE D 149 50.21 7.57 -29.92
C PHE D 149 50.17 8.88 -29.16
N PRO D 150 50.13 8.86 -27.82
CA PRO D 150 49.99 7.68 -26.99
C PRO D 150 48.54 7.28 -26.83
N GLU D 151 48.33 6.22 -26.06
CA GLU D 151 47.00 5.82 -25.65
C GLU D 151 46.56 6.80 -24.52
N PRO D 152 45.26 7.18 -24.45
CA PRO D 152 44.17 6.56 -25.18
C PRO D 152 43.40 7.49 -26.09
N VAL D 153 42.60 6.89 -26.97
CA VAL D 153 41.52 7.57 -27.69
C VAL D 153 40.19 7.12 -27.09
N THR D 154 39.13 7.90 -27.28
CA THR D 154 37.78 7.47 -26.96
C THR D 154 36.92 7.63 -28.19
N LEU D 155 36.03 6.67 -28.37
CA LEU D 155 35.24 6.53 -29.59
C LEU D 155 33.77 6.40 -29.23
N THR D 156 32.90 7.17 -29.89
CA THR D 156 31.46 7.03 -29.75
C THR D 156 30.79 7.08 -31.10
N TRP D 157 29.50 6.72 -31.11
CA TRP D 157 28.67 6.76 -32.31
C TRP D 157 27.49 7.69 -32.07
N ASN D 158 27.31 8.65 -32.99
CA ASN D 158 26.39 9.78 -32.81
C ASN D 158 26.51 10.40 -31.41
N SER D 159 27.76 10.58 -30.98
CA SER D 159 28.13 11.28 -29.73
C SER D 159 27.69 10.60 -28.43
N GLY D 160 27.53 9.27 -28.44
CA GLY D 160 26.96 8.54 -27.32
C GLY D 160 25.53 8.04 -27.53
N SER D 161 24.82 8.62 -28.51
CA SER D 161 23.42 8.35 -28.75
C SER D 161 23.14 6.88 -29.09
N LEU D 162 24.02 6.27 -29.88
CA LEU D 162 23.87 4.86 -30.29
C LEU D 162 24.91 4.06 -29.52
N SER D 163 24.47 3.36 -28.47
CA SER D 163 25.35 2.57 -27.59
C SER D 163 25.13 1.05 -27.67
N SER D 164 23.87 0.63 -27.81
CA SER D 164 23.54 -0.76 -28.07
C SER D 164 23.82 -1.07 -29.54
N GLY D 165 24.31 -2.29 -29.77
CA GLY D 165 24.73 -2.73 -31.10
C GLY D 165 26.21 -2.50 -31.44
N VAL D 166 26.99 -2.05 -30.45
CA VAL D 166 28.33 -1.53 -30.70
C VAL D 166 29.38 -2.41 -30.02
N HIS D 167 30.51 -2.58 -30.72
CA HIS D 167 31.68 -3.26 -30.18
C HIS D 167 32.92 -2.46 -30.52
N THR D 168 33.50 -1.81 -29.51
CA THR D 168 34.81 -1.23 -29.62
C THR D 168 35.84 -2.26 -29.15
N PHE D 169 36.87 -2.46 -29.98
CA PHE D 169 37.90 -3.45 -29.70
C PHE D 169 39.13 -2.78 -29.08
N PRO D 170 39.84 -3.49 -28.18
CA PRO D 170 41.07 -2.96 -27.62
C PRO D 170 42.10 -2.57 -28.65
N ALA D 171 42.88 -1.55 -28.33
CA ALA D 171 43.93 -1.09 -29.20
C ALA D 171 45.09 -2.05 -29.18
N LEU D 172 45.71 -2.23 -30.34
CA LEU D 172 46.91 -3.02 -30.49
C LEU D 172 48.07 -2.16 -31.00
N LEU D 173 49.28 -2.56 -30.63
CA LEU D 173 50.51 -1.84 -30.92
C LEU D 173 51.22 -2.53 -32.09
N LEU D 174 51.31 -1.83 -33.23
CA LEU D 174 52.05 -2.31 -34.41
C LEU D 174 53.26 -1.43 -34.64
N SER D 175 54.44 -1.91 -34.30
CA SER D 175 55.72 -1.15 -34.43
C SER D 175 55.66 0.29 -33.85
N GLY D 176 55.21 0.40 -32.59
CA GLY D 176 55.21 1.67 -31.85
C GLY D 176 54.01 2.59 -31.98
N LEU D 177 53.00 2.23 -32.78
CA LEU D 177 51.74 3.01 -32.92
C LEU D 177 50.46 2.18 -32.77
N TYR D 178 49.38 2.82 -32.31
CA TYR D 178 48.16 2.10 -31.91
C TYR D 178 47.05 2.07 -32.97
N THR D 179 46.40 0.91 -33.09
CA THR D 179 45.24 0.72 -33.97
C THR D 179 44.05 0.21 -33.14
N LEU D 180 42.87 0.76 -33.39
CA LEU D 180 41.62 0.11 -32.97
C LEU D 180 40.53 0.34 -34.01
N SER D 181 39.46 -0.43 -33.87
CA SER D 181 38.26 -0.25 -34.67
C SER D 181 37.04 -0.48 -33.80
N SER D 182 35.87 -0.24 -34.36
CA SER D 182 34.62 -0.43 -33.66
C SER D 182 33.55 -0.68 -34.67
N SER D 183 32.72 -1.69 -34.43
CA SER D 183 31.62 -2.04 -35.33
C SER D 183 30.29 -1.69 -34.68
N VAL D 184 29.36 -1.20 -35.49
CA VAL D 184 27.98 -0.99 -35.06
C VAL D 184 27.04 -1.82 -35.96
N THR D 185 26.04 -2.47 -35.37
CA THR D 185 25.01 -3.21 -36.12
C THR D 185 23.64 -2.60 -35.81
N VAL D 186 22.92 -2.23 -36.88
CA VAL D 186 21.55 -1.72 -36.79
C VAL D 186 20.66 -2.58 -37.67
N THR D 187 19.34 -2.29 -37.64
CA THR D 187 18.39 -2.98 -38.52
C THR D 187 18.44 -2.34 -39.90
N SER D 188 18.24 -3.17 -40.93
CA SER D 188 18.47 -2.79 -42.33
C SER D 188 17.82 -1.47 -42.80
N ASN D 189 16.72 -1.10 -42.15
CA ASN D 189 15.94 0.10 -42.48
C ASN D 189 16.52 1.39 -41.88
N THR D 190 17.24 1.27 -40.77
CA THR D 190 17.97 2.39 -40.12
C THR D 190 19.02 3.14 -41.01
N TRP D 191 19.58 2.45 -42.00
CA TRP D 191 20.69 2.96 -42.83
C TRP D 191 20.54 2.49 -44.30
N PRO D 192 20.89 3.31 -45.31
CA PRO D 192 21.41 4.67 -45.17
C PRO D 192 20.38 5.81 -44.93
N SER D 193 19.14 5.48 -44.56
CA SER D 193 18.07 6.47 -44.32
C SER D 193 18.45 7.57 -43.31
N GLN D 194 19.10 7.18 -42.23
CA GLN D 194 19.59 8.11 -41.21
C GLN D 194 21.11 8.19 -41.19
N THR D 195 21.62 9.33 -40.73
CA THR D 195 23.05 9.62 -40.71
C THR D 195 23.67 9.01 -39.44
N ILE D 196 24.60 8.06 -39.64
CA ILE D 196 25.39 7.45 -38.55
C ILE D 196 26.81 8.00 -38.63
N THR D 197 27.29 8.58 -37.53
CA THR D 197 28.54 9.31 -37.51
C THR D 197 29.42 8.86 -36.37
N CYS D 198 30.64 8.47 -36.70
CA CYS D 198 31.63 8.00 -35.72
C CYS D 198 32.51 9.14 -35.19
N ASN D 199 32.57 9.30 -33.87
CA ASN D 199 33.24 10.45 -33.25
C ASN D 199 34.42 9.96 -32.45
N VAL D 200 35.63 10.32 -32.89
CA VAL D 200 36.85 10.00 -32.11
C VAL D 200 37.43 11.26 -31.47
N ALA D 201 37.94 11.09 -30.26
CA ALA D 201 38.65 12.12 -29.53
C ALA D 201 39.99 11.54 -29.12
N HIS D 202 41.08 12.23 -29.46
CA HIS D 202 42.41 11.87 -28.98
C HIS D 202 42.85 13.07 -28.19
N PRO D 203 42.80 13.00 -26.83
CA PRO D 203 43.11 14.19 -26.04
C PRO D 203 44.55 14.65 -26.20
N ALA D 204 45.52 13.75 -26.07
CA ALA D 204 46.95 14.11 -26.06
C ALA D 204 47.51 14.77 -27.33
N SER D 205 46.77 14.72 -28.43
CA SER D 205 47.08 15.48 -29.64
C SER D 205 46.10 16.61 -29.96
N SER D 206 45.04 16.75 -29.15
CA SER D 206 43.98 17.75 -29.35
C SER D 206 43.23 17.51 -30.68
N THR D 207 42.83 16.26 -30.88
CA THR D 207 42.16 15.82 -32.10
C THR D 207 40.72 15.46 -31.78
N LYS D 208 39.78 15.94 -32.58
CA LYS D 208 38.37 15.57 -32.49
C LYS D 208 37.81 15.38 -33.91
N VAL D 209 37.51 14.14 -34.28
CA VAL D 209 37.15 13.80 -35.65
C VAL D 209 35.74 13.23 -35.65
N ASP D 210 34.88 13.82 -36.44
CA ASP D 210 33.64 13.20 -36.89
C ASP D 210 33.84 12.54 -38.28
N LYS D 211 33.32 11.33 -38.47
CA LYS D 211 33.23 10.72 -39.80
C LYS D 211 31.85 10.11 -40.01
N LYS D 212 31.14 10.58 -41.05
CA LYS D 212 29.81 10.09 -41.40
C LYS D 212 29.98 8.90 -42.33
N ILE D 213 29.14 7.89 -42.18
CA ILE D 213 29.39 6.60 -42.83
C ILE D 213 28.70 6.51 -44.19
N GLU D 214 29.39 6.99 -45.23
CA GLU D 214 28.84 7.10 -46.59
C GLU D 214 28.93 5.73 -47.29
N PRO D 215 27.93 5.38 -48.13
CA PRO D 215 28.13 4.24 -49.06
C PRO D 215 29.13 4.54 -50.19
N ARG D 216 29.69 3.51 -50.80
CA ARG D 216 30.79 3.65 -51.77
C ARG D 216 30.26 3.76 -53.18
N GLY D 217 30.86 4.65 -53.98
CA GLY D 217 30.69 4.61 -55.44
C GLY D 217 31.46 3.43 -56.07
N PRO D 218 31.46 3.35 -57.42
CA PRO D 218 32.30 2.38 -58.11
C PRO D 218 33.50 3.05 -58.78
N ASP E 1 56.69 -7.47 2.52
CA ASP E 1 55.57 -7.35 1.55
C ASP E 1 54.78 -8.64 1.61
N ILE E 2 53.52 -8.53 2.01
CA ILE E 2 52.56 -9.64 1.94
C ILE E 2 52.18 -9.88 0.48
N VAL E 3 52.56 -11.04 -0.06
CA VAL E 3 52.10 -11.46 -1.39
C VAL E 3 50.74 -12.15 -1.25
N LEU E 4 49.79 -11.76 -2.09
CA LEU E 4 48.51 -12.46 -2.26
C LEU E 4 48.53 -13.30 -3.51
N THR E 5 48.04 -14.53 -3.42
CA THR E 5 48.05 -15.47 -4.55
C THR E 5 46.68 -16.06 -4.72
N GLN E 6 46.07 -15.83 -5.87
CA GLN E 6 44.70 -16.24 -6.13
C GLN E 6 44.67 -17.51 -6.94
N SER E 7 43.67 -18.33 -6.66
CA SER E 7 43.33 -19.51 -7.49
C SER E 7 41.80 -19.66 -7.59
N PRO E 8 41.23 -20.00 -8.75
CA PRO E 8 41.97 -20.27 -9.95
C PRO E 8 42.36 -18.99 -10.68
N ALA E 9 43.15 -19.14 -11.72
CA ALA E 9 43.45 -18.04 -12.61
C ALA E 9 42.16 -17.57 -13.27
N SER E 10 41.46 -18.53 -13.85
CA SER E 10 40.16 -18.30 -14.49
C SER E 10 39.19 -19.44 -14.26
N LEU E 11 37.91 -19.22 -14.48
CA LEU E 11 36.82 -20.05 -13.95
C LEU E 11 35.57 -19.79 -14.78
N ALA E 12 34.86 -20.84 -15.18
CA ALA E 12 33.69 -20.72 -16.07
C ALA E 12 32.46 -21.35 -15.43
N VAL E 13 31.43 -20.54 -15.15
CA VAL E 13 30.31 -20.95 -14.29
C VAL E 13 28.98 -20.71 -14.99
N SER E 14 28.07 -21.69 -14.92
CA SER E 14 26.73 -21.53 -15.48
C SER E 14 25.85 -20.67 -14.60
N LEU E 15 24.86 -20.02 -15.20
CA LEU E 15 23.92 -19.16 -14.47
C LEU E 15 23.18 -19.93 -13.35
N GLY E 16 23.03 -19.29 -12.20
CA GLY E 16 22.45 -19.94 -11.02
C GLY E 16 23.43 -20.75 -10.20
N GLN E 17 24.55 -21.18 -10.79
CA GLN E 17 25.56 -21.98 -10.10
C GLN E 17 26.44 -21.09 -9.22
N ARG E 18 27.32 -21.74 -8.48
CA ARG E 18 28.30 -21.08 -7.63
C ARG E 18 29.66 -20.87 -8.28
N ALA E 19 30.33 -19.78 -7.89
CA ALA E 19 31.69 -19.51 -8.30
C ALA E 19 32.46 -19.29 -7.01
N THR E 20 33.32 -20.23 -6.64
CA THR E 20 34.25 -20.04 -5.54
C THR E 20 35.60 -19.61 -6.10
N ILE E 21 36.11 -18.51 -5.57
CA ILE E 21 37.44 -17.99 -5.86
C ILE E 21 38.23 -17.97 -4.53
N SER E 22 39.52 -18.28 -4.57
CA SER E 22 40.41 -18.28 -3.38
C SER E 22 41.47 -17.18 -3.40
N CYS E 23 42.08 -16.91 -2.24
CA CYS E 23 43.15 -15.92 -2.10
C CYS E 23 44.00 -16.34 -0.91
N ARG E 24 45.25 -16.75 -1.16
CA ARG E 24 46.19 -17.16 -0.11
C ARG E 24 47.25 -16.09 0.13
N ALA E 25 47.25 -15.56 1.35
CA ALA E 25 48.27 -14.64 1.79
C ALA E 25 49.52 -15.38 2.24
N SER E 26 50.67 -14.80 1.91
CA SER E 26 51.97 -15.28 2.36
C SER E 26 52.21 -15.23 3.86
N GLU E 27 51.32 -14.55 4.59
CA GLU E 27 51.53 -14.14 5.97
C GLU E 27 50.14 -13.80 6.53
N SER E 28 49.95 -13.95 7.84
CA SER E 28 48.63 -13.71 8.44
C SER E 28 48.26 -12.25 8.33
N VAL E 29 47.00 -11.99 7.96
CA VAL E 29 46.49 -10.62 7.82
C VAL E 29 45.57 -10.20 8.98
N ASP E 30 45.53 -11.00 10.05
CA ASP E 30 44.63 -10.71 11.19
C ASP E 30 45.17 -9.59 12.05
N ASN E 31 44.28 -8.70 12.50
CA ASN E 31 44.68 -7.40 13.03
C ASN E 31 43.57 -6.94 13.96
N TYR E 32 43.85 -6.94 15.25
CA TYR E 32 42.86 -6.67 16.30
C TYR E 32 41.66 -7.61 16.17
N GLY E 33 41.95 -8.91 16.10
CA GLY E 33 40.94 -9.96 16.02
C GLY E 33 40.16 -10.09 14.74
N ILE E 34 40.42 -9.19 13.78
CA ILE E 34 39.62 -8.99 12.59
C ILE E 34 40.56 -9.13 11.39
N SER E 35 40.10 -9.83 10.36
CA SER E 35 40.94 -10.19 9.23
C SER E 35 40.91 -9.12 8.14
N SER E 36 42.06 -8.53 7.83
CA SER E 36 42.15 -7.38 6.94
C SER E 36 42.31 -7.80 5.46
N MET E 37 41.19 -8.20 4.89
CA MET E 37 41.14 -8.77 3.55
C MET E 37 39.88 -8.27 2.84
N ASN E 38 40.05 -7.64 1.68
CA ASN E 38 38.96 -7.02 0.92
C ASN E 38 38.95 -7.61 -0.47
N TRP E 39 37.77 -7.69 -1.09
CA TRP E 39 37.63 -8.17 -2.45
C TRP E 39 37.06 -7.09 -3.36
N PHE E 40 37.46 -7.15 -4.62
CA PHE E 40 37.13 -6.15 -5.61
C PHE E 40 36.70 -6.80 -6.91
N GLN E 41 35.82 -6.11 -7.63
CA GLN E 41 35.37 -6.53 -8.93
C GLN E 41 35.74 -5.48 -9.93
N GLN E 42 36.41 -5.91 -10.99
CA GLN E 42 36.76 -5.03 -12.08
C GLN E 42 36.18 -5.56 -13.39
N LYS E 43 35.14 -4.91 -13.88
CA LYS E 43 34.56 -5.27 -15.19
C LYS E 43 35.36 -4.60 -16.29
N ALA E 44 35.13 -4.99 -17.55
CA ALA E 44 35.82 -4.39 -18.71
C ALA E 44 35.79 -2.86 -18.68
N GLY E 45 36.96 -2.23 -18.78
CA GLY E 45 37.07 -0.78 -18.94
C GLY E 45 36.58 0.02 -17.76
N GLN E 46 36.90 -0.49 -16.58
CA GLN E 46 36.26 -0.07 -15.36
C GLN E 46 37.23 -0.10 -14.21
N PRO E 47 37.10 0.85 -13.27
CA PRO E 47 37.89 0.73 -12.05
C PRO E 47 37.50 -0.49 -11.26
N PRO E 48 38.33 -0.87 -10.29
CA PRO E 48 37.88 -1.82 -9.32
C PRO E 48 36.73 -1.23 -8.48
N LYS E 49 35.75 -2.08 -8.23
CA LYS E 49 34.61 -1.77 -7.40
C LYS E 49 34.75 -2.57 -6.12
N PHE E 50 34.49 -1.90 -5.01
CA PHE E 50 34.64 -2.49 -3.70
C PHE E 50 33.48 -3.42 -3.38
N LEU E 51 33.75 -4.71 -3.12
CA LEU E 51 32.66 -5.69 -2.83
C LEU E 51 32.56 -6.04 -1.37
N ILE E 52 33.65 -6.57 -0.83
CA ILE E 52 33.67 -7.16 0.50
C ILE E 52 34.81 -6.55 1.29
N TYR E 53 34.58 -6.26 2.57
CA TYR E 53 35.66 -5.85 3.49
C TYR E 53 35.74 -6.75 4.70
N ALA E 54 36.81 -6.58 5.48
CA ALA E 54 37.03 -7.32 6.72
C ALA E 54 36.73 -8.82 6.59
N ALA E 55 37.26 -9.38 5.52
CA ALA E 55 37.09 -10.78 5.12
C ALA E 55 35.70 -11.22 4.72
N SER E 56 34.73 -11.09 5.63
CA SER E 56 33.37 -11.57 5.43
C SER E 56 32.27 -10.51 5.29
N LYS E 57 32.59 -9.22 5.47
CA LYS E 57 31.57 -8.18 5.54
C LYS E 57 31.27 -7.50 4.19
N GLN E 58 30.13 -6.82 4.16
CA GLN E 58 29.45 -6.43 2.94
C GLN E 58 29.65 -4.96 2.66
N GLY E 59 29.99 -4.61 1.42
CA GLY E 59 30.17 -3.21 1.03
C GLY E 59 28.84 -2.49 0.90
N SER E 60 28.88 -1.16 0.81
CA SER E 60 27.65 -0.36 0.66
C SER E 60 26.98 -0.67 -0.69
N GLY E 61 25.70 -1.04 -0.63
CA GLY E 61 24.91 -1.37 -1.82
C GLY E 61 25.30 -2.60 -2.62
N VAL E 62 26.12 -3.47 -2.04
CA VAL E 62 26.68 -4.62 -2.72
C VAL E 62 25.70 -5.78 -2.58
N PRO E 63 25.20 -6.34 -3.71
CA PRO E 63 24.25 -7.47 -3.66
C PRO E 63 24.63 -8.63 -2.74
N ALA E 64 23.62 -9.30 -2.21
CA ALA E 64 23.80 -10.32 -1.17
C ALA E 64 24.61 -11.50 -1.64
N ARG E 65 24.47 -11.86 -2.93
CA ARG E 65 25.20 -12.96 -3.55
C ARG E 65 26.73 -12.87 -3.52
N PHE E 66 27.30 -11.68 -3.23
CA PHE E 66 28.73 -11.51 -3.12
C PHE E 66 29.04 -11.66 -1.63
N SER E 67 29.74 -12.74 -1.27
CA SER E 67 30.01 -13.09 0.11
C SER E 67 31.47 -13.47 0.23
N GLY E 68 32.09 -13.05 1.32
CA GLY E 68 33.45 -13.43 1.62
C GLY E 68 33.52 -14.28 2.87
N SER E 69 34.57 -15.09 2.94
CA SER E 69 34.83 -15.87 4.15
C SER E 69 36.31 -16.16 4.29
N GLY E 70 36.74 -16.34 5.53
CA GLY E 70 38.11 -16.78 5.85
C GLY E 70 38.83 -15.94 6.89
N SER E 71 40.06 -16.35 7.19
CA SER E 71 40.82 -15.82 8.30
C SER E 71 42.28 -16.19 8.12
N GLY E 72 43.18 -15.40 8.70
CA GLY E 72 44.61 -15.66 8.65
C GLY E 72 45.18 -15.56 7.24
N THR E 73 45.49 -16.73 6.65
CA THR E 73 46.20 -16.82 5.38
C THR E 73 45.36 -17.28 4.20
N ASP E 74 44.14 -17.77 4.46
CA ASP E 74 43.32 -18.47 3.45
C ASP E 74 41.92 -17.82 3.43
N PHE E 75 41.59 -17.19 2.30
CA PHE E 75 40.30 -16.49 2.13
C PHE E 75 39.62 -16.93 0.83
N SER E 76 38.29 -16.75 0.75
CA SER E 76 37.58 -17.02 -0.51
C SER E 76 36.38 -16.12 -0.73
N LEU E 77 36.09 -15.88 -2.01
CA LEU E 77 34.94 -15.07 -2.44
C LEU E 77 34.01 -16.02 -3.11
N ILE E 78 32.75 -16.05 -2.64
CA ILE E 78 31.71 -16.85 -3.27
C ILE E 78 30.70 -15.93 -3.95
N ILE E 79 30.39 -16.25 -5.20
CA ILE E 79 29.40 -15.56 -5.98
C ILE E 79 28.35 -16.60 -6.34
N HIS E 80 27.14 -16.43 -5.79
CA HIS E 80 26.07 -17.42 -5.93
C HIS E 80 24.72 -16.82 -5.55
N PRO E 81 23.73 -16.80 -6.44
CA PRO E 81 23.77 -17.31 -7.80
C PRO E 81 24.41 -16.37 -8.81
N VAL E 82 25.08 -16.92 -9.81
CA VAL E 82 25.79 -16.14 -10.84
C VAL E 82 24.83 -15.51 -11.85
N GLU E 83 25.02 -14.22 -12.10
CA GLU E 83 24.32 -13.49 -13.17
C GLU E 83 25.28 -13.16 -14.31
N GLU E 84 24.71 -12.87 -15.48
CA GLU E 84 25.45 -12.50 -16.68
C GLU E 84 26.42 -11.33 -16.47
N ASP E 85 25.97 -10.35 -15.70
CA ASP E 85 26.72 -9.13 -15.37
C ASP E 85 27.85 -9.36 -14.36
N ASP E 86 28.06 -10.59 -13.90
CA ASP E 86 29.17 -10.92 -13.03
C ASP E 86 30.46 -11.30 -13.77
N THR E 87 30.42 -11.35 -15.11
CA THR E 87 31.64 -11.48 -15.90
C THR E 87 32.58 -10.30 -15.59
N ALA E 88 33.67 -10.61 -14.92
CA ALA E 88 34.62 -9.60 -14.44
C ALA E 88 35.88 -10.26 -13.96
N VAL E 89 36.88 -9.43 -13.63
CA VAL E 89 38.03 -9.92 -12.85
C VAL E 89 37.83 -9.55 -11.40
N TYR E 90 38.10 -10.50 -10.50
CA TYR E 90 37.89 -10.30 -9.08
C TYR E 90 39.23 -10.40 -8.38
N PHE E 91 39.65 -9.32 -7.70
CA PHE E 91 40.90 -9.29 -6.92
C PHE E 91 40.62 -9.28 -5.44
N CYS E 92 41.51 -9.95 -4.68
CA CYS E 92 41.59 -9.73 -3.25
C CYS E 92 42.67 -8.72 -2.98
N GLN E 93 42.65 -8.15 -1.78
CA GLN E 93 43.56 -7.09 -1.41
C GLN E 93 43.64 -6.94 0.12
N GLN E 94 44.79 -6.48 0.60
CA GLN E 94 45.20 -6.63 1.99
C GLN E 94 45.57 -5.28 2.62
N SER E 95 45.11 -5.03 3.84
CA SER E 95 45.45 -3.81 4.60
C SER E 95 46.00 -4.10 6.02
N LYS E 96 46.61 -5.25 6.20
CA LYS E 96 47.36 -5.55 7.40
C LYS E 96 48.55 -4.63 7.50
N GLY E 97 49.37 -4.64 6.45
CA GLY E 97 50.63 -3.89 6.43
C GLY E 97 50.89 -3.07 5.17
N VAL E 98 51.93 -2.24 5.24
CA VAL E 98 52.35 -1.40 4.11
C VAL E 98 53.58 -2.06 3.51
N PRO E 99 53.69 -2.21 2.19
CA PRO E 99 52.72 -1.73 1.20
C PRO E 99 51.40 -2.53 1.14
N TYR E 100 50.35 -1.89 0.66
CA TYR E 100 49.09 -2.53 0.38
C TYR E 100 49.29 -3.27 -0.92
N THR E 101 48.84 -4.51 -0.93
CA THR E 101 49.12 -5.45 -2.02
C THR E 101 47.85 -6.11 -2.50
N PHE E 102 47.71 -6.17 -3.82
CA PHE E 102 46.57 -6.80 -4.47
C PHE E 102 46.99 -8.16 -5.01
N GLY E 103 46.09 -9.13 -4.93
CA GLY E 103 46.28 -10.42 -5.62
C GLY E 103 46.24 -10.24 -7.14
N GLY E 104 46.75 -11.23 -7.85
CA GLY E 104 46.85 -11.16 -9.30
C GLY E 104 45.54 -11.06 -10.02
N GLY E 105 44.47 -11.57 -9.41
CA GLY E 105 43.11 -11.44 -9.95
C GLY E 105 42.66 -12.75 -10.58
N THR E 106 41.39 -13.06 -10.41
CA THR E 106 40.75 -14.26 -10.90
C THR E 106 39.65 -13.87 -11.89
N LYS E 107 39.65 -14.48 -13.09
CA LYS E 107 38.73 -14.12 -14.16
C LYS E 107 37.49 -15.02 -14.17
N LEU E 108 36.29 -14.44 -14.01
CA LEU E 108 35.04 -15.21 -14.11
C LEU E 108 34.48 -15.11 -15.53
N GLU E 109 34.30 -16.27 -16.18
CA GLU E 109 33.58 -16.38 -17.45
C GLU E 109 32.19 -16.95 -17.12
N ILE E 110 31.13 -16.36 -17.70
CA ILE E 110 29.78 -16.91 -17.56
C ILE E 110 29.58 -17.88 -18.69
N LYS E 111 29.31 -19.12 -18.30
CA LYS E 111 29.01 -20.20 -19.24
C LYS E 111 27.68 -19.93 -19.94
N ARG E 112 27.55 -20.47 -21.15
CA ARG E 112 26.56 -20.01 -22.10
C ARG E 112 26.42 -21.00 -23.25
N ALA E 113 25.26 -21.02 -23.89
CA ALA E 113 25.06 -21.82 -25.11
C ALA E 113 25.96 -21.28 -26.22
N ASP E 114 26.48 -22.19 -27.03
CA ASP E 114 27.38 -21.80 -28.09
C ASP E 114 26.66 -20.88 -29.07
N ALA E 115 27.45 -20.02 -29.71
CA ALA E 115 26.99 -19.04 -30.68
C ALA E 115 28.01 -18.91 -31.79
N ALA E 116 27.61 -19.16 -33.04
CA ALA E 116 28.51 -18.93 -34.18
C ALA E 116 28.60 -17.42 -34.44
N PRO E 117 29.76 -16.94 -34.93
CA PRO E 117 29.93 -15.51 -35.15
C PRO E 117 29.23 -14.99 -36.40
N THR E 118 28.90 -13.70 -36.41
CA THR E 118 28.44 -12.98 -37.59
C THR E 118 29.66 -12.28 -38.17
N VAL E 119 30.08 -12.76 -39.35
CA VAL E 119 31.24 -12.23 -40.04
C VAL E 119 30.83 -11.13 -41.02
N SER E 120 31.50 -9.98 -40.95
CA SER E 120 31.28 -8.84 -41.84
C SER E 120 32.64 -8.37 -42.36
N ILE E 121 32.73 -8.16 -43.66
CA ILE E 121 33.99 -7.79 -44.33
C ILE E 121 33.87 -6.37 -44.89
N PHE E 122 34.97 -5.62 -44.74
CA PHE E 122 35.02 -4.21 -45.08
C PHE E 122 36.26 -3.86 -45.87
N PRO E 123 36.09 -3.34 -47.10
CA PRO E 123 37.25 -2.89 -47.86
C PRO E 123 37.99 -1.75 -47.20
N PRO E 124 39.14 -1.38 -47.74
CA PRO E 124 39.73 -0.09 -47.44
C PRO E 124 38.75 1.07 -47.68
N SER E 125 38.83 2.10 -46.85
CA SER E 125 38.08 3.34 -47.12
C SER E 125 38.68 4.05 -48.33
N SER E 126 37.92 5.01 -48.84
CA SER E 126 38.39 5.93 -49.87
C SER E 126 39.50 6.81 -49.30
N GLU E 127 39.30 7.30 -48.09
CA GLU E 127 40.25 8.21 -47.42
C GLU E 127 41.60 7.56 -47.06
N GLN E 128 41.63 6.25 -46.85
CA GLN E 128 42.90 5.53 -46.69
C GLN E 128 43.61 5.29 -48.04
N LEU E 129 42.82 5.02 -49.09
CA LEU E 129 43.35 4.79 -50.45
C LEU E 129 44.10 5.99 -51.03
N THR E 130 43.61 7.19 -50.75
CA THR E 130 44.30 8.43 -51.12
C THR E 130 45.62 8.62 -50.33
N SER E 131 45.60 8.23 -49.05
CA SER E 131 46.76 8.37 -48.14
C SER E 131 47.92 7.38 -48.36
N GLY E 132 47.71 6.34 -49.18
CA GLY E 132 48.72 5.30 -49.42
C GLY E 132 48.74 4.17 -48.39
N GLY E 133 47.56 3.81 -47.89
CA GLY E 133 47.41 2.69 -46.96
C GLY E 133 46.30 1.75 -47.41
N ALA E 134 46.36 0.51 -46.92
CA ALA E 134 45.42 -0.55 -47.33
C ALA E 134 45.06 -1.47 -46.15
N SER E 135 43.86 -1.29 -45.62
CA SER E 135 43.37 -2.06 -44.47
C SER E 135 42.06 -2.76 -44.81
N VAL E 136 42.06 -4.09 -44.71
CA VAL E 136 40.84 -4.88 -44.85
C VAL E 136 40.46 -5.33 -43.46
N VAL E 137 39.22 -5.04 -43.06
CA VAL E 137 38.73 -5.30 -41.72
C VAL E 137 37.61 -6.35 -41.77
N CYS E 138 37.76 -7.36 -40.92
CA CYS E 138 36.75 -8.40 -40.75
C CYS E 138 36.29 -8.38 -39.29
N PHE E 139 35.00 -8.16 -39.05
CA PHE E 139 34.42 -8.25 -37.71
C PHE E 139 33.77 -9.62 -37.56
N LEU E 140 34.19 -10.37 -36.56
CA LEU E 140 33.54 -11.59 -36.13
C LEU E 140 32.82 -11.26 -34.82
N ASN E 141 31.49 -11.29 -34.81
CA ASN E 141 30.70 -10.78 -33.69
C ASN E 141 29.84 -11.79 -32.94
N ASN E 142 29.61 -11.53 -31.65
CA ASN E 142 28.56 -12.15 -30.85
C ASN E 142 28.59 -13.68 -30.79
N PHE E 143 29.74 -14.23 -30.42
CA PHE E 143 29.97 -15.67 -30.46
C PHE E 143 30.51 -16.27 -29.16
N TYR E 144 30.37 -17.57 -28.98
CA TYR E 144 30.82 -18.29 -27.77
C TYR E 144 31.08 -19.76 -28.15
N PRO E 145 32.16 -20.40 -27.70
CA PRO E 145 33.16 -19.84 -26.79
C PRO E 145 34.16 -18.92 -27.47
N LYS E 146 35.07 -18.38 -26.65
CA LYS E 146 36.09 -17.43 -27.08
C LYS E 146 36.99 -17.96 -28.20
N ASP E 147 37.26 -19.26 -28.18
CA ASP E 147 38.18 -19.89 -29.14
C ASP E 147 37.66 -19.78 -30.58
N ILE E 148 38.40 -19.07 -31.42
CA ILE E 148 38.11 -18.93 -32.85
C ILE E 148 39.41 -18.83 -33.69
N ASN E 149 39.30 -19.17 -34.97
CA ASN E 149 40.40 -19.02 -35.92
C ASN E 149 39.90 -18.21 -37.10
N VAL E 150 40.47 -17.04 -37.28
CA VAL E 150 40.32 -16.30 -38.53
C VAL E 150 41.48 -16.60 -39.50
N LYS E 151 41.23 -16.49 -40.81
CA LYS E 151 42.21 -16.81 -41.85
C LYS E 151 41.94 -15.98 -43.07
N TRP E 152 42.93 -15.20 -43.49
CA TRP E 152 42.81 -14.38 -44.67
C TRP E 152 43.35 -15.12 -45.88
N LYS E 153 42.68 -14.91 -47.02
CA LYS E 153 43.14 -15.34 -48.32
C LYS E 153 43.17 -14.14 -49.28
N ILE E 154 44.30 -13.96 -49.98
CA ILE E 154 44.40 -12.96 -51.07
C ILE E 154 44.59 -13.73 -52.38
N ASP E 155 43.59 -13.63 -53.28
CA ASP E 155 43.47 -14.51 -54.46
C ASP E 155 43.58 -16.01 -54.07
N GLY E 156 42.96 -16.37 -52.93
CA GLY E 156 42.97 -17.75 -52.45
C GLY E 156 44.21 -18.25 -51.74
N SER E 157 45.25 -17.41 -51.63
CA SER E 157 46.48 -17.74 -50.90
C SER E 157 46.33 -17.24 -49.46
N GLU E 158 46.57 -18.13 -48.50
CA GLU E 158 46.55 -17.77 -47.09
C GLU E 158 47.62 -16.71 -46.82
N ARG E 159 47.26 -15.64 -46.09
CA ARG E 159 48.20 -14.56 -45.76
C ARG E 159 48.27 -14.33 -44.26
N GLN E 160 49.49 -14.21 -43.75
CA GLN E 160 49.77 -14.24 -42.30
C GLN E 160 50.44 -12.96 -41.80
N ASN E 161 51.43 -12.47 -42.56
CA ASN E 161 52.04 -11.16 -42.27
C ASN E 161 51.03 -10.05 -42.55
N GLY E 162 50.85 -9.16 -41.58
CA GLY E 162 49.92 -8.01 -41.70
C GLY E 162 48.73 -8.04 -40.75
N VAL E 163 48.31 -9.26 -40.43
CA VAL E 163 47.13 -9.52 -39.62
C VAL E 163 47.38 -9.09 -38.16
N LEU E 164 46.38 -8.46 -37.58
CA LEU E 164 46.28 -8.27 -36.11
C LEU E 164 44.86 -8.56 -35.64
N ASN E 165 44.75 -9.26 -34.50
CA ASN E 165 43.46 -9.71 -33.99
C ASN E 165 43.20 -9.18 -32.59
N SER E 166 42.04 -8.55 -32.36
CA SER E 166 41.71 -8.02 -31.04
C SER E 166 40.35 -8.56 -30.60
N TRP E 167 40.30 -9.13 -29.39
CA TRP E 167 39.10 -9.70 -28.80
C TRP E 167 38.53 -8.77 -27.75
N THR E 168 37.20 -8.65 -27.70
CA THR E 168 36.54 -7.95 -26.59
C THR E 168 36.52 -8.86 -25.39
N ASP E 169 36.33 -8.24 -24.24
CA ASP E 169 35.98 -8.99 -23.04
C ASP E 169 34.55 -9.49 -23.19
N GLN E 170 34.21 -10.53 -22.42
CA GLN E 170 32.89 -11.11 -22.47
C GLN E 170 31.83 -10.08 -22.19
N ASP E 171 30.76 -10.12 -22.98
CA ASP E 171 29.69 -9.16 -22.90
C ASP E 171 28.93 -9.38 -21.59
N SER E 172 28.67 -8.28 -20.87
CA SER E 172 27.92 -8.34 -19.59
C SER E 172 26.47 -8.81 -19.71
N LYS E 173 25.91 -8.73 -20.92
CA LYS E 173 24.51 -8.89 -21.13
C LYS E 173 24.16 -10.22 -21.79
N ASP E 174 24.75 -10.54 -22.94
CA ASP E 174 24.53 -11.86 -23.57
C ASP E 174 25.67 -12.89 -23.40
N SER E 175 26.76 -12.49 -22.75
CA SER E 175 27.90 -13.37 -22.45
C SER E 175 28.65 -13.93 -23.66
N THR E 176 28.62 -13.20 -24.78
CA THR E 176 29.37 -13.55 -25.97
C THR E 176 30.68 -12.78 -26.06
N TYR E 177 31.53 -13.20 -26.98
CA TYR E 177 32.77 -12.49 -27.33
C TYR E 177 32.66 -11.99 -28.73
N SER E 178 33.48 -11.00 -29.03
CA SER E 178 33.61 -10.48 -30.36
C SER E 178 35.08 -10.25 -30.65
N MET E 179 35.37 -10.17 -31.93
CA MET E 179 36.72 -10.04 -32.42
C MET E 179 36.75 -9.25 -33.74
N SER E 180 37.86 -8.56 -33.95
CA SER E 180 38.17 -7.93 -35.25
C SER E 180 39.55 -8.37 -35.74
N SER E 181 39.61 -8.59 -37.05
CA SER E 181 40.81 -9.04 -37.72
C SER E 181 41.11 -8.02 -38.81
N THR E 182 42.35 -7.56 -38.82
CA THR E 182 42.71 -6.34 -39.51
C THR E 182 43.98 -6.61 -40.34
N LEU E 183 43.79 -6.86 -41.63
CA LEU E 183 44.89 -7.11 -42.59
C LEU E 183 45.40 -5.77 -43.13
N THR E 184 46.64 -5.42 -42.81
CA THR E 184 47.20 -4.09 -43.12
C THR E 184 48.32 -4.28 -44.13
N LEU E 185 48.07 -3.82 -45.36
CA LEU E 185 48.97 -3.96 -46.50
C LEU E 185 49.63 -2.61 -46.82
N THR E 186 50.38 -2.54 -47.91
CA THR E 186 50.66 -1.28 -48.60
C THR E 186 49.60 -1.09 -49.69
N LYS E 187 49.33 0.18 -50.04
CA LYS E 187 48.30 0.50 -51.04
C LYS E 187 48.62 -0.16 -52.39
N ASP E 188 49.89 -0.10 -52.80
CA ASP E 188 50.33 -0.77 -54.05
C ASP E 188 50.06 -2.26 -54.01
N GLU E 189 50.46 -2.91 -52.91
CA GLU E 189 50.29 -4.35 -52.74
C GLU E 189 48.83 -4.77 -52.81
N TYR E 190 47.94 -3.97 -52.19
CA TYR E 190 46.50 -4.20 -52.27
C TYR E 190 46.00 -4.18 -53.73
N GLU E 191 46.55 -3.27 -54.53
CA GLU E 191 46.12 -3.08 -55.91
C GLU E 191 46.56 -4.21 -56.86
N ARG E 192 47.67 -4.89 -56.53
CA ARG E 192 48.15 -6.03 -57.36
C ARG E 192 47.19 -7.23 -57.44
N HIS E 193 46.27 -7.36 -56.48
CA HIS E 193 45.38 -8.52 -56.36
C HIS E 193 43.91 -8.13 -56.36
N ASN E 194 43.03 -9.12 -56.58
CA ASN E 194 41.59 -8.87 -56.77
C ASN E 194 40.70 -9.38 -55.62
N SER E 195 40.85 -10.68 -55.30
CA SER E 195 39.93 -11.36 -54.38
C SER E 195 40.44 -11.41 -52.92
N TYR E 196 39.82 -10.62 -52.05
CA TYR E 196 40.12 -10.56 -50.62
C TYR E 196 39.06 -11.28 -49.81
N THR E 197 39.48 -12.35 -49.13
CA THR E 197 38.59 -13.25 -48.40
C THR E 197 39.04 -13.34 -46.95
N CYS E 198 38.06 -13.44 -46.05
CA CYS E 198 38.29 -13.69 -44.64
C CYS E 198 37.40 -14.87 -44.19
N GLU E 199 38.03 -15.84 -43.54
CA GLU E 199 37.41 -17.12 -43.16
C GLU E 199 37.49 -17.41 -41.66
N ALA E 200 36.36 -17.84 -41.08
CA ALA E 200 36.24 -17.98 -39.64
C ALA E 200 35.87 -19.42 -39.35
N THR E 201 36.72 -20.10 -38.59
CA THR E 201 36.45 -21.43 -38.10
C THR E 201 36.18 -21.34 -36.61
N HIS E 202 35.07 -21.93 -36.20
CA HIS E 202 34.61 -21.90 -34.82
C HIS E 202 34.05 -23.28 -34.42
N LYS E 203 33.96 -23.50 -33.11
CA LYS E 203 33.38 -24.73 -32.52
C LYS E 203 32.02 -25.15 -33.13
N THR E 204 31.19 -24.16 -33.45
CA THR E 204 29.80 -24.37 -33.90
C THR E 204 29.59 -24.99 -35.29
N SER E 205 30.66 -25.12 -36.08
CA SER E 205 30.59 -25.75 -37.39
C SER E 205 31.95 -26.30 -37.82
N THR E 206 31.97 -27.54 -38.33
CA THR E 206 33.17 -28.07 -39.01
C THR E 206 33.46 -27.43 -40.38
N SER E 207 32.47 -26.75 -40.97
CA SER E 207 32.65 -25.87 -42.14
C SER E 207 32.92 -24.46 -41.62
N PRO E 208 33.92 -23.76 -42.21
CA PRO E 208 34.12 -22.36 -41.81
C PRO E 208 33.09 -21.39 -42.41
N ILE E 209 32.86 -20.26 -41.75
CA ILE E 209 32.14 -19.13 -42.39
C ILE E 209 33.12 -18.35 -43.26
N VAL E 210 32.76 -18.05 -44.52
CA VAL E 210 33.64 -17.28 -45.44
C VAL E 210 32.92 -16.02 -45.93
N LYS E 211 33.61 -14.88 -45.91
CA LYS E 211 33.02 -13.60 -46.27
C LYS E 211 34.06 -12.85 -47.07
N SER E 212 33.71 -12.46 -48.29
CA SER E 212 34.72 -12.04 -49.27
C SER E 212 34.15 -10.99 -50.23
N PHE E 213 35.02 -10.07 -50.66
CA PHE E 213 34.70 -9.07 -51.68
C PHE E 213 35.75 -9.11 -52.80
N ASN E 214 35.44 -8.44 -53.90
CA ASN E 214 36.37 -8.27 -55.03
C ASN E 214 36.66 -6.77 -55.22
N ARG E 215 37.90 -6.45 -55.60
CA ARG E 215 38.36 -5.05 -55.70
C ARG E 215 37.53 -4.17 -56.68
N ASN E 216 36.77 -4.80 -57.58
CA ASN E 216 35.82 -4.10 -58.45
C ASN E 216 34.43 -4.03 -57.80
N GLU E 217 33.83 -5.21 -57.57
CA GLU E 217 32.37 -5.32 -57.32
C GLU E 217 31.96 -4.94 -55.90
N HYP F 12 35.70 3.27 11.60
CA HYP F 12 36.82 3.47 10.72
C HYP F 12 36.79 4.82 10.09
O HYP F 12 37.82 5.32 9.62
CB HYP F 12 36.68 2.41 9.65
CG HYP F 12 35.35 1.70 9.89
CD HYP F 12 34.72 2.33 11.11
OD1 HYP F 12 35.59 0.31 10.11
N GLY F 13 35.61 5.42 10.08
CA GLY F 13 35.41 6.73 9.52
C GLY F 13 36.23 7.05 8.28
N GLY F 14 37.19 7.96 8.41
CA GLY F 14 38.02 8.36 7.30
C GLY F 14 38.91 7.28 6.72
N ARG F 15 39.31 6.33 7.56
CA ARG F 15 40.13 5.17 7.14
C ARG F 15 39.48 4.38 6.01
N GLY F 16 38.15 4.26 6.08
CA GLY F 16 37.37 3.48 5.12
C GLY F 16 37.13 2.09 5.66
N LEU F 17 36.06 1.46 5.17
CA LEU F 17 35.81 0.05 5.47
C LEU F 17 37.00 -0.81 5.01
N THR F 18 37.60 -0.45 3.87
CA THR F 18 38.76 -1.16 3.30
C THR F 18 40.12 -0.79 3.91
N GLY F 19 40.18 0.28 4.70
CA GLY F 19 41.43 0.74 5.31
C GLY F 19 41.91 -0.12 6.48
N PRO F 20 43.10 0.18 7.01
CA PRO F 20 43.69 -0.63 8.06
C PRO F 20 43.01 -0.39 9.38
N ILE F 21 42.98 -1.40 10.24
CA ILE F 21 42.13 -1.40 11.42
C ILE F 21 42.79 -0.59 12.53
N GLY F 22 41.96 0.14 13.29
CA GLY F 22 42.41 0.89 14.47
C GLY F 22 42.42 0.06 15.76
N PRO F 23 43.28 0.44 16.74
CA PRO F 23 43.23 -0.21 18.05
C PRO F 23 41.99 0.23 18.85
N HYP F 24 41.11 -0.71 19.29
CA HYP F 24 39.77 -0.39 19.79
C HYP F 24 39.69 0.67 20.85
O HYP F 24 38.59 1.16 21.15
CB HYP F 24 39.18 -1.68 20.34
CG HYP F 24 40.30 -2.70 20.37
CD HYP F 24 41.43 -2.12 19.50
OD1 HYP F 24 39.86 -3.95 19.85
N GLU G 1 -36.29 -26.03 17.92
CA GLU G 1 -36.94 -24.71 17.66
C GLU G 1 -38.03 -24.84 16.58
N VAL G 2 -39.07 -24.02 16.72
CA VAL G 2 -40.12 -23.87 15.70
C VAL G 2 -39.77 -22.76 14.73
N LYS G 3 -40.19 -22.95 13.49
CA LYS G 3 -40.00 -21.99 12.42
C LYS G 3 -41.19 -22.00 11.44
N LEU G 4 -41.65 -20.80 11.07
CA LEU G 4 -42.72 -20.63 10.06
C LEU G 4 -42.25 -19.61 9.07
N GLU G 5 -42.22 -19.97 7.79
CA GLU G 5 -41.89 -19.04 6.73
C GLU G 5 -43.06 -18.86 5.78
N GLU G 6 -43.49 -17.62 5.59
CA GLU G 6 -44.45 -17.29 4.56
C GLU G 6 -43.76 -16.92 3.27
N SER G 7 -44.50 -17.02 2.17
CA SER G 7 -44.03 -16.55 0.85
C SER G 7 -45.19 -16.42 -0.11
N GLY G 8 -44.95 -15.70 -1.21
CA GLY G 8 -45.95 -15.54 -2.28
C GLY G 8 -46.85 -14.33 -2.14
N GLY G 9 -46.55 -13.42 -1.21
CA GLY G 9 -47.13 -12.08 -1.24
C GLY G 9 -46.49 -11.25 -2.33
N GLY G 10 -47.21 -10.25 -2.82
CA GLY G 10 -46.64 -9.26 -3.74
C GLY G 10 -47.61 -8.13 -3.93
N LEU G 11 -47.84 -7.74 -5.17
CA LEU G 11 -48.82 -6.73 -5.57
C LEU G 11 -49.86 -7.36 -6.51
N VAL G 12 -51.12 -6.93 -6.39
CA VAL G 12 -52.22 -7.43 -7.24
C VAL G 12 -53.25 -6.33 -7.53
N GLN G 13 -53.78 -6.29 -8.75
CA GLN G 13 -54.85 -5.34 -9.13
C GLN G 13 -56.15 -5.75 -8.40
N PRO G 14 -56.95 -4.78 -7.89
CA PRO G 14 -58.23 -5.10 -7.22
C PRO G 14 -59.15 -5.95 -8.10
N GLY G 15 -59.54 -7.12 -7.60
CA GLY G 15 -60.28 -8.12 -8.38
C GLY G 15 -59.49 -9.39 -8.62
N GLY G 16 -58.16 -9.27 -8.72
CA GLY G 16 -57.29 -10.40 -9.02
C GLY G 16 -57.09 -11.36 -7.87
N SER G 17 -56.01 -12.15 -7.96
CA SER G 17 -55.74 -13.21 -7.00
C SER G 17 -54.29 -13.29 -6.58
N MET G 18 -54.10 -13.97 -5.46
CA MET G 18 -52.78 -14.32 -4.95
C MET G 18 -52.87 -15.53 -4.03
N LYS G 19 -51.80 -16.32 -4.00
CA LYS G 19 -51.70 -17.49 -3.10
C LYS G 19 -50.51 -17.34 -2.16
N LEU G 20 -50.76 -17.23 -0.85
CA LEU G 20 -49.67 -17.21 0.15
C LEU G 20 -49.48 -18.63 0.60
N SER G 21 -48.24 -19.11 0.63
CA SER G 21 -47.94 -20.40 1.25
C SER G 21 -47.04 -20.24 2.48
N CYS G 22 -47.09 -21.24 3.35
CA CYS G 22 -46.49 -21.21 4.67
C CYS G 22 -45.79 -22.54 4.96
N ALA G 23 -44.46 -22.53 5.06
CA ALA G 23 -43.68 -23.73 5.41
C ALA G 23 -43.41 -23.79 6.92
N ALA G 24 -43.74 -24.93 7.54
CA ALA G 24 -43.65 -25.12 8.98
C ALA G 24 -42.67 -26.26 9.33
N SER G 25 -41.79 -25.98 10.27
CA SER G 25 -40.97 -27.02 10.91
C SER G 25 -40.91 -26.72 12.41
N GLY G 26 -40.74 -27.76 13.22
CA GLY G 26 -40.52 -27.62 14.68
C GLY G 26 -41.62 -28.15 15.61
N PHE G 27 -42.75 -28.55 15.04
CA PHE G 27 -43.84 -29.15 15.82
C PHE G 27 -44.50 -30.26 15.02
N THR G 28 -45.31 -31.08 15.69
CA THR G 28 -46.03 -32.17 15.02
C THR G 28 -47.13 -31.51 14.16
N PHE G 29 -46.78 -31.28 12.90
CA PHE G 29 -47.63 -30.54 11.97
C PHE G 29 -49.00 -31.19 11.76
N SER G 30 -49.00 -32.48 11.47
CA SER G 30 -50.25 -33.22 11.24
C SER G 30 -51.26 -33.02 12.39
N ASP G 31 -50.76 -32.89 13.61
CA ASP G 31 -51.57 -32.58 14.78
C ASP G 31 -52.06 -31.13 14.81
N ALA G 32 -51.24 -30.21 14.33
CA ALA G 32 -51.44 -28.77 14.56
C ALA G 32 -52.58 -28.15 13.79
N TRP G 33 -53.21 -27.17 14.44
CA TRP G 33 -54.17 -26.29 13.81
C TRP G 33 -53.41 -25.05 13.37
N MET G 34 -53.68 -24.63 12.15
CA MET G 34 -52.93 -23.53 11.52
C MET G 34 -53.89 -22.40 11.19
N ASP G 35 -53.45 -21.14 11.33
CA ASP G 35 -54.28 -19.96 10.99
C ASP G 35 -53.51 -18.97 10.16
N TRP G 36 -54.24 -18.02 9.60
CA TRP G 36 -53.66 -16.83 9.02
C TRP G 36 -54.23 -15.63 9.76
N VAL G 37 -53.34 -14.74 10.16
CA VAL G 37 -53.70 -13.46 10.75
C VAL G 37 -53.15 -12.38 9.81
N ARG G 38 -53.82 -11.24 9.73
CA ARG G 38 -53.28 -10.09 8.99
C ARG G 38 -53.12 -8.88 9.91
N GLN G 39 -52.17 -8.02 9.58
CA GLN G 39 -51.94 -6.80 10.33
C GLN G 39 -51.85 -5.60 9.41
N SER G 40 -52.62 -4.57 9.77
CA SER G 40 -52.65 -3.31 9.06
C SER G 40 -52.75 -2.17 10.04
N PRO G 41 -52.34 -0.95 9.62
CA PRO G 41 -52.43 0.19 10.53
C PRO G 41 -53.84 0.52 11.03
N GLU G 42 -54.83 0.37 10.16
CA GLU G 42 -56.21 0.75 10.48
C GLU G 42 -56.91 -0.30 11.35
N LYS G 43 -56.85 -1.56 10.92
CA LYS G 43 -57.61 -2.65 11.54
C LYS G 43 -56.87 -3.36 12.71
N GLY G 44 -55.55 -3.22 12.79
CA GLY G 44 -54.74 -3.92 13.79
C GLY G 44 -54.49 -5.36 13.36
N LEU G 45 -54.44 -6.26 14.33
CA LEU G 45 -54.44 -7.68 14.05
C LEU G 45 -55.86 -8.15 13.79
N GLU G 46 -56.09 -8.70 12.60
CA GLU G 46 -57.34 -9.41 12.25
C GLU G 46 -57.08 -10.88 11.98
N TRP G 47 -57.89 -11.75 12.59
CA TRP G 47 -57.88 -13.17 12.26
C TRP G 47 -58.57 -13.36 10.91
N VAL G 48 -57.95 -14.16 10.04
CA VAL G 48 -58.45 -14.35 8.67
C VAL G 48 -59.06 -15.74 8.45
N ALA G 49 -58.35 -16.80 8.86
CA ALA G 49 -58.74 -18.17 8.48
C ALA G 49 -58.07 -19.23 9.29
N GLU G 50 -58.85 -20.20 9.74
CA GLU G 50 -58.35 -21.35 10.50
C GLU G 50 -58.44 -22.61 9.65
N ILE G 51 -57.54 -23.57 9.88
CA ILE G 51 -57.69 -24.94 9.39
C ILE G 51 -57.25 -25.89 10.49
N ARG G 52 -58.15 -26.79 10.85
CA ARG G 52 -57.91 -27.72 11.93
C ARG G 52 -57.24 -29.00 11.40
N ASN G 53 -56.92 -29.93 12.29
CA ASN G 53 -56.18 -31.13 11.94
C ASN G 53 -57.07 -32.22 11.35
N LYS G 54 -56.46 -33.32 10.92
CA LYS G 54 -57.19 -34.48 10.42
C LYS G 54 -58.23 -35.02 11.41
N VAL G 55 -57.95 -34.92 12.70
CA VAL G 55 -58.87 -35.41 13.73
C VAL G 55 -60.16 -34.57 13.80
N ASN G 56 -60.10 -33.28 13.40
CA ASN G 56 -61.29 -32.40 13.30
C ASN G 56 -61.81 -32.18 11.86
N ASN G 57 -61.58 -33.16 10.99
CA ASN G 57 -62.01 -33.14 9.60
C ASN G 57 -61.42 -32.01 8.73
N HIS G 58 -60.21 -31.55 9.06
CA HIS G 58 -59.58 -30.42 8.35
C HIS G 58 -60.55 -29.24 8.21
N ALA G 59 -61.22 -28.92 9.30
CA ALA G 59 -62.31 -27.96 9.28
C ALA G 59 -61.74 -26.55 9.17
N THR G 60 -62.20 -25.82 8.15
CA THR G 60 -61.83 -24.44 7.96
C THR G 60 -62.86 -23.51 8.58
N ASN G 61 -62.44 -22.29 8.86
CA ASN G 61 -63.38 -21.19 9.07
C ASN G 61 -62.71 -19.85 8.80
N TYR G 62 -63.51 -18.82 8.52
CA TYR G 62 -62.97 -17.52 8.12
C TYR G 62 -63.70 -16.36 8.83
N ALA G 63 -63.10 -15.17 8.81
CA ALA G 63 -63.81 -13.95 9.22
C ALA G 63 -64.76 -13.58 8.11
N GLU G 64 -65.96 -13.11 8.47
CA GLU G 64 -67.01 -12.84 7.44
C GLU G 64 -66.55 -11.89 6.34
N SER G 65 -65.63 -10.99 6.66
CA SER G 65 -65.07 -10.08 5.65
C SER G 65 -64.39 -10.80 4.47
N VAL G 66 -63.97 -12.05 4.66
CA VAL G 66 -63.34 -12.84 3.58
C VAL G 66 -64.11 -14.09 3.14
N LYS G 67 -65.21 -14.44 3.81
CA LYS G 67 -65.89 -15.73 3.57
C LYS G 67 -66.46 -15.78 2.17
N GLY G 68 -66.05 -16.78 1.39
CA GLY G 68 -66.41 -16.85 -0.04
C GLY G 68 -65.32 -16.38 -0.99
N ARG G 69 -64.36 -15.62 -0.47
CA ARG G 69 -63.28 -15.05 -1.25
C ARG G 69 -61.96 -15.76 -0.98
N PHE G 70 -61.69 -16.06 0.29
CA PHE G 70 -60.42 -16.65 0.72
C PHE G 70 -60.57 -18.15 0.93
N THR G 71 -59.55 -18.94 0.61
CA THR G 71 -59.59 -20.40 0.83
C THR G 71 -58.26 -20.99 1.36
N ILE G 72 -58.30 -21.49 2.59
CA ILE G 72 -57.14 -22.07 3.26
C ILE G 72 -57.10 -23.57 2.98
N SER G 73 -55.92 -24.12 2.70
CA SER G 73 -55.72 -25.57 2.58
C SER G 73 -54.36 -25.98 3.13
N ARG G 74 -54.16 -27.29 3.30
CA ARG G 74 -52.93 -27.79 3.87
C ARG G 74 -52.51 -29.09 3.19
N ASP G 75 -51.20 -29.27 3.05
CA ASP G 75 -50.59 -30.49 2.54
C ASP G 75 -49.82 -31.04 3.73
N ASP G 76 -50.49 -31.89 4.51
CA ASP G 76 -49.81 -32.55 5.64
C ASP G 76 -48.57 -33.36 5.22
N SER G 77 -48.48 -33.76 3.96
CA SER G 77 -47.30 -34.45 3.44
C SER G 77 -46.03 -33.56 3.40
N ARG G 78 -46.16 -32.23 3.38
CA ARG G 78 -44.99 -31.31 3.26
C ARG G 78 -44.90 -30.23 4.36
N SER G 79 -45.74 -30.35 5.38
CA SER G 79 -45.88 -29.27 6.41
C SER G 79 -46.05 -27.87 5.75
N VAL G 80 -47.00 -27.73 4.82
CA VAL G 80 -47.28 -26.46 4.14
C VAL G 80 -48.79 -26.11 4.28
N VAL G 81 -49.08 -24.82 4.48
CA VAL G 81 -50.45 -24.31 4.52
C VAL G 81 -50.51 -23.24 3.48
N TYR G 82 -51.56 -23.26 2.65
CA TYR G 82 -51.76 -22.23 1.63
C TYR G 82 -52.94 -21.31 2.00
N LEU G 83 -53.06 -20.19 1.29
CA LEU G 83 -54.21 -19.29 1.41
C LEU G 83 -54.43 -18.66 0.06
N GLN G 84 -55.47 -19.15 -0.61
CA GLN G 84 -55.92 -18.57 -1.89
C GLN G 84 -56.83 -17.38 -1.60
N MET G 85 -56.60 -16.29 -2.33
CA MET G 85 -57.42 -15.08 -2.20
C MET G 85 -58.00 -14.72 -3.55
N ASN G 86 -59.32 -14.86 -3.67
CA ASN G 86 -60.06 -14.45 -4.87
C ASN G 86 -60.74 -13.10 -4.62
N ASN G 87 -60.90 -12.34 -5.69
CA ASN G 87 -61.60 -11.06 -5.65
C ASN G 87 -60.97 -10.15 -4.60
N LEU G 88 -59.65 -9.94 -4.72
CA LEU G 88 -58.90 -9.17 -3.72
C LEU G 88 -59.31 -7.70 -3.79
N LYS G 89 -59.54 -7.12 -2.62
CA LYS G 89 -60.04 -5.75 -2.47
C LYS G 89 -58.94 -4.87 -1.84
N PRO G 90 -59.07 -3.52 -1.91
CA PRO G 90 -58.02 -2.66 -1.30
C PRO G 90 -57.86 -2.85 0.22
N GLU G 91 -58.97 -3.09 0.91
CA GLU G 91 -58.99 -3.39 2.34
C GLU G 91 -58.29 -4.70 2.77
N ASP G 92 -57.92 -5.54 1.81
CA ASP G 92 -57.19 -6.76 2.09
C ASP G 92 -55.67 -6.54 2.20
N THR G 93 -55.18 -5.32 1.91
CA THR G 93 -53.75 -4.97 2.09
C THR G 93 -53.28 -5.19 3.54
N GLY G 94 -52.04 -5.71 3.69
CA GLY G 94 -51.41 -5.85 5.00
C GLY G 94 -50.25 -6.83 5.03
N ILE G 95 -49.80 -7.12 6.24
CA ILE G 95 -48.82 -8.14 6.49
C ILE G 95 -49.61 -9.36 6.91
N TYR G 96 -49.64 -10.38 6.05
CA TYR G 96 -50.25 -11.66 6.41
C TYR G 96 -49.24 -12.53 7.16
N TYR G 97 -49.62 -12.92 8.36
CA TYR G 97 -48.85 -13.87 9.16
C TYR G 97 -49.52 -15.24 9.14
N CYS G 98 -48.72 -16.27 8.91
CA CYS G 98 -49.12 -17.66 9.15
C CYS G 98 -48.77 -18.02 10.59
N THR G 99 -49.69 -18.67 11.30
CA THR G 99 -49.51 -18.98 12.70
C THR G 99 -49.80 -20.46 12.97
N GLY G 100 -49.14 -21.02 13.98
CA GLY G 100 -49.19 -22.46 14.24
C GLY G 100 -49.58 -22.76 15.66
N LEU G 101 -50.25 -23.90 15.86
CA LEU G 101 -50.92 -24.22 17.13
C LEU G 101 -51.83 -23.04 17.51
N THR G 102 -52.81 -22.82 16.64
CA THR G 102 -53.53 -21.55 16.58
C THR G 102 -52.52 -20.37 16.54
N PHE G 103 -52.26 -19.69 17.66
CA PHE G 103 -51.36 -18.53 17.70
C PHE G 103 -50.14 -18.70 18.59
N ASP G 104 -49.79 -19.96 18.90
CA ASP G 104 -48.61 -20.20 19.76
C ASP G 104 -47.32 -19.75 19.07
N TYR G 105 -47.20 -20.15 17.80
CA TYR G 105 -46.05 -19.85 16.96
C TYR G 105 -46.44 -18.92 15.80
N TRP G 106 -45.49 -18.10 15.33
CA TRP G 106 -45.78 -17.04 14.34
C TRP G 106 -44.69 -16.89 13.32
N GLY G 107 -45.09 -16.75 12.05
CA GLY G 107 -44.14 -16.47 10.99
C GLY G 107 -43.77 -15.01 10.96
N GLN G 108 -42.76 -14.69 10.16
CA GLN G 108 -42.23 -13.32 10.08
C GLN G 108 -43.14 -12.38 9.28
N GLY G 109 -43.90 -12.95 8.37
CA GLY G 109 -44.94 -12.25 7.64
C GLY G 109 -44.55 -12.12 6.19
N THR G 110 -45.54 -12.22 5.32
CA THR G 110 -45.42 -11.78 3.94
C THR G 110 -46.41 -10.63 3.69
N THR G 111 -45.97 -9.64 2.92
CA THR G 111 -46.74 -8.41 2.71
C THR G 111 -47.57 -8.51 1.41
N LEU G 112 -48.90 -8.34 1.48
CA LEU G 112 -49.76 -8.35 0.28
C LEU G 112 -50.25 -6.93 0.10
N THR G 113 -50.08 -6.38 -1.10
CA THR G 113 -50.43 -4.99 -1.40
C THR G 113 -51.44 -5.02 -2.57
N VAL G 114 -52.72 -4.75 -2.29
CA VAL G 114 -53.78 -4.72 -3.30
C VAL G 114 -53.92 -3.30 -3.82
N SER G 115 -53.60 -3.12 -5.09
CA SER G 115 -53.66 -1.81 -5.73
C SER G 115 -53.72 -1.90 -7.25
N SER G 116 -54.35 -0.91 -7.87
CA SER G 116 -54.20 -0.68 -9.32
C SER G 116 -52.95 0.14 -9.67
N ALA G 117 -52.30 0.75 -8.67
CA ALA G 117 -51.05 1.44 -8.84
C ALA G 117 -49.96 0.44 -9.16
N LYS G 118 -49.19 0.74 -10.20
CA LYS G 118 -48.16 -0.17 -10.68
C LYS G 118 -46.90 0.00 -9.89
N THR G 119 -46.13 -1.08 -9.87
CA THR G 119 -44.87 -1.14 -9.20
C THR G 119 -43.92 -0.08 -9.73
N THR G 120 -43.25 0.58 -8.79
CA THR G 120 -42.17 1.54 -9.07
C THR G 120 -40.87 1.14 -8.33
N ALA G 121 -39.73 1.31 -9.02
CA ALA G 121 -38.44 0.89 -8.48
C ALA G 121 -37.92 1.95 -7.54
N PRO G 122 -37.20 1.53 -6.46
CA PRO G 122 -36.59 2.50 -5.56
C PRO G 122 -35.37 3.13 -6.20
N SER G 123 -35.27 4.45 -6.12
CA SER G 123 -34.02 5.17 -6.38
C SER G 123 -33.24 5.06 -5.06
N VAL G 124 -31.95 4.69 -5.13
CA VAL G 124 -31.10 4.60 -3.93
C VAL G 124 -29.93 5.55 -4.05
N TYR G 125 -29.86 6.46 -3.09
CA TYR G 125 -28.80 7.47 -3.02
C TYR G 125 -27.96 7.31 -1.76
N PRO G 126 -26.63 7.50 -1.87
CA PRO G 126 -25.75 7.43 -0.70
C PRO G 126 -25.48 8.79 -0.10
N LEU G 127 -25.36 8.83 1.22
CA LEU G 127 -25.23 10.10 1.95
C LEU G 127 -23.88 10.25 2.67
N ALA G 128 -22.97 10.88 1.94
CA ALA G 128 -21.64 11.22 2.44
C ALA G 128 -21.74 12.44 3.34
N PRO G 129 -20.87 12.54 4.36
CA PRO G 129 -20.80 13.76 5.16
C PRO G 129 -20.50 15.01 4.37
N VAL G 130 -20.54 16.14 5.07
CA VAL G 130 -20.31 17.47 4.49
C VAL G 130 -18.92 17.56 3.87
N CYS G 131 -18.83 18.19 2.70
CA CYS G 131 -17.58 18.24 1.93
C CYS G 131 -16.54 18.96 2.80
N GLY G 132 -15.57 18.20 3.32
CA GLY G 132 -14.52 18.72 4.19
C GLY G 132 -15.03 19.45 5.43
N THR G 135 -16.09 17.53 11.51
CA THR G 135 -16.28 16.12 11.78
C THR G 135 -15.17 15.74 12.76
N GLY G 136 -15.53 15.50 14.03
CA GLY G 136 -14.57 15.18 15.10
C GLY G 136 -14.36 13.68 15.26
N SER G 137 -14.30 13.18 16.49
CA SER G 137 -13.80 11.81 16.79
C SER G 137 -14.72 10.61 16.50
N SER G 138 -15.86 10.84 15.84
CA SER G 138 -16.70 9.75 15.27
C SER G 138 -17.66 10.33 14.22
N VAL G 139 -18.07 9.50 13.26
CA VAL G 139 -18.72 9.97 12.03
C VAL G 139 -20.07 9.27 11.80
N THR G 140 -20.93 9.91 11.01
CA THR G 140 -22.24 9.37 10.68
C THR G 140 -22.42 9.47 9.17
N LEU G 141 -22.77 8.34 8.58
CA LEU G 141 -23.05 8.24 7.14
C LEU G 141 -24.49 7.83 6.96
N GLY G 142 -24.99 7.92 5.73
CA GLY G 142 -26.39 7.69 5.45
C GLY G 142 -26.71 7.08 4.12
N CYS G 143 -27.93 6.60 4.02
CA CYS G 143 -28.49 6.10 2.78
C CYS G 143 -29.99 6.47 2.65
N LEU G 144 -30.39 6.81 1.44
CA LEU G 144 -31.67 7.41 1.15
C LEU G 144 -32.34 6.56 0.08
N VAL G 145 -33.55 6.08 0.38
CA VAL G 145 -34.31 5.24 -0.54
C VAL G 145 -35.62 5.96 -0.85
N LYS G 146 -35.71 6.53 -2.05
CA LYS G 146 -36.90 7.27 -2.50
C LYS G 146 -37.72 6.56 -3.59
N GLY G 147 -39.00 6.92 -3.67
CA GLY G 147 -39.85 6.65 -4.85
C GLY G 147 -40.40 5.25 -5.08
N TYR G 148 -40.34 4.37 -4.08
CA TYR G 148 -40.66 2.95 -4.26
C TYR G 148 -42.12 2.63 -3.89
N PHE G 149 -42.66 1.58 -4.52
CA PHE G 149 -44.00 1.07 -4.21
C PHE G 149 -44.09 -0.30 -4.82
N PRO G 150 -44.60 -1.32 -4.13
CA PRO G 150 -45.19 -1.24 -2.80
C PRO G 150 -44.14 -1.37 -1.70
N GLU G 151 -44.60 -1.43 -0.46
CA GLU G 151 -43.78 -1.97 0.61
C GLU G 151 -43.68 -3.50 0.46
N PRO G 152 -42.65 -4.14 1.03
CA PRO G 152 -41.57 -3.53 1.78
C PRO G 152 -40.25 -3.47 0.99
N VAL G 153 -39.24 -2.88 1.63
CA VAL G 153 -37.83 -3.03 1.25
C VAL G 153 -37.05 -3.47 2.46
N THR G 154 -35.86 -4.01 2.21
CA THR G 154 -34.92 -4.32 3.26
C THR G 154 -33.63 -3.58 2.95
N LEU G 155 -33.02 -3.05 4.01
CA LEU G 155 -31.80 -2.29 3.92
C LEU G 155 -30.79 -2.90 4.90
N THR G 156 -29.61 -3.26 4.41
CA THR G 156 -28.49 -3.63 5.27
C THR G 156 -27.27 -2.78 4.90
N TRP G 157 -26.25 -2.89 5.75
CA TRP G 157 -24.98 -2.22 5.57
C TRP G 157 -23.89 -3.30 5.51
N ASN G 158 -23.10 -3.31 4.42
CA ASN G 158 -22.04 -4.30 4.20
C ASN G 158 -22.62 -5.70 4.32
N SER G 159 -23.70 -5.94 3.57
CA SER G 159 -24.52 -7.15 3.63
C SER G 159 -24.80 -7.69 5.05
N GLY G 160 -25.14 -6.75 5.93
CA GLY G 160 -25.48 -7.07 7.30
C GLY G 160 -24.31 -7.35 8.23
N SER G 161 -23.09 -7.03 7.81
CA SER G 161 -21.94 -6.98 8.71
C SER G 161 -22.10 -5.86 9.73
N LEU G 162 -22.49 -4.67 9.24
CA LEU G 162 -22.58 -3.47 10.08
C LEU G 162 -23.97 -3.40 10.69
N SER G 163 -24.06 -3.83 11.95
CA SER G 163 -25.35 -4.10 12.60
C SER G 163 -25.60 -3.04 13.67
N SER G 164 -24.68 -2.92 14.62
CA SER G 164 -24.83 -1.95 15.72
C SER G 164 -24.36 -0.57 15.27
N GLY G 165 -24.92 0.46 15.91
CA GLY G 165 -24.72 1.86 15.50
C GLY G 165 -25.56 2.33 14.32
N VAL G 166 -26.57 1.53 13.94
CA VAL G 166 -27.46 1.82 12.84
C VAL G 166 -28.83 2.25 13.36
N HIS G 167 -29.47 3.11 12.57
CA HIS G 167 -30.87 3.44 12.71
C HIS G 167 -31.50 3.54 11.34
N THR G 168 -32.28 2.54 10.98
CA THR G 168 -33.14 2.60 9.80
C THR G 168 -34.52 3.13 10.22
N PHE G 169 -35.04 4.09 9.47
CA PHE G 169 -36.29 4.77 9.82
C PHE G 169 -37.49 4.18 9.12
N PRO G 170 -38.70 4.29 9.74
CA PRO G 170 -39.91 3.84 9.09
C PRO G 170 -40.13 4.51 7.75
N ALA G 171 -40.66 3.75 6.80
CA ALA G 171 -41.05 4.30 5.52
C ALA G 171 -42.23 5.24 5.70
N LEU G 172 -42.23 6.31 4.91
CA LEU G 172 -43.33 7.26 4.86
C LEU G 172 -43.71 7.53 3.43
N LEU G 173 -45.03 7.57 3.20
CA LEU G 173 -45.60 7.86 1.89
C LEU G 173 -45.39 9.35 1.50
N LEU G 174 -44.46 9.58 0.57
CA LEU G 174 -44.09 10.93 0.07
C LEU G 174 -44.80 11.23 -1.27
N SER G 175 -46.03 11.72 -1.16
CA SER G 175 -46.90 12.06 -2.30
C SER G 175 -47.00 10.92 -3.32
N GLY G 176 -47.51 9.79 -2.87
CA GLY G 176 -47.80 8.63 -3.73
C GLY G 176 -46.84 7.45 -3.63
N LEU G 177 -45.58 7.69 -3.26
CA LEU G 177 -44.55 6.64 -3.19
C LEU G 177 -43.64 6.75 -1.94
N TYR G 178 -43.15 5.62 -1.44
CA TYR G 178 -42.48 5.51 -0.15
C TYR G 178 -41.04 6.01 -0.13
N THR G 179 -40.70 6.84 0.86
CA THR G 179 -39.32 7.17 1.20
C THR G 179 -38.92 6.50 2.52
N LEU G 180 -37.66 6.05 2.61
CA LEU G 180 -37.03 5.82 3.92
C LEU G 180 -35.52 5.95 3.83
N SER G 181 -34.87 6.01 4.99
CA SER G 181 -33.42 6.17 5.05
C SER G 181 -32.87 5.45 6.24
N SER G 182 -31.56 5.29 6.23
CA SER G 182 -30.85 4.70 7.36
C SER G 182 -29.61 5.49 7.59
N SER G 183 -29.32 5.77 8.85
CA SER G 183 -28.04 6.29 9.27
C SER G 183 -27.20 5.17 9.91
N VAL G 184 -25.89 5.17 9.67
CA VAL G 184 -24.95 4.33 10.43
C VAL G 184 -23.84 5.22 10.98
N THR G 185 -23.40 4.91 12.19
CA THR G 185 -22.39 5.68 12.90
C THR G 185 -21.24 4.77 13.31
N VAL G 186 -20.03 5.12 12.89
CA VAL G 186 -18.79 4.40 13.23
C VAL G 186 -17.76 5.38 13.73
N THR G 187 -16.57 4.88 14.07
CA THR G 187 -15.44 5.75 14.45
C THR G 187 -14.84 6.44 13.21
N SER G 188 -14.04 7.49 13.45
CA SER G 188 -13.49 8.34 12.37
C SER G 188 -12.38 7.70 11.55
N ASN G 189 -11.60 6.80 12.16
CA ASN G 189 -10.49 6.10 11.47
C ASN G 189 -10.94 4.95 10.52
N THR G 190 -12.16 4.44 10.74
CA THR G 190 -12.73 3.35 9.94
C THR G 190 -13.13 3.79 8.52
N TRP G 191 -13.80 4.94 8.41
CA TRP G 191 -14.18 5.50 7.10
C TRP G 191 -13.24 6.68 6.78
N PRO G 192 -12.65 6.80 5.57
CA PRO G 192 -13.01 6.04 4.36
C PRO G 192 -12.17 4.76 4.08
N SER G 193 -11.56 4.16 5.11
CA SER G 193 -10.66 3.00 4.95
C SER G 193 -11.49 1.77 4.56
N GLN G 194 -12.44 1.42 5.42
CA GLN G 194 -13.36 0.29 5.18
C GLN G 194 -14.40 0.73 4.15
N THR G 195 -14.70 -0.15 3.18
CA THR G 195 -15.67 0.13 2.14
C THR G 195 -17.03 -0.16 2.77
N ILE G 196 -17.75 0.90 3.16
CA ILE G 196 -19.12 0.81 3.68
C ILE G 196 -20.10 0.91 2.51
N THR G 197 -20.99 -0.08 2.40
CA THR G 197 -21.93 -0.17 1.28
C THR G 197 -23.34 -0.33 1.78
N CYS G 198 -24.19 0.58 1.32
CA CYS G 198 -25.61 0.53 1.59
C CYS G 198 -26.23 -0.50 0.64
N ASN G 199 -26.68 -1.62 1.19
CA ASN G 199 -27.45 -2.62 0.42
C ASN G 199 -28.96 -2.39 0.55
N VAL G 200 -29.64 -2.33 -0.59
CA VAL G 200 -31.09 -2.22 -0.63
C VAL G 200 -31.70 -3.28 -1.55
N ALA G 201 -32.84 -3.83 -1.12
CA ALA G 201 -33.56 -4.83 -1.91
C ALA G 201 -35.02 -4.49 -1.88
N HIS G 202 -35.63 -4.41 -3.07
CA HIS G 202 -37.06 -4.23 -3.20
C HIS G 202 -37.57 -5.45 -3.97
N PRO G 203 -38.02 -6.51 -3.25
CA PRO G 203 -38.42 -7.75 -3.94
C PRO G 203 -39.59 -7.62 -4.96
N ALA G 204 -40.50 -6.67 -4.76
CA ALA G 204 -41.72 -6.55 -5.58
C ALA G 204 -41.48 -6.18 -7.05
N SER G 205 -40.43 -5.42 -7.31
CA SER G 205 -40.01 -5.03 -8.68
C SER G 205 -38.73 -5.75 -9.17
N SER G 206 -38.30 -6.77 -8.42
CA SER G 206 -36.99 -7.39 -8.52
C SER G 206 -35.77 -6.47 -8.41
N THR G 207 -35.96 -5.26 -7.88
CA THR G 207 -34.86 -4.30 -7.71
C THR G 207 -33.93 -4.75 -6.59
N LYS G 208 -32.64 -4.58 -6.84
CA LYS G 208 -31.60 -4.98 -5.91
C LYS G 208 -30.37 -4.12 -6.17
N VAL G 209 -30.09 -3.20 -5.24
CA VAL G 209 -29.05 -2.19 -5.43
C VAL G 209 -28.04 -2.19 -4.29
N ASP G 210 -26.77 -1.99 -4.62
CA ASP G 210 -25.76 -1.57 -3.65
C ASP G 210 -25.21 -0.19 -4.04
N LYS G 211 -25.23 0.78 -3.10
CA LYS G 211 -24.46 2.03 -3.28
C LYS G 211 -23.35 2.12 -2.22
N LYS G 212 -22.11 2.30 -2.67
CA LYS G 212 -20.96 2.55 -1.79
C LYS G 212 -21.04 3.98 -1.25
N ILE G 213 -20.62 4.21 -0.01
CA ILE G 213 -20.62 5.55 0.56
C ILE G 213 -19.28 6.19 0.29
N GLU G 214 -19.29 7.23 -0.56
CA GLU G 214 -18.07 7.83 -1.08
C GLU G 214 -18.03 9.30 -0.71
N PRO G 215 -16.85 9.83 -0.27
CA PRO G 215 -16.78 11.27 0.00
C PRO G 215 -16.92 12.13 -1.28
N ARG G 216 -17.36 13.37 -1.10
CA ARG G 216 -17.52 14.31 -2.21
C ARG G 216 -16.22 15.04 -2.57
N GLY G 217 -16.08 15.46 -3.82
CA GLY G 217 -14.96 16.29 -4.26
C GLY G 217 -15.47 17.28 -5.30
N PRO G 218 -15.02 18.56 -5.25
CA PRO G 218 -15.62 19.61 -6.11
C PRO G 218 -15.44 19.39 -7.60
N ASP H 1 -69.60 -10.94 17.51
CA ASP H 1 -68.17 -10.63 17.78
C ASP H 1 -67.94 -10.20 19.24
N ILE H 2 -66.87 -10.73 19.86
CA ILE H 2 -66.42 -10.30 21.17
C ILE H 2 -65.35 -9.22 20.96
N VAL H 3 -65.71 -7.98 21.24
CA VAL H 3 -64.79 -6.86 21.10
C VAL H 3 -63.89 -6.77 22.34
N LEU H 4 -62.61 -6.57 22.09
CA LEU H 4 -61.61 -6.32 23.13
C LEU H 4 -61.23 -4.83 23.06
N THR H 5 -61.28 -4.16 24.21
CA THR H 5 -60.86 -2.77 24.31
C THR H 5 -59.74 -2.64 25.33
N GLN H 6 -58.61 -2.08 24.88
CA GLN H 6 -57.40 -2.03 25.69
C GLN H 6 -57.19 -0.61 26.17
N SER H 7 -56.97 -0.45 27.48
CA SER H 7 -56.50 0.81 28.04
C SER H 7 -55.24 0.54 28.91
N PRO H 8 -54.29 1.47 28.95
CA PRO H 8 -54.33 2.76 28.21
C PRO H 8 -53.73 2.64 26.83
N ALA H 9 -53.66 3.75 26.10
CA ALA H 9 -53.15 3.73 24.73
C ALA H 9 -51.66 3.53 24.81
N SER H 10 -51.01 4.40 25.55
CA SER H 10 -49.59 4.33 25.85
C SER H 10 -49.37 4.65 27.33
N LEU H 11 -48.20 4.22 27.83
CA LEU H 11 -47.76 4.56 29.17
C LEU H 11 -46.25 4.42 29.31
N ALA H 12 -45.66 5.28 30.14
CA ALA H 12 -44.21 5.32 30.34
C ALA H 12 -43.82 4.96 31.78
N VAL H 13 -43.06 3.89 31.93
CA VAL H 13 -42.68 3.33 33.21
C VAL H 13 -41.15 3.31 33.35
N SER H 14 -40.64 3.66 34.54
CA SER H 14 -39.20 3.58 34.81
C SER H 14 -38.74 2.14 35.00
N LEU H 15 -37.43 1.93 34.91
CA LEU H 15 -36.83 0.63 35.16
C LEU H 15 -37.18 0.12 36.58
N GLY H 16 -37.44 -1.19 36.71
CA GLY H 16 -37.76 -1.79 38.02
C GLY H 16 -39.18 -1.59 38.53
N GLN H 17 -39.98 -0.78 37.85
CA GLN H 17 -41.33 -0.40 38.32
C GLN H 17 -42.39 -1.34 37.74
N ARG H 18 -43.64 -1.15 38.14
CA ARG H 18 -44.79 -1.94 37.62
C ARG H 18 -45.43 -1.25 36.42
N ALA H 19 -45.74 -2.01 35.38
CA ALA H 19 -46.59 -1.57 34.28
C ALA H 19 -47.85 -2.42 34.27
N THR H 20 -49.02 -1.78 34.24
CA THR H 20 -50.31 -2.46 34.37
C THR H 20 -51.09 -2.09 33.10
N ILE H 21 -51.32 -3.08 32.22
CA ILE H 21 -52.14 -2.92 31.02
C ILE H 21 -53.46 -3.62 31.30
N SER H 22 -54.55 -2.97 30.90
CA SER H 22 -55.90 -3.53 31.05
C SER H 22 -56.50 -3.90 29.68
N CYS H 23 -57.37 -4.92 29.68
CA CYS H 23 -58.08 -5.38 28.47
C CYS H 23 -59.51 -5.80 28.84
N ARG H 24 -60.49 -5.31 28.06
CA ARG H 24 -61.90 -5.38 28.44
C ARG H 24 -62.76 -6.07 27.38
N ALA H 25 -63.45 -7.13 27.78
CA ALA H 25 -64.24 -7.95 26.85
C ALA H 25 -65.69 -7.47 26.85
N SER H 26 -66.26 -7.20 25.66
CA SER H 26 -67.70 -6.88 25.55
C SER H 26 -68.68 -8.05 25.82
N GLU H 27 -68.12 -9.23 26.06
CA GLU H 27 -68.83 -10.47 26.26
C GLU H 27 -67.90 -11.35 27.09
N SER H 28 -68.46 -12.22 27.93
CA SER H 28 -67.65 -13.11 28.76
C SER H 28 -66.85 -14.08 27.87
N VAL H 29 -65.54 -14.22 28.14
CA VAL H 29 -64.68 -15.16 27.39
C VAL H 29 -64.39 -16.48 28.15
N ASP H 30 -65.11 -16.71 29.25
CA ASP H 30 -65.01 -17.96 30.01
C ASP H 30 -65.68 -19.12 29.29
N ASN H 31 -65.15 -20.32 29.52
CA ASN H 31 -65.89 -21.56 29.19
C ASN H 31 -65.18 -22.82 29.68
N TYR H 32 -65.95 -23.69 30.33
CA TYR H 32 -65.44 -24.91 30.95
C TYR H 32 -64.35 -24.53 31.97
N GLY H 33 -64.72 -23.67 32.92
CA GLY H 33 -63.88 -23.34 34.07
C GLY H 33 -62.68 -22.45 33.81
N ILE H 34 -62.45 -22.09 32.54
CA ILE H 34 -61.18 -21.50 32.08
C ILE H 34 -61.49 -20.31 31.15
N SER H 35 -60.64 -19.27 31.22
CA SER H 35 -60.85 -18.03 30.48
C SER H 35 -59.95 -17.98 29.24
N SER H 36 -60.54 -17.94 28.04
CA SER H 36 -59.77 -17.82 26.80
C SER H 36 -59.37 -16.37 26.57
N MET H 37 -58.37 -15.95 27.34
CA MET H 37 -57.73 -14.66 27.16
C MET H 37 -56.22 -14.88 27.12
N ASN H 38 -55.59 -14.45 26.02
CA ASN H 38 -54.14 -14.53 25.87
C ASN H 38 -53.58 -13.14 25.62
N TRP H 39 -52.29 -13.00 25.88
CA TRP H 39 -51.59 -11.73 25.69
C TRP H 39 -50.36 -11.93 24.83
N PHE H 40 -50.05 -10.94 24.00
CA PHE H 40 -48.93 -10.98 23.09
C PHE H 40 -48.04 -9.74 23.24
N GLN H 41 -46.78 -9.91 22.89
CA GLN H 41 -45.81 -8.81 22.85
C GLN H 41 -45.36 -8.71 21.38
N GLN H 42 -45.51 -7.52 20.79
CA GLN H 42 -44.94 -7.27 19.49
C GLN H 42 -43.83 -6.24 19.61
N LYS H 43 -42.60 -6.66 19.36
CA LYS H 43 -41.48 -5.74 19.35
C LYS H 43 -41.38 -5.16 17.95
N ALA H 44 -40.68 -4.05 17.84
CA ALA H 44 -40.55 -3.30 16.59
C ALA H 44 -40.08 -4.18 15.44
N GLY H 45 -40.82 -4.11 14.32
CA GLY H 45 -40.45 -4.80 13.07
C GLY H 45 -40.40 -6.30 13.23
N GLN H 46 -41.37 -6.85 13.96
CA GLN H 46 -41.35 -8.25 14.34
C GLN H 46 -42.74 -8.77 14.63
N PRO H 47 -42.96 -10.10 14.49
CA PRO H 47 -44.30 -10.61 14.69
C PRO H 47 -44.70 -10.67 16.14
N PRO H 48 -46.01 -10.82 16.40
CA PRO H 48 -46.42 -10.97 17.77
C PRO H 48 -45.85 -12.23 18.39
N LYS H 49 -45.36 -12.11 19.62
CA LYS H 49 -44.83 -13.22 20.39
C LYS H 49 -45.78 -13.53 21.50
N PHE H 50 -45.99 -14.81 21.76
CA PHE H 50 -47.01 -15.27 22.69
C PHE H 50 -46.48 -15.23 24.14
N LEU H 51 -47.17 -14.50 25.02
CA LEU H 51 -46.75 -14.34 26.43
C LEU H 51 -47.53 -15.17 27.45
N ILE H 52 -48.85 -14.94 27.48
CA ILE H 52 -49.73 -15.45 28.53
C ILE H 52 -50.89 -16.14 27.85
N TYR H 53 -51.27 -17.33 28.34
CA TYR H 53 -52.52 -17.98 27.96
C TYR H 53 -53.40 -18.27 29.17
N ALA H 54 -54.61 -18.75 28.92
CA ALA H 54 -55.59 -19.07 29.96
C ALA H 54 -55.71 -17.96 31.02
N ALA H 55 -55.67 -16.70 30.57
CA ALA H 55 -55.68 -15.50 31.45
C ALA H 55 -54.43 -15.34 32.32
N SER H 56 -54.07 -16.37 33.09
CA SER H 56 -52.98 -16.31 34.08
C SER H 56 -51.72 -17.12 33.73
N LYS H 57 -51.88 -18.18 32.93
CA LYS H 57 -50.80 -19.14 32.72
C LYS H 57 -49.64 -18.56 31.93
N GLN H 58 -48.47 -19.09 32.24
CA GLN H 58 -47.21 -18.64 31.66
C GLN H 58 -46.93 -19.32 30.32
N GLY H 59 -46.33 -18.58 29.40
CA GLY H 59 -45.91 -19.14 28.11
C GLY H 59 -44.67 -20.02 28.25
N SER H 60 -44.15 -20.48 27.11
CA SER H 60 -43.00 -21.39 27.09
C SER H 60 -41.71 -20.58 27.14
N GLY H 61 -40.90 -20.81 28.18
CA GLY H 61 -39.71 -20.01 28.45
C GLY H 61 -39.94 -18.49 28.63
N VAL H 62 -41.18 -18.07 28.88
CA VAL H 62 -41.53 -16.66 29.01
C VAL H 62 -41.17 -16.16 30.41
N PRO H 63 -40.43 -15.03 30.53
CA PRO H 63 -40.01 -14.52 31.85
C PRO H 63 -41.13 -14.36 32.89
N ALA H 64 -40.78 -14.57 34.16
CA ALA H 64 -41.75 -14.63 35.27
C ALA H 64 -42.40 -13.29 35.60
N ARG H 65 -41.66 -12.21 35.37
CA ARG H 65 -42.16 -10.84 35.55
C ARG H 65 -43.44 -10.49 34.75
N PHE H 66 -43.64 -11.14 33.60
CA PHE H 66 -44.92 -11.07 32.87
C PHE H 66 -45.90 -11.99 33.58
N SER H 67 -46.99 -11.43 34.08
CA SER H 67 -48.06 -12.19 34.73
C SER H 67 -49.40 -11.59 34.37
N GLY H 68 -50.40 -12.44 34.19
CA GLY H 68 -51.73 -12.00 33.80
C GLY H 68 -52.76 -12.43 34.81
N SER H 69 -53.78 -11.62 34.98
CA SER H 69 -54.87 -11.92 35.90
C SER H 69 -56.21 -11.42 35.38
N GLY H 70 -57.26 -11.78 36.10
CA GLY H 70 -58.63 -11.49 35.71
C GLY H 70 -59.43 -12.73 35.33
N SER H 71 -60.63 -12.48 34.81
CA SER H 71 -61.64 -13.51 34.58
C SER H 71 -62.87 -12.87 33.98
N GLY H 72 -63.68 -13.67 33.29
CA GLY H 72 -64.94 -13.19 32.71
C GLY H 72 -64.80 -12.11 31.65
N THR H 73 -64.99 -10.87 32.08
CA THR H 73 -65.09 -9.71 31.19
C THR H 73 -63.96 -8.70 31.31
N ASP H 74 -63.11 -8.83 32.34
CA ASP H 74 -62.08 -7.83 32.64
C ASP H 74 -60.77 -8.47 33.04
N PHE H 75 -59.73 -8.21 32.25
CA PHE H 75 -58.43 -8.86 32.37
C PHE H 75 -57.30 -7.83 32.38
N SER H 76 -56.15 -8.20 32.93
CA SER H 76 -54.98 -7.30 32.93
C SER H 76 -53.64 -8.04 32.81
N LEU H 77 -52.66 -7.39 32.19
CA LEU H 77 -51.28 -7.88 32.11
C LEU H 77 -50.41 -6.99 32.97
N ILE H 78 -49.47 -7.59 33.73
CA ILE H 78 -48.66 -6.85 34.70
C ILE H 78 -47.18 -7.22 34.51
N ILE H 79 -46.33 -6.22 34.32
CA ILE H 79 -44.94 -6.38 33.97
C ILE H 79 -44.17 -5.71 35.10
N HIS H 80 -43.51 -6.52 35.92
CA HIS H 80 -42.71 -6.02 37.04
C HIS H 80 -41.62 -7.05 37.44
N PRO H 81 -40.33 -6.69 37.47
CA PRO H 81 -39.82 -5.34 37.21
C PRO H 81 -39.57 -5.11 35.72
N VAL H 82 -39.98 -3.93 35.26
CA VAL H 82 -39.77 -3.49 33.89
C VAL H 82 -38.29 -3.37 33.52
N GLU H 83 -37.92 -3.92 32.36
CA GLU H 83 -36.56 -3.80 31.78
C GLU H 83 -36.58 -3.07 30.44
N GLU H 84 -35.37 -2.77 29.94
CA GLU H 84 -35.19 -2.01 28.70
C GLU H 84 -35.88 -2.67 27.52
N ASP H 85 -35.70 -3.98 27.40
CA ASP H 85 -36.21 -4.79 26.30
C ASP H 85 -37.73 -4.97 26.34
N ASP H 86 -38.41 -4.54 27.42
CA ASP H 86 -39.87 -4.65 27.50
C ASP H 86 -40.62 -3.54 26.71
N THR H 87 -39.88 -2.58 26.13
CA THR H 87 -40.45 -1.65 25.15
C THR H 87 -41.04 -2.40 23.93
N ALA H 88 -42.33 -2.19 23.68
CA ALA H 88 -43.08 -3.05 22.79
C ALA H 88 -44.53 -2.57 22.69
N VAL H 89 -45.28 -3.19 21.78
CA VAL H 89 -46.72 -3.04 21.77
C VAL H 89 -47.33 -4.36 22.27
N TYR H 90 -48.24 -4.25 23.25
CA TYR H 90 -48.79 -5.40 23.93
C TYR H 90 -50.22 -5.57 23.54
N PHE H 91 -50.56 -6.74 22.98
CA PHE H 91 -51.92 -7.07 22.57
C PHE H 91 -52.58 -8.10 23.48
N CYS H 92 -53.89 -8.01 23.63
CA CYS H 92 -54.68 -9.10 24.23
C CYS H 92 -55.52 -9.75 23.13
N GLN H 93 -56.01 -10.96 23.39
CA GLN H 93 -56.63 -11.76 22.32
C GLN H 93 -57.47 -12.86 22.91
N GLN H 94 -58.58 -13.14 22.24
CA GLN H 94 -59.68 -13.92 22.80
C GLN H 94 -59.94 -15.11 21.89
N SER H 95 -59.94 -16.32 22.46
CA SER H 95 -60.25 -17.57 21.73
C SER H 95 -61.47 -18.30 22.31
N LYS H 96 -62.42 -17.56 22.89
CA LYS H 96 -63.67 -18.16 23.36
C LYS H 96 -64.56 -18.41 22.15
N GLY H 97 -64.88 -17.31 21.46
CA GLY H 97 -65.77 -17.33 20.32
C GLY H 97 -65.11 -17.02 18.99
N VAL H 98 -65.92 -17.11 17.94
CA VAL H 98 -65.46 -17.02 16.56
C VAL H 98 -66.23 -15.86 15.97
N PRO H 99 -65.57 -14.89 15.34
CA PRO H 99 -64.14 -14.89 15.00
C PRO H 99 -63.19 -14.59 16.17
N TYR H 100 -61.96 -15.10 16.12
CA TYR H 100 -60.94 -14.78 17.11
C TYR H 100 -60.59 -13.32 16.89
N THR H 101 -60.49 -12.57 17.99
CA THR H 101 -60.27 -11.12 17.93
C THR H 101 -59.13 -10.68 18.86
N PHE H 102 -58.36 -9.71 18.38
CA PHE H 102 -57.34 -9.06 19.17
C PHE H 102 -57.82 -7.65 19.61
N GLY H 103 -57.28 -7.17 20.72
CA GLY H 103 -57.43 -5.79 21.12
C GLY H 103 -56.55 -4.85 20.31
N GLY H 104 -56.65 -3.56 20.59
CA GLY H 104 -56.01 -2.53 19.79
C GLY H 104 -54.52 -2.48 19.99
N GLY H 105 -54.08 -2.74 21.21
CA GLY H 105 -52.67 -2.87 21.53
C GLY H 105 -52.23 -1.63 22.25
N THR H 106 -51.53 -1.82 23.37
CA THR H 106 -51.04 -0.75 24.24
C THR H 106 -49.53 -0.62 24.12
N LYS H 107 -49.01 0.60 23.95
CA LYS H 107 -47.56 0.83 23.82
C LYS H 107 -46.86 1.08 25.16
N LEU H 108 -45.96 0.16 25.56
CA LEU H 108 -45.11 0.40 26.75
C LEU H 108 -43.92 1.26 26.37
N GLU H 109 -43.74 2.39 27.03
CA GLU H 109 -42.52 3.22 26.91
C GLU H 109 -41.68 3.03 28.17
N ILE H 110 -40.35 2.97 28.04
CA ILE H 110 -39.45 2.91 29.21
C ILE H 110 -38.82 4.25 29.46
N LYS H 111 -38.92 4.72 30.70
CA LYS H 111 -38.34 6.00 31.08
C LYS H 111 -36.84 5.85 31.27
N ARG H 112 -36.17 6.96 31.00
CA ARG H 112 -34.75 7.08 31.27
C ARG H 112 -34.39 8.57 31.42
N ALA H 113 -33.10 8.82 31.64
CA ALA H 113 -32.59 10.19 31.73
C ALA H 113 -32.87 10.90 30.41
N ASP H 114 -33.15 12.20 30.48
CA ASP H 114 -33.18 13.03 29.28
C ASP H 114 -31.83 12.95 28.58
N ALA H 115 -31.86 12.98 27.24
CA ALA H 115 -30.68 12.83 26.41
C ALA H 115 -30.84 13.70 25.17
N ALA H 116 -29.88 14.60 24.95
CA ALA H 116 -29.92 15.48 23.79
C ALA H 116 -29.59 14.68 22.54
N PRO H 117 -30.12 15.12 21.39
CA PRO H 117 -29.84 14.43 20.16
C PRO H 117 -28.46 14.76 19.63
N THR H 118 -27.79 13.76 19.09
CA THR H 118 -26.65 13.95 18.20
C THR H 118 -27.13 14.20 16.77
N VAL H 119 -26.72 15.33 16.18
CA VAL H 119 -27.33 15.81 14.93
C VAL H 119 -26.30 15.92 13.81
N SER H 120 -26.71 15.49 12.62
CA SER H 120 -25.83 15.47 11.43
C SER H 120 -26.65 15.89 10.22
N ILE H 121 -26.12 16.81 9.41
CA ILE H 121 -26.78 17.22 8.16
C ILE H 121 -26.11 16.59 6.90
N PHE H 122 -26.85 16.52 5.78
CA PHE H 122 -26.41 15.87 4.53
C PHE H 122 -26.95 16.58 3.29
N PRO H 123 -26.06 17.07 2.42
CA PRO H 123 -26.53 17.59 1.14
C PRO H 123 -27.02 16.49 0.20
N PRO H 124 -27.73 16.88 -0.87
CA PRO H 124 -28.23 15.89 -1.85
C PRO H 124 -27.10 15.16 -2.53
N SER H 125 -27.23 13.85 -2.71
CA SER H 125 -26.13 13.05 -3.27
C SER H 125 -25.84 13.47 -4.71
N SER H 126 -24.59 13.27 -5.15
CA SER H 126 -24.19 13.61 -6.51
C SER H 126 -25.09 12.89 -7.53
N GLU H 127 -25.41 11.62 -7.22
CA GLU H 127 -26.32 10.83 -8.06
C GLU H 127 -27.69 11.50 -8.20
N GLN H 128 -28.22 11.99 -7.09
CA GLN H 128 -29.63 12.43 -7.03
C GLN H 128 -29.91 13.67 -7.86
N LEU H 129 -28.98 14.61 -7.79
CA LEU H 129 -29.10 15.89 -8.50
C LEU H 129 -29.32 15.67 -10.01
N THR H 130 -28.50 14.80 -10.60
CA THR H 130 -28.58 14.51 -12.04
C THR H 130 -29.85 13.75 -12.48
N SER H 131 -30.65 13.25 -11.53
CA SER H 131 -32.01 12.75 -11.79
C SER H 131 -33.17 13.74 -11.40
N GLY H 132 -32.84 15.05 -11.39
CA GLY H 132 -33.85 16.11 -11.38
C GLY H 132 -34.35 16.64 -10.05
N GLY H 133 -33.88 16.07 -8.94
CA GLY H 133 -34.41 16.38 -7.59
C GLY H 133 -33.33 16.66 -6.55
N ALA H 134 -33.75 17.04 -5.35
CA ALA H 134 -32.83 17.47 -4.29
C ALA H 134 -33.38 17.24 -2.90
N SER H 135 -32.69 16.40 -2.12
CA SER H 135 -33.08 16.08 -0.74
C SER H 135 -31.95 16.45 0.25
N VAL H 136 -32.28 17.24 1.27
CA VAL H 136 -31.36 17.55 2.36
C VAL H 136 -31.84 16.77 3.58
N VAL H 137 -30.96 15.99 4.20
CA VAL H 137 -31.36 15.09 5.32
C VAL H 137 -30.65 15.47 6.60
N CYS H 138 -31.40 15.59 7.71
CA CYS H 138 -30.83 15.71 9.05
C CYS H 138 -31.18 14.49 9.85
N PHE H 139 -30.16 13.77 10.34
CA PHE H 139 -30.37 12.70 11.31
C PHE H 139 -30.24 13.29 12.70
N LEU H 140 -31.28 13.12 13.52
CA LEU H 140 -31.26 13.54 14.90
C LEU H 140 -31.34 12.24 15.70
N ASN H 141 -30.22 11.80 16.28
CA ASN H 141 -30.14 10.44 16.85
C ASN H 141 -29.93 10.35 18.36
N ASN H 142 -30.43 9.25 18.93
CA ASN H 142 -30.11 8.81 20.30
C ASN H 142 -30.48 9.84 21.34
N PHE H 143 -31.75 10.17 21.41
CA PHE H 143 -32.27 11.15 22.39
C PHE H 143 -33.47 10.64 23.17
N TYR H 144 -33.81 11.35 24.25
CA TYR H 144 -35.02 11.09 25.05
C TYR H 144 -35.46 12.40 25.72
N PRO H 145 -36.76 12.72 25.82
CA PRO H 145 -37.86 11.91 25.33
C PRO H 145 -38.10 12.05 23.81
N LYS H 146 -39.06 11.29 23.29
CA LYS H 146 -39.35 11.21 21.85
C LYS H 146 -39.65 12.54 21.23
N ASP H 147 -40.42 13.34 21.95
CA ASP H 147 -40.83 14.65 21.48
C ASP H 147 -39.65 15.60 21.16
N ILE H 148 -39.70 16.16 19.95
CA ILE H 148 -38.65 17.03 19.41
C ILE H 148 -39.18 18.00 18.34
N ASN H 149 -38.41 19.05 18.03
CA ASN H 149 -38.75 20.03 17.00
C ASN H 149 -37.60 20.27 16.04
N VAL H 150 -37.89 20.23 14.75
CA VAL H 150 -36.88 20.46 13.74
C VAL H 150 -37.36 21.58 12.85
N LYS H 151 -36.49 22.56 12.65
CA LYS H 151 -36.80 23.76 11.92
C LYS H 151 -35.77 23.90 10.81
N TRP H 152 -36.22 23.84 9.56
CA TRP H 152 -35.34 24.01 8.42
C TRP H 152 -35.24 25.49 8.10
N LYS H 153 -34.01 25.98 7.90
CA LYS H 153 -33.77 27.34 7.43
C LYS H 153 -32.96 27.28 6.16
N ILE H 154 -33.51 27.81 5.08
CA ILE H 154 -32.81 28.01 3.82
C ILE H 154 -32.46 29.50 3.65
N ASP H 155 -31.16 29.79 3.54
CA ASP H 155 -30.63 31.17 3.45
C ASP H 155 -31.01 32.04 4.66
N GLY H 156 -31.05 31.43 5.85
CA GLY H 156 -31.49 32.11 7.06
C GLY H 156 -33.00 32.15 7.26
N SER H 157 -33.77 32.15 6.16
CA SER H 157 -35.25 32.15 6.22
C SER H 157 -35.85 30.76 6.43
N GLU H 158 -37.02 30.72 7.05
CA GLU H 158 -37.64 29.45 7.49
C GLU H 158 -38.35 28.75 6.34
N ARG H 159 -38.36 27.42 6.39
CA ARG H 159 -39.02 26.60 5.36
C ARG H 159 -39.98 25.57 5.97
N GLN H 160 -41.17 25.48 5.40
CA GLN H 160 -42.26 24.62 5.89
C GLN H 160 -42.45 23.36 5.05
N ASN H 161 -42.52 23.57 3.75
CA ASN H 161 -43.10 22.60 2.81
C ASN H 161 -42.08 21.58 2.33
N GLY H 162 -42.53 20.33 2.20
CA GLY H 162 -41.67 19.21 1.80
C GLY H 162 -40.90 18.53 2.91
N VAL H 163 -40.89 19.13 4.11
CA VAL H 163 -40.38 18.47 5.31
C VAL H 163 -41.23 17.23 5.61
N LEU H 164 -40.55 16.13 5.91
CA LEU H 164 -41.20 14.90 6.42
C LEU H 164 -40.30 14.27 7.46
N ASN H 165 -40.85 14.05 8.65
CA ASN H 165 -40.11 13.47 9.79
C ASN H 165 -40.53 12.01 10.05
N SER H 166 -39.57 11.16 10.40
CA SER H 166 -39.87 9.78 10.83
C SER H 166 -39.06 9.46 12.07
N TRP H 167 -39.75 9.04 13.13
CA TRP H 167 -39.10 8.57 14.37
C TRP H 167 -38.96 7.06 14.39
N THR H 168 -37.93 6.56 15.08
CA THR H 168 -37.79 5.11 15.30
C THR H 168 -38.67 4.70 16.45
N ASP H 169 -38.91 3.40 16.55
CA ASP H 169 -39.45 2.82 17.76
C ASP H 169 -38.33 2.91 18.83
N GLN H 170 -38.74 2.95 20.09
CA GLN H 170 -37.81 3.15 21.19
C GLN H 170 -36.82 2.02 21.20
N ASP H 171 -35.51 2.33 21.22
CA ASP H 171 -34.46 1.31 21.16
C ASP H 171 -34.56 0.36 22.37
N SER H 172 -34.37 -0.94 22.12
CA SER H 172 -34.55 -1.97 23.15
C SER H 172 -33.42 -2.06 24.18
N LYS H 173 -32.30 -1.38 23.93
CA LYS H 173 -31.14 -1.46 24.81
C LYS H 173 -30.93 -0.15 25.56
N ASP H 174 -30.73 0.95 24.83
CA ASP H 174 -30.46 2.26 25.48
C ASP H 174 -31.70 3.10 25.75
N SER H 175 -32.88 2.67 25.32
CA SER H 175 -34.16 3.36 25.56
C SER H 175 -34.27 4.79 24.98
N THR H 176 -33.50 5.08 23.93
CA THR H 176 -33.57 6.38 23.23
C THR H 176 -34.41 6.24 21.95
N TYR H 177 -34.69 7.38 21.34
CA TYR H 177 -35.37 7.48 20.06
C TYR H 177 -34.44 8.22 19.15
N SER H 178 -34.45 7.81 17.89
CA SER H 178 -33.82 8.59 16.82
C SER H 178 -34.87 9.02 15.80
N MET H 179 -34.49 9.93 14.91
CA MET H 179 -35.44 10.52 13.98
C MET H 179 -34.74 11.13 12.81
N SER H 180 -35.19 10.84 11.60
CA SER H 180 -34.74 11.58 10.40
C SER H 180 -35.70 12.71 10.03
N SER H 181 -35.15 13.84 9.61
CA SER H 181 -35.93 14.91 9.01
C SER H 181 -35.39 15.10 7.62
N THR H 182 -36.26 14.98 6.64
CA THR H 182 -35.90 15.14 5.23
C THR H 182 -36.65 16.29 4.59
N LEU H 183 -35.91 17.23 4.01
CA LEU H 183 -36.47 18.33 3.21
C LEU H 183 -36.24 18.01 1.73
N THR H 184 -37.33 17.78 0.99
CA THR H 184 -37.25 17.47 -0.46
C THR H 184 -37.65 18.66 -1.36
N LEU H 185 -36.80 19.01 -2.33
CA LEU H 185 -37.06 20.11 -3.29
C LEU H 185 -36.96 19.60 -4.72
N THR H 186 -37.15 20.49 -5.71
CA THR H 186 -36.65 20.25 -7.08
C THR H 186 -35.16 20.65 -7.10
N LYS H 187 -34.41 20.08 -8.04
CA LYS H 187 -32.98 20.41 -8.23
C LYS H 187 -32.83 21.90 -8.48
N ASP H 188 -33.61 22.40 -9.44
CA ASP H 188 -33.59 23.83 -9.80
C ASP H 188 -33.86 24.78 -8.60
N GLU H 189 -34.77 24.38 -7.70
CA GLU H 189 -35.06 25.12 -6.47
C GLU H 189 -33.91 25.07 -5.45
N TYR H 190 -33.23 23.92 -5.38
CA TYR H 190 -32.02 23.80 -4.52
C TYR H 190 -30.84 24.69 -4.96
N GLU H 191 -30.78 25.03 -6.25
CA GLU H 191 -29.69 25.82 -6.82
C GLU H 191 -29.90 27.36 -6.80
N ARG H 192 -31.06 27.82 -6.33
CA ARG H 192 -31.30 29.25 -6.09
C ARG H 192 -30.79 29.78 -4.74
N HIS H 193 -30.36 28.90 -3.81
CA HIS H 193 -30.03 29.30 -2.44
C HIS H 193 -28.66 28.76 -2.05
N ASN H 194 -27.92 29.52 -1.25
CA ASN H 194 -26.57 29.18 -0.82
C ASN H 194 -26.61 28.26 0.39
N SER H 195 -27.10 28.79 1.52
CA SER H 195 -27.00 28.12 2.82
C SER H 195 -28.23 27.29 3.22
N TYR H 196 -27.96 26.08 3.73
CA TYR H 196 -29.01 25.15 4.20
C TYR H 196 -28.73 24.66 5.63
N THR H 197 -29.68 24.91 6.54
CA THR H 197 -29.55 24.59 7.95
C THR H 197 -30.71 23.74 8.41
N CYS H 198 -30.42 22.79 9.30
CA CYS H 198 -31.45 22.26 10.18
C CYS H 198 -31.18 22.62 11.64
N GLU H 199 -32.25 23.04 12.34
CA GLU H 199 -32.20 23.42 13.74
C GLU H 199 -33.06 22.50 14.55
N ALA H 200 -32.43 21.70 15.41
CA ALA H 200 -33.14 20.89 16.38
C ALA H 200 -33.36 21.68 17.68
N THR H 201 -34.56 21.59 18.25
CA THR H 201 -34.89 22.15 19.58
C THR H 201 -35.50 21.05 20.41
N HIS H 202 -34.98 20.84 21.62
CA HIS H 202 -35.36 19.69 22.43
C HIS H 202 -35.42 20.04 23.92
N LYS H 203 -36.17 19.25 24.69
CA LYS H 203 -36.35 19.43 26.17
C LYS H 203 -35.05 19.72 26.97
N THR H 204 -33.96 19.08 26.55
CA THR H 204 -32.66 19.16 27.22
C THR H 204 -32.06 20.55 27.27
N SER H 205 -32.31 21.37 26.24
CA SER H 205 -31.72 22.70 26.16
C SER H 205 -32.66 23.68 25.50
N THR H 206 -32.72 24.86 26.11
CA THR H 206 -33.44 26.00 25.59
C THR H 206 -32.79 26.55 24.31
N SER H 207 -31.45 26.55 24.26
CA SER H 207 -30.68 26.90 23.05
C SER H 207 -30.70 25.70 22.14
N PRO H 208 -31.09 25.89 20.87
CA PRO H 208 -31.16 24.74 19.96
C PRO H 208 -29.81 24.22 19.47
N ILE H 209 -29.86 23.08 18.80
CA ILE H 209 -28.73 22.43 18.21
C ILE H 209 -28.88 22.78 16.74
N VAL H 210 -28.03 23.69 16.28
CA VAL H 210 -28.02 24.14 14.86
C VAL H 210 -26.92 23.42 14.07
N LYS H 211 -27.23 23.07 12.83
CA LYS H 211 -26.34 22.23 12.03
C LYS H 211 -26.51 22.61 10.59
N SER H 212 -25.41 22.95 9.93
CA SER H 212 -25.49 23.55 8.61
C SER H 212 -24.37 23.15 7.67
N PHE H 213 -24.60 23.41 6.38
CA PHE H 213 -23.55 23.44 5.35
C PHE H 213 -23.88 24.58 4.36
N ASN H 214 -22.93 24.86 3.48
CA ASN H 214 -23.09 25.86 2.42
C ASN H 214 -22.88 25.18 1.05
N ARG H 215 -23.71 25.53 0.06
CA ARG H 215 -23.85 24.73 -1.18
C ARG H 215 -22.56 24.61 -1.99
N ASN H 216 -21.80 25.70 -2.03
CA ASN H 216 -20.54 25.71 -2.81
C ASN H 216 -19.56 24.65 -2.28
N GLU H 217 -19.20 24.78 -1.00
CA GLU H 217 -18.11 24.02 -0.35
C GLU H 217 -18.17 22.52 -0.49
N HYP I 12 -55.50 -29.84 25.21
CA HYP I 12 -55.48 -29.03 24.01
C HYP I 12 -54.78 -29.74 22.90
O HYP I 12 -55.43 -30.41 22.08
CB HYP I 12 -54.72 -27.76 24.39
CG HYP I 12 -54.39 -27.87 25.87
CD HYP I 12 -54.73 -29.30 26.29
OD1 HYP I 12 -55.23 -26.97 26.60
N GLY I 13 -53.45 -29.64 22.87
CA GLY I 13 -52.67 -30.29 21.84
C GLY I 13 -52.54 -29.41 20.62
N GLY I 14 -52.60 -30.02 19.45
CA GLY I 14 -52.49 -29.28 18.20
C GLY I 14 -53.33 -28.01 18.10
N ARG I 15 -54.35 -27.89 18.94
CA ARG I 15 -55.13 -26.65 19.13
C ARG I 15 -54.27 -25.47 19.54
N GLY I 16 -53.35 -25.74 20.47
CA GLY I 16 -52.45 -24.76 21.00
C GLY I 16 -52.83 -24.41 22.43
N LEU I 17 -51.92 -23.75 23.12
CA LEU I 17 -52.21 -23.13 24.40
C LEU I 17 -53.15 -21.94 24.23
N THR I 18 -52.96 -21.19 23.15
CA THR I 18 -53.78 -20.02 22.81
C THR I 18 -55.14 -20.33 22.16
N GLY I 19 -55.39 -21.59 21.80
CA GLY I 19 -56.59 -21.96 21.03
C GLY I 19 -57.85 -22.16 21.86
N PRO I 20 -58.99 -22.38 21.19
CA PRO I 20 -60.26 -22.52 21.87
C PRO I 20 -60.37 -23.88 22.53
N ILE I 21 -61.13 -23.96 23.63
CA ILE I 21 -61.17 -25.16 24.47
C ILE I 21 -62.46 -25.98 24.20
N GLY I 22 -62.39 -27.29 24.42
CA GLY I 22 -63.58 -28.18 24.46
C GLY I 22 -63.74 -28.99 25.76
N PRO I 23 -64.81 -29.82 25.87
CA PRO I 23 -65.05 -30.65 27.07
C PRO I 23 -64.28 -31.98 27.05
N GLU J 1 31.18 -48.76 -6.95
CA GLU J 1 30.54 -49.13 -8.23
C GLU J 1 31.18 -50.41 -8.78
N VAL J 2 30.34 -51.24 -9.38
CA VAL J 2 30.81 -52.31 -10.25
C VAL J 2 30.80 -51.80 -11.69
N LYS J 3 31.89 -52.04 -12.41
CA LYS J 3 32.00 -51.62 -13.81
C LYS J 3 32.52 -52.76 -14.68
N LEU J 4 31.90 -52.94 -15.86
CA LEU J 4 32.32 -53.89 -16.87
C LEU J 4 32.32 -53.16 -18.20
N GLU J 5 33.44 -53.20 -18.90
CA GLU J 5 33.59 -52.50 -20.14
C GLU J 5 34.10 -53.44 -21.21
N GLU J 6 33.34 -53.54 -22.30
CA GLU J 6 33.67 -54.43 -23.39
C GLU J 6 34.32 -53.65 -24.50
N SER J 7 35.12 -54.39 -25.26
CA SER J 7 35.87 -53.87 -26.39
C SER J 7 36.17 -55.03 -27.34
N GLY J 8 36.51 -54.68 -28.58
CA GLY J 8 36.85 -55.66 -29.63
C GLY J 8 35.97 -55.62 -30.86
N GLY J 9 34.78 -55.05 -30.74
CA GLY J 9 33.78 -55.14 -31.76
C GLY J 9 34.08 -54.25 -32.93
N GLY J 10 33.47 -54.60 -34.05
CA GLY J 10 33.61 -53.87 -35.29
C GLY J 10 32.98 -54.65 -36.44
N LEU J 11 33.53 -54.42 -37.62
CA LEU J 11 33.18 -55.15 -38.83
C LEU J 11 34.19 -56.26 -39.09
N VAL J 12 33.70 -57.41 -39.52
CA VAL J 12 34.57 -58.46 -40.07
C VAL J 12 33.82 -59.33 -41.11
N GLN J 13 34.56 -59.83 -42.11
CA GLN J 13 33.97 -60.64 -43.19
C GLN J 13 33.64 -62.06 -42.71
N PRO J 14 32.60 -62.71 -43.30
CA PRO J 14 32.24 -64.09 -42.88
C PRO J 14 33.42 -65.02 -43.07
N GLY J 15 33.90 -65.59 -41.96
CA GLY J 15 35.07 -66.47 -41.97
C GLY J 15 36.24 -65.90 -41.19
N GLY J 16 36.41 -64.58 -41.26
CA GLY J 16 37.41 -63.88 -40.42
C GLY J 16 37.17 -64.05 -38.92
N SER J 17 38.09 -63.48 -38.14
CA SER J 17 38.05 -63.58 -36.70
C SER J 17 37.96 -62.24 -36.00
N MET J 18 37.72 -62.33 -34.70
CA MET J 18 37.60 -61.18 -33.83
C MET J 18 37.82 -61.65 -32.37
N LYS J 19 38.54 -60.85 -31.60
CA LYS J 19 38.71 -61.08 -30.16
C LYS J 19 37.99 -60.00 -29.36
N LEU J 20 37.00 -60.42 -28.57
CA LEU J 20 36.37 -59.54 -27.61
C LEU J 20 37.09 -59.68 -26.27
N SER J 21 37.13 -58.59 -25.54
CA SER J 21 37.69 -58.56 -24.21
C SER J 21 36.87 -57.62 -23.35
N CYS J 22 36.75 -58.01 -22.09
CA CYS J 22 35.91 -57.36 -21.10
C CYS J 22 36.75 -57.04 -19.89
N ALA J 23 37.00 -55.75 -19.67
CA ALA J 23 37.65 -55.26 -18.44
C ALA J 23 36.66 -55.13 -17.29
N ALA J 24 37.00 -55.71 -16.13
CA ALA J 24 36.14 -55.68 -14.93
C ALA J 24 36.77 -54.96 -13.74
N SER J 25 35.92 -54.34 -12.93
CA SER J 25 36.35 -53.72 -11.67
C SER J 25 35.17 -53.74 -10.68
N GLY J 26 35.46 -53.49 -9.40
CA GLY J 26 34.42 -53.36 -8.36
C GLY J 26 33.92 -54.65 -7.72
N PHE J 27 34.57 -55.77 -8.01
CA PHE J 27 34.30 -57.03 -7.31
C PHE J 27 35.54 -57.91 -7.35
N THR J 28 35.60 -58.87 -6.43
CA THR J 28 36.71 -59.80 -6.39
C THR J 28 36.67 -60.65 -7.67
N PHE J 29 37.49 -60.25 -8.66
CA PHE J 29 37.52 -60.90 -9.96
C PHE J 29 37.85 -62.37 -9.87
N SER J 30 38.91 -62.72 -9.17
CA SER J 30 39.39 -64.10 -9.08
C SER J 30 38.30 -65.07 -8.65
N ASP J 31 37.44 -64.63 -7.73
CA ASP J 31 36.32 -65.43 -7.25
C ASP J 31 35.15 -65.54 -8.26
N ALA J 32 35.02 -64.58 -9.18
CA ALA J 32 33.80 -64.38 -9.96
C ALA J 32 33.75 -65.28 -11.16
N TRP J 33 32.62 -65.97 -11.32
CA TRP J 33 32.29 -66.68 -12.56
C TRP J 33 31.87 -65.63 -13.59
N MET J 34 32.44 -65.67 -14.79
CA MET J 34 32.12 -64.72 -15.85
C MET J 34 31.46 -65.44 -17.02
N ASP J 35 30.65 -64.69 -17.79
CA ASP J 35 30.00 -65.22 -18.98
C ASP J 35 30.01 -64.16 -20.09
N TRP J 36 29.69 -64.62 -21.29
CA TRP J 36 29.30 -63.71 -22.37
C TRP J 36 27.86 -64.03 -22.84
N VAL J 37 27.13 -62.99 -23.25
CA VAL J 37 25.77 -63.14 -23.76
C VAL J 37 25.67 -62.26 -24.97
N ARG J 38 25.00 -62.73 -26.02
CA ARG J 38 24.75 -61.87 -27.19
C ARG J 38 23.26 -61.60 -27.39
N GLN J 39 22.94 -60.50 -28.08
CA GLN J 39 21.54 -60.14 -28.37
C GLN J 39 21.39 -59.63 -29.80
N SER J 40 20.39 -60.16 -30.49
CA SER J 40 19.99 -59.72 -31.82
C SER J 40 18.48 -59.85 -31.93
N PRO J 41 17.84 -59.00 -32.77
CA PRO J 41 16.36 -59.06 -32.87
C PRO J 41 15.78 -60.42 -33.34
N GLU J 42 16.54 -61.21 -34.08
CA GLU J 42 16.11 -62.52 -34.55
C GLU J 42 16.12 -63.57 -33.45
N LYS J 43 17.25 -63.68 -32.74
CA LYS J 43 17.51 -64.78 -31.82
C LYS J 43 17.10 -64.51 -30.36
N GLY J 44 17.05 -63.23 -29.97
CA GLY J 44 16.88 -62.85 -28.57
C GLY J 44 18.22 -62.81 -27.85
N LEU J 45 18.16 -62.96 -26.52
CA LEU J 45 19.36 -63.03 -25.69
C LEU J 45 19.84 -64.48 -25.67
N GLU J 46 21.04 -64.75 -26.19
CA GLU J 46 21.69 -66.09 -26.08
C GLU J 46 22.91 -66.01 -25.20
N TRP J 47 22.96 -66.87 -24.20
CA TRP J 47 24.16 -67.11 -23.43
C TRP J 47 25.14 -67.79 -24.37
N VAL J 48 26.32 -67.20 -24.54
CA VAL J 48 27.32 -67.68 -25.48
C VAL J 48 28.27 -68.63 -24.79
N ALA J 49 28.99 -68.11 -23.80
CA ALA J 49 29.96 -68.93 -23.05
C ALA J 49 30.02 -68.59 -21.55
N GLU J 50 30.54 -69.56 -20.79
CA GLU J 50 30.84 -69.38 -19.37
C GLU J 50 32.33 -69.66 -19.13
N ILE J 51 32.94 -68.99 -18.16
CA ILE J 51 34.19 -69.46 -17.53
C ILE J 51 34.11 -69.30 -16.00
N ARG J 52 34.49 -70.33 -15.27
CA ARG J 52 34.31 -70.34 -13.82
C ARG J 52 35.56 -69.85 -13.11
N ASN J 53 35.51 -69.79 -11.79
CA ASN J 53 36.63 -69.28 -10.98
C ASN J 53 37.75 -70.31 -10.82
N LYS J 54 38.83 -69.89 -10.17
CA LYS J 54 39.96 -70.77 -9.88
C LYS J 54 39.58 -72.04 -9.12
N VAL J 55 38.58 -71.94 -8.24
CA VAL J 55 38.16 -73.07 -7.41
C VAL J 55 37.58 -74.18 -8.27
N ASN J 56 36.80 -73.80 -9.29
CA ASN J 56 36.22 -74.75 -10.25
C ASN J 56 37.10 -75.08 -11.46
N ASN J 57 38.43 -74.90 -11.32
CA ASN J 57 39.41 -75.16 -12.38
C ASN J 57 39.22 -74.32 -13.66
N HIS J 58 38.65 -73.12 -13.53
CA HIS J 58 38.36 -72.26 -14.68
C HIS J 58 37.61 -73.03 -15.77
N ALA J 59 36.58 -73.78 -15.35
CA ALA J 59 35.83 -74.62 -16.29
C ALA J 59 35.02 -73.75 -17.24
N THR J 60 35.14 -74.03 -18.54
CA THR J 60 34.45 -73.28 -19.57
C THR J 60 33.28 -74.06 -20.12
N ASN J 61 32.29 -73.35 -20.61
CA ASN J 61 31.09 -73.94 -21.19
C ASN J 61 30.65 -73.09 -22.37
N TYR J 62 30.01 -73.73 -23.35
CA TYR J 62 29.69 -73.06 -24.60
C TYR J 62 28.35 -73.46 -25.16
N ALA J 63 27.80 -72.59 -25.99
CA ALA J 63 26.59 -72.89 -26.72
C ALA J 63 26.95 -73.67 -27.97
N GLU J 64 26.08 -74.57 -28.38
CA GLU J 64 26.38 -75.46 -29.49
C GLU J 64 26.60 -74.65 -30.77
N SER J 65 25.91 -73.53 -30.96
CA SER J 65 26.15 -72.68 -32.14
C SER J 65 27.57 -72.07 -32.20
N VAL J 66 28.31 -72.06 -31.08
CA VAL J 66 29.68 -71.56 -31.06
C VAL J 66 30.76 -72.58 -30.67
N LYS J 67 30.39 -73.83 -30.36
CA LYS J 67 31.39 -74.87 -29.97
C LYS J 67 32.41 -75.12 -31.09
N GLY J 68 33.70 -75.10 -30.75
CA GLY J 68 34.77 -75.31 -31.71
C GLY J 68 35.17 -74.09 -32.51
N ARG J 69 34.45 -72.97 -32.36
CA ARG J 69 34.80 -71.69 -33.03
C ARG J 69 35.15 -70.58 -32.07
N PHE J 70 34.50 -70.55 -30.92
CA PHE J 70 34.71 -69.53 -29.89
C PHE J 70 35.43 -70.11 -28.70
N THR J 71 36.27 -69.32 -28.04
CA THR J 71 37.00 -69.79 -26.85
C THR J 71 37.11 -68.68 -25.81
N ILE J 72 36.53 -68.93 -24.64
CA ILE J 72 36.48 -67.97 -23.56
C ILE J 72 37.64 -68.28 -22.63
N SER J 73 38.37 -67.24 -22.25
CA SER J 73 39.40 -67.35 -21.23
C SER J 73 39.41 -66.10 -20.35
N ARG J 74 40.29 -66.10 -19.34
CA ARG J 74 40.48 -64.94 -18.46
C ARG J 74 41.96 -64.68 -18.14
N ASP J 75 42.22 -63.51 -17.56
CA ASP J 75 43.50 -63.20 -16.94
C ASP J 75 43.27 -62.61 -15.53
N ASP J 76 43.23 -63.47 -14.52
CA ASP J 76 42.97 -63.05 -13.14
C ASP J 76 43.94 -61.97 -12.62
N SER J 77 45.11 -61.85 -13.23
CA SER J 77 46.07 -60.78 -12.90
C SER J 77 45.63 -59.37 -13.32
N ARG J 78 44.79 -59.27 -14.35
CA ARG J 78 44.38 -57.98 -14.94
C ARG J 78 42.86 -57.70 -14.84
N SER J 79 42.08 -58.62 -14.27
CA SER J 79 40.62 -58.50 -14.20
C SER J 79 40.07 -58.32 -15.63
N VAL J 80 40.23 -59.35 -16.48
CA VAL J 80 39.74 -59.29 -17.87
C VAL J 80 39.29 -60.66 -18.39
N VAL J 81 38.13 -60.74 -19.07
CA VAL J 81 37.63 -61.96 -19.68
C VAL J 81 37.80 -61.75 -21.16
N TYR J 82 38.37 -62.72 -21.87
CA TYR J 82 38.50 -62.69 -23.32
C TYR J 82 37.47 -63.64 -23.96
N LEU J 83 37.08 -63.36 -25.20
CA LEU J 83 36.29 -64.28 -26.03
C LEU J 83 36.85 -64.28 -27.46
N GLN J 84 37.62 -65.33 -27.77
CA GLN J 84 38.17 -65.54 -29.11
C GLN J 84 37.10 -66.12 -29.99
N MET J 85 36.89 -65.51 -31.14
CA MET J 85 35.80 -65.85 -32.05
C MET J 85 36.35 -66.05 -33.48
N ASN J 86 36.41 -67.32 -33.90
CA ASN J 86 36.89 -67.69 -35.23
C ASN J 86 35.75 -68.02 -36.16
N ASN J 87 36.01 -67.91 -37.46
CA ASN J 87 35.16 -68.55 -38.47
C ASN J 87 33.71 -68.01 -38.41
N LEU J 88 33.59 -66.68 -38.35
CA LEU J 88 32.31 -66.03 -38.08
C LEU J 88 31.34 -66.15 -39.23
N LYS J 89 30.06 -66.21 -38.87
CA LYS J 89 28.96 -66.31 -39.81
C LYS J 89 28.12 -65.01 -39.74
N PRO J 90 27.25 -64.76 -40.74
CA PRO J 90 26.31 -63.63 -40.61
C PRO J 90 25.40 -63.70 -39.36
N GLU J 91 24.99 -64.91 -38.98
CA GLU J 91 24.13 -65.13 -37.81
C GLU J 91 24.82 -65.00 -36.43
N ASP J 92 26.13 -64.80 -36.40
CA ASP J 92 26.83 -64.43 -35.15
C ASP J 92 26.76 -62.90 -34.88
N THR J 93 26.30 -62.12 -35.86
CA THR J 93 26.06 -60.68 -35.71
C THR J 93 25.09 -60.36 -34.56
N GLY J 94 25.39 -59.25 -33.88
CA GLY J 94 24.64 -58.83 -32.69
C GLY J 94 25.47 -58.05 -31.70
N ILE J 95 24.96 -57.91 -30.48
CA ILE J 95 25.60 -57.13 -29.41
C ILE J 95 26.07 -58.09 -28.32
N TYR J 96 27.34 -58.01 -27.95
CA TYR J 96 27.94 -58.99 -27.06
C TYR J 96 28.18 -58.35 -25.70
N TYR J 97 27.49 -58.85 -24.68
CA TYR J 97 27.64 -58.38 -23.29
C TYR J 97 28.55 -59.33 -22.52
N CYS J 98 29.49 -58.74 -21.80
CA CYS J 98 30.20 -59.45 -20.77
C CYS J 98 29.41 -59.32 -19.48
N THR J 99 29.32 -60.43 -18.78
CA THR J 99 28.59 -60.48 -17.52
C THR J 99 29.47 -61.01 -16.41
N GLY J 100 29.19 -60.55 -15.20
CA GLY J 100 29.96 -60.87 -14.02
C GLY J 100 29.06 -61.43 -12.95
N LEU J 101 29.57 -62.42 -12.23
CA LEU J 101 28.80 -63.17 -11.24
C LEU J 101 27.58 -63.73 -11.92
N THR J 102 27.86 -64.68 -12.78
CA THR J 102 26.93 -65.12 -13.83
C THR J 102 26.28 -63.91 -14.53
N PHE J 103 25.05 -63.53 -14.16
CA PHE J 103 24.36 -62.40 -14.79
C PHE J 103 23.98 -61.31 -13.79
N ASP J 104 24.63 -61.24 -12.63
CA ASP J 104 24.37 -60.17 -11.67
C ASP J 104 24.69 -58.78 -12.23
N TYR J 105 25.82 -58.71 -12.94
CA TYR J 105 26.35 -57.48 -13.50
C TYR J 105 26.57 -57.63 -15.00
N TRP J 106 26.34 -56.55 -15.74
CA TRP J 106 26.37 -56.53 -17.20
C TRP J 106 27.10 -55.31 -17.73
N GLY J 107 27.93 -55.50 -18.76
CA GLY J 107 28.53 -54.37 -19.47
C GLY J 107 27.55 -53.72 -20.43
N GLN J 108 27.93 -52.57 -20.97
CA GLN J 108 27.13 -51.92 -22.03
C GLN J 108 27.13 -52.71 -23.33
N GLY J 109 28.16 -53.52 -23.53
CA GLY J 109 28.21 -54.47 -24.61
C GLY J 109 28.80 -53.84 -25.85
N THR J 110 29.38 -54.69 -26.68
CA THR J 110 30.11 -54.28 -27.87
C THR J 110 29.47 -54.95 -29.07
N THR J 111 29.30 -54.18 -30.14
CA THR J 111 28.61 -54.63 -31.32
C THR J 111 29.51 -55.35 -32.31
N LEU J 112 29.08 -56.52 -32.79
CA LEU J 112 29.80 -57.29 -33.80
C LEU J 112 28.93 -57.34 -35.04
N THR J 113 29.45 -56.92 -36.19
CA THR J 113 28.75 -57.04 -37.48
C THR J 113 29.56 -57.91 -38.43
N VAL J 114 28.96 -59.05 -38.81
CA VAL J 114 29.56 -59.98 -39.75
C VAL J 114 28.86 -59.84 -41.11
N SER J 115 29.56 -59.22 -42.05
CA SER J 115 28.99 -58.87 -43.35
C SER J 115 30.07 -58.73 -44.43
N SER J 116 29.64 -58.93 -45.65
CA SER J 116 30.46 -58.76 -46.83
C SER J 116 30.71 -57.28 -47.17
N ALA J 117 29.89 -56.37 -46.61
CA ALA J 117 29.86 -54.97 -47.06
C ALA J 117 31.11 -54.18 -46.70
N LYS J 118 31.22 -53.00 -47.32
CA LYS J 118 32.38 -52.14 -47.14
C LYS J 118 32.04 -51.01 -46.21
N THR J 119 33.04 -50.57 -45.45
CA THR J 119 32.97 -49.32 -44.70
C THR J 119 32.65 -48.16 -45.68
N THR J 120 31.69 -47.34 -45.29
CA THR J 120 31.25 -46.18 -46.06
C THR J 120 30.92 -45.04 -45.10
N ALA J 121 31.56 -43.89 -45.27
CA ALA J 121 31.28 -42.73 -44.43
C ALA J 121 29.92 -42.10 -44.77
N PRO J 122 29.28 -41.44 -43.80
CA PRO J 122 27.95 -40.85 -44.04
C PRO J 122 28.01 -39.47 -44.66
N SER J 123 26.90 -39.07 -45.29
CA SER J 123 26.62 -37.66 -45.61
C SER J 123 25.67 -37.16 -44.53
N VAL J 124 25.91 -35.94 -44.03
CA VAL J 124 25.17 -35.36 -42.93
C VAL J 124 24.51 -34.07 -43.44
N TYR J 125 23.18 -34.07 -43.55
CA TYR J 125 22.42 -32.97 -44.16
C TYR J 125 21.57 -32.24 -43.13
N PRO J 126 21.52 -30.89 -43.18
CA PRO J 126 20.65 -30.13 -42.29
C PRO J 126 19.22 -30.08 -42.79
N LEU J 127 18.25 -30.29 -41.90
CA LEU J 127 16.84 -30.21 -42.23
C LEU J 127 16.23 -29.01 -41.50
N ALA J 128 16.36 -27.84 -42.14
CA ALA J 128 15.76 -26.59 -41.66
C ALA J 128 14.32 -26.54 -42.12
N PRO J 129 13.44 -25.89 -41.33
CA PRO J 129 12.01 -25.91 -41.67
C PRO J 129 11.70 -25.15 -42.99
N VAL J 130 10.47 -25.32 -43.49
CA VAL J 130 10.01 -24.69 -44.74
C VAL J 130 10.05 -23.17 -44.59
N CYS J 131 10.33 -22.48 -45.69
CA CYS J 131 10.28 -21.00 -45.75
C CYS J 131 8.93 -20.45 -45.29
N THR J 135 5.45 -19.34 -38.31
CA THR J 135 4.42 -20.35 -38.06
C THR J 135 3.90 -20.12 -36.63
N GLY J 136 4.12 -21.06 -35.69
CA GLY J 136 3.61 -20.97 -34.32
C GLY J 136 4.69 -20.89 -33.25
N SER J 137 4.30 -21.19 -32.02
CA SER J 137 5.17 -21.07 -30.83
C SER J 137 6.18 -22.22 -30.56
N SER J 138 6.49 -23.02 -31.60
CA SER J 138 7.58 -23.99 -31.57
C SER J 138 8.11 -24.22 -32.98
N VAL J 139 9.37 -24.61 -33.05
CA VAL J 139 10.06 -24.86 -34.30
C VAL J 139 10.85 -26.14 -34.13
N THR J 140 10.79 -26.96 -35.16
CA THR J 140 11.44 -28.25 -35.17
C THR J 140 12.47 -28.27 -36.29
N LEU J 141 13.67 -28.73 -35.93
CA LEU J 141 14.77 -28.91 -36.85
C LEU J 141 15.10 -30.38 -36.91
N GLY J 142 15.89 -30.74 -37.92
CA GLY J 142 16.23 -32.12 -38.19
C GLY J 142 17.61 -32.31 -38.80
N CYS J 143 18.13 -33.52 -38.66
CA CYS J 143 19.45 -33.88 -39.17
C CYS J 143 19.28 -35.27 -39.82
N LEU J 144 19.58 -35.31 -41.11
CA LEU J 144 19.61 -36.56 -41.87
C LEU J 144 21.05 -37.05 -41.93
N VAL J 145 21.23 -38.34 -41.63
CA VAL J 145 22.54 -39.01 -41.76
C VAL J 145 22.35 -40.23 -42.66
N LYS J 146 22.89 -40.16 -43.88
CA LYS J 146 22.58 -41.11 -44.95
C LYS J 146 23.81 -41.78 -45.55
N GLY J 147 23.66 -43.07 -45.87
CA GLY J 147 24.65 -43.80 -46.66
C GLY J 147 25.93 -44.21 -45.94
N TYR J 148 25.81 -44.65 -44.68
CA TYR J 148 26.96 -45.15 -43.91
C TYR J 148 26.90 -46.65 -43.65
N PHE J 149 28.07 -47.22 -43.35
CA PHE J 149 28.18 -48.61 -42.85
C PHE J 149 29.56 -48.77 -42.24
N PRO J 150 29.71 -49.50 -41.13
CA PRO J 150 28.67 -50.18 -40.39
C PRO J 150 28.01 -49.27 -39.35
N GLU J 151 27.22 -49.84 -38.45
CA GLU J 151 26.84 -49.17 -37.22
C GLU J 151 27.98 -49.18 -36.22
N PRO J 152 28.04 -48.25 -35.26
CA PRO J 152 27.05 -47.19 -35.06
C PRO J 152 27.42 -45.88 -35.74
N VAL J 153 26.45 -44.95 -35.74
CA VAL J 153 26.78 -43.51 -35.67
C VAL J 153 26.33 -43.01 -34.32
N THR J 154 26.92 -41.87 -33.93
CA THR J 154 26.43 -41.11 -32.79
C THR J 154 26.04 -39.73 -33.30
N LEU J 155 24.96 -39.19 -32.72
CA LEU J 155 24.38 -37.92 -33.13
C LEU J 155 23.98 -37.18 -31.86
N THR J 156 24.54 -36.00 -31.61
CA THR J 156 24.05 -35.12 -30.55
C THR J 156 23.70 -33.76 -31.14
N TRP J 157 23.02 -32.96 -30.32
CA TRP J 157 22.66 -31.59 -30.66
C TRP J 157 23.28 -30.63 -29.63
N ASN J 158 23.96 -29.60 -30.11
CA ASN J 158 24.85 -28.76 -29.29
C ASN J 158 25.68 -29.58 -28.29
N SER J 159 26.26 -30.66 -28.82
CA SER J 159 27.19 -31.54 -28.11
C SER J 159 26.67 -32.21 -26.84
N GLY J 160 25.36 -32.46 -26.78
CA GLY J 160 24.73 -33.02 -25.58
C GLY J 160 23.98 -32.01 -24.72
N SER J 161 24.20 -30.71 -24.96
CA SER J 161 23.49 -29.63 -24.21
C SER J 161 21.97 -29.57 -24.41
N LEU J 162 21.50 -30.08 -25.54
CA LEU J 162 20.17 -29.92 -26.00
C LEU J 162 19.69 -31.35 -26.17
N SER J 163 19.04 -31.88 -25.12
CA SER J 163 18.60 -33.30 -25.10
C SER J 163 17.11 -33.51 -24.83
N SER J 164 16.52 -32.67 -23.98
CA SER J 164 15.05 -32.57 -23.97
C SER J 164 14.63 -31.90 -25.31
N GLY J 165 13.60 -32.45 -25.91
CA GLY J 165 13.15 -32.07 -27.26
C GLY J 165 13.71 -32.90 -28.41
N VAL J 166 14.59 -33.86 -28.10
CA VAL J 166 15.30 -34.64 -29.11
C VAL J 166 14.68 -36.01 -29.29
N HIS J 167 14.68 -36.46 -30.54
CA HIS J 167 14.25 -37.80 -30.93
C HIS J 167 15.16 -38.24 -32.05
N THR J 168 16.16 -39.04 -31.71
CA THR J 168 16.99 -39.73 -32.70
C THR J 168 16.36 -41.09 -33.01
N PHE J 169 16.18 -41.38 -34.30
CA PHE J 169 15.41 -42.57 -34.71
C PHE J 169 16.32 -43.74 -35.01
N PRO J 170 15.86 -44.99 -34.72
CA PRO J 170 16.69 -46.16 -35.02
C PRO J 170 17.04 -46.25 -36.49
N ALA J 171 18.27 -46.69 -36.75
CA ALA J 171 18.79 -46.73 -38.11
C ALA J 171 18.19 -47.89 -38.90
N LEU J 172 18.08 -47.70 -40.21
CA LEU J 172 17.56 -48.73 -41.11
C LEU J 172 18.43 -48.79 -42.36
N LEU J 173 18.81 -50.01 -42.75
CA LEU J 173 19.61 -50.24 -43.97
C LEU J 173 18.69 -50.17 -45.21
N LEU J 174 19.02 -49.25 -46.14
CA LEU J 174 18.25 -48.98 -47.33
C LEU J 174 19.10 -49.65 -48.41
N SER J 175 18.88 -50.95 -48.61
CA SER J 175 19.66 -51.79 -49.53
C SER J 175 21.17 -51.68 -49.27
N GLY J 176 21.58 -52.12 -48.09
CA GLY J 176 23.00 -52.29 -47.76
C GLY J 176 23.73 -51.12 -47.09
N LEU J 177 23.14 -49.93 -47.07
CA LEU J 177 23.72 -48.74 -46.40
C LEU J 177 22.73 -48.20 -45.39
N TYR J 178 23.14 -48.03 -44.13
CA TYR J 178 22.27 -47.50 -43.05
C TYR J 178 21.93 -46.00 -43.16
N THR J 179 20.72 -45.66 -42.71
CA THR J 179 20.20 -44.30 -42.75
C THR J 179 19.49 -43.99 -41.45
N LEU J 180 19.71 -42.77 -40.98
CA LEU J 180 19.28 -42.35 -39.66
C LEU J 180 18.94 -40.87 -39.68
N SER J 181 18.05 -40.46 -38.78
CA SER J 181 17.64 -39.05 -38.67
C SER J 181 17.34 -38.74 -37.24
N SER J 182 17.40 -37.46 -36.90
CA SER J 182 17.01 -37.00 -35.55
C SER J 182 16.35 -35.66 -35.68
N SER J 183 15.37 -35.43 -34.83
CA SER J 183 14.64 -34.19 -34.76
C SER J 183 14.85 -33.57 -33.38
N VAL J 184 15.05 -32.26 -33.37
CA VAL J 184 15.07 -31.47 -32.15
C VAL J 184 13.98 -30.42 -32.24
N THR J 185 13.28 -30.21 -31.11
CA THR J 185 12.28 -29.14 -31.02
C THR J 185 12.65 -28.13 -29.93
N VAL J 186 12.57 -26.86 -30.31
CA VAL J 186 12.88 -25.74 -29.45
C VAL J 186 11.77 -24.71 -29.63
N THR J 187 11.61 -23.82 -28.65
CA THR J 187 10.65 -22.72 -28.74
C THR J 187 11.13 -21.76 -29.83
N SER J 188 10.19 -21.22 -30.61
CA SER J 188 10.54 -20.43 -31.83
C SER J 188 11.39 -19.14 -31.61
N ASN J 189 11.61 -18.77 -30.35
CA ASN J 189 12.53 -17.69 -29.94
C ASN J 189 13.98 -18.15 -30.06
N THR J 190 14.23 -19.37 -29.59
CA THR J 190 15.56 -20.00 -29.64
C THR J 190 16.21 -20.14 -31.04
N TRP J 191 15.41 -20.22 -32.10
CA TRP J 191 15.92 -20.46 -33.45
C TRP J 191 15.19 -19.58 -34.46
N PRO J 192 15.92 -18.88 -35.37
CA PRO J 192 17.40 -18.99 -35.60
C PRO J 192 18.35 -18.26 -34.66
N SER J 193 17.84 -17.65 -33.59
CA SER J 193 18.61 -16.77 -32.71
C SER J 193 19.83 -17.41 -32.09
N GLN J 194 19.61 -18.58 -31.49
CA GLN J 194 20.66 -19.39 -30.90
C GLN J 194 20.96 -20.45 -31.94
N THR J 195 22.24 -20.56 -32.28
CA THR J 195 22.70 -21.49 -33.31
C THR J 195 22.71 -22.92 -32.76
N ILE J 196 21.98 -23.80 -33.45
CA ILE J 196 21.82 -25.21 -33.08
C ILE J 196 22.63 -26.07 -34.06
N THR J 197 23.52 -26.88 -33.51
CA THR J 197 24.46 -27.71 -34.28
C THR J 197 24.24 -29.21 -34.06
N CYS J 198 24.32 -29.99 -35.13
CA CYS J 198 24.13 -31.45 -35.11
C CYS J 198 25.51 -32.09 -35.21
N ASN J 199 25.99 -32.67 -34.11
CA ASN J 199 27.33 -33.26 -34.05
C ASN J 199 27.13 -34.74 -34.40
N VAL J 200 27.45 -35.10 -35.64
CA VAL J 200 27.43 -36.47 -36.12
C VAL J 200 28.87 -36.99 -36.17
N ALA J 201 29.07 -38.18 -35.63
CA ALA J 201 30.37 -38.87 -35.68
C ALA J 201 30.14 -40.30 -36.11
N HIS J 202 30.93 -40.77 -37.07
CA HIS J 202 30.90 -42.16 -37.49
C HIS J 202 32.29 -42.71 -37.21
N PRO J 203 32.48 -43.34 -36.02
CA PRO J 203 33.83 -43.78 -35.66
C PRO J 203 34.54 -44.77 -36.59
N ALA J 204 33.78 -45.58 -37.34
CA ALA J 204 34.37 -46.56 -38.28
C ALA J 204 35.13 -45.97 -39.49
N SER J 205 34.80 -44.73 -39.85
CA SER J 205 35.35 -44.06 -41.01
C SER J 205 36.07 -42.74 -40.66
N SER J 206 36.35 -42.51 -39.37
CA SER J 206 37.03 -41.29 -38.89
C SER J 206 36.32 -40.00 -39.37
N THR J 207 34.99 -40.03 -39.40
CA THR J 207 34.17 -38.96 -39.93
C THR J 207 33.61 -38.23 -38.74
N LYS J 208 33.95 -36.95 -38.61
CA LYS J 208 33.36 -36.06 -37.61
C LYS J 208 32.78 -34.83 -38.30
N VAL J 209 31.47 -34.72 -38.33
CA VAL J 209 30.76 -33.55 -38.90
C VAL J 209 29.92 -32.83 -37.81
N ASP J 210 29.89 -31.50 -37.87
CA ASP J 210 29.04 -30.67 -37.01
C ASP J 210 28.30 -29.76 -37.97
N LYS J 211 27.02 -30.03 -38.20
CA LYS J 211 26.20 -29.26 -39.14
C LYS J 211 25.36 -28.26 -38.38
N LYS J 212 25.60 -26.99 -38.66
CA LYS J 212 24.77 -25.89 -38.18
C LYS J 212 23.48 -25.94 -39.01
N ILE J 213 22.33 -25.82 -38.34
CA ILE J 213 21.04 -25.80 -39.04
C ILE J 213 20.76 -24.38 -39.46
N GLU J 214 21.02 -24.08 -40.73
CA GLU J 214 20.85 -22.73 -41.31
C GLU J 214 19.39 -22.56 -41.78
N PRO J 215 18.80 -21.36 -41.62
CA PRO J 215 17.54 -21.08 -42.35
C PRO J 215 17.69 -21.19 -43.87
N ARG J 216 16.62 -21.58 -44.54
CA ARG J 216 16.58 -21.58 -46.01
C ARG J 216 16.33 -20.16 -46.51
N GLY J 217 17.08 -19.76 -47.53
CA GLY J 217 16.86 -18.51 -48.22
C GLY J 217 17.10 -18.77 -49.69
N PRO J 218 16.19 -18.30 -50.58
CA PRO J 218 16.47 -18.35 -52.03
C PRO J 218 17.52 -17.29 -52.43
N ASP K 1 18.00 -79.18 -23.87
CA ASP K 1 17.75 -77.72 -23.66
C ASP K 1 16.44 -77.43 -22.94
N ILE K 2 16.47 -76.49 -21.98
CA ILE K 2 15.25 -75.95 -21.38
C ILE K 2 14.85 -74.71 -22.15
N VAL K 3 13.70 -74.83 -22.80
CA VAL K 3 13.14 -73.72 -23.53
C VAL K 3 12.16 -72.94 -22.60
N LEU K 4 12.27 -71.61 -22.62
CA LEU K 4 11.41 -70.73 -21.86
C LEU K 4 10.54 -69.91 -22.81
N THR K 5 9.24 -69.88 -22.53
CA THR K 5 8.26 -69.23 -23.40
C THR K 5 7.50 -68.21 -22.56
N GLN K 6 7.55 -66.94 -22.96
CA GLN K 6 6.89 -65.87 -22.21
C GLN K 6 5.50 -65.51 -22.75
N SER K 7 4.62 -65.00 -21.89
CA SER K 7 3.36 -64.38 -22.31
C SER K 7 2.98 -63.21 -21.37
N PRO K 8 2.43 -62.11 -21.87
CA PRO K 8 2.12 -61.91 -23.27
C PRO K 8 3.31 -61.44 -24.07
N ALA K 9 3.11 -61.22 -25.35
CA ALA K 9 4.12 -60.64 -26.21
C ALA K 9 4.38 -59.19 -25.80
N SER K 10 3.28 -58.46 -25.61
CA SER K 10 3.29 -57.10 -25.05
C SER K 10 1.97 -56.80 -24.34
N LEU K 11 1.89 -55.66 -23.67
CA LEU K 11 1.00 -55.49 -22.52
C LEU K 11 0.93 -54.02 -22.17
N ALA K 12 -0.24 -53.41 -22.05
CA ALA K 12 -0.35 -51.96 -21.78
C ALA K 12 -1.10 -51.63 -20.48
N VAL K 13 -0.34 -51.30 -19.45
CA VAL K 13 -0.86 -51.13 -18.09
C VAL K 13 -0.98 -49.64 -17.72
N SER K 14 -2.09 -49.23 -17.13
CA SER K 14 -2.26 -47.84 -16.67
C SER K 14 -1.38 -47.53 -15.46
N LEU K 15 -1.16 -46.23 -15.24
CA LEU K 15 -0.37 -45.81 -14.08
C LEU K 15 -1.01 -46.26 -12.78
N GLY K 16 -0.18 -46.71 -11.84
CA GLY K 16 -0.66 -47.28 -10.59
C GLY K 16 -1.11 -48.72 -10.70
N GLN K 17 -1.47 -49.21 -11.89
CA GLN K 17 -2.08 -50.54 -12.03
C GLN K 17 -1.06 -51.64 -12.00
N ARG K 18 -1.55 -52.88 -12.01
CA ARG K 18 -0.72 -54.08 -11.94
C ARG K 18 -0.39 -54.59 -13.35
N ALA K 19 0.86 -55.02 -13.52
CA ALA K 19 1.31 -55.70 -14.73
C ALA K 19 1.89 -57.04 -14.32
N THR K 20 1.42 -58.11 -14.97
CA THR K 20 1.87 -59.47 -14.71
C THR K 20 2.43 -60.08 -15.98
N ILE K 21 3.65 -60.62 -15.90
CA ILE K 21 4.37 -61.10 -17.07
C ILE K 21 4.72 -62.52 -16.74
N SER K 22 4.23 -63.49 -17.53
CA SER K 22 4.43 -64.92 -17.26
C SER K 22 5.60 -65.51 -18.06
N CYS K 23 6.18 -66.58 -17.53
CA CYS K 23 7.27 -67.31 -18.17
C CYS K 23 7.07 -68.80 -17.89
N ARG K 24 6.99 -69.60 -18.96
CA ARG K 24 6.73 -71.06 -18.88
C ARG K 24 7.91 -71.88 -19.36
N ALA K 25 8.38 -72.79 -18.51
CA ALA K 25 9.59 -73.55 -18.77
C ALA K 25 9.27 -74.98 -19.17
N SER K 26 9.91 -75.47 -20.23
CA SER K 26 9.64 -76.82 -20.78
C SER K 26 10.20 -77.98 -19.94
N GLU K 27 11.00 -77.68 -18.91
CA GLU K 27 11.35 -78.64 -17.86
C GLU K 27 11.28 -77.93 -16.55
N SER K 28 11.06 -78.68 -15.47
CA SER K 28 11.00 -78.10 -14.15
C SER K 28 12.40 -77.64 -13.81
N VAL K 29 12.54 -76.35 -13.46
CA VAL K 29 13.86 -75.76 -13.18
C VAL K 29 14.10 -75.65 -11.66
N ASP K 30 13.59 -76.63 -10.92
CA ASP K 30 13.88 -76.78 -9.50
C ASP K 30 15.25 -77.40 -9.24
N ASN K 31 15.80 -77.11 -8.06
CA ASN K 31 17.17 -77.48 -7.71
C ASN K 31 17.39 -77.16 -6.21
N TYR K 32 17.56 -78.19 -5.38
CA TYR K 32 17.87 -78.03 -3.94
C TYR K 32 16.87 -77.16 -3.15
N GLY K 33 15.59 -77.33 -3.46
CA GLY K 33 14.50 -76.58 -2.81
C GLY K 33 14.09 -75.31 -3.56
N ILE K 34 15.06 -74.71 -4.25
CA ILE K 34 14.89 -73.42 -4.92
C ILE K 34 14.60 -73.62 -6.41
N SER K 35 13.87 -72.69 -7.01
CA SER K 35 13.76 -72.58 -8.47
C SER K 35 14.77 -71.57 -9.06
N SER K 36 15.61 -72.00 -9.99
CA SER K 36 16.54 -71.09 -10.68
C SER K 36 15.83 -70.33 -11.80
N MET K 37 14.98 -69.39 -11.38
CA MET K 37 14.33 -68.44 -12.28
C MET K 37 14.75 -67.03 -11.85
N ASN K 38 15.38 -66.29 -12.77
CA ASN K 38 15.70 -64.90 -12.57
C ASN K 38 14.99 -64.05 -13.61
N TRP K 39 14.83 -62.77 -13.31
CA TRP K 39 14.09 -61.84 -14.17
C TRP K 39 14.90 -60.61 -14.42
N PHE K 40 14.91 -60.14 -15.67
CA PHE K 40 15.69 -58.94 -16.02
C PHE K 40 14.83 -57.90 -16.69
N GLN K 41 15.18 -56.64 -16.50
CA GLN K 41 14.55 -55.52 -17.18
C GLN K 41 15.50 -54.98 -18.22
N GLN K 42 15.04 -54.85 -19.45
CA GLN K 42 15.81 -54.15 -20.48
C GLN K 42 15.11 -52.88 -20.95
N LYS K 43 15.69 -51.72 -20.62
CA LYS K 43 15.17 -50.44 -21.09
C LYS K 43 15.80 -50.17 -22.43
N ALA K 44 15.13 -49.37 -23.25
CA ALA K 44 15.61 -49.01 -24.58
C ALA K 44 17.03 -48.48 -24.56
N GLY K 45 17.88 -49.08 -25.39
CA GLY K 45 19.26 -48.64 -25.58
C GLY K 45 20.28 -49.13 -24.57
N GLN K 46 19.89 -50.09 -23.72
CA GLN K 46 20.64 -50.43 -22.52
C GLN K 46 20.75 -51.93 -22.32
N PRO K 47 21.69 -52.35 -21.45
CA PRO K 47 21.76 -53.78 -21.15
C PRO K 47 20.68 -54.21 -20.19
N PRO K 48 20.45 -55.52 -20.09
CA PRO K 48 19.54 -55.99 -19.08
C PRO K 48 20.01 -55.65 -17.69
N LYS K 49 19.06 -55.29 -16.83
CA LYS K 49 19.31 -55.06 -15.43
C LYS K 49 18.68 -56.23 -14.68
N PHE K 50 19.41 -56.76 -13.73
CA PHE K 50 18.97 -57.88 -12.90
C PHE K 50 17.95 -57.39 -11.84
N LEU K 51 16.74 -57.96 -11.85
CA LEU K 51 15.68 -57.59 -10.89
C LEU K 51 15.43 -58.59 -9.77
N ILE K 52 15.20 -59.83 -10.16
CA ILE K 52 14.77 -60.89 -9.26
C ILE K 52 15.64 -62.10 -9.50
N TYR K 53 15.99 -62.80 -8.41
CA TYR K 53 16.59 -64.14 -8.50
C TYR K 53 15.83 -65.14 -7.63
N ALA K 54 16.18 -66.43 -7.76
CA ALA K 54 15.54 -67.53 -7.00
C ALA K 54 14.00 -67.40 -6.97
N ALA K 55 13.44 -67.09 -8.14
CA ALA K 55 11.99 -66.91 -8.33
C ALA K 55 11.33 -65.69 -7.65
N SER K 56 11.58 -65.48 -6.34
CA SER K 56 10.94 -64.39 -5.56
C SER K 56 11.87 -63.36 -4.91
N LYS K 57 13.17 -63.57 -4.98
CA LYS K 57 14.12 -62.82 -4.14
C LYS K 57 14.52 -61.54 -4.83
N GLN K 58 14.55 -60.46 -4.05
CA GLN K 58 14.77 -59.11 -4.57
C GLN K 58 16.26 -58.84 -4.76
N GLY K 59 16.65 -58.31 -5.91
CA GLY K 59 18.02 -57.81 -6.09
C GLY K 59 18.25 -56.55 -5.26
N SER K 60 19.52 -56.21 -5.03
CA SER K 60 19.87 -55.01 -4.23
C SER K 60 19.69 -53.72 -5.03
N GLY K 61 19.01 -52.74 -4.43
CA GLY K 61 18.63 -51.50 -5.12
C GLY K 61 17.37 -51.54 -6.00
N VAL K 62 16.75 -52.71 -6.14
CA VAL K 62 15.56 -52.89 -6.99
C VAL K 62 14.34 -52.41 -6.22
N PRO K 63 13.55 -51.46 -6.79
CA PRO K 63 12.36 -50.94 -6.11
C PRO K 63 11.39 -51.98 -5.54
N ALA K 64 10.62 -51.55 -4.53
CA ALA K 64 9.61 -52.38 -3.89
C ALA K 64 8.56 -52.92 -4.88
N ARG K 65 8.25 -52.11 -5.89
CA ARG K 65 7.24 -52.41 -6.90
C ARG K 65 7.33 -53.80 -7.50
N PHE K 66 8.57 -54.22 -7.80
CA PHE K 66 8.82 -55.49 -8.51
C PHE K 66 8.86 -56.69 -7.61
N SER K 67 8.27 -57.80 -8.05
CA SER K 67 8.21 -59.04 -7.26
C SER K 67 7.94 -60.25 -8.13
N GLY K 68 8.29 -61.43 -7.61
CA GLY K 68 8.23 -62.65 -8.41
C GLY K 68 7.64 -63.79 -7.63
N SER K 69 6.88 -64.64 -8.31
CA SER K 69 6.52 -65.93 -7.78
C SER K 69 6.48 -66.99 -8.88
N GLY K 70 6.25 -68.23 -8.43
CA GLY K 70 6.15 -69.38 -9.30
C GLY K 70 6.95 -70.57 -8.85
N SER K 71 6.70 -71.69 -9.51
CA SER K 71 7.22 -72.99 -9.15
C SER K 71 7.13 -73.92 -10.36
N GLY K 72 7.92 -74.99 -10.36
CA GLY K 72 7.91 -75.98 -11.45
C GLY K 72 8.24 -75.33 -12.78
N THR K 73 7.22 -75.14 -13.62
CA THR K 73 7.37 -74.56 -14.97
C THR K 73 6.80 -73.15 -15.12
N ASP K 74 5.85 -72.78 -14.24
CA ASP K 74 5.11 -71.52 -14.33
C ASP K 74 5.66 -70.47 -13.37
N PHE K 75 6.11 -69.33 -13.92
CA PHE K 75 6.54 -68.19 -13.12
C PHE K 75 5.92 -66.90 -13.63
N SER K 76 5.86 -65.90 -12.75
CA SER K 76 5.42 -64.57 -13.15
C SER K 76 6.15 -63.44 -12.43
N LEU K 77 6.32 -62.33 -13.14
CA LEU K 77 6.80 -61.07 -12.58
C LEU K 77 5.58 -60.20 -12.38
N ILE K 78 5.41 -59.67 -11.18
CA ILE K 78 4.38 -58.66 -10.89
C ILE K 78 5.04 -57.28 -10.62
N ILE K 79 4.45 -56.22 -11.19
CA ILE K 79 4.94 -54.85 -11.01
C ILE K 79 3.78 -53.97 -10.55
N HIS K 80 3.88 -53.36 -9.36
CA HIS K 80 2.78 -52.56 -8.77
C HIS K 80 3.25 -51.70 -7.59
N PRO K 81 2.89 -50.41 -7.54
CA PRO K 81 2.17 -49.66 -8.58
C PRO K 81 3.07 -49.27 -9.74
N VAL K 82 2.59 -49.46 -10.96
CA VAL K 82 3.38 -49.27 -12.17
C VAL K 82 3.62 -47.78 -12.46
N GLU K 83 4.87 -47.44 -12.80
CA GLU K 83 5.32 -46.07 -13.02
C GLU K 83 5.75 -45.84 -14.46
N GLU K 84 5.96 -44.56 -14.78
CA GLU K 84 6.35 -44.13 -16.12
C GLU K 84 7.60 -44.84 -16.66
N ASP K 85 8.58 -44.98 -15.77
CA ASP K 85 9.88 -45.53 -16.10
C ASP K 85 9.89 -47.04 -16.29
N ASP K 86 8.82 -47.73 -15.91
CA ASP K 86 8.79 -49.20 -16.06
C ASP K 86 8.55 -49.69 -17.49
N THR K 87 8.28 -48.77 -18.42
CA THR K 87 8.25 -49.06 -19.85
C THR K 87 9.58 -49.70 -20.25
N ALA K 88 9.52 -50.99 -20.54
CA ALA K 88 10.72 -51.79 -20.80
C ALA K 88 10.34 -53.08 -21.49
N VAL K 89 11.35 -53.87 -21.82
CA VAL K 89 11.15 -55.27 -22.17
C VAL K 89 11.69 -56.11 -21.02
N TYR K 90 10.87 -57.01 -20.48
CA TYR K 90 11.23 -57.82 -19.33
C TYR K 90 11.43 -59.28 -19.75
N PHE K 91 12.53 -59.88 -19.34
CA PHE K 91 12.89 -61.26 -19.70
C PHE K 91 13.02 -62.12 -18.45
N CYS K 92 12.61 -63.36 -18.60
CA CYS K 92 12.86 -64.38 -17.60
C CYS K 92 14.05 -65.19 -18.08
N GLN K 93 14.75 -65.80 -17.14
CA GLN K 93 15.96 -66.55 -17.45
C GLN K 93 16.17 -67.66 -16.43
N GLN K 94 16.74 -68.77 -16.89
CA GLN K 94 16.86 -69.99 -16.12
C GLN K 94 18.34 -70.36 -15.91
N SER K 95 18.71 -70.73 -14.69
CA SER K 95 20.08 -71.20 -14.35
C SER K 95 20.13 -72.63 -13.77
N LYS K 96 19.05 -73.39 -13.91
CA LYS K 96 19.06 -74.80 -13.46
C LYS K 96 20.10 -75.58 -14.22
N GLY K 97 20.00 -75.52 -15.54
CA GLY K 97 20.86 -76.29 -16.42
C GLY K 97 21.56 -75.50 -17.50
N VAL K 98 22.61 -76.10 -18.05
CA VAL K 98 23.33 -75.57 -19.19
C VAL K 98 22.69 -76.20 -20.44
N PRO K 99 22.50 -75.44 -21.53
CA PRO K 99 22.74 -73.99 -21.61
C PRO K 99 21.76 -73.16 -20.76
N TYR K 100 22.25 -72.05 -20.21
CA TYR K 100 21.37 -71.05 -19.62
C TYR K 100 20.58 -70.43 -20.78
N THR K 101 19.28 -70.22 -20.58
CA THR K 101 18.35 -69.85 -21.64
C THR K 101 17.41 -68.74 -21.24
N PHE K 102 17.12 -67.83 -22.16
CA PHE K 102 16.29 -66.65 -21.88
C PHE K 102 14.94 -66.80 -22.56
N GLY K 103 13.86 -66.40 -21.89
CA GLY K 103 12.58 -66.19 -22.57
C GLY K 103 12.73 -65.14 -23.68
N GLY K 104 11.76 -65.09 -24.58
CA GLY K 104 11.78 -64.17 -25.72
C GLY K 104 11.52 -62.72 -25.38
N GLY K 105 10.98 -62.45 -24.19
CA GLY K 105 10.77 -61.09 -23.70
C GLY K 105 9.33 -60.65 -23.79
N THR K 106 8.91 -59.79 -22.85
CA THR K 106 7.56 -59.20 -22.83
C THR K 106 7.70 -57.68 -22.74
N LYS K 107 7.01 -56.96 -23.62
CA LYS K 107 7.18 -55.53 -23.79
C LYS K 107 6.05 -54.85 -23.00
N LEU K 108 6.37 -54.29 -21.83
CA LEU K 108 5.41 -53.49 -21.07
C LEU K 108 5.35 -52.09 -21.63
N GLU K 109 4.16 -51.70 -22.03
CA GLU K 109 3.85 -50.36 -22.47
C GLU K 109 3.05 -49.71 -21.31
N ILE K 110 3.36 -48.45 -20.99
CA ILE K 110 2.59 -47.65 -20.00
C ILE K 110 1.47 -46.91 -20.71
N LYS K 111 0.26 -47.04 -20.17
CA LYS K 111 -0.93 -46.44 -20.75
C LYS K 111 -0.93 -44.95 -20.42
N ARG K 112 -1.32 -44.16 -21.42
CA ARG K 112 -1.56 -42.76 -21.22
C ARG K 112 -2.61 -42.26 -22.21
N ALA K 113 -3.01 -41.02 -22.02
CA ALA K 113 -3.99 -40.38 -22.87
C ALA K 113 -3.45 -40.32 -24.27
N ASP K 114 -4.36 -40.50 -25.22
CA ASP K 114 -4.01 -40.44 -26.61
C ASP K 114 -3.53 -39.02 -26.92
N ALA K 115 -2.37 -38.95 -27.54
CA ALA K 115 -1.85 -37.71 -28.09
C ALA K 115 -1.75 -37.79 -29.60
N ALA K 116 -2.30 -36.80 -30.28
CA ALA K 116 -2.09 -36.67 -31.72
C ALA K 116 -0.62 -36.38 -31.98
N PRO K 117 -0.09 -36.83 -33.13
CA PRO K 117 1.29 -36.52 -33.47
C PRO K 117 1.44 -35.05 -33.89
N THR K 118 2.64 -34.54 -33.68
CA THR K 118 3.03 -33.22 -34.13
C THR K 118 3.88 -33.38 -35.38
N VAL K 119 3.33 -32.99 -36.53
CA VAL K 119 3.92 -33.31 -37.84
C VAL K 119 4.72 -32.15 -38.40
N SER K 120 5.94 -32.44 -38.82
CA SER K 120 6.85 -31.51 -39.47
C SER K 120 7.28 -32.08 -40.83
N ILE K 121 7.42 -31.21 -41.81
CA ILE K 121 7.80 -31.58 -43.18
C ILE K 121 9.05 -30.81 -43.58
N PHE K 122 9.97 -31.51 -44.24
CA PHE K 122 11.30 -31.01 -44.55
C PHE K 122 11.67 -31.37 -45.97
N PRO K 123 11.84 -30.35 -46.84
CA PRO K 123 12.35 -30.64 -48.18
C PRO K 123 13.79 -31.17 -48.16
N PRO K 124 14.33 -31.56 -49.33
CA PRO K 124 15.75 -31.84 -49.44
C PRO K 124 16.58 -30.62 -49.03
N SER K 125 17.71 -30.86 -48.40
CA SER K 125 18.66 -29.81 -48.10
C SER K 125 19.39 -29.41 -49.39
N SER K 126 19.84 -28.15 -49.45
CA SER K 126 20.65 -27.64 -50.57
C SER K 126 21.95 -28.41 -50.77
N GLU K 127 22.51 -28.94 -49.68
CA GLU K 127 23.68 -29.83 -49.73
C GLU K 127 23.39 -31.14 -50.49
N GLN K 128 22.20 -31.70 -50.26
CA GLN K 128 21.83 -32.98 -50.85
C GLN K 128 21.51 -32.89 -52.32
N LEU K 129 20.82 -31.82 -52.71
CA LEU K 129 20.50 -31.54 -54.11
C LEU K 129 21.74 -31.31 -54.98
N THR K 130 22.77 -30.65 -54.44
CA THR K 130 24.05 -30.50 -55.19
C THR K 130 24.82 -31.83 -55.34
N SER K 131 24.61 -32.79 -54.43
CA SER K 131 25.11 -34.17 -54.57
C SER K 131 24.22 -35.14 -55.41
N GLY K 132 23.13 -34.64 -55.98
CA GLY K 132 22.24 -35.44 -56.84
C GLY K 132 21.28 -36.35 -56.12
N GLY K 133 20.77 -35.88 -54.98
CA GLY K 133 19.78 -36.61 -54.18
C GLY K 133 18.68 -35.70 -53.65
N ALA K 134 17.62 -36.32 -53.17
CA ALA K 134 16.50 -35.61 -52.56
C ALA K 134 15.79 -36.51 -51.60
N SER K 135 15.88 -36.17 -50.33
CA SER K 135 15.19 -36.85 -49.27
C SER K 135 14.22 -35.86 -48.65
N VAL K 136 12.94 -36.13 -48.84
CA VAL K 136 11.87 -35.41 -48.17
C VAL K 136 11.59 -36.18 -46.89
N VAL K 137 11.58 -35.47 -45.77
CA VAL K 137 11.37 -36.06 -44.45
C VAL K 137 10.12 -35.50 -43.75
N CYS K 138 9.39 -36.39 -43.09
CA CYS K 138 8.33 -36.03 -42.16
C CYS K 138 8.61 -36.60 -40.78
N PHE K 139 8.55 -35.75 -39.77
CA PHE K 139 8.65 -36.20 -38.39
C PHE K 139 7.25 -36.18 -37.78
N LEU K 140 6.83 -37.31 -37.21
CA LEU K 140 5.54 -37.42 -36.53
C LEU K 140 5.87 -37.71 -35.10
N ASN K 141 5.78 -36.70 -34.22
CA ASN K 141 6.39 -36.79 -32.87
C ASN K 141 5.40 -36.71 -31.71
N ASN K 142 5.78 -37.39 -30.64
CA ASN K 142 5.09 -37.38 -29.35
C ASN K 142 3.62 -37.80 -29.40
N PHE K 143 3.34 -38.93 -30.04
CA PHE K 143 1.97 -39.46 -30.16
C PHE K 143 1.78 -40.70 -29.31
N TYR K 144 0.51 -41.00 -29.13
CA TYR K 144 0.07 -42.23 -28.48
C TYR K 144 -1.39 -42.49 -28.89
N PRO K 145 -1.78 -43.75 -29.14
CA PRO K 145 -0.94 -44.95 -29.11
C PRO K 145 0.04 -45.06 -30.28
N LYS K 146 0.84 -46.12 -30.31
CA LYS K 146 1.91 -46.31 -31.30
C LYS K 146 1.45 -46.47 -32.74
N ASP K 147 0.20 -46.88 -32.94
CA ASP K 147 -0.31 -47.26 -34.27
C ASP K 147 -0.61 -46.05 -35.14
N ILE K 148 -0.02 -46.02 -36.33
CA ILE K 148 -0.04 -44.84 -37.20
C ILE K 148 0.51 -45.23 -38.58
N ASN K 149 -0.20 -44.90 -39.65
CA ASN K 149 0.35 -45.06 -41.02
C ASN K 149 0.50 -43.73 -41.72
N VAL K 150 1.60 -43.60 -42.45
CA VAL K 150 1.92 -42.39 -43.17
C VAL K 150 2.02 -42.76 -44.64
N LYS K 151 1.28 -42.04 -45.46
CA LYS K 151 1.25 -42.17 -46.90
C LYS K 151 1.85 -40.92 -47.58
N TRP K 152 2.65 -41.12 -48.63
CA TRP K 152 3.27 -39.99 -49.36
C TRP K 152 2.52 -39.70 -50.64
N LYS K 153 2.38 -38.42 -50.96
CA LYS K 153 1.72 -37.96 -52.19
C LYS K 153 2.60 -36.92 -52.91
N ILE K 154 2.74 -37.08 -54.23
CA ILE K 154 3.48 -36.16 -55.07
C ILE K 154 2.53 -35.62 -56.14
N ASP K 155 2.20 -34.32 -56.06
CA ASP K 155 1.18 -33.67 -56.91
C ASP K 155 -0.22 -34.30 -56.77
N GLY K 156 -0.56 -34.74 -55.55
CA GLY K 156 -1.81 -35.50 -55.31
C GLY K 156 -1.75 -37.01 -55.58
N SER K 157 -0.70 -37.47 -56.28
CA SER K 157 -0.56 -38.83 -56.75
C SER K 157 0.21 -39.64 -55.72
N GLU K 158 -0.34 -40.76 -55.29
CA GLU K 158 0.27 -41.55 -54.21
C GLU K 158 1.59 -42.17 -54.65
N ARG K 159 2.51 -42.29 -53.70
CA ARG K 159 3.85 -42.82 -53.94
C ARG K 159 4.25 -43.75 -52.81
N GLN K 160 4.62 -44.97 -53.16
CA GLN K 160 4.97 -46.02 -52.19
C GLN K 160 6.47 -46.49 -52.19
N ASN K 161 7.24 -46.12 -53.21
CA ASN K 161 8.62 -46.58 -53.41
C ASN K 161 9.60 -45.57 -52.82
N GLY K 162 10.57 -46.07 -52.07
CA GLY K 162 11.62 -45.25 -51.47
C GLY K 162 11.24 -44.55 -50.18
N VAL K 163 10.27 -45.15 -49.46
CA VAL K 163 9.76 -44.61 -48.21
C VAL K 163 10.18 -45.56 -47.08
N LEU K 164 10.83 -45.02 -46.03
CA LEU K 164 11.21 -45.81 -44.85
C LEU K 164 10.74 -45.16 -43.54
N ASN K 165 10.18 -45.97 -42.64
CA ASN K 165 9.63 -45.51 -41.38
C ASN K 165 10.41 -46.13 -40.24
N SER K 166 10.84 -45.28 -39.31
CA SER K 166 11.48 -45.72 -38.08
C SER K 166 10.73 -45.16 -36.85
N TRP K 167 10.57 -45.98 -35.80
CA TRP K 167 9.86 -45.60 -34.56
C TRP K 167 10.86 -45.60 -33.43
N THR K 168 10.83 -44.54 -32.64
CA THR K 168 11.47 -44.57 -31.32
C THR K 168 10.69 -45.49 -30.40
N ASP K 169 11.33 -45.97 -29.33
CA ASP K 169 10.62 -46.71 -28.29
C ASP K 169 9.82 -45.73 -27.44
N GLN K 170 8.92 -46.28 -26.62
CA GLN K 170 8.12 -45.46 -25.72
C GLN K 170 9.05 -44.68 -24.80
N ASP K 171 8.76 -43.39 -24.63
CA ASP K 171 9.56 -42.51 -23.81
C ASP K 171 9.37 -42.85 -22.32
N SER K 172 10.47 -42.84 -21.57
CA SER K 172 10.43 -43.18 -20.13
C SER K 172 9.79 -42.08 -19.26
N LYS K 173 9.55 -40.89 -19.82
CA LYS K 173 9.02 -39.75 -19.06
C LYS K 173 7.61 -39.41 -19.48
N ASP K 174 7.40 -39.08 -20.76
CA ASP K 174 6.03 -38.72 -21.24
C ASP K 174 5.23 -39.88 -21.84
N SER K 175 5.84 -41.08 -21.94
CA SER K 175 5.17 -42.30 -22.43
C SER K 175 4.63 -42.22 -23.87
N THR K 176 5.22 -41.33 -24.71
CA THR K 176 4.78 -41.22 -26.12
C THR K 176 5.74 -41.99 -27.03
N TYR K 177 5.32 -42.12 -28.29
CA TYR K 177 6.19 -42.62 -29.36
C TYR K 177 6.45 -41.48 -30.34
N SER K 178 7.43 -41.69 -31.20
CA SER K 178 7.76 -40.75 -32.25
C SER K 178 8.26 -41.53 -33.46
N MET K 179 8.00 -41.02 -34.66
CA MET K 179 8.37 -41.69 -35.88
C MET K 179 8.96 -40.72 -36.90
N SER K 180 9.88 -41.23 -37.74
CA SER K 180 10.34 -40.50 -38.93
C SER K 180 9.97 -41.28 -40.19
N SER K 181 9.37 -40.57 -41.15
CA SER K 181 9.07 -41.13 -42.47
C SER K 181 9.85 -40.37 -43.50
N THR K 182 10.48 -41.09 -44.42
CA THR K 182 11.48 -40.51 -45.31
C THR K 182 11.29 -41.07 -46.70
N LEU K 183 10.85 -40.19 -47.61
CA LEU K 183 10.78 -40.48 -49.04
C LEU K 183 12.06 -40.02 -49.76
N THR K 184 12.82 -40.93 -50.39
CA THR K 184 14.13 -40.57 -51.03
C THR K 184 14.08 -40.78 -52.56
N LEU K 185 14.35 -39.71 -53.31
CA LEU K 185 14.28 -39.69 -54.76
C LEU K 185 15.65 -39.32 -55.35
N THR K 186 15.71 -39.34 -56.68
CA THR K 186 16.77 -38.69 -57.42
C THR K 186 16.46 -37.20 -57.51
N LYS K 187 17.49 -36.37 -57.66
CA LYS K 187 17.32 -34.93 -57.91
C LYS K 187 16.51 -34.63 -59.20
N ASP K 188 16.77 -35.42 -60.24
CA ASP K 188 15.97 -35.39 -61.49
C ASP K 188 14.48 -35.49 -61.24
N GLU K 189 14.10 -36.45 -60.40
CA GLU K 189 12.70 -36.72 -60.10
C GLU K 189 12.10 -35.70 -59.15
N TYR K 190 12.87 -35.23 -58.17
CA TYR K 190 12.36 -34.23 -57.20
C TYR K 190 11.90 -32.93 -57.89
N GLU K 191 12.66 -32.51 -58.91
CA GLU K 191 12.46 -31.21 -59.54
C GLU K 191 11.53 -31.20 -60.79
N ARG K 192 10.86 -32.33 -61.06
CA ARG K 192 9.72 -32.34 -62.00
C ARG K 192 8.32 -32.14 -61.36
N HIS K 193 8.22 -32.19 -60.04
CA HIS K 193 6.95 -32.16 -59.31
C HIS K 193 6.94 -31.01 -58.29
N ASN K 194 5.74 -30.53 -57.95
CA ASN K 194 5.56 -29.28 -57.19
C ASN K 194 5.13 -29.59 -55.74
N SER K 195 3.99 -30.26 -55.57
CA SER K 195 3.41 -30.56 -54.24
C SER K 195 3.96 -31.86 -53.67
N TYR K 196 4.68 -31.76 -52.56
CA TYR K 196 5.08 -32.91 -51.73
C TYR K 196 4.34 -32.89 -50.38
N THR K 197 3.60 -33.97 -50.13
CA THR K 197 2.70 -34.10 -48.97
C THR K 197 3.04 -35.39 -48.21
N CYS K 198 2.91 -35.34 -46.86
CA CYS K 198 2.91 -36.57 -46.07
C CYS K 198 1.62 -36.60 -45.25
N GLU K 199 0.79 -37.63 -45.48
CA GLU K 199 -0.53 -37.79 -44.83
C GLU K 199 -0.46 -38.91 -43.79
N ALA K 200 -0.70 -38.58 -42.53
CA ALA K 200 -0.71 -39.59 -41.45
C ALA K 200 -2.12 -39.86 -40.96
N THR K 201 -2.43 -41.15 -40.79
CA THR K 201 -3.66 -41.59 -40.17
C THR K 201 -3.35 -42.13 -38.77
N HIS K 202 -4.16 -41.75 -37.79
CA HIS K 202 -4.00 -42.15 -36.39
C HIS K 202 -5.37 -42.30 -35.71
N LYS K 203 -5.36 -42.92 -34.52
CA LYS K 203 -6.54 -42.92 -33.60
C LYS K 203 -7.19 -41.53 -33.43
N THR K 204 -6.39 -40.47 -33.43
CA THR K 204 -6.81 -39.14 -32.96
C THR K 204 -7.55 -38.28 -33.98
N SER K 205 -7.36 -38.56 -35.28
CA SER K 205 -8.17 -37.96 -36.32
C SER K 205 -8.91 -39.01 -37.14
N THR K 206 -10.18 -38.71 -37.46
CA THR K 206 -11.00 -39.61 -38.29
C THR K 206 -10.41 -39.58 -39.70
N SER K 207 -10.29 -38.37 -40.24
CA SER K 207 -9.63 -38.11 -41.55
C SER K 207 -8.11 -37.99 -41.45
N PRO K 208 -7.38 -38.07 -42.59
CA PRO K 208 -5.91 -38.03 -42.52
C PRO K 208 -5.40 -36.65 -42.09
N ILE K 209 -4.38 -36.65 -41.23
CA ILE K 209 -3.65 -35.43 -40.87
C ILE K 209 -2.63 -35.18 -41.98
N VAL K 210 -2.60 -33.94 -42.48
CA VAL K 210 -1.82 -33.59 -43.67
C VAL K 210 -0.77 -32.53 -43.35
N LYS K 211 0.38 -32.66 -44.02
CA LYS K 211 1.45 -31.74 -43.91
C LYS K 211 2.09 -31.68 -45.29
N SER K 212 2.05 -30.50 -45.91
CA SER K 212 2.59 -30.34 -47.26
C SER K 212 3.43 -29.07 -47.44
N PHE K 213 4.24 -29.09 -48.49
CA PHE K 213 4.93 -27.90 -49.00
C PHE K 213 4.94 -27.90 -50.54
N ASN K 214 5.41 -26.79 -51.12
CA ASN K 214 5.62 -26.71 -52.57
C ASN K 214 7.08 -26.38 -52.85
N ARG K 215 7.66 -27.05 -53.84
CA ARG K 215 9.05 -26.88 -54.24
C ARG K 215 9.34 -25.42 -54.62
N ASN K 216 8.43 -24.80 -55.37
CA ASN K 216 8.49 -23.38 -55.71
C ASN K 216 8.57 -22.55 -54.42
N GLU K 217 7.53 -22.68 -53.61
CA GLU K 217 7.19 -21.69 -52.58
C GLU K 217 8.30 -21.48 -51.51
N CYS K 218 8.94 -20.29 -51.58
CA CYS K 218 9.89 -19.84 -50.55
C CYS K 218 10.00 -18.31 -50.51
N PRO L 11 26.50 -70.97 0.44
CA PRO L 11 26.32 -69.52 0.26
C PRO L 11 26.76 -69.03 -1.14
N HYP L 12 25.93 -68.17 -1.80
CA HYP L 12 26.25 -67.61 -3.12
C HYP L 12 27.65 -67.46 -3.76
O HYP L 12 28.00 -68.24 -4.65
CB HYP L 12 25.11 -66.73 -3.62
CG HYP L 12 24.17 -66.63 -2.41
CD HYP L 12 24.66 -67.64 -1.36
OD1 HYP L 12 22.80 -66.88 -2.76
N GLY L 13 28.43 -66.46 -3.31
CA GLY L 13 29.83 -66.35 -3.68
C GLY L 13 30.02 -65.85 -5.08
N GLY L 14 31.02 -66.41 -5.76
CA GLY L 14 31.39 -65.99 -7.10
C GLY L 14 30.38 -66.28 -8.18
N ARG L 15 29.54 -67.31 -7.98
CA ARG L 15 28.44 -67.66 -8.90
C ARG L 15 27.44 -66.52 -9.15
N GLY L 16 27.24 -65.71 -8.12
CA GLY L 16 26.29 -64.63 -8.15
C GLY L 16 24.95 -65.10 -7.65
N LEU L 17 24.07 -64.13 -7.48
CA LEU L 17 22.69 -64.43 -7.12
C LEU L 17 21.94 -65.10 -8.28
N THR L 18 22.31 -64.72 -9.51
CA THR L 18 21.75 -65.30 -10.75
C THR L 18 22.29 -66.66 -11.12
N GLY L 19 23.47 -67.01 -10.62
CA GLY L 19 24.13 -68.26 -11.00
C GLY L 19 23.48 -69.50 -10.40
N PRO L 20 23.90 -70.69 -10.89
CA PRO L 20 23.35 -71.94 -10.36
C PRO L 20 23.71 -72.15 -8.89
N ILE L 21 22.97 -73.01 -8.20
CA ILE L 21 23.18 -73.25 -6.75
C ILE L 21 23.94 -74.56 -6.56
N GLY L 22 24.86 -74.59 -5.59
CA GLY L 22 25.69 -75.77 -5.29
C GLY L 22 25.42 -76.44 -3.93
N PRO L 23 25.92 -77.69 -3.73
CA PRO L 23 25.68 -78.52 -2.53
C PRO L 23 25.85 -77.82 -1.16
N GLU M 1 44.38 25.28 -23.08
CA GLU M 1 42.91 25.53 -23.07
C GLU M 1 42.58 26.82 -22.29
N VAL M 2 41.58 27.55 -22.76
CA VAL M 2 41.01 28.68 -21.99
C VAL M 2 39.98 28.16 -20.99
N LYS M 3 39.95 28.80 -19.82
CA LYS M 3 39.04 28.41 -18.75
C LYS M 3 38.68 29.64 -17.94
N LEU M 4 37.37 29.91 -17.83
CA LEU M 4 36.83 30.91 -16.92
C LEU M 4 35.89 30.19 -15.98
N GLU M 5 36.14 30.30 -14.69
CA GLU M 5 35.14 29.84 -13.69
C GLU M 5 34.71 30.96 -12.78
N GLU M 6 33.41 31.14 -12.63
CA GLU M 6 32.83 32.12 -11.70
C GLU M 6 32.42 31.42 -10.42
N SER M 7 32.29 32.21 -9.34
CA SER M 7 31.71 31.74 -8.07
C SER M 7 31.19 32.92 -7.26
N GLY M 8 30.55 32.61 -6.12
CA GLY M 8 29.96 33.62 -5.24
C GLY M 8 28.44 33.63 -5.22
N GLY M 9 27.82 33.12 -6.29
CA GLY M 9 26.39 33.23 -6.47
C GLY M 9 25.59 32.40 -5.51
N GLY M 10 24.28 32.58 -5.57
CA GLY M 10 23.36 31.97 -4.65
C GLY M 10 22.25 32.92 -4.22
N LEU M 11 21.69 32.63 -3.05
CA LEU M 11 20.49 33.29 -2.57
C LEU M 11 20.84 34.48 -1.70
N VAL M 12 20.10 35.58 -1.87
CA VAL M 12 20.26 36.77 -1.04
C VAL M 12 19.00 37.64 -1.12
N GLN M 13 18.66 38.28 0.00
CA GLN M 13 17.42 39.04 0.12
C GLN M 13 17.54 40.44 -0.50
N PRO M 14 16.43 41.00 -1.03
CA PRO M 14 16.45 42.37 -1.57
C PRO M 14 17.04 43.42 -0.62
N GLY M 15 17.85 44.33 -1.17
CA GLY M 15 18.70 45.24 -0.38
C GLY M 15 20.10 44.73 -0.12
N GLY M 16 20.29 43.42 -0.18
CA GLY M 16 21.52 42.78 0.25
C GLY M 16 22.69 42.96 -0.69
N SER M 17 23.80 42.35 -0.30
CA SER M 17 25.05 42.44 -1.05
C SER M 17 25.66 41.05 -1.33
N MET M 18 26.54 41.01 -2.34
CA MET M 18 27.16 39.78 -2.80
C MET M 18 28.34 40.08 -3.69
N LYS M 19 29.41 39.30 -3.55
CA LYS M 19 30.60 39.41 -4.39
C LYS M 19 30.74 38.14 -5.27
N LEU M 20 30.59 38.28 -6.58
CA LEU M 20 31.03 37.27 -7.53
C LEU M 20 32.51 37.46 -7.80
N SER M 21 33.21 36.35 -8.07
CA SER M 21 34.59 36.44 -8.53
C SER M 21 34.84 35.41 -9.61
N CYS M 22 35.67 35.81 -10.58
CA CYS M 22 35.87 35.08 -11.83
C CYS M 22 37.34 34.75 -11.97
N ALA M 23 37.66 33.47 -11.88
CA ALA M 23 39.02 32.94 -12.02
C ALA M 23 39.30 32.65 -13.49
N ALA M 24 40.34 33.28 -14.03
CA ALA M 24 40.63 33.24 -15.45
C ALA M 24 42.04 32.71 -15.72
N SER M 25 42.17 31.76 -16.65
CA SER M 25 43.47 31.20 -17.02
C SER M 25 43.53 30.89 -18.51
N GLY M 26 44.71 30.52 -19.00
CA GLY M 26 44.90 30.09 -20.39
C GLY M 26 44.88 31.18 -21.45
N PHE M 27 44.99 32.44 -21.05
CA PHE M 27 45.19 33.56 -21.97
C PHE M 27 45.77 34.73 -21.17
N THR M 28 46.52 35.61 -21.84
CA THR M 28 47.27 36.65 -21.16
C THR M 28 46.34 37.64 -20.44
N PHE M 29 46.18 37.43 -19.14
CA PHE M 29 45.15 38.13 -18.35
C PHE M 29 45.37 39.64 -18.33
N SER M 30 46.60 40.08 -18.03
CA SER M 30 46.92 41.51 -17.93
C SER M 30 46.41 42.32 -19.11
N ASP M 31 46.51 41.72 -20.30
CA ASP M 31 46.02 42.35 -21.54
C ASP M 31 44.52 42.25 -21.76
N ALA M 32 43.84 41.30 -21.12
CA ALA M 32 42.43 41.02 -21.40
C ALA M 32 41.51 42.12 -20.90
N TRP M 33 40.58 42.51 -21.76
CA TRP M 33 39.40 43.24 -21.35
C TRP M 33 38.43 42.20 -20.84
N MET M 34 38.03 42.32 -19.58
CA MET M 34 37.03 41.46 -19.00
C MET M 34 35.70 42.15 -18.90
N ASP M 35 34.66 41.34 -18.76
CA ASP M 35 33.28 41.80 -18.76
C ASP M 35 32.41 40.81 -17.96
N TRP M 36 31.23 41.26 -17.55
CA TRP M 36 30.22 40.37 -17.00
C TRP M 36 28.91 40.56 -17.74
N VAL M 37 28.22 39.44 -17.96
CA VAL M 37 26.95 39.39 -18.65
C VAL M 37 25.99 38.61 -17.77
N ARG M 38 24.71 38.98 -17.76
CA ARG M 38 23.70 38.14 -17.08
C ARG M 38 22.59 37.74 -18.03
N GLN M 39 21.93 36.64 -17.70
CA GLN M 39 20.83 36.10 -18.51
C GLN M 39 19.64 35.69 -17.66
N SER M 40 18.45 36.04 -18.15
CA SER M 40 17.19 35.64 -17.53
C SER M 40 16.15 35.37 -18.62
N PRO M 41 15.09 34.62 -18.28
CA PRO M 41 14.01 34.38 -19.25
C PRO M 41 13.24 35.63 -19.67
N GLU M 42 13.12 36.64 -18.80
CA GLU M 42 12.37 37.86 -19.13
C GLU M 42 13.19 38.81 -20.03
N LYS M 43 14.44 39.04 -19.66
CA LYS M 43 15.30 40.06 -20.31
C LYS M 43 16.25 39.54 -21.40
N GLY M 44 16.44 38.23 -21.47
CA GLY M 44 17.46 37.65 -22.35
C GLY M 44 18.85 37.94 -21.81
N LEU M 45 19.81 38.21 -22.69
CA LEU M 45 21.19 38.55 -22.29
C LEU M 45 21.36 40.06 -22.09
N GLU M 46 21.95 40.46 -20.95
CA GLU M 46 22.37 41.85 -20.69
C GLU M 46 23.83 41.94 -20.28
N TRP M 47 24.52 42.90 -20.88
CA TRP M 47 25.86 43.26 -20.43
C TRP M 47 25.71 44.04 -19.14
N VAL M 48 26.42 43.61 -18.09
CA VAL M 48 26.35 44.26 -16.78
C VAL M 48 27.47 45.29 -16.62
N ALA M 49 28.72 44.84 -16.79
CA ALA M 49 29.87 45.69 -16.45
C ALA M 49 31.13 45.31 -17.22
N GLU M 50 31.85 46.31 -17.72
CA GLU M 50 33.13 46.12 -18.41
C GLU M 50 34.27 46.55 -17.49
N ILE M 51 35.43 45.90 -17.61
CA ILE M 51 36.67 46.43 -17.04
C ILE M 51 37.80 46.16 -18.00
N ARG M 52 38.53 47.21 -18.28
CA ARG M 52 39.55 47.17 -19.30
C ARG M 52 40.89 46.77 -18.70
N ASN M 53 41.88 46.64 -19.56
CA ASN M 53 43.23 46.27 -19.17
C ASN M 53 44.07 47.45 -18.73
N LYS M 54 45.23 47.15 -18.14
CA LYS M 54 46.09 48.16 -17.54
C LYS M 54 46.51 49.27 -18.49
N VAL M 55 46.63 48.96 -19.78
CA VAL M 55 46.95 49.96 -20.81
C VAL M 55 45.91 51.08 -20.85
N ASN M 56 44.64 50.67 -20.74
CA ASN M 56 43.51 51.58 -20.71
C ASN M 56 43.11 51.96 -19.28
N ASN M 57 44.08 52.10 -18.38
CA ASN M 57 43.86 52.55 -16.99
C ASN M 57 42.76 51.78 -16.21
N HIS M 58 42.66 50.49 -16.49
CA HIS M 58 41.66 49.63 -15.86
C HIS M 58 40.27 50.22 -15.86
N ALA M 59 39.89 50.92 -16.94
CA ALA M 59 38.67 51.73 -16.94
C ALA M 59 37.43 50.84 -16.95
N THR M 60 36.46 51.25 -16.14
CA THR M 60 35.25 50.49 -15.91
C THR M 60 34.07 51.17 -16.58
N ASN M 61 33.11 50.39 -17.08
CA ASN M 61 31.83 50.95 -17.48
C ASN M 61 30.69 50.00 -17.05
N TYR M 62 29.48 50.53 -16.92
CA TYR M 62 28.36 49.76 -16.38
C TYR M 62 27.06 50.07 -17.11
N ALA M 63 26.15 49.12 -17.06
CA ALA M 63 24.81 49.33 -17.57
C ALA M 63 24.03 50.18 -16.58
N GLU M 64 23.15 51.05 -17.07
CA GLU M 64 22.54 52.07 -16.20
C GLU M 64 21.74 51.45 -15.05
N SER M 65 21.15 50.27 -15.27
CA SER M 65 20.44 49.58 -14.21
C SER M 65 21.30 49.11 -13.02
N VAL M 66 22.61 49.05 -13.21
CA VAL M 66 23.55 48.70 -12.14
C VAL M 66 24.47 49.84 -11.67
N LYS M 67 24.42 51.02 -12.29
CA LYS M 67 25.23 52.17 -11.84
C LYS M 67 24.94 52.55 -10.40
N GLY M 68 26.00 52.72 -9.63
CA GLY M 68 25.91 53.07 -8.21
C GLY M 68 25.77 51.89 -7.27
N ARG M 69 25.37 50.74 -7.80
CA ARG M 69 25.11 49.55 -6.99
C ARG M 69 26.19 48.49 -7.20
N PHE M 70 26.61 48.29 -8.44
CA PHE M 70 27.57 47.25 -8.80
C PHE M 70 28.94 47.92 -9.01
N THR M 71 30.01 47.31 -8.52
CA THR M 71 31.39 47.75 -8.83
C THR M 71 32.25 46.58 -9.35
N ILE M 72 32.85 46.78 -10.51
CA ILE M 72 33.74 45.83 -11.13
C ILE M 72 35.19 46.18 -10.78
N SER M 73 36.04 45.17 -10.69
CA SER M 73 37.47 45.36 -10.39
C SER M 73 38.24 44.06 -10.69
N ARG M 74 39.56 44.15 -10.54
CA ARG M 74 40.42 43.03 -10.89
C ARG M 74 41.78 43.12 -10.19
N ASP M 75 42.49 42.00 -10.24
CA ASP M 75 43.78 41.82 -9.62
C ASP M 75 44.64 41.06 -10.62
N ASP M 76 45.36 41.80 -11.46
CA ASP M 76 46.17 41.20 -12.51
C ASP M 76 47.21 40.22 -11.95
N SER M 77 47.75 40.52 -10.76
CA SER M 77 48.68 39.58 -10.10
C SER M 77 48.03 38.21 -9.84
N ARG M 78 46.75 38.21 -9.47
CA ARG M 78 46.02 36.98 -9.14
C ARG M 78 45.09 36.46 -10.23
N SER M 79 45.05 37.14 -11.38
CA SER M 79 44.24 36.68 -12.55
C SER M 79 42.77 36.40 -12.19
N VAL M 80 42.12 37.44 -11.67
CA VAL M 80 40.75 37.33 -11.14
C VAL M 80 40.01 38.65 -11.37
N VAL M 81 38.78 38.52 -11.85
CA VAL M 81 37.84 39.64 -11.89
C VAL M 81 36.94 39.51 -10.67
N TYR M 82 36.43 40.64 -10.19
CA TYR M 82 35.47 40.67 -9.08
C TYR M 82 34.23 41.48 -9.51
N LEU M 83 33.04 41.10 -9.02
CA LEU M 83 31.84 41.93 -9.16
C LEU M 83 31.17 42.13 -7.79
N GLN M 84 31.14 43.37 -7.30
CA GLN M 84 30.58 43.74 -6.00
C GLN M 84 29.18 44.29 -6.28
N MET M 85 28.12 43.64 -5.77
CA MET M 85 26.72 44.04 -6.03
C MET M 85 26.04 44.47 -4.69
N ASN M 86 25.74 45.77 -4.53
CA ASN M 86 24.99 46.29 -3.37
C ASN M 86 23.52 46.50 -3.74
N ASN M 87 22.66 46.53 -2.73
CA ASN M 87 21.24 46.93 -2.89
C ASN M 87 20.53 46.10 -3.97
N LEU M 88 20.68 44.79 -3.87
CA LEU M 88 20.11 43.87 -4.86
C LEU M 88 18.59 43.95 -4.91
N LYS M 89 18.04 43.74 -6.11
CA LYS M 89 16.61 43.76 -6.38
C LYS M 89 16.20 42.43 -7.00
N PRO M 90 14.92 42.04 -6.87
CA PRO M 90 14.48 40.78 -7.52
C PRO M 90 14.69 40.70 -9.05
N GLU M 91 14.80 41.85 -9.74
CA GLU M 91 15.15 41.92 -11.16
C GLU M 91 16.62 41.53 -11.45
N ASP M 92 17.50 41.67 -10.48
CA ASP M 92 18.90 41.23 -10.62
C ASP M 92 19.05 39.70 -10.65
N THR M 93 17.98 38.97 -10.38
CA THR M 93 17.94 37.52 -10.55
C THR M 93 18.35 37.08 -11.98
N GLY M 94 19.08 35.97 -12.05
CA GLY M 94 19.57 35.41 -13.32
C GLY M 94 20.87 34.63 -13.20
N ILE M 95 21.33 34.05 -14.31
CA ILE M 95 22.69 33.48 -14.39
C ILE M 95 23.69 34.58 -14.75
N TYR M 96 24.83 34.60 -14.06
CA TYR M 96 25.85 35.64 -14.26
C TYR M 96 27.09 35.01 -14.87
N TYR M 97 27.48 35.49 -16.06
CA TYR M 97 28.58 34.92 -16.84
C TYR M 97 29.72 35.91 -16.85
N CYS M 98 30.89 35.46 -16.44
CA CYS M 98 32.14 36.19 -16.65
C CYS M 98 32.65 35.89 -18.05
N THR M 99 33.14 36.91 -18.74
CA THR M 99 33.62 36.76 -20.11
C THR M 99 34.93 37.50 -20.27
N GLY M 100 35.85 36.87 -20.98
CA GLY M 100 37.14 37.46 -21.29
C GLY M 100 37.28 37.77 -22.77
N LEU M 101 38.18 38.69 -23.07
CA LEU M 101 38.33 39.27 -24.40
C LEU M 101 36.98 39.76 -24.90
N THR M 102 36.49 40.74 -24.17
CA THR M 102 35.07 41.08 -24.14
C THR M 102 34.17 39.83 -24.13
N PHE M 103 33.64 39.42 -25.28
CA PHE M 103 32.73 38.27 -25.34
C PHE M 103 33.30 37.10 -26.17
N ASP M 104 34.63 37.01 -26.29
CA ASP M 104 35.25 35.92 -27.04
C ASP M 104 35.14 34.64 -26.21
N TYR M 105 35.57 34.73 -24.96
CA TYR M 105 35.57 33.60 -24.01
C TYR M 105 34.52 33.77 -22.93
N TRP M 106 33.89 32.68 -22.48
CA TRP M 106 32.75 32.72 -21.56
C TRP M 106 32.85 31.60 -20.54
N GLY M 107 32.64 31.91 -19.26
CA GLY M 107 32.56 30.91 -18.20
C GLY M 107 31.25 30.14 -18.24
N GLN M 108 31.07 29.25 -17.26
CA GLN M 108 29.86 28.42 -17.20
C GLN M 108 28.68 29.10 -16.54
N GLY M 109 28.96 30.10 -15.73
CA GLY M 109 27.96 30.98 -15.16
C GLY M 109 27.64 30.55 -13.75
N THR M 110 27.45 31.53 -12.85
CA THR M 110 26.91 31.25 -11.51
C THR M 110 25.57 31.95 -11.37
N THR M 111 24.59 31.25 -10.80
CA THR M 111 23.24 31.78 -10.60
C THR M 111 23.14 32.69 -9.39
N LEU M 112 22.57 33.89 -9.58
CA LEU M 112 22.18 34.76 -8.48
C LEU M 112 20.67 34.74 -8.40
N THR M 113 20.15 34.56 -7.20
CA THR M 113 18.72 34.56 -6.93
C THR M 113 18.45 35.62 -5.84
N VAL M 114 17.80 36.72 -6.22
CA VAL M 114 17.42 37.79 -5.29
C VAL M 114 15.94 37.64 -4.88
N SER M 115 15.75 37.04 -3.71
CA SER M 115 14.43 36.72 -3.20
C SER M 115 14.40 36.75 -1.68
N SER M 116 13.32 37.28 -1.14
CA SER M 116 13.04 37.23 0.29
C SER M 116 12.65 35.82 0.78
N ALA M 117 12.24 34.95 -0.15
CA ALA M 117 11.95 33.55 0.18
C ALA M 117 13.17 32.87 0.78
N LYS M 118 12.91 32.00 1.75
CA LYS M 118 13.96 31.19 2.37
C LYS M 118 14.29 29.99 1.46
N THR M 119 15.54 29.53 1.55
CA THR M 119 15.95 28.24 0.99
C THR M 119 14.99 27.10 1.34
N THR M 120 14.76 26.21 0.37
CA THR M 120 14.12 24.91 0.65
C THR M 120 14.81 23.80 -0.12
N ALA M 121 15.18 22.75 0.59
CA ALA M 121 15.82 21.59 -0.04
C ALA M 121 14.78 20.74 -0.75
N PRO M 122 15.17 20.08 -1.87
CA PRO M 122 14.22 19.27 -2.61
C PRO M 122 13.91 17.97 -1.92
N SER M 123 12.73 17.45 -2.24
CA SER M 123 12.38 16.08 -1.99
C SER M 123 12.63 15.33 -3.29
N VAL M 124 13.22 14.14 -3.19
CA VAL M 124 13.59 13.33 -4.36
C VAL M 124 12.92 11.95 -4.33
N TYR M 125 12.18 11.62 -5.38
CA TYR M 125 11.32 10.44 -5.42
C TYR M 125 11.63 9.57 -6.62
N PRO M 126 11.82 8.25 -6.41
CA PRO M 126 12.10 7.35 -7.51
C PRO M 126 10.80 6.89 -8.17
N LEU M 127 10.82 6.86 -9.49
CA LEU M 127 9.69 6.40 -10.29
C LEU M 127 10.09 5.07 -10.90
N ALA M 128 9.65 4.01 -10.24
CA ALA M 128 9.69 2.67 -10.81
C ALA M 128 8.58 2.53 -11.85
N PRO M 129 8.69 1.51 -12.75
CA PRO M 129 7.56 1.17 -13.63
C PRO M 129 6.28 0.83 -12.87
N VAL M 130 5.19 0.74 -13.64
CA VAL M 130 3.90 0.27 -13.10
C VAL M 130 4.05 -1.10 -12.43
N CYS M 131 3.32 -1.29 -11.32
CA CYS M 131 3.33 -2.56 -10.59
C CYS M 131 3.00 -3.73 -11.54
N GLY M 132 3.86 -4.74 -11.51
CA GLY M 132 3.80 -5.85 -12.45
C GLY M 132 4.71 -5.69 -13.66
N GLY M 133 5.29 -4.51 -13.81
CA GLY M 133 6.29 -4.24 -14.85
C GLY M 133 5.73 -4.02 -16.24
N THR M 134 6.53 -3.33 -17.05
CA THR M 134 6.20 -3.05 -18.46
C THR M 134 6.67 -4.23 -19.31
N THR M 135 5.79 -4.78 -20.14
CA THR M 135 6.16 -5.82 -21.09
C THR M 135 6.69 -5.11 -22.33
N GLY M 136 8.01 -5.05 -22.42
CA GLY M 136 8.72 -4.45 -23.54
C GLY M 136 10.22 -4.70 -23.45
N SER M 137 10.85 -4.85 -24.61
CA SER M 137 12.32 -5.07 -24.71
C SER M 137 13.21 -4.02 -24.00
N SER M 138 12.72 -2.78 -23.85
CA SER M 138 13.36 -1.73 -23.03
C SER M 138 12.45 -1.28 -21.91
N VAL M 139 13.05 -0.66 -20.90
CA VAL M 139 12.33 -0.21 -19.70
C VAL M 139 12.73 1.23 -19.37
N THR M 140 11.78 2.00 -18.85
CA THR M 140 11.96 3.43 -18.61
C THR M 140 11.70 3.70 -17.12
N LEU M 141 12.65 4.37 -16.48
CA LEU M 141 12.58 4.73 -15.07
C LEU M 141 12.59 6.26 -14.98
N GLY M 142 12.35 6.78 -13.78
CA GLY M 142 12.21 8.23 -13.57
C GLY M 142 12.58 8.71 -12.17
N CYS M 143 12.84 10.01 -12.06
CA CYS M 143 13.22 10.61 -10.81
C CYS M 143 12.52 11.96 -10.69
N LEU M 144 11.61 12.12 -9.72
CA LEU M 144 10.84 13.34 -9.52
C LEU M 144 11.48 14.16 -8.42
N VAL M 145 11.70 15.44 -8.67
CA VAL M 145 12.40 16.34 -7.77
C VAL M 145 11.53 17.56 -7.51
N LYS M 146 10.93 17.59 -6.32
CA LYS M 146 9.88 18.55 -5.98
C LYS M 146 10.24 19.49 -4.84
N GLY M 147 9.71 20.71 -4.93
CA GLY M 147 9.64 21.62 -3.78
C GLY M 147 10.95 22.17 -3.26
N TYR M 148 11.83 22.56 -4.18
CA TYR M 148 13.08 23.22 -3.86
C TYR M 148 13.09 24.69 -4.27
N PHE M 149 13.96 25.46 -3.62
CA PHE M 149 14.19 26.85 -3.98
C PHE M 149 15.51 27.30 -3.39
N PRO M 150 16.29 28.14 -4.08
CA PRO M 150 16.09 28.53 -5.49
C PRO M 150 16.56 27.43 -6.44
N GLU M 151 16.51 27.71 -7.74
CA GLU M 151 17.21 26.85 -8.72
C GLU M 151 18.71 27.21 -8.70
N PRO M 152 19.60 26.30 -9.16
CA PRO M 152 19.26 25.01 -9.76
C PRO M 152 19.63 23.81 -8.88
N VAL M 153 19.08 22.66 -9.28
CA VAL M 153 19.60 21.36 -8.88
C VAL M 153 20.26 20.76 -10.11
N THR M 154 21.19 19.84 -9.86
CA THR M 154 21.80 19.05 -10.93
C THR M 154 21.46 17.59 -10.64
N LEU M 155 21.06 16.87 -11.69
CA LEU M 155 20.55 15.51 -11.58
C LEU M 155 21.22 14.62 -12.59
N THR M 156 21.73 13.49 -12.13
CA THR M 156 22.35 12.48 -13.00
C THR M 156 21.85 11.09 -12.61
N TRP M 157 22.26 10.10 -13.42
CA TRP M 157 21.93 8.72 -13.20
C TRP M 157 23.23 7.90 -13.17
N ASN M 158 23.45 7.15 -12.09
CA ASN M 158 24.69 6.38 -11.90
C ASN M 158 25.91 7.29 -12.10
N SER M 159 25.87 8.43 -11.40
CA SER M 159 26.96 9.44 -11.45
C SER M 159 27.35 9.87 -12.89
N GLY M 160 26.34 10.03 -13.73
CA GLY M 160 26.52 10.45 -15.11
C GLY M 160 27.01 9.39 -16.07
N SER M 161 27.18 8.15 -15.61
CA SER M 161 27.78 7.09 -16.43
C SER M 161 26.87 6.76 -17.59
N LEU M 162 25.63 6.42 -17.24
CA LEU M 162 24.57 6.30 -18.24
C LEU M 162 24.03 7.70 -18.60
N SER M 163 24.15 8.01 -19.87
CA SER M 163 23.84 9.32 -20.43
C SER M 163 22.91 9.27 -21.67
N SER M 164 23.00 8.22 -22.50
CA SER M 164 22.09 8.04 -23.63
C SER M 164 20.69 7.60 -23.12
N GLY M 165 19.64 8.01 -23.84
CA GLY M 165 18.28 7.78 -23.46
C GLY M 165 17.99 8.36 -22.09
N VAL M 166 18.55 9.52 -21.77
CA VAL M 166 18.20 10.29 -20.56
C VAL M 166 17.59 11.61 -20.98
N HIS M 167 16.48 11.98 -20.35
CA HIS M 167 15.80 13.25 -20.58
C HIS M 167 15.47 13.90 -19.27
N THR M 168 16.25 14.91 -18.88
CA THR M 168 15.90 15.76 -17.75
C THR M 168 15.14 16.99 -18.25
N PHE M 169 14.02 17.29 -17.60
CA PHE M 169 13.10 18.30 -18.07
C PHE M 169 13.27 19.60 -17.31
N PRO M 170 13.01 20.75 -17.98
CA PRO M 170 13.11 22.04 -17.29
C PRO M 170 12.16 22.11 -16.12
N ALA M 171 12.62 22.75 -15.04
CA ALA M 171 11.80 22.92 -13.86
C ALA M 171 10.73 23.98 -14.07
N LEU M 172 9.65 23.84 -13.31
CA LEU M 172 8.57 24.82 -13.26
C LEU M 172 8.31 25.25 -11.82
N LEU M 173 8.01 26.53 -11.65
CA LEU M 173 7.65 27.12 -10.35
C LEU M 173 6.14 26.95 -10.10
N LEU M 174 5.78 26.30 -8.99
CA LEU M 174 4.37 26.14 -8.54
C LEU M 174 4.17 26.76 -7.14
N SER M 175 3.65 27.99 -7.12
CA SER M 175 3.59 28.83 -5.91
C SER M 175 4.92 28.87 -5.18
N GLY M 176 5.93 29.42 -5.86
CA GLY M 176 7.24 29.68 -5.26
C GLY M 176 8.23 28.54 -5.12
N LEU M 177 7.85 27.31 -5.48
CA LEU M 177 8.68 26.12 -5.30
C LEU M 177 8.88 25.41 -6.65
N TYR M 178 10.13 25.10 -7.00
CA TYR M 178 10.45 24.43 -8.28
C TYR M 178 10.23 22.90 -8.25
N THR M 179 9.69 22.36 -9.35
CA THR M 179 9.63 20.93 -9.60
C THR M 179 10.33 20.58 -10.93
N LEU M 180 11.03 19.45 -10.97
CA LEU M 180 11.48 18.86 -12.26
C LEU M 180 11.61 17.33 -12.13
N SER M 181 11.81 16.67 -13.26
CA SER M 181 11.79 15.20 -13.35
C SER M 181 12.72 14.75 -14.43
N SER M 182 13.13 13.49 -14.37
CA SER M 182 14.10 12.96 -15.34
C SER M 182 13.72 11.54 -15.66
N SER M 183 13.84 11.18 -16.94
CA SER M 183 13.55 9.84 -17.42
C SER M 183 14.84 9.20 -17.91
N VAL M 184 15.04 7.91 -17.61
CA VAL M 184 16.17 7.14 -18.16
C VAL M 184 15.60 5.86 -18.76
N THR M 185 16.02 5.53 -19.98
CA THR M 185 15.56 4.33 -20.66
C THR M 185 16.79 3.50 -20.95
N VAL M 186 16.85 2.34 -20.28
CA VAL M 186 17.88 1.33 -20.51
C VAL M 186 17.18 0.07 -21.05
N THR M 187 17.95 -0.88 -21.61
CA THR M 187 17.36 -2.15 -22.11
C THR M 187 16.84 -2.97 -20.93
N SER M 188 15.83 -3.80 -21.21
CA SER M 188 15.19 -4.66 -20.19
C SER M 188 16.13 -5.73 -19.58
N ASN M 189 17.20 -6.11 -20.29
CA ASN M 189 18.36 -6.81 -19.71
C ASN M 189 18.73 -6.17 -18.38
N THR M 190 18.87 -4.87 -18.41
CA THR M 190 19.73 -4.15 -17.50
C THR M 190 19.14 -3.98 -16.11
N TRP M 191 17.89 -3.54 -16.04
CA TRP M 191 17.23 -3.20 -14.76
C TRP M 191 15.99 -4.08 -14.52
N PRO M 192 15.71 -4.54 -13.30
CA PRO M 192 16.48 -4.28 -12.05
C PRO M 192 17.64 -5.23 -11.71
N SER M 193 17.98 -6.19 -12.58
CA SER M 193 19.15 -7.06 -12.38
C SER M 193 20.47 -6.32 -12.06
N GLN M 194 20.68 -5.18 -12.71
CA GLN M 194 21.85 -4.34 -12.52
C GLN M 194 21.28 -2.98 -12.15
N THR M 195 21.63 -2.47 -10.97
CA THR M 195 20.94 -1.31 -10.38
C THR M 195 21.28 0.08 -10.99
N ILE M 196 20.34 1.01 -10.81
CA ILE M 196 20.41 2.37 -11.34
C ILE M 196 19.99 3.38 -10.26
N THR M 197 20.78 4.44 -10.09
CA THR M 197 20.61 5.40 -8.97
C THR M 197 20.40 6.80 -9.52
N CYS M 198 19.35 7.45 -9.04
CA CYS M 198 19.11 8.85 -9.32
C CYS M 198 19.90 9.70 -8.32
N ASN M 199 20.85 10.48 -8.84
CA ASN M 199 21.70 11.35 -7.99
C ASN M 199 21.29 12.81 -8.14
N VAL M 200 20.93 13.48 -7.05
CA VAL M 200 20.42 14.84 -7.07
C VAL M 200 21.21 15.70 -6.09
N ALA M 201 21.61 16.88 -6.54
CA ALA M 201 22.44 17.79 -5.79
C ALA M 201 21.79 19.15 -5.83
N HIS M 202 21.69 19.80 -4.67
CA HIS M 202 21.14 21.14 -4.54
C HIS M 202 22.16 22.04 -3.86
N PRO M 203 22.83 22.91 -4.63
CA PRO M 203 23.98 23.65 -4.09
C PRO M 203 23.63 24.62 -2.97
N ALA M 204 22.57 25.42 -3.16
CA ALA M 204 22.21 26.47 -2.19
C ALA M 204 21.61 25.98 -0.86
N SER M 205 21.28 24.68 -0.74
CA SER M 205 20.91 24.08 0.55
C SER M 205 21.94 23.08 1.09
N SER M 206 23.04 22.89 0.37
CA SER M 206 24.04 21.85 0.67
C SER M 206 23.41 20.46 0.88
N THR M 207 22.46 20.15 0.02
CA THR M 207 21.74 18.89 0.00
C THR M 207 22.33 18.01 -1.11
N LYS M 208 22.57 16.76 -0.76
CA LYS M 208 23.01 15.75 -1.71
C LYS M 208 22.20 14.49 -1.43
N VAL M 209 21.25 14.21 -2.30
CA VAL M 209 20.34 13.09 -2.14
C VAL M 209 20.57 12.07 -3.26
N ASP M 210 20.56 10.81 -2.87
CA ASP M 210 20.46 9.70 -3.81
C ASP M 210 19.22 8.84 -3.56
N LYS M 211 18.58 8.46 -4.66
CA LYS M 211 17.49 7.51 -4.61
C LYS M 211 17.76 6.44 -5.65
N LYS M 212 18.02 5.22 -5.18
CA LYS M 212 18.04 4.03 -6.04
C LYS M 212 16.60 3.73 -6.49
N ILE M 213 16.45 3.24 -7.72
CA ILE M 213 15.13 2.87 -8.22
C ILE M 213 14.89 1.40 -7.92
N GLU M 214 13.87 1.11 -7.10
CA GLU M 214 13.48 -0.25 -6.74
C GLU M 214 12.14 -0.62 -7.38
N PRO M 215 11.93 -1.93 -7.73
CA PRO M 215 10.57 -2.37 -8.08
C PRO M 215 9.57 -2.25 -6.90
N ARG M 216 8.28 -2.09 -7.20
CA ARG M 216 7.26 -1.89 -6.17
C ARG M 216 6.65 -3.22 -5.72
N GLY M 217 6.39 -3.35 -4.41
CA GLY M 217 5.41 -4.33 -3.94
C GLY M 217 3.98 -3.80 -4.17
N PRO M 218 2.99 -4.71 -4.18
CA PRO M 218 1.57 -4.28 -4.14
C PRO M 218 1.22 -3.48 -2.85
N THR M 219 0.32 -2.50 -2.99
CA THR M 219 -0.07 -1.57 -1.89
C THR M 219 -1.30 -2.01 -1.03
N ILE M 220 -1.45 -1.36 0.14
CA ILE M 220 -2.54 -1.68 1.10
C ILE M 220 -3.86 -1.03 0.68
N ASP N 1 20.37 54.05 -26.67
CA ASP N 1 20.71 52.64 -26.89
C ASP N 1 20.53 52.15 -28.31
N ILE N 2 21.37 51.18 -28.67
CA ILE N 2 21.25 50.48 -29.93
C ILE N 2 20.48 49.19 -29.66
N VAL N 3 19.21 49.18 -30.09
CA VAL N 3 18.35 48.04 -29.86
C VAL N 3 18.44 47.11 -31.06
N LEU N 4 18.76 45.85 -30.80
CA LEU N 4 18.83 44.81 -31.83
C LEU N 4 17.54 44.03 -31.82
N THR N 5 16.94 43.94 -32.99
CA THR N 5 15.67 43.28 -33.17
C THR N 5 15.88 42.18 -34.20
N GLN N 6 15.74 40.94 -33.75
CA GLN N 6 15.97 39.78 -34.58
C GLN N 6 14.69 39.24 -35.20
N SER N 7 14.85 38.50 -36.30
CA SER N 7 13.76 37.73 -36.92
C SER N 7 14.29 36.50 -37.67
N PRO N 8 13.51 35.42 -37.78
CA PRO N 8 12.22 35.28 -37.14
C PRO N 8 12.38 34.96 -35.65
N ALA N 9 11.27 34.69 -35.00
CA ALA N 9 11.29 34.15 -33.65
C ALA N 9 11.88 32.77 -33.71
N SER N 10 11.32 31.94 -34.60
CA SER N 10 11.74 30.53 -34.76
C SER N 10 11.69 30.16 -36.25
N LEU N 11 12.42 29.09 -36.58
CA LEU N 11 12.68 28.72 -37.96
C LEU N 11 12.87 27.22 -38.03
N ALA N 12 12.11 26.50 -38.84
CA ALA N 12 12.30 25.05 -39.03
C ALA N 12 12.91 24.75 -40.41
N VAL N 13 14.16 24.31 -40.42
CA VAL N 13 14.94 24.07 -41.63
C VAL N 13 15.34 22.59 -41.72
N SER N 14 15.23 22.03 -42.92
CA SER N 14 15.60 20.63 -43.15
C SER N 14 17.11 20.45 -43.19
N LEU N 15 17.55 19.25 -42.87
CA LEU N 15 18.96 18.89 -43.02
C LEU N 15 19.45 19.10 -44.46
N GLY N 16 20.66 19.63 -44.59
CA GLY N 16 21.22 19.94 -45.92
C GLY N 16 20.91 21.32 -46.47
N GLN N 17 20.05 22.09 -45.81
CA GLN N 17 19.44 23.28 -46.40
C GLN N 17 20.08 24.55 -45.87
N ARG N 18 19.62 25.69 -46.39
CA ARG N 18 19.98 26.99 -45.86
C ARG N 18 19.04 27.40 -44.74
N ALA N 19 19.62 27.98 -43.69
CA ALA N 19 18.87 28.76 -42.69
C ALA N 19 19.44 30.18 -42.69
N THR N 20 18.57 31.17 -42.75
CA THR N 20 18.98 32.56 -42.77
C THR N 20 18.23 33.29 -41.67
N ILE N 21 18.98 33.84 -40.73
CA ILE N 21 18.43 34.58 -39.59
C ILE N 21 18.86 36.03 -39.71
N SER N 22 17.97 36.97 -39.37
CA SER N 22 18.23 38.40 -39.48
C SER N 22 18.43 39.12 -38.15
N CYS N 23 18.93 40.35 -38.22
CA CYS N 23 19.15 41.21 -37.06
C CYS N 23 19.15 42.67 -37.54
N ARG N 24 18.34 43.48 -36.89
CA ARG N 24 18.05 44.84 -37.30
C ARG N 24 18.43 45.77 -36.12
N ALA N 25 19.52 46.51 -36.28
CA ALA N 25 19.91 47.56 -35.33
C ALA N 25 19.06 48.82 -35.49
N SER N 26 18.71 49.44 -34.36
CA SER N 26 17.93 50.68 -34.34
C SER N 26 18.70 51.86 -34.94
N GLU N 27 20.02 51.86 -34.76
CA GLU N 27 20.91 52.78 -35.47
C GLU N 27 22.17 52.04 -35.87
N SER N 28 22.95 52.64 -36.75
CA SER N 28 24.05 51.96 -37.41
C SER N 28 25.16 51.57 -36.46
N VAL N 29 25.75 50.41 -36.71
CA VAL N 29 26.83 49.88 -35.87
C VAL N 29 28.20 49.97 -36.59
N ASP N 30 28.32 50.83 -37.60
CA ASP N 30 29.56 50.94 -38.39
C ASP N 30 30.57 51.83 -37.69
N ASN N 31 31.84 51.45 -37.79
CA ASN N 31 32.88 51.95 -36.90
C ASN N 31 34.23 51.67 -37.54
N TYR N 32 34.89 52.73 -38.01
CA TYR N 32 36.25 52.67 -38.52
C TYR N 32 36.46 51.67 -39.69
N GLY N 33 35.48 51.62 -40.60
CA GLY N 33 35.49 50.69 -41.73
C GLY N 33 35.16 49.25 -41.39
N ILE N 34 34.56 49.00 -40.22
CA ILE N 34 34.06 47.66 -39.82
C ILE N 34 32.65 47.81 -39.25
N SER N 35 31.77 46.85 -39.53
CA SER N 35 30.46 46.75 -38.89
C SER N 35 30.63 45.96 -37.59
N SER N 36 30.43 46.60 -36.43
CA SER N 36 30.60 45.90 -35.12
C SER N 36 29.38 45.06 -34.75
N MET N 37 29.21 43.93 -35.44
CA MET N 37 28.11 43.00 -35.22
C MET N 37 28.67 41.61 -35.04
N ASN N 38 28.40 41.04 -33.87
CA ASN N 38 28.78 39.66 -33.59
C ASN N 38 27.55 38.80 -33.45
N TRP N 39 27.74 37.49 -33.58
CA TRP N 39 26.69 36.51 -33.40
C TRP N 39 27.16 35.40 -32.49
N PHE N 40 26.22 34.84 -31.75
CA PHE N 40 26.46 33.76 -30.81
C PHE N 40 25.50 32.63 -31.00
N GLN N 41 25.95 31.45 -30.65
CA GLN N 41 25.10 30.26 -30.53
C GLN N 41 24.98 29.89 -29.05
N GLN N 42 23.76 29.60 -28.59
CA GLN N 42 23.53 29.03 -27.28
C GLN N 42 22.81 27.75 -27.53
N LYS N 43 23.56 26.68 -27.40
CA LYS N 43 22.98 25.35 -27.35
C LYS N 43 22.35 25.23 -25.96
N ALA N 44 21.34 24.39 -25.86
CA ALA N 44 20.65 24.13 -24.60
C ALA N 44 21.58 23.86 -23.42
N GLY N 45 21.33 24.53 -22.30
CA GLY N 45 22.05 24.30 -21.04
C GLY N 45 23.49 24.76 -20.98
N GLN N 46 23.89 25.61 -21.92
CA GLN N 46 25.27 26.03 -22.06
C GLN N 46 25.41 27.54 -22.15
N PRO N 47 26.64 28.05 -21.92
CA PRO N 47 26.87 29.45 -22.21
C PRO N 47 26.74 29.72 -23.71
N PRO N 48 26.53 30.99 -24.08
CA PRO N 48 26.70 31.32 -25.47
C PRO N 48 28.15 31.04 -25.97
N LYS N 49 28.27 30.79 -27.27
CA LYS N 49 29.50 30.51 -27.94
C LYS N 49 29.61 31.50 -29.07
N PHE N 50 30.81 32.02 -29.23
CA PHE N 50 31.09 33.11 -30.15
C PHE N 50 31.28 32.53 -31.55
N LEU N 51 30.39 32.89 -32.50
CA LEU N 51 30.46 32.36 -33.88
C LEU N 51 31.11 33.27 -34.90
N ILE N 52 30.58 34.47 -34.98
CA ILE N 52 30.92 35.44 -36.00
C ILE N 52 31.33 36.75 -35.33
N TYR N 53 32.25 37.47 -35.96
CA TYR N 53 32.58 38.85 -35.57
C TYR N 53 32.73 39.75 -36.78
N ALA N 54 32.72 41.05 -36.52
CA ALA N 54 32.76 42.07 -37.56
C ALA N 54 31.83 41.76 -38.76
N ALA N 55 30.63 41.27 -38.44
CA ALA N 55 29.60 40.82 -39.41
C ALA N 55 29.90 39.59 -40.23
N SER N 56 31.05 39.60 -40.91
CA SER N 56 31.44 38.56 -41.87
C SER N 56 32.61 37.66 -41.48
N LYS N 57 33.35 37.99 -40.42
CA LYS N 57 34.47 37.15 -39.98
C LYS N 57 34.04 35.99 -39.09
N GLN N 58 34.85 34.93 -39.09
CA GLN N 58 34.59 33.71 -38.33
C GLN N 58 35.50 33.61 -37.11
N GLY N 59 34.93 33.15 -36.00
CA GLY N 59 35.73 32.90 -34.79
C GLY N 59 36.60 31.67 -34.95
N SER N 60 37.58 31.53 -34.06
CA SER N 60 38.53 30.42 -34.15
C SER N 60 37.87 29.03 -33.92
N GLY N 61 38.31 28.06 -34.72
CA GLY N 61 37.74 26.72 -34.76
C GLY N 61 36.27 26.63 -35.10
N VAL N 62 35.72 27.62 -35.80
CA VAL N 62 34.30 27.66 -36.16
C VAL N 62 34.11 27.05 -37.56
N PRO N 63 33.17 26.10 -37.73
CA PRO N 63 32.89 25.50 -39.04
C PRO N 63 32.74 26.48 -40.23
N ALA N 64 33.07 26.01 -41.45
CA ALA N 64 32.95 26.84 -42.66
C ALA N 64 31.48 27.20 -43.00
N ARG N 65 30.55 26.33 -42.56
CA ARG N 65 29.11 26.52 -42.84
C ARG N 65 28.39 27.64 -42.10
N PHE N 66 28.99 28.14 -41.02
CA PHE N 66 28.50 29.33 -40.32
C PHE N 66 29.15 30.54 -40.97
N SER N 67 28.33 31.41 -41.53
CA SER N 67 28.79 32.64 -42.20
C SER N 67 27.88 33.83 -41.85
N GLY N 68 28.42 35.04 -41.94
CA GLY N 68 27.64 36.25 -41.67
C GLY N 68 27.74 37.30 -42.76
N SER N 69 26.80 38.23 -42.77
CA SER N 69 26.92 39.41 -43.65
C SER N 69 26.06 40.56 -43.18
N GLY N 70 26.33 41.73 -43.75
CA GLY N 70 25.57 42.95 -43.45
C GLY N 70 26.43 44.14 -43.11
N SER N 71 25.81 45.32 -43.19
CA SER N 71 26.48 46.59 -43.01
C SER N 71 25.43 47.57 -42.57
N GLY N 72 25.76 48.40 -41.60
CA GLY N 72 24.89 49.47 -41.16
C GLY N 72 24.01 48.98 -40.05
N THR N 73 22.77 48.66 -40.40
CA THR N 73 21.73 48.30 -39.45
C THR N 73 21.07 46.93 -39.72
N ASP N 74 21.51 46.20 -40.76
CA ASP N 74 20.83 45.00 -41.25
C ASP N 74 21.84 43.91 -41.53
N PHE N 75 21.73 42.82 -40.78
CA PHE N 75 22.73 41.72 -40.81
C PHE N 75 22.03 40.36 -40.80
N SER N 76 22.64 39.34 -41.38
CA SER N 76 22.09 37.97 -41.29
C SER N 76 23.14 36.92 -41.03
N LEU N 77 22.78 35.93 -40.19
CA LEU N 77 23.59 34.74 -39.99
C LEU N 77 23.05 33.66 -40.92
N ILE N 78 23.98 32.91 -41.52
CA ILE N 78 23.67 31.93 -42.55
C ILE N 78 24.30 30.59 -42.15
N ILE N 79 23.48 29.53 -42.13
CA ILE N 79 23.90 28.20 -41.76
C ILE N 79 23.55 27.28 -42.93
N HIS N 80 24.56 26.67 -43.56
CA HIS N 80 24.37 25.91 -44.80
C HIS N 80 25.59 24.99 -45.15
N PRO N 81 25.44 23.66 -45.08
CA PRO N 81 24.19 22.94 -44.78
C PRO N 81 23.94 22.71 -43.31
N VAL N 82 22.67 22.74 -42.93
CA VAL N 82 22.24 22.60 -41.56
C VAL N 82 22.36 21.14 -41.11
N GLU N 83 23.09 20.92 -39.99
CA GLU N 83 23.19 19.61 -39.33
C GLU N 83 22.28 19.53 -38.12
N GLU N 84 22.08 18.30 -37.65
CA GLU N 84 21.30 18.04 -36.44
C GLU N 84 21.81 18.82 -35.21
N ASP N 85 23.13 19.01 -35.11
CA ASP N 85 23.76 19.74 -34.00
C ASP N 85 23.51 21.24 -34.02
N ASP N 86 22.98 21.77 -35.11
CA ASP N 86 22.77 23.22 -35.22
C ASP N 86 21.46 23.71 -34.58
N THR N 87 20.67 22.81 -33.98
CA THR N 87 19.56 23.19 -33.09
C THR N 87 20.04 23.98 -31.88
N ALA N 88 19.56 25.22 -31.77
CA ALA N 88 20.15 26.20 -30.83
C ALA N 88 19.37 27.49 -30.87
N VAL N 89 19.68 28.38 -29.94
CA VAL N 89 19.28 29.79 -30.06
C VAL N 89 20.50 30.61 -30.50
N TYR N 90 20.27 31.50 -31.48
CA TYR N 90 21.33 32.31 -32.05
C TYR N 90 21.06 33.78 -31.70
N PHE N 91 22.00 34.43 -31.03
CA PHE N 91 21.90 35.84 -30.66
C PHE N 91 22.81 36.67 -31.53
N CYS N 92 22.31 37.75 -32.13
CA CYS N 92 23.19 38.82 -32.60
C CYS N 92 23.53 39.71 -31.42
N GLN N 93 24.61 40.48 -31.54
CA GLN N 93 25.10 41.30 -30.41
C GLN N 93 26.01 42.38 -30.95
N GLN N 94 25.90 43.57 -30.36
CA GLN N 94 26.48 44.78 -30.95
C GLN N 94 27.55 45.33 -30.06
N SER N 95 28.72 45.63 -30.65
CA SER N 95 29.86 46.19 -29.91
C SER N 95 30.36 47.52 -30.46
N LYS N 96 29.50 48.28 -31.12
CA LYS N 96 29.85 49.65 -31.52
C LYS N 96 29.99 50.49 -30.27
N GLY N 97 28.92 50.53 -29.48
CA GLY N 97 28.81 51.47 -28.36
C GLY N 97 28.44 50.84 -27.04
N VAL N 98 28.77 51.55 -25.95
CA VAL N 98 28.34 51.17 -24.61
C VAL N 98 26.93 51.78 -24.46
N PRO N 99 25.94 51.04 -23.94
CA PRO N 99 26.05 49.65 -23.50
C PRO N 99 26.04 48.65 -24.65
N TYR N 100 26.77 47.56 -24.45
CA TYR N 100 26.78 46.44 -25.36
C TYR N 100 25.40 45.78 -25.21
N THR N 101 24.75 45.49 -26.33
CA THR N 101 23.36 45.06 -26.34
C THR N 101 23.20 43.79 -27.15
N PHE N 102 22.39 42.90 -26.60
CA PHE N 102 22.10 41.63 -27.23
C PHE N 102 20.75 41.65 -27.93
N GLY N 103 20.65 40.89 -29.00
CA GLY N 103 19.36 40.64 -29.63
C GLY N 103 18.49 39.77 -28.77
N GLY N 104 17.22 39.70 -29.13
CA GLY N 104 16.29 38.74 -28.52
C GLY N 104 16.66 37.28 -28.73
N GLY N 105 17.43 37.01 -29.78
CA GLY N 105 17.76 35.67 -30.17
C GLY N 105 16.65 35.02 -30.99
N THR N 106 17.07 34.14 -31.89
CA THR N 106 16.20 33.37 -32.78
C THR N 106 16.49 31.88 -32.64
N LYS N 107 15.44 31.06 -32.60
CA LYS N 107 15.59 29.62 -32.34
C LYS N 107 15.53 28.79 -33.61
N LEU N 108 16.64 28.14 -33.99
CA LEU N 108 16.63 27.20 -35.14
C LEU N 108 16.15 25.80 -34.74
N GLU N 109 15.30 25.22 -35.59
CA GLU N 109 14.70 23.90 -35.36
C GLU N 109 15.09 23.05 -36.56
N ILE N 110 15.68 21.87 -36.32
CA ILE N 110 16.04 20.95 -37.40
C ILE N 110 14.82 20.11 -37.75
N LYS N 111 14.38 20.15 -39.01
CA LYS N 111 13.28 19.29 -39.48
C LYS N 111 13.71 17.82 -39.50
N ARG N 112 12.72 16.95 -39.42
CA ARG N 112 12.95 15.51 -39.47
C ARG N 112 11.62 14.76 -39.60
N ALA N 113 11.72 13.45 -39.83
CA ALA N 113 10.54 12.64 -40.06
C ALA N 113 9.64 12.69 -38.82
N ASP N 114 8.32 12.75 -39.03
CA ASP N 114 7.38 12.75 -37.91
C ASP N 114 7.56 11.44 -37.12
N ALA N 115 7.41 11.54 -35.80
CA ALA N 115 7.80 10.48 -34.88
C ALA N 115 6.87 10.48 -33.69
N ALA N 116 6.20 9.36 -33.44
CA ALA N 116 5.28 9.25 -32.31
C ALA N 116 6.05 9.06 -31.01
N PRO N 117 5.46 9.47 -29.88
CA PRO N 117 6.14 9.30 -28.60
C PRO N 117 6.16 7.85 -28.12
N THR N 118 7.04 7.58 -27.16
CA THR N 118 7.11 6.27 -26.51
C THR N 118 6.73 6.53 -25.06
N VAL N 119 5.43 6.37 -24.81
CA VAL N 119 4.82 6.94 -23.64
C VAL N 119 4.82 5.96 -22.47
N SER N 120 5.12 6.49 -21.29
CA SER N 120 5.28 5.72 -20.06
C SER N 120 4.59 6.44 -18.90
N ILE N 121 3.96 5.68 -18.01
CA ILE N 121 3.15 6.25 -16.92
C ILE N 121 3.66 5.71 -15.58
N PHE N 122 3.79 6.63 -14.62
CA PHE N 122 4.45 6.37 -13.35
C PHE N 122 3.57 6.85 -12.20
N PRO N 123 3.08 5.92 -11.36
CA PRO N 123 2.31 6.35 -10.20
C PRO N 123 3.13 7.20 -9.23
N PRO N 124 2.45 7.78 -8.22
CA PRO N 124 3.19 8.39 -7.11
C PRO N 124 4.12 7.38 -6.43
N SER N 125 5.22 7.87 -5.88
CA SER N 125 6.15 7.03 -5.13
C SER N 125 5.61 6.73 -3.74
N SER N 126 6.08 5.63 -3.12
CA SER N 126 5.81 5.36 -1.71
C SER N 126 6.24 6.55 -0.86
N GLU N 127 7.43 7.11 -1.17
CA GLU N 127 8.04 8.16 -0.37
C GLU N 127 7.17 9.41 -0.30
N GLN N 128 6.61 9.82 -1.43
CA GLN N 128 5.75 11.03 -1.50
C GLN N 128 4.43 10.83 -0.78
N LEU N 129 3.84 9.66 -0.97
CA LEU N 129 2.57 9.29 -0.36
C LEU N 129 2.63 9.33 1.17
N THR N 130 3.73 8.89 1.78
CA THR N 130 3.91 8.99 3.24
C THR N 130 4.08 10.47 3.67
N SER N 131 4.75 11.29 2.85
CA SER N 131 4.82 12.76 3.06
C SER N 131 3.54 13.55 2.81
N GLY N 132 2.55 12.95 2.15
CA GLY N 132 1.23 13.57 1.95
C GLY N 132 0.92 14.18 0.60
N GLY N 133 1.84 14.07 -0.37
CA GLY N 133 1.57 14.44 -1.77
C GLY N 133 1.26 13.25 -2.67
N ALA N 134 0.88 13.54 -3.90
CA ALA N 134 0.54 12.51 -4.89
C ALA N 134 0.68 13.05 -6.30
N SER N 135 1.76 12.67 -6.98
CA SER N 135 2.03 13.03 -8.38
C SER N 135 2.02 11.81 -9.29
N VAL N 136 1.21 11.86 -10.34
CA VAL N 136 1.22 10.86 -11.39
C VAL N 136 1.90 11.49 -12.59
N VAL N 137 2.91 10.81 -13.12
CA VAL N 137 3.81 11.41 -14.12
C VAL N 137 3.80 10.56 -15.38
N CYS N 138 3.51 11.19 -16.54
CA CYS N 138 3.79 10.59 -17.86
C CYS N 138 5.01 11.19 -18.54
N PHE N 139 5.78 10.34 -19.19
CA PHE N 139 6.83 10.80 -20.10
C PHE N 139 6.41 10.43 -21.51
N LEU N 140 6.39 11.43 -22.37
CA LEU N 140 6.13 11.23 -23.79
C LEU N 140 7.44 11.60 -24.46
N ASN N 141 8.20 10.58 -24.88
CA ASN N 141 9.59 10.78 -25.27
C ASN N 141 9.88 10.55 -26.74
N ASN N 142 10.82 11.35 -27.26
CA ASN N 142 11.42 11.20 -28.59
C ASN N 142 10.43 11.29 -29.75
N PHE N 143 9.70 12.41 -29.78
CA PHE N 143 8.70 12.65 -30.83
C PHE N 143 9.03 13.93 -31.62
N TYR N 144 8.50 13.99 -32.85
CA TYR N 144 8.58 15.17 -33.67
C TYR N 144 7.29 15.32 -34.43
N PRO N 145 6.69 16.52 -34.50
CA PRO N 145 7.24 17.80 -34.00
C PRO N 145 6.85 18.06 -32.52
N LYS N 146 7.33 19.18 -31.97
CA LYS N 146 7.13 19.53 -30.56
C LYS N 146 5.68 19.57 -30.10
N ASP N 147 4.77 19.86 -31.03
CA ASP N 147 3.37 20.07 -30.74
C ASP N 147 2.65 18.77 -30.41
N ILE N 148 2.10 18.71 -29.21
CA ILE N 148 1.46 17.51 -28.67
C ILE N 148 0.37 17.90 -27.63
N ASN N 149 -0.66 17.07 -27.48
CA ASN N 149 -1.69 17.25 -26.43
C ASN N 149 -1.71 16.02 -25.55
N VAL N 150 -1.44 16.19 -24.26
CA VAL N 150 -1.64 15.11 -23.31
C VAL N 150 -2.91 15.43 -22.56
N LYS N 151 -3.83 14.47 -22.60
CA LYS N 151 -5.10 14.58 -21.90
C LYS N 151 -5.13 13.53 -20.79
N TRP N 152 -5.31 13.98 -19.56
CA TRP N 152 -5.42 13.08 -18.41
C TRP N 152 -6.87 12.75 -18.13
N LYS N 153 -7.11 11.53 -17.65
CA LYS N 153 -8.45 11.05 -17.29
C LYS N 153 -8.38 10.28 -15.97
N ILE N 154 -9.25 10.65 -15.03
CA ILE N 154 -9.39 9.95 -13.75
C ILE N 154 -10.74 9.23 -13.72
N ASP N 155 -10.72 7.89 -13.62
CA ASP N 155 -11.92 7.02 -13.66
C ASP N 155 -12.72 7.29 -14.93
N GLY N 156 -12.03 7.31 -16.06
CA GLY N 156 -12.66 7.56 -17.37
C GLY N 156 -12.95 9.01 -17.73
N SER N 157 -12.89 9.91 -16.75
CA SER N 157 -13.40 11.28 -16.86
C SER N 157 -12.25 12.30 -16.82
N GLU N 158 -12.29 13.30 -17.71
CA GLU N 158 -11.14 14.17 -17.96
C GLU N 158 -10.84 15.09 -16.78
N ARG N 159 -9.57 15.41 -16.57
CA ARG N 159 -9.11 16.33 -15.52
C ARG N 159 -8.17 17.38 -16.12
N GLN N 160 -8.44 18.64 -15.82
CA GLN N 160 -7.67 19.78 -16.35
C GLN N 160 -6.77 20.47 -15.31
N ASN N 161 -7.30 20.64 -14.10
CA ASN N 161 -6.60 21.36 -13.02
C ASN N 161 -5.44 20.54 -12.47
N GLY N 162 -4.27 21.17 -12.33
CA GLY N 162 -3.10 20.55 -11.69
C GLY N 162 -2.16 19.77 -12.59
N VAL N 163 -2.46 19.72 -13.88
CA VAL N 163 -1.58 19.14 -14.89
C VAL N 163 -0.59 20.21 -15.32
N LEU N 164 0.70 19.94 -15.14
CA LEU N 164 1.79 20.80 -15.61
C LEU N 164 2.63 20.02 -16.63
N ASN N 165 2.85 20.63 -17.78
CA ASN N 165 3.68 20.05 -18.86
C ASN N 165 5.01 20.79 -19.02
N SER N 166 6.08 20.05 -19.32
CA SER N 166 7.39 20.64 -19.51
C SER N 166 8.10 19.91 -20.65
N TRP N 167 8.50 20.65 -21.71
CA TRP N 167 9.23 20.08 -22.85
C TRP N 167 10.71 20.30 -22.70
N THR N 168 11.51 19.32 -23.14
CA THR N 168 12.92 19.52 -23.37
C THR N 168 13.09 20.32 -24.63
N ASP N 169 14.27 20.93 -24.76
CA ASP N 169 14.67 21.50 -26.04
C ASP N 169 14.89 20.35 -27.02
N GLN N 170 14.93 20.69 -28.31
CA GLN N 170 15.21 19.70 -29.34
C GLN N 170 16.57 19.05 -29.08
N ASP N 171 16.66 17.72 -29.25
CA ASP N 171 17.89 16.97 -29.06
C ASP N 171 18.89 17.30 -30.18
N SER N 172 20.16 17.44 -29.79
CA SER N 172 21.25 17.66 -30.74
C SER N 172 21.48 16.49 -31.67
N LYS N 173 21.24 15.27 -31.18
CA LYS N 173 21.63 14.05 -31.93
C LYS N 173 20.53 13.59 -32.91
N ASP N 174 19.33 13.37 -32.38
CA ASP N 174 18.21 12.81 -33.13
C ASP N 174 17.09 13.80 -33.50
N SER N 175 17.26 15.09 -33.13
CA SER N 175 16.30 16.16 -33.49
C SER N 175 14.87 16.00 -32.95
N THR N 176 14.68 15.16 -31.92
CA THR N 176 13.34 14.92 -31.33
C THR N 176 13.12 15.80 -30.11
N TYR N 177 11.88 15.82 -29.65
CA TYR N 177 11.51 16.46 -28.38
C TYR N 177 11.04 15.40 -27.43
N SER N 178 11.02 15.75 -26.15
CA SER N 178 10.47 14.89 -25.12
C SER N 178 9.77 15.75 -24.11
N MET N 179 8.71 15.20 -23.51
CA MET N 179 7.83 16.00 -22.66
C MET N 179 7.44 15.21 -21.42
N SER N 180 7.36 15.93 -20.30
CA SER N 180 6.96 15.35 -19.02
C SER N 180 5.63 15.99 -18.64
N SER N 181 4.60 15.18 -18.42
CA SER N 181 3.33 15.66 -17.88
C SER N 181 3.20 15.17 -16.44
N THR N 182 2.84 16.06 -15.52
CA THR N 182 2.75 15.76 -14.11
C THR N 182 1.42 16.27 -13.58
N LEU N 183 0.56 15.35 -13.16
CA LEU N 183 -0.69 15.65 -12.45
C LEU N 183 -0.42 15.52 -10.94
N THR N 184 -0.44 16.64 -10.21
CA THR N 184 -0.24 16.64 -8.76
C THR N 184 -1.61 16.77 -8.03
N LEU N 185 -1.96 15.73 -7.28
CA LEU N 185 -3.14 15.69 -6.43
C LEU N 185 -2.71 15.75 -4.95
N THR N 186 -3.69 15.65 -4.05
CA THR N 186 -3.43 15.34 -2.64
C THR N 186 -3.44 13.81 -2.46
N LYS N 187 -2.87 13.35 -1.35
CA LYS N 187 -2.86 11.93 -1.01
C LYS N 187 -4.29 11.39 -0.95
N ASP N 188 -5.18 12.11 -0.27
CA ASP N 188 -6.61 11.72 -0.14
C ASP N 188 -7.31 11.49 -1.48
N GLU N 189 -7.03 12.36 -2.46
CA GLU N 189 -7.72 12.35 -3.74
C GLU N 189 -7.22 11.26 -4.70
N TYR N 190 -5.93 10.90 -4.61
CA TYR N 190 -5.38 9.78 -5.39
C TYR N 190 -5.98 8.43 -4.96
N GLU N 191 -6.19 8.27 -3.65
CA GLU N 191 -6.73 7.04 -3.08
C GLU N 191 -8.25 6.88 -3.25
N ARG N 192 -8.96 7.99 -3.40
CA ARG N 192 -10.41 7.99 -3.62
C ARG N 192 -10.74 7.30 -4.94
N HIS N 193 -10.07 7.73 -6.01
CA HIS N 193 -10.25 7.16 -7.35
C HIS N 193 -9.34 5.95 -7.58
N ASN N 194 -9.63 5.20 -8.65
CA ASN N 194 -8.81 4.03 -9.04
C ASN N 194 -8.01 4.21 -10.37
N SER N 195 -8.68 4.68 -11.42
CA SER N 195 -8.10 4.75 -12.78
C SER N 195 -7.29 6.06 -13.01
N TYR N 196 -6.07 5.88 -13.53
CA TYR N 196 -5.20 6.99 -13.90
C TYR N 196 -4.59 6.76 -15.28
N THR N 197 -4.99 7.61 -16.21
CA THR N 197 -4.75 7.40 -17.62
C THR N 197 -4.18 8.68 -18.23
N CYS N 198 -3.21 8.54 -19.13
CA CYS N 198 -2.70 9.66 -19.91
C CYS N 198 -2.76 9.30 -21.38
N GLU N 199 -3.52 10.10 -22.12
CA GLU N 199 -3.72 9.93 -23.55
C GLU N 199 -2.93 11.00 -24.26
N ALA N 200 -1.90 10.55 -24.97
CA ALA N 200 -1.13 11.44 -25.81
C ALA N 200 -1.73 11.45 -27.20
N THR N 201 -2.14 12.62 -27.68
CA THR N 201 -2.53 12.82 -29.07
C THR N 201 -1.45 13.59 -29.79
N HIS N 202 -1.13 13.12 -31.00
CA HIS N 202 -0.05 13.68 -31.76
C HIS N 202 -0.35 13.66 -33.26
N LYS N 203 0.24 14.61 -33.98
CA LYS N 203 0.21 14.71 -35.45
C LYS N 203 0.32 13.40 -36.24
N THR N 204 1.05 12.44 -35.70
CA THR N 204 1.38 11.18 -36.38
C THR N 204 0.21 10.24 -36.54
N SER N 205 -0.69 10.22 -35.56
CA SER N 205 -1.87 9.36 -35.61
C SER N 205 -3.05 10.04 -34.93
N THR N 206 -4.20 10.02 -35.60
CA THR N 206 -5.47 10.51 -35.03
C THR N 206 -5.93 9.73 -33.80
N SER N 207 -5.53 8.45 -33.69
CA SER N 207 -5.79 7.61 -32.49
C SER N 207 -4.83 8.07 -31.41
N PRO N 208 -5.32 8.38 -30.21
CA PRO N 208 -4.40 8.67 -29.10
C PRO N 208 -3.61 7.45 -28.61
N ILE N 209 -2.46 7.71 -27.99
CA ILE N 209 -1.66 6.69 -27.33
C ILE N 209 -2.11 6.75 -25.88
N VAL N 210 -2.73 5.66 -25.42
CA VAL N 210 -3.48 5.66 -24.18
C VAL N 210 -2.71 4.77 -23.25
N LYS N 211 -2.14 5.34 -22.20
CA LYS N 211 -1.25 4.64 -21.31
C LYS N 211 -1.80 4.83 -19.91
N SER N 212 -2.10 3.74 -19.21
CA SER N 212 -2.78 3.80 -17.92
C SER N 212 -2.31 2.74 -16.93
N PHE N 213 -2.64 2.96 -15.66
CA PHE N 213 -2.60 1.95 -14.61
C PHE N 213 -3.84 2.05 -13.75
N ASN N 214 -4.02 1.04 -12.90
CA ASN N 214 -4.98 1.10 -11.83
C ASN N 214 -4.22 0.96 -10.52
N ARG N 215 -4.63 1.78 -9.57
CA ARG N 215 -3.98 1.96 -8.29
C ARG N 215 -3.83 0.66 -7.50
N ASN N 216 -4.88 -0.15 -7.53
CA ASN N 216 -4.85 -1.51 -6.97
C ASN N 216 -3.84 -2.38 -7.70
N GLU N 217 -4.04 -2.50 -9.01
CA GLU N 217 -3.45 -3.58 -9.80
C GLU N 217 -1.93 -3.72 -9.76
N CYS N 218 -1.49 -4.98 -9.66
CA CYS N 218 -0.07 -5.34 -9.72
C CYS N 218 0.11 -6.70 -10.37
N PRO O 11 45.36 45.30 -35.13
CA PRO O 11 45.11 44.06 -34.40
C PRO O 11 44.26 44.31 -33.13
N HYP O 12 43.12 43.58 -32.95
CA HYP O 12 42.30 43.73 -31.72
C HYP O 12 42.94 43.37 -30.40
O HYP O 12 43.00 44.21 -29.49
CB HYP O 12 41.01 42.92 -31.92
CG HYP O 12 41.00 42.45 -33.37
CD HYP O 12 42.37 42.85 -33.97
OD1 HYP O 12 39.87 43.01 -34.06
N GLY O 13 43.38 42.11 -30.27
CA GLY O 13 44.17 41.68 -29.10
C GLY O 13 43.26 41.39 -27.94
N GLY O 14 43.57 41.98 -26.78
CA GLY O 14 42.86 41.72 -25.54
C GLY O 14 41.45 42.27 -25.44
N ARG O 15 41.14 43.29 -26.24
CA ARG O 15 39.76 43.69 -26.54
C ARG O 15 38.85 42.51 -26.89
N GLY O 16 39.42 41.57 -27.63
CA GLY O 16 38.72 40.43 -28.15
C GLY O 16 38.33 40.71 -29.58
N LEU O 17 38.16 39.63 -30.32
CA LEU O 17 37.63 39.68 -31.66
C LEU O 17 36.23 40.31 -31.65
N THR O 18 35.45 40.07 -30.57
CA THR O 18 34.09 40.63 -30.40
C THR O 18 34.02 42.00 -29.71
N GLY O 19 35.13 42.47 -29.14
CA GLY O 19 35.17 43.78 -28.51
C GLY O 19 35.06 44.95 -29.46
N PRO O 20 35.09 46.18 -28.93
CA PRO O 20 35.02 47.38 -29.76
C PRO O 20 36.25 47.61 -30.60
N ILE O 21 36.19 48.63 -31.44
CA ILE O 21 37.32 49.04 -32.28
C ILE O 21 37.79 50.47 -31.92
N GLY O 22 39.05 50.78 -32.24
CA GLY O 22 39.60 52.14 -32.15
C GLY O 22 40.17 52.70 -33.47
N PRO O 23 40.87 53.86 -33.40
CA PRO O 23 41.52 54.51 -34.57
C PRO O 23 42.37 53.58 -35.47
N GLU P 1 3.59 -38.14 1.74
CA GLU P 1 2.98 -37.31 2.81
C GLU P 1 3.79 -37.52 4.09
N VAL P 2 4.12 -36.42 4.76
CA VAL P 2 5.09 -36.44 5.84
C VAL P 2 4.38 -36.50 7.18
N LYS P 3 4.84 -37.38 8.07
CA LYS P 3 4.32 -37.46 9.43
C LYS P 3 5.43 -37.76 10.45
N LEU P 4 5.43 -37.04 11.59
CA LEU P 4 6.37 -37.29 12.69
C LEU P 4 5.58 -37.45 13.97
N GLU P 5 5.75 -38.55 14.68
CA GLU P 5 5.00 -38.79 15.93
C GLU P 5 5.96 -38.99 17.08
N GLU P 6 5.85 -38.14 18.11
CA GLU P 6 6.73 -38.22 19.27
C GLU P 6 6.03 -38.94 20.40
N SER P 7 6.81 -39.68 21.19
CA SER P 7 6.32 -40.32 22.43
C SER P 7 7.44 -40.37 23.45
N GLY P 8 7.06 -40.64 24.71
CA GLY P 8 8.01 -40.68 25.83
C GLY P 8 7.81 -39.60 26.89
N GLY P 9 7.12 -38.53 26.53
CA GLY P 9 6.80 -37.46 27.48
C GLY P 9 5.96 -37.95 28.64
N GLY P 10 5.86 -37.12 29.68
CA GLY P 10 5.21 -37.51 30.93
C GLY P 10 5.84 -36.83 32.15
N LEU P 11 5.57 -37.39 33.34
CA LEU P 11 6.06 -36.85 34.61
C LEU P 11 7.29 -37.60 35.03
N VAL P 12 8.36 -36.87 35.37
CA VAL P 12 9.57 -37.49 35.95
C VAL P 12 10.24 -36.51 36.93
N GLN P 13 10.76 -37.04 38.04
CA GLN P 13 11.31 -36.22 39.11
C GLN P 13 12.70 -35.68 38.76
N PRO P 14 13.08 -34.50 39.31
CA PRO P 14 14.44 -33.98 39.14
C PRO P 14 15.57 -34.98 39.42
N GLY P 15 16.56 -35.00 38.53
CA GLY P 15 17.62 -36.01 38.55
C GLY P 15 17.34 -37.30 37.78
N GLY P 16 16.07 -37.49 37.38
CA GLY P 16 15.64 -38.71 36.70
C GLY P 16 15.90 -38.70 35.21
N SER P 17 15.94 -39.89 34.63
CA SER P 17 16.06 -40.05 33.18
C SER P 17 14.71 -40.03 32.46
N MET P 18 14.78 -39.90 31.14
CA MET P 18 13.61 -39.97 30.28
C MET P 18 14.03 -40.08 28.83
N LYS P 19 13.39 -40.96 28.07
CA LYS P 19 13.70 -41.12 26.65
C LYS P 19 12.55 -40.71 25.74
N LEU P 20 12.82 -39.75 24.85
CA LEU P 20 11.89 -39.41 23.78
C LEU P 20 12.23 -40.25 22.56
N SER P 21 11.21 -40.63 21.80
CA SER P 21 11.41 -41.27 20.50
C SER P 21 10.43 -40.70 19.49
N CYS P 22 10.89 -40.59 18.25
CA CYS P 22 10.19 -39.89 17.18
C CYS P 22 10.06 -40.82 15.96
N ALA P 23 8.83 -41.21 15.57
CA ALA P 23 8.60 -42.13 14.42
C ALA P 23 8.24 -41.32 13.18
N ALA P 24 9.06 -41.39 12.14
CA ALA P 24 8.94 -40.55 10.94
C ALA P 24 8.67 -41.39 9.68
N SER P 25 7.64 -41.03 8.90
CA SER P 25 7.55 -41.51 7.52
C SER P 25 7.36 -40.34 6.57
N GLY P 26 7.37 -40.63 5.27
CA GLY P 26 7.11 -39.65 4.23
C GLY P 26 8.29 -39.30 3.35
N PHE P 27 9.49 -39.34 3.91
CA PHE P 27 10.70 -38.83 3.24
C PHE P 27 11.86 -39.80 3.40
N THR P 28 12.90 -39.66 2.57
CA THR P 28 14.07 -40.52 2.68
C THR P 28 14.73 -40.23 4.04
N PHE P 29 14.47 -41.13 4.99
CA PHE P 29 14.93 -40.99 6.35
C PHE P 29 16.46 -41.01 6.38
N SER P 30 17.08 -42.05 5.83
CA SER P 30 18.55 -42.26 5.95
C SER P 30 19.36 -41.04 5.52
N ASP P 31 18.85 -40.29 4.55
CA ASP P 31 19.49 -39.06 4.08
C ASP P 31 19.14 -37.80 4.89
N ALA P 32 18.10 -37.84 5.74
CA ALA P 32 17.57 -36.64 6.42
C ALA P 32 18.33 -36.25 7.68
N TRP P 33 18.56 -34.95 7.87
CA TRP P 33 19.17 -34.40 9.09
C TRP P 33 18.01 -34.22 10.07
N MET P 34 18.09 -34.84 11.25
CA MET P 34 17.03 -34.77 12.25
C MET P 34 17.45 -33.88 13.42
N ASP P 35 16.46 -33.33 14.10
CA ASP P 35 16.66 -32.40 15.18
C ASP P 35 15.57 -32.58 16.25
N TRP P 36 15.84 -32.14 17.47
CA TRP P 36 14.79 -31.93 18.50
C TRP P 36 14.71 -30.46 18.85
N VAL P 37 13.50 -29.92 18.99
CA VAL P 37 13.27 -28.52 19.42
C VAL P 37 12.34 -28.59 20.62
N ARG P 38 12.48 -27.64 21.54
CA ARG P 38 11.61 -27.60 22.72
C ARG P 38 11.01 -26.24 22.92
N GLN P 39 9.85 -26.22 23.56
CA GLN P 39 9.11 -24.98 23.79
C GLN P 39 8.51 -24.89 25.19
N SER P 40 8.50 -23.66 25.65
CA SER P 40 8.05 -23.29 26.97
C SER P 40 7.77 -21.79 26.98
N PRO P 41 6.83 -21.32 27.82
CA PRO P 41 6.55 -19.88 27.88
C PRO P 41 7.76 -19.02 28.28
N GLU P 42 8.65 -19.53 29.13
CA GLU P 42 9.75 -18.75 29.65
C GLU P 42 10.84 -18.50 28.58
N LYS P 43 11.19 -19.50 27.77
CA LYS P 43 12.31 -19.39 26.80
C LYS P 43 11.90 -19.26 25.32
N GLY P 44 10.62 -19.49 25.02
CA GLY P 44 10.14 -19.52 23.63
C GLY P 44 10.53 -20.85 23.03
N LEU P 45 11.07 -20.84 21.82
CA LEU P 45 11.52 -22.05 21.14
C LEU P 45 13.05 -22.18 21.20
N GLU P 46 13.55 -23.35 21.64
CA GLU P 46 14.99 -23.64 21.68
C GLU P 46 15.31 -24.92 20.94
N TRP P 47 16.28 -24.84 20.05
CA TRP P 47 16.84 -26.04 19.41
C TRP P 47 17.65 -26.80 20.47
N VAL P 48 17.53 -28.12 20.45
CA VAL P 48 18.07 -28.98 21.50
C VAL P 48 19.21 -29.85 21.00
N ALA P 49 18.98 -30.58 19.92
CA ALA P 49 19.96 -31.58 19.45
C ALA P 49 19.85 -31.82 17.94
N GLU P 50 20.99 -31.87 17.24
CA GLU P 50 21.03 -32.26 15.82
C GLU P 50 21.65 -33.65 15.69
N ILE P 51 21.14 -34.49 14.79
CA ILE P 51 21.91 -35.63 14.29
C ILE P 51 21.85 -35.60 12.77
N ARG P 52 23.02 -35.57 12.13
CA ARG P 52 23.10 -35.48 10.67
C ARG P 52 22.99 -36.89 10.07
N ASN P 53 23.12 -36.98 8.76
CA ASN P 53 22.99 -38.24 8.03
C ASN P 53 24.33 -38.99 7.92
N LYS P 54 24.29 -40.21 7.35
CA LYS P 54 25.48 -41.07 7.29
C LYS P 54 26.64 -40.45 6.52
N VAL P 55 26.35 -39.69 5.47
CA VAL P 55 27.39 -39.00 4.69
C VAL P 55 28.18 -38.00 5.55
N ASN P 56 27.55 -37.43 6.59
CA ASN P 56 28.24 -36.59 7.60
C ASN P 56 28.49 -37.32 8.92
N ASN P 57 28.73 -38.63 8.85
CA ASN P 57 29.15 -39.45 9.99
C ASN P 57 28.17 -39.39 11.19
N HIS P 58 26.87 -39.24 10.92
CA HIS P 58 25.86 -39.12 11.97
C HIS P 58 26.24 -38.13 13.06
N ALA P 59 26.84 -37.01 12.66
CA ALA P 59 27.42 -36.06 13.59
C ALA P 59 26.33 -35.37 14.41
N THR P 60 26.56 -35.30 15.73
CA THR P 60 25.61 -34.66 16.63
C THR P 60 26.09 -33.30 17.11
N ASN P 61 25.15 -32.56 17.67
CA ASN P 61 25.39 -31.23 18.13
C ASN P 61 24.31 -30.89 19.15
N TYR P 62 24.66 -30.14 20.21
CA TYR P 62 23.71 -29.87 21.29
C TYR P 62 23.66 -28.41 21.69
N ALA P 63 22.60 -28.06 22.40
CA ALA P 63 22.52 -26.78 23.07
C ALA P 63 23.46 -26.83 24.27
N GLU P 64 24.10 -25.71 24.55
CA GLU P 64 25.06 -25.62 25.62
C GLU P 64 24.45 -26.03 26.97
N SER P 65 23.18 -25.69 27.19
CA SER P 65 22.49 -26.09 28.42
C SER P 65 22.12 -27.57 28.53
N VAL P 66 22.27 -28.35 27.45
CA VAL P 66 22.00 -29.80 27.54
C VAL P 66 23.23 -30.70 27.32
N LYS P 67 24.41 -30.14 27.04
CA LYS P 67 25.62 -30.94 26.75
C LYS P 67 26.02 -31.83 27.92
N GLY P 68 26.30 -33.09 27.63
CA GLY P 68 26.66 -34.08 28.66
C GLY P 68 25.47 -34.74 29.35
N ARG P 69 24.28 -34.15 29.19
CA ARG P 69 23.06 -34.67 29.79
C ARG P 69 22.17 -35.36 28.75
N PHE P 70 22.03 -34.71 27.61
CA PHE P 70 21.18 -35.19 26.53
C PHE P 70 22.03 -35.88 25.48
N THR P 71 21.48 -36.95 24.91
CA THR P 71 22.16 -37.68 23.85
C THR P 71 21.13 -38.06 22.77
N ILE P 72 21.33 -37.50 21.58
CA ILE P 72 20.51 -37.78 20.41
C ILE P 72 21.14 -38.93 19.60
N SER P 73 20.29 -39.70 18.94
CA SER P 73 20.71 -40.90 18.23
C SER P 73 19.57 -41.35 17.29
N ARG P 74 19.91 -42.12 16.26
CA ARG P 74 18.93 -42.59 15.27
C ARG P 74 19.12 -44.05 14.93
N ASP P 75 18.05 -44.63 14.40
CA ASP P 75 18.04 -45.98 13.84
C ASP P 75 17.56 -45.84 12.40
N ASP P 76 18.50 -45.69 11.47
CA ASP P 76 18.17 -45.57 10.06
C ASP P 76 17.35 -46.78 9.55
N SER P 77 17.51 -47.96 10.16
CA SER P 77 16.71 -49.14 9.79
C SER P 77 15.26 -49.10 10.28
N ARG P 78 14.90 -48.21 11.22
CA ARG P 78 13.54 -48.13 11.77
C ARG P 78 12.86 -46.76 11.56
N SER P 79 13.47 -45.85 10.80
CA SER P 79 13.05 -44.43 10.70
C SER P 79 12.62 -43.79 12.02
N VAL P 80 13.51 -43.86 12.99
CA VAL P 80 13.23 -43.38 14.34
C VAL P 80 14.44 -42.61 14.89
N VAL P 81 14.16 -41.46 15.48
CA VAL P 81 15.11 -40.66 16.20
C VAL P 81 14.79 -40.85 17.69
N TYR P 82 15.82 -40.79 18.53
CA TYR P 82 15.67 -40.85 19.98
C TYR P 82 16.30 -39.63 20.64
N LEU P 83 15.81 -39.26 21.83
CA LEU P 83 16.49 -38.29 22.69
C LEU P 83 16.58 -38.76 24.15
N GLN P 84 17.78 -39.20 24.51
CA GLN P 84 18.10 -39.66 25.85
C GLN P 84 18.38 -38.43 26.67
N MET P 85 17.59 -38.24 27.74
CA MET P 85 17.78 -37.14 28.67
C MET P 85 18.13 -37.68 30.05
N ASN P 86 19.34 -37.39 30.51
CA ASN P 86 19.75 -37.64 31.89
C ASN P 86 19.71 -36.37 32.73
N ASN P 87 19.70 -36.56 34.04
CA ASN P 87 20.05 -35.50 34.97
C ASN P 87 19.10 -34.31 34.85
N LEU P 88 17.80 -34.60 34.91
CA LEU P 88 16.78 -33.66 34.46
C LEU P 88 16.50 -32.62 35.54
N LYS P 89 16.38 -31.38 35.09
CA LYS P 89 16.21 -30.20 35.94
C LYS P 89 14.84 -29.59 35.63
N PRO P 90 14.28 -28.79 36.56
CA PRO P 90 12.89 -28.32 36.37
C PRO P 90 12.67 -27.41 35.14
N GLU P 91 13.70 -26.63 34.76
CA GLU P 91 13.62 -25.84 33.50
C GLU P 91 13.56 -26.69 32.23
N ASP P 92 14.03 -27.94 32.28
CA ASP P 92 13.92 -28.82 31.11
C ASP P 92 12.49 -29.04 30.66
N THR P 93 11.52 -28.77 31.54
CA THR P 93 10.09 -28.86 31.24
C THR P 93 9.64 -28.08 29.99
N GLY P 94 8.69 -28.67 29.28
CA GLY P 94 8.13 -28.10 28.07
C GLY P 94 7.63 -29.14 27.08
N ILE P 95 7.18 -28.68 25.91
CA ILE P 95 6.81 -29.53 24.78
C ILE P 95 8.05 -29.79 23.95
N TYR P 96 8.33 -31.05 23.67
CA TYR P 96 9.49 -31.43 22.87
C TYR P 96 9.02 -31.87 21.50
N TYR P 97 9.43 -31.10 20.48
CA TYR P 97 9.15 -31.46 19.07
C TYR P 97 10.32 -32.17 18.41
N CYS P 98 10.02 -33.14 17.54
CA CYS P 98 11.02 -33.77 16.68
C CYS P 98 10.83 -33.23 15.29
N THR P 99 11.90 -32.72 14.69
CA THR P 99 11.83 -32.14 13.35
C THR P 99 12.67 -32.92 12.34
N GLY P 100 12.26 -32.86 11.07
CA GLY P 100 12.94 -33.59 9.99
C GLY P 100 13.25 -32.65 8.86
N LEU P 101 14.34 -32.95 8.15
CA LEU P 101 14.95 -32.02 7.18
C LEU P 101 15.18 -30.69 7.85
N THR P 102 16.09 -30.74 8.84
CA THR P 102 16.31 -29.66 9.78
C THR P 102 14.95 -29.26 10.39
N PHE P 103 14.35 -28.14 9.96
CA PHE P 103 13.06 -27.68 10.49
C PHE P 103 11.96 -27.59 9.41
N ASP P 104 12.13 -28.29 8.29
CA ASP P 104 11.12 -28.30 7.23
C ASP P 104 9.82 -28.99 7.73
N TYR P 105 10.00 -30.10 8.45
CA TYR P 105 8.94 -30.93 8.97
C TYR P 105 8.97 -30.96 10.50
N TRP P 106 7.80 -31.04 11.12
CA TRP P 106 7.66 -31.05 12.58
C TRP P 106 6.58 -32.03 13.07
N GLY P 107 6.81 -32.66 14.21
CA GLY P 107 5.81 -33.56 14.81
C GLY P 107 4.79 -32.82 15.65
N GLN P 108 3.82 -33.55 16.20
CA GLN P 108 2.75 -32.93 16.97
C GLN P 108 3.24 -32.50 18.35
N GLY P 109 4.20 -33.24 18.90
CA GLY P 109 4.89 -32.81 20.12
C GLY P 109 4.50 -33.67 21.30
N THR P 110 5.34 -33.64 22.33
CA THR P 110 5.14 -34.44 23.55
C THR P 110 5.57 -33.63 24.75
N THR P 111 4.71 -33.57 25.77
CA THR P 111 4.95 -32.77 26.96
C THR P 111 5.81 -33.50 27.99
N LEU P 112 6.73 -32.74 28.57
CA LEU P 112 7.66 -33.22 29.58
C LEU P 112 7.49 -32.34 30.80
N THR P 113 7.30 -32.95 31.96
CA THR P 113 7.14 -32.22 33.21
C THR P 113 8.12 -32.75 34.22
N VAL P 114 9.08 -31.89 34.57
CA VAL P 114 10.11 -32.19 35.54
C VAL P 114 9.69 -31.49 36.82
N SER P 115 9.25 -32.29 37.78
CA SER P 115 8.66 -31.80 39.03
C SER P 115 8.53 -32.94 40.07
N SER P 116 8.68 -32.60 41.35
CA SER P 116 8.50 -33.56 42.43
C SER P 116 7.03 -33.89 42.71
N ALA P 117 6.10 -33.10 42.18
CA ALA P 117 4.66 -33.28 42.43
C ALA P 117 4.19 -34.63 41.88
N LYS P 118 3.30 -35.28 42.62
CA LYS P 118 2.74 -36.57 42.23
C LYS P 118 1.63 -36.38 41.22
N THR P 119 1.44 -37.40 40.38
CA THR P 119 0.19 -37.57 39.64
C THR P 119 -1.04 -37.47 40.56
N THR P 120 -2.10 -36.85 40.05
CA THR P 120 -3.33 -36.59 40.78
C THR P 120 -4.49 -36.49 39.78
N ALA P 121 -5.56 -37.23 40.04
CA ALA P 121 -6.74 -37.24 39.17
C ALA P 121 -7.56 -35.97 39.38
N PRO P 122 -8.25 -35.49 38.32
CA PRO P 122 -9.17 -34.36 38.48
C PRO P 122 -10.54 -34.77 39.00
N SER P 123 -11.24 -33.82 39.60
CA SER P 123 -12.70 -33.90 39.76
C SER P 123 -13.35 -33.11 38.65
N VAL P 124 -14.51 -33.58 38.24
CA VAL P 124 -15.18 -33.07 37.04
C VAL P 124 -16.64 -32.75 37.35
N TYR P 125 -17.03 -31.50 37.15
CA TYR P 125 -18.28 -30.95 37.65
C TYR P 125 -19.12 -30.42 36.48
N PRO P 126 -20.42 -30.79 36.41
CA PRO P 126 -21.31 -30.23 35.40
C PRO P 126 -21.79 -28.85 35.84
N LEU P 127 -21.64 -27.83 34.98
CA LEU P 127 -22.07 -26.47 35.30
C LEU P 127 -23.36 -26.14 34.55
N ALA P 128 -24.48 -26.45 35.21
CA ALA P 128 -25.81 -26.25 34.66
C ALA P 128 -26.32 -24.88 35.08
N PRO P 129 -27.15 -24.24 34.23
CA PRO P 129 -27.49 -22.85 34.47
C PRO P 129 -28.46 -22.64 35.65
N VAL P 130 -28.94 -21.42 35.81
CA VAL P 130 -29.47 -20.93 37.07
C VAL P 130 -31.00 -21.12 37.13
N CYS P 131 -31.52 -21.46 38.31
CA CYS P 131 -32.98 -21.42 38.55
C CYS P 131 -33.53 -20.04 38.20
N THR P 135 -33.32 -15.65 31.25
CA THR P 135 -33.60 -15.53 29.82
C THR P 135 -33.74 -16.89 29.06
N GLY P 136 -34.18 -16.82 27.81
CA GLY P 136 -34.34 -17.99 26.93
C GLY P 136 -34.01 -17.80 25.46
N SER P 137 -33.01 -16.94 25.17
CA SER P 137 -32.59 -16.65 23.79
C SER P 137 -31.80 -17.85 23.26
N SER P 138 -30.69 -18.15 23.94
CA SER P 138 -29.81 -19.27 23.61
C SER P 138 -29.07 -19.59 24.88
N VAL P 139 -29.11 -20.85 25.32
CA VAL P 139 -28.56 -21.23 26.64
C VAL P 139 -27.07 -21.62 26.52
N THR P 140 -26.36 -21.44 27.63
CA THR P 140 -24.95 -21.81 27.71
C THR P 140 -24.71 -22.74 28.91
N LEU P 141 -23.93 -23.81 28.67
CA LEU P 141 -23.57 -24.76 29.71
C LEU P 141 -22.08 -24.76 29.87
N GLY P 142 -21.63 -25.34 30.98
CA GLY P 142 -20.21 -25.50 31.25
C GLY P 142 -19.83 -26.81 31.92
N CYS P 143 -18.53 -27.07 31.93
CA CYS P 143 -17.97 -28.26 32.52
C CYS P 143 -16.64 -27.87 33.19
N LEU P 144 -16.55 -28.07 34.50
CA LEU P 144 -15.36 -27.70 35.27
C LEU P 144 -14.49 -28.92 35.54
N VAL P 145 -13.17 -28.76 35.35
CA VAL P 145 -12.20 -29.82 35.60
C VAL P 145 -11.14 -29.24 36.55
N LYS P 146 -11.22 -29.64 37.83
CA LYS P 146 -10.42 -29.04 38.90
C LYS P 146 -9.46 -30.06 39.54
N GLY P 147 -8.24 -29.63 39.82
CA GLY P 147 -7.33 -30.34 40.71
C GLY P 147 -6.64 -31.56 40.12
N TYR P 148 -6.12 -31.42 38.90
CA TYR P 148 -5.30 -32.48 38.26
C TYR P 148 -3.83 -32.09 38.14
N PHE P 149 -2.94 -33.10 38.09
CA PHE P 149 -1.51 -32.88 37.76
C PHE P 149 -0.92 -34.19 37.26
N PRO P 150 -0.02 -34.18 36.28
CA PRO P 150 0.37 -33.03 35.47
C PRO P 150 -0.60 -32.81 34.31
N GLU P 151 -0.28 -31.87 33.43
CA GLU P 151 -1.02 -31.73 32.16
C GLU P 151 -0.50 -32.79 31.16
N PRO P 152 -1.32 -33.25 30.20
CA PRO P 152 -2.57 -32.59 29.80
C PRO P 152 -3.83 -33.38 30.11
N VAL P 153 -4.97 -32.75 29.78
CA VAL P 153 -6.28 -33.40 29.75
C VAL P 153 -6.93 -33.06 28.42
N THR P 154 -7.90 -33.88 28.02
CA THR P 154 -8.70 -33.63 26.83
C THR P 154 -10.13 -33.44 27.30
N LEU P 155 -10.79 -32.47 26.68
CA LEU P 155 -12.17 -32.14 26.98
C LEU P 155 -12.90 -31.95 25.67
N THR P 156 -13.93 -32.76 25.44
CA THR P 156 -14.83 -32.56 24.31
C THR P 156 -16.30 -32.57 24.80
N TRP P 157 -17.22 -32.18 23.92
CA TRP P 157 -18.67 -32.23 24.20
C TRP P 157 -19.38 -33.14 23.20
N ASN P 158 -20.24 -34.02 23.71
CA ASN P 158 -20.87 -35.09 22.92
C ASN P 158 -19.83 -35.80 22.02
N SER P 159 -18.68 -36.10 22.60
CA SER P 159 -17.57 -36.78 21.92
C SER P 159 -17.18 -36.08 20.58
N GLY P 160 -17.19 -34.75 20.55
CA GLY P 160 -16.77 -33.98 19.37
C GLY P 160 -17.89 -33.61 18.40
N SER P 161 -19.07 -34.20 18.56
CA SER P 161 -20.27 -33.84 17.77
C SER P 161 -20.61 -32.34 17.81
N LEU P 162 -20.31 -31.68 18.92
CA LEU P 162 -20.40 -30.24 19.05
C LEU P 162 -18.97 -29.68 19.10
N SER P 163 -18.55 -29.01 18.02
CA SER P 163 -17.23 -28.38 17.94
C SER P 163 -17.35 -26.87 17.78
N SER P 164 -18.18 -26.41 16.84
CA SER P 164 -18.53 -24.98 16.76
C SER P 164 -19.57 -24.68 17.85
N GLY P 165 -19.40 -23.52 18.48
CA GLY P 165 -20.15 -23.17 19.70
C GLY P 165 -19.50 -23.63 21.00
N VAL P 166 -18.24 -24.05 20.95
CA VAL P 166 -17.49 -24.52 22.13
C VAL P 166 -16.27 -23.65 22.39
N HIS P 167 -15.93 -23.49 23.68
CA HIS P 167 -14.67 -22.87 24.09
C HIS P 167 -14.07 -23.60 25.28
N THR P 168 -12.96 -24.31 25.06
CA THR P 168 -12.20 -24.92 26.14
C THR P 168 -11.04 -23.97 26.43
N PHE P 169 -10.97 -23.46 27.66
CA PHE P 169 -10.00 -22.42 28.01
C PHE P 169 -8.69 -23.04 28.49
N PRO P 170 -7.56 -22.29 28.37
CA PRO P 170 -6.27 -22.85 28.80
C PRO P 170 -6.24 -23.16 30.29
N ALA P 171 -5.50 -24.20 30.64
CA ALA P 171 -5.44 -24.65 32.03
C ALA P 171 -4.61 -23.68 32.83
N LEU P 172 -5.11 -23.26 33.99
CA LEU P 172 -4.32 -22.47 34.95
C LEU P 172 -3.71 -23.33 36.05
N LEU P 173 -2.63 -22.81 36.62
CA LEU P 173 -1.92 -23.45 37.72
C LEU P 173 -2.25 -22.69 39.01
N LEU P 174 -2.93 -23.35 39.96
CA LEU P 174 -3.20 -22.80 41.31
C LEU P 174 -2.81 -23.78 42.43
N SER P 175 -2.01 -23.27 43.38
CA SER P 175 -1.42 -24.06 44.47
C SER P 175 -0.80 -25.42 44.02
N GLY P 176 0.02 -25.40 42.95
CA GLY P 176 0.65 -26.60 42.40
C GLY P 176 -0.22 -27.63 41.68
N LEU P 177 -1.48 -27.30 41.38
CA LEU P 177 -2.40 -28.17 40.63
C LEU P 177 -3.23 -27.39 39.58
N TYR P 178 -3.65 -28.09 38.51
CA TYR P 178 -4.20 -27.45 37.30
C TYR P 178 -5.73 -27.46 37.23
N THR P 179 -6.34 -26.30 36.91
CA THR P 179 -7.81 -26.19 36.72
C THR P 179 -8.11 -25.73 35.30
N LEU P 180 -9.20 -26.25 34.73
CA LEU P 180 -9.59 -26.00 33.36
C LEU P 180 -11.09 -26.09 33.28
N SER P 181 -11.71 -25.15 32.57
CA SER P 181 -13.15 -25.10 32.39
C SER P 181 -13.43 -25.03 30.91
N SER P 182 -14.57 -25.56 30.48
CA SER P 182 -15.02 -25.41 29.09
C SER P 182 -16.48 -25.04 29.06
N SER P 183 -16.90 -24.29 28.03
CA SER P 183 -18.29 -23.88 27.86
C SER P 183 -18.79 -24.29 26.50
N VAL P 184 -20.02 -24.80 26.45
CA VAL P 184 -20.75 -24.94 25.18
C VAL P 184 -21.96 -24.01 25.16
N THR P 185 -22.32 -23.58 23.95
CA THR P 185 -23.50 -22.75 23.73
C THR P 185 -24.39 -23.32 22.59
N VAL P 186 -25.72 -23.33 22.82
CA VAL P 186 -26.70 -23.85 21.87
C VAL P 186 -27.96 -23.00 21.95
N THR P 187 -28.88 -23.20 21.02
CA THR P 187 -30.17 -22.49 21.01
C THR P 187 -31.10 -23.11 22.05
N SER P 188 -32.01 -22.30 22.61
CA SER P 188 -32.57 -22.58 23.94
C SER P 188 -33.46 -23.80 24.04
N ASN P 189 -34.16 -24.13 22.96
CA ASN P 189 -35.06 -25.31 22.92
C ASN P 189 -34.38 -26.67 22.66
N THR P 190 -33.05 -26.65 22.47
CA THR P 190 -32.26 -27.86 22.28
C THR P 190 -32.07 -28.54 23.66
N TRP P 191 -31.52 -27.82 24.64
CA TRP P 191 -31.30 -28.34 26.02
C TRP P 191 -32.44 -27.87 26.96
N PRO P 192 -32.94 -28.70 27.90
CA PRO P 192 -32.49 -30.07 28.20
C PRO P 192 -33.08 -31.23 27.36
N SER P 193 -33.87 -30.93 26.31
CA SER P 193 -34.52 -31.97 25.46
C SER P 193 -33.57 -32.84 24.57
N GLN P 194 -32.35 -32.37 24.31
CA GLN P 194 -31.28 -33.18 23.73
C GLN P 194 -30.18 -33.34 24.76
N THR P 195 -29.64 -34.56 24.86
CA THR P 195 -28.69 -34.90 25.91
C THR P 195 -27.33 -34.35 25.54
N ILE P 196 -26.89 -33.37 26.32
CA ILE P 196 -25.57 -32.76 26.17
C ILE P 196 -24.65 -33.32 27.26
N THR P 197 -23.50 -33.86 26.86
CA THR P 197 -22.56 -34.54 27.76
C THR P 197 -21.14 -34.03 27.61
N CYS P 198 -20.47 -33.85 28.75
CA CYS P 198 -19.07 -33.45 28.81
C CYS P 198 -18.13 -34.65 28.91
N ASN P 199 -17.17 -34.77 27.98
CA ASN P 199 -16.25 -35.90 27.92
C ASN P 199 -14.86 -35.45 28.35
N VAL P 200 -14.41 -35.95 29.49
CA VAL P 200 -13.09 -35.59 30.04
C VAL P 200 -12.21 -36.82 30.27
N ALA P 201 -10.90 -36.67 30.03
CA ALA P 201 -9.93 -37.75 30.21
C ALA P 201 -8.62 -37.19 30.73
N HIS P 202 -8.04 -37.87 31.72
CA HIS P 202 -6.70 -37.53 32.22
C HIS P 202 -5.76 -38.71 31.94
N PRO P 203 -4.90 -38.59 30.90
CA PRO P 203 -3.98 -39.67 30.59
C PRO P 203 -3.02 -40.11 31.71
N ALA P 204 -2.55 -39.17 32.54
CA ALA P 204 -1.55 -39.47 33.57
C ALA P 204 -2.08 -40.35 34.70
N SER P 205 -3.35 -40.15 35.08
CA SER P 205 -3.97 -40.90 36.18
C SER P 205 -4.92 -42.01 35.70
N SER P 206 -5.05 -42.20 34.38
CA SER P 206 -6.08 -43.06 33.78
C SER P 206 -7.48 -42.77 34.33
N THR P 207 -7.79 -41.48 34.47
CA THR P 207 -9.15 -41.00 34.71
C THR P 207 -9.89 -40.81 33.37
N LYS P 208 -11.19 -41.08 33.36
CA LYS P 208 -12.02 -40.98 32.17
C LYS P 208 -13.48 -40.85 32.58
N VAL P 209 -14.03 -39.65 32.47
CA VAL P 209 -15.35 -39.33 33.01
C VAL P 209 -16.22 -38.65 31.94
N ASP P 210 -17.50 -39.01 31.91
CA ASP P 210 -18.49 -38.40 31.04
C ASP P 210 -19.61 -37.88 31.94
N LYS P 211 -19.78 -36.56 32.05
CA LYS P 211 -20.82 -35.96 32.89
C LYS P 211 -21.94 -35.41 32.01
N LYS P 212 -23.14 -35.93 32.25
CA LYS P 212 -24.37 -35.38 31.68
C LYS P 212 -24.66 -34.04 32.37
N ILE P 213 -25.21 -33.08 31.63
CA ILE P 213 -25.54 -31.76 32.23
C ILE P 213 -27.04 -31.66 32.56
N GLU P 214 -27.36 -31.87 33.84
CA GLU P 214 -28.73 -31.96 34.35
C GLU P 214 -29.15 -30.59 34.92
N PRO P 215 -30.43 -30.19 34.77
CA PRO P 215 -30.92 -28.98 35.51
C PRO P 215 -30.88 -29.10 37.04
N ARG P 216 -31.06 -27.98 37.73
CA ARG P 216 -31.09 -27.95 39.19
C ARG P 216 -32.54 -27.81 39.59
N GLY P 217 -33.06 -28.74 40.39
CA GLY P 217 -34.43 -28.64 40.95
C GLY P 217 -34.32 -28.28 42.42
N PRO P 218 -35.23 -27.42 42.95
CA PRO P 218 -35.19 -27.05 44.38
C PRO P 218 -35.68 -28.17 45.30
N ASP Q 1 26.61 -17.21 20.00
CA ASP Q 1 25.12 -17.32 19.78
C ASP Q 1 24.63 -16.13 18.96
N ILE Q 2 23.90 -16.39 17.88
CA ILE Q 2 23.25 -15.33 17.11
C ILE Q 2 21.86 -15.09 17.72
N VAL Q 3 21.67 -13.93 18.36
CA VAL Q 3 20.38 -13.61 18.99
C VAL Q 3 19.54 -12.86 17.96
N LEU Q 4 18.33 -13.37 17.69
CA LEU Q 4 17.39 -12.76 16.76
C LEU Q 4 16.30 -12.09 17.58
N THR Q 5 16.08 -10.81 17.34
CA THR Q 5 15.15 -10.00 18.08
C THR Q 5 14.08 -9.52 17.12
N GLN Q 6 12.84 -9.87 17.43
CA GLN Q 6 11.71 -9.57 16.59
C GLN Q 6 10.96 -8.32 17.02
N SER Q 7 10.27 -7.71 16.06
CA SER Q 7 9.39 -6.56 16.30
C SER Q 7 8.30 -6.44 15.21
N PRO Q 8 7.09 -5.98 15.51
CA PRO Q 8 6.67 -5.64 16.84
C PRO Q 8 6.29 -6.88 17.64
N ALA Q 9 6.04 -6.66 18.92
CA ALA Q 9 5.59 -7.73 19.79
C ALA Q 9 4.18 -8.20 19.48
N SER Q 10 3.34 -7.35 18.88
CA SER Q 10 2.00 -7.73 18.41
C SER Q 10 1.43 -6.69 17.44
N LEU Q 11 0.43 -7.07 16.64
CA LEU Q 11 0.04 -6.31 15.45
C LEU Q 11 -1.41 -6.61 15.16
N ALA Q 12 -2.26 -5.60 15.10
CA ALA Q 12 -3.68 -5.80 14.84
C ALA Q 12 -4.00 -5.26 13.45
N VAL Q 13 -4.02 -6.16 12.48
CA VAL Q 13 -4.21 -5.84 11.07
C VAL Q 13 -5.64 -6.20 10.65
N SER Q 14 -6.32 -5.30 9.92
CA SER Q 14 -7.70 -5.56 9.45
C SER Q 14 -7.72 -6.37 8.13
N LEU Q 15 -8.84 -6.99 7.82
CA LEU Q 15 -8.91 -7.98 6.76
C LEU Q 15 -8.61 -7.40 5.39
N GLY Q 16 -7.77 -8.09 4.62
CA GLY Q 16 -7.33 -7.59 3.31
C GLY Q 16 -5.96 -6.94 3.28
N GLN Q 17 -5.46 -6.51 4.42
CA GLN Q 17 -4.37 -5.53 4.47
C GLN Q 17 -3.00 -6.21 4.48
N ARG Q 18 -1.95 -5.39 4.55
CA ARG Q 18 -0.60 -5.87 4.78
C ARG Q 18 -0.31 -5.95 6.27
N ALA Q 19 0.26 -7.05 6.69
CA ALA Q 19 1.01 -7.13 7.94
C ALA Q 19 2.49 -7.29 7.62
N THR Q 20 3.33 -6.47 8.24
CA THR Q 20 4.78 -6.64 8.18
C THR Q 20 5.31 -6.96 9.59
N ILE Q 21 6.16 -7.99 9.65
CA ILE Q 21 6.84 -8.41 10.86
C ILE Q 21 8.35 -8.40 10.57
N SER Q 22 9.16 -7.99 11.55
CA SER Q 22 10.61 -7.83 11.39
C SER Q 22 11.40 -8.79 12.26
N CYS Q 23 12.61 -9.07 11.81
CA CYS Q 23 13.61 -9.81 12.59
C CYS Q 23 14.99 -9.12 12.46
N ARG Q 24 15.65 -8.85 13.59
CA ARG Q 24 17.07 -8.38 13.58
C ARG Q 24 18.01 -9.36 14.20
N ALA Q 25 19.04 -9.76 13.44
CA ALA Q 25 20.05 -10.67 13.91
C ALA Q 25 21.26 -9.92 14.52
N SER Q 26 21.79 -10.47 15.60
CA SER Q 26 22.91 -9.87 16.35
C SER Q 26 24.16 -9.71 15.49
N GLU Q 27 24.41 -10.72 14.66
CA GLU Q 27 25.42 -10.66 13.60
C GLU Q 27 24.78 -11.04 12.29
N SER Q 28 25.56 -10.93 11.21
CA SER Q 28 25.06 -11.37 9.90
C SER Q 28 24.80 -12.85 9.91
N VAL Q 29 23.76 -13.20 9.15
CA VAL Q 29 23.45 -14.60 8.84
C VAL Q 29 23.70 -14.94 7.36
N ASP Q 30 24.11 -13.97 6.54
CA ASP Q 30 24.58 -14.24 5.18
C ASP Q 30 25.65 -15.31 5.20
N ASN Q 31 25.64 -16.11 4.15
CA ASN Q 31 26.37 -17.35 4.12
C ASN Q 31 26.34 -17.94 2.71
N TYR Q 32 27.49 -17.92 2.03
CA TYR Q 32 27.62 -18.45 0.66
C TYR Q 32 26.61 -17.89 -0.35
N GLY Q 33 26.37 -16.59 -0.27
CA GLY Q 33 25.40 -15.88 -1.10
C GLY Q 33 23.94 -15.90 -0.65
N ILE Q 34 23.68 -16.58 0.47
CA ILE Q 34 22.35 -16.97 0.90
C ILE Q 34 22.15 -16.43 2.30
N SER Q 35 21.00 -15.80 2.53
CA SER Q 35 20.62 -15.34 3.87
C SER Q 35 19.92 -16.48 4.61
N SER Q 36 20.56 -17.03 5.63
CA SER Q 36 20.02 -18.21 6.36
C SER Q 36 18.94 -17.85 7.42
N MET Q 37 17.90 -17.13 6.98
CA MET Q 37 16.76 -16.76 7.82
C MET Q 37 15.48 -17.48 7.37
N ASN Q 38 14.78 -18.12 8.30
CA ASN Q 38 13.56 -18.90 7.96
C ASN Q 38 12.44 -18.47 8.89
N TRP Q 39 11.22 -18.47 8.37
CA TRP Q 39 10.08 -17.99 9.09
C TRP Q 39 9.11 -19.12 9.34
N PHE Q 40 8.48 -19.09 10.52
CA PHE Q 40 7.53 -20.12 10.91
C PHE Q 40 6.24 -19.52 11.43
N GLN Q 41 5.10 -20.17 11.20
CA GLN Q 41 3.83 -19.78 11.78
C GLN Q 41 3.44 -20.80 12.84
N GLN Q 42 3.09 -20.33 14.04
CA GLN Q 42 2.49 -21.21 15.05
C GLN Q 42 1.06 -20.78 15.43
N LYS Q 43 0.09 -21.65 15.17
CA LYS Q 43 -1.30 -21.38 15.53
C LYS Q 43 -1.59 -22.04 16.86
N ALA Q 44 -2.61 -21.54 17.56
CA ALA Q 44 -2.94 -22.02 18.90
C ALA Q 44 -3.13 -23.52 18.95
N GLY Q 45 -2.42 -24.14 19.90
CA GLY Q 45 -2.46 -25.60 20.08
C GLY Q 45 -1.69 -26.43 19.06
N GLN Q 46 -0.99 -25.78 18.13
CA GLN Q 46 -0.33 -26.47 17.03
C GLN Q 46 1.19 -26.32 17.07
N PRO Q 47 1.91 -27.16 16.30
CA PRO Q 47 3.36 -26.93 16.16
C PRO Q 47 3.66 -25.83 15.17
N PRO Q 48 4.88 -25.30 15.20
CA PRO Q 48 5.26 -24.34 14.17
C PRO Q 48 5.22 -24.99 12.79
N LYS Q 49 4.62 -24.30 11.83
CA LYS Q 49 4.64 -24.70 10.44
C LYS Q 49 5.69 -23.86 9.74
N PHE Q 50 6.45 -24.49 8.88
CA PHE Q 50 7.46 -23.84 8.06
C PHE Q 50 6.84 -23.02 6.91
N LEU Q 51 7.23 -21.74 6.79
CA LEU Q 51 6.65 -20.84 5.77
C LEU Q 51 7.63 -20.46 4.67
N ILE Q 52 8.73 -19.84 5.08
CA ILE Q 52 9.67 -19.20 4.16
C ILE Q 52 11.08 -19.61 4.55
N TYR Q 53 11.94 -19.83 3.56
CA TYR Q 53 13.36 -20.14 3.80
C TYR Q 53 14.25 -19.24 2.94
N ALA Q 54 15.56 -19.26 3.22
CA ALA Q 54 16.54 -18.36 2.61
C ALA Q 54 16.04 -16.92 2.50
N ALA Q 55 15.42 -16.44 3.57
CA ALA Q 55 14.82 -15.10 3.70
C ALA Q 55 13.55 -14.83 2.88
N SER Q 56 13.66 -15.07 1.57
CA SER Q 56 12.61 -14.74 0.61
C SER Q 56 11.96 -15.94 -0.14
N LYS Q 57 12.62 -17.10 -0.12
CA LYS Q 57 12.15 -18.26 -0.90
C LYS Q 57 10.94 -18.98 -0.26
N GLN Q 58 10.18 -19.70 -1.08
CA GLN Q 58 8.81 -20.13 -0.73
C GLN Q 58 8.80 -21.57 -0.23
N GLY Q 59 8.08 -21.85 0.86
CA GLY Q 59 8.04 -23.19 1.44
C GLY Q 59 7.28 -24.17 0.57
N SER Q 60 7.26 -25.44 0.97
CA SER Q 60 6.55 -26.49 0.21
C SER Q 60 5.05 -26.24 0.31
N GLY Q 61 4.42 -25.88 -0.81
CA GLY Q 61 2.98 -25.68 -0.89
C GLY Q 61 2.48 -24.64 0.09
N VAL Q 62 3.18 -23.51 0.15
CA VAL Q 62 2.77 -22.37 1.00
C VAL Q 62 2.15 -21.21 0.16
N PRO Q 63 1.05 -20.58 0.65
CA PRO Q 63 0.42 -19.47 -0.08
C PRO Q 63 1.39 -18.37 -0.47
N ALA Q 64 1.27 -17.87 -1.70
CA ALA Q 64 2.06 -16.74 -2.19
C ALA Q 64 1.89 -15.49 -1.36
N ARG Q 65 0.70 -15.31 -0.77
CA ARG Q 65 0.44 -14.19 0.15
C ARG Q 65 1.49 -14.03 1.27
N PHE Q 66 2.10 -15.15 1.71
CA PHE Q 66 3.29 -15.10 2.57
C PHE Q 66 4.50 -14.90 1.70
N SER Q 67 5.19 -13.78 1.91
CA SER Q 67 6.51 -13.54 1.33
C SER Q 67 7.46 -12.89 2.35
N GLY Q 68 8.76 -12.98 2.07
CA GLY Q 68 9.78 -12.39 2.93
C GLY Q 68 10.86 -11.70 2.12
N SER Q 69 11.48 -10.70 2.72
CA SER Q 69 12.65 -10.06 2.13
C SER Q 69 13.72 -9.81 3.18
N GLY Q 70 14.93 -9.56 2.69
CA GLY Q 70 16.05 -9.13 3.51
C GLY Q 70 17.38 -9.73 3.12
N SER Q 71 18.42 -9.19 3.73
CA SER Q 71 19.72 -9.85 3.83
C SER Q 71 20.49 -9.31 5.04
N GLY Q 72 21.65 -9.90 5.31
CA GLY Q 72 22.53 -9.43 6.38
C GLY Q 72 21.93 -9.70 7.75
N THR Q 73 21.64 -8.64 8.50
CA THR Q 73 21.04 -8.72 9.83
C THR Q 73 19.55 -8.49 9.86
N ASP Q 74 19.00 -7.82 8.84
CA ASP Q 74 17.61 -7.30 8.86
C ASP Q 74 16.72 -8.04 7.88
N PHE Q 75 15.61 -8.56 8.39
CA PHE Q 75 14.70 -9.37 7.63
C PHE Q 75 13.27 -9.02 7.98
N SER Q 76 12.41 -9.33 7.02
CA SER Q 76 11.01 -9.04 7.13
C SER Q 76 10.17 -10.19 6.56
N LEU Q 77 9.03 -10.38 7.19
CA LEU Q 77 7.94 -11.22 6.71
C LEU Q 77 6.73 -10.31 6.40
N ILE Q 78 6.01 -10.62 5.34
CA ILE Q 78 4.79 -9.92 4.94
C ILE Q 78 3.69 -10.92 4.65
N ILE Q 79 2.54 -10.65 5.24
CA ILE Q 79 1.31 -11.39 4.99
C ILE Q 79 0.33 -10.40 4.38
N HIS Q 80 -0.08 -10.65 3.13
CA HIS Q 80 -0.94 -9.71 2.39
C HIS Q 80 -1.61 -10.48 1.25
N PRO Q 81 -2.94 -10.64 1.26
CA PRO Q 81 -3.89 -10.06 2.22
C PRO Q 81 -4.12 -10.92 3.44
N VAL Q 82 -4.30 -10.28 4.59
CA VAL Q 82 -4.49 -10.97 5.86
C VAL Q 82 -5.91 -11.55 5.96
N GLU Q 83 -5.99 -12.84 6.28
CA GLU Q 83 -7.27 -13.55 6.45
C GLU Q 83 -7.52 -13.94 7.91
N GLU Q 84 -8.75 -14.38 8.21
CA GLU Q 84 -9.13 -14.74 9.59
C GLU Q 84 -8.24 -15.81 10.23
N ASP Q 85 -7.78 -16.75 9.40
CA ASP Q 85 -6.94 -17.88 9.83
C ASP Q 85 -5.46 -17.56 10.09
N ASP Q 86 -5.06 -16.34 9.73
CA ASP Q 86 -3.69 -15.90 9.93
C ASP Q 86 -3.41 -15.35 11.33
N THR Q 87 -4.42 -15.31 12.21
CA THR Q 87 -4.21 -15.10 13.65
C THR Q 87 -3.31 -16.23 14.20
N ALA Q 88 -2.13 -15.85 14.69
CA ALA Q 88 -1.09 -16.82 15.05
C ALA Q 88 0.13 -16.08 15.62
N VAL Q 89 1.20 -16.82 15.93
CA VAL Q 89 2.47 -16.23 16.33
C VAL Q 89 3.50 -16.64 15.30
N TYR Q 90 4.25 -15.66 14.79
CA TYR Q 90 5.29 -15.94 13.78
C TYR Q 90 6.68 -15.84 14.39
N PHE Q 91 7.52 -16.84 14.14
CA PHE Q 91 8.91 -16.88 14.61
C PHE Q 91 9.86 -16.85 13.42
N CYS Q 92 10.88 -15.99 13.48
CA CYS Q 92 12.01 -16.11 12.58
C CYS Q 92 13.04 -17.03 13.24
N GLN Q 93 13.95 -17.57 12.45
CA GLN Q 93 14.89 -18.59 12.90
C GLN Q 93 16.14 -18.58 12.02
N GLN Q 94 17.28 -18.81 12.65
CA GLN Q 94 18.58 -18.63 12.02
C GLN Q 94 19.25 -19.97 11.84
N SER Q 95 19.74 -20.25 10.64
CA SER Q 95 20.54 -21.46 10.34
C SER Q 95 21.95 -21.15 9.81
N LYS Q 96 22.50 -20.02 10.22
CA LYS Q 96 23.87 -19.67 9.86
C LYS Q 96 24.91 -20.49 10.60
N GLY Q 97 24.68 -20.76 11.89
CA GLY Q 97 25.55 -21.64 12.68
C GLY Q 97 24.96 -22.17 13.96
N VAL Q 98 25.63 -23.18 14.52
CA VAL Q 98 25.17 -23.84 15.73
C VAL Q 98 25.65 -22.95 16.90
N PRO Q 99 24.83 -22.71 17.92
CA PRO Q 99 23.46 -23.23 18.06
C PRO Q 99 22.45 -22.53 17.15
N TYR Q 100 21.50 -23.28 16.59
CA TYR Q 100 20.39 -22.68 15.84
C TYR Q 100 19.46 -22.00 16.85
N THR Q 101 18.95 -20.83 16.48
CA THR Q 101 18.24 -19.95 17.41
C THR Q 101 16.97 -19.39 16.76
N PHE Q 102 15.87 -19.40 17.52
CA PHE Q 102 14.63 -18.79 17.10
C PHE Q 102 14.47 -17.40 17.76
N GLY Q 103 13.82 -16.47 17.07
CA GLY Q 103 13.36 -15.22 17.69
C GLY Q 103 12.33 -15.49 18.78
N GLY Q 104 11.89 -14.43 19.46
CA GLY Q 104 10.97 -14.56 20.59
C GLY Q 104 9.53 -14.80 20.15
N GLY Q 105 9.15 -14.18 19.04
CA GLY Q 105 7.86 -14.45 18.40
C GLY Q 105 6.98 -13.22 18.36
N THR Q 106 6.21 -13.04 17.27
CA THR Q 106 5.30 -11.91 17.09
C THR Q 106 3.87 -12.39 16.99
N LYS Q 107 2.98 -11.77 17.77
CA LYS Q 107 1.55 -12.10 17.78
C LYS Q 107 0.74 -11.27 16.76
N LEU Q 108 0.30 -11.91 15.69
CA LEU Q 108 -0.60 -11.28 14.71
C LEU Q 108 -2.04 -11.45 15.15
N GLU Q 109 -2.75 -10.33 15.25
CA GLU Q 109 -4.17 -10.29 15.56
C GLU Q 109 -4.90 -9.78 14.33
N ILE Q 110 -6.04 -10.38 14.04
CA ILE Q 110 -6.92 -9.90 12.98
C ILE Q 110 -7.95 -8.94 13.57
N LYS Q 111 -8.03 -7.72 13.04
CA LYS Q 111 -8.99 -6.70 13.50
C LYS Q 111 -10.41 -7.07 13.06
N ARG Q 112 -11.40 -6.64 13.83
CA ARG Q 112 -12.81 -6.73 13.41
C ARG Q 112 -13.72 -5.83 14.28
N ALA Q 113 -15.02 -5.83 13.98
CA ALA Q 113 -15.96 -4.99 14.71
C ALA Q 113 -15.96 -5.38 16.17
N ASP Q 114 -16.14 -4.39 17.03
CA ASP Q 114 -16.17 -4.62 18.46
C ASP Q 114 -17.42 -5.44 18.74
N ALA Q 115 -17.28 -6.52 19.51
CA ALA Q 115 -18.40 -7.38 19.91
C ALA Q 115 -18.45 -7.49 21.44
N ALA Q 116 -19.63 -7.30 22.00
CA ALA Q 116 -19.83 -7.44 23.44
C ALA Q 116 -19.87 -8.93 23.78
N PRO Q 117 -19.40 -9.28 24.99
CA PRO Q 117 -19.40 -10.68 25.38
C PRO Q 117 -20.79 -11.18 25.71
N THR Q 118 -21.03 -12.44 25.40
CA THR Q 118 -22.15 -13.18 25.93
C THR Q 118 -21.71 -13.68 27.32
N VAL Q 119 -22.23 -13.09 28.39
CA VAL Q 119 -21.84 -13.44 29.76
C VAL Q 119 -22.82 -14.43 30.40
N SER Q 120 -22.27 -15.47 31.04
CA SER Q 120 -23.06 -16.51 31.71
C SER Q 120 -22.43 -16.86 33.06
N ILE Q 121 -23.26 -17.10 34.09
CA ILE Q 121 -22.76 -17.30 35.47
C ILE Q 121 -23.36 -18.57 36.04
N PHE Q 122 -22.51 -19.37 36.68
CA PHE Q 122 -22.85 -20.74 37.09
C PHE Q 122 -22.44 -21.02 38.53
N PRO Q 123 -23.39 -21.42 39.38
CA PRO Q 123 -23.03 -21.78 40.75
C PRO Q 123 -22.12 -23.01 40.83
N PRO Q 124 -21.57 -23.29 42.03
CA PRO Q 124 -20.72 -24.44 42.22
C PRO Q 124 -21.55 -25.71 42.26
N SER Q 125 -21.05 -26.77 41.63
CA SER Q 125 -21.89 -27.92 41.35
C SER Q 125 -22.31 -28.65 42.60
N SER Q 126 -23.29 -29.52 42.43
CA SER Q 126 -23.84 -30.31 43.54
C SER Q 126 -22.77 -31.26 44.07
N GLU Q 127 -22.04 -31.91 43.15
CA GLU Q 127 -21.01 -32.88 43.51
C GLU Q 127 -19.82 -32.22 44.20
N GLN Q 128 -19.42 -31.03 43.76
CA GLN Q 128 -18.33 -30.29 44.42
C GLN Q 128 -18.61 -29.99 45.88
N LEU Q 129 -19.88 -29.77 46.24
CA LEU Q 129 -20.30 -29.40 47.58
C LEU Q 129 -20.17 -30.54 48.59
N THR Q 130 -20.43 -31.79 48.19
CA THR Q 130 -20.13 -32.95 49.05
C THR Q 130 -18.60 -33.18 49.24
N SER Q 131 -17.79 -32.76 48.25
CA SER Q 131 -16.31 -32.77 48.36
C SER Q 131 -15.68 -31.57 49.14
N GLY Q 132 -16.52 -30.66 49.67
CA GLY Q 132 -16.07 -29.58 50.56
C GLY Q 132 -15.36 -28.48 49.80
N GLY Q 133 -16.01 -28.01 48.73
CA GLY Q 133 -15.47 -26.93 47.90
C GLY Q 133 -16.56 -26.18 47.16
N ALA Q 134 -16.24 -24.95 46.74
CA ALA Q 134 -17.15 -24.10 45.98
C ALA Q 134 -16.38 -23.31 44.94
N SER Q 135 -16.60 -23.60 43.66
CA SER Q 135 -16.10 -22.78 42.56
C SER Q 135 -17.26 -22.16 41.77
N VAL Q 136 -17.29 -20.83 41.68
CA VAL Q 136 -18.30 -20.12 40.90
C VAL Q 136 -17.66 -19.63 39.64
N VAL Q 137 -18.32 -19.86 38.51
CA VAL Q 137 -17.75 -19.64 37.19
C VAL Q 137 -18.55 -18.64 36.35
N CYS Q 138 -17.83 -17.86 35.56
CA CYS Q 138 -18.40 -16.86 34.67
C CYS Q 138 -17.71 -16.96 33.31
N PHE Q 139 -18.45 -17.26 32.24
CA PHE Q 139 -17.90 -17.29 30.88
C PHE Q 139 -18.28 -16.03 30.16
N LEU Q 140 -17.29 -15.33 29.62
CA LEU Q 140 -17.50 -14.10 28.90
C LEU Q 140 -16.99 -14.45 27.53
N ASN Q 141 -17.91 -14.84 26.66
CA ASN Q 141 -17.57 -15.48 25.37
C ASN Q 141 -17.81 -14.60 24.13
N ASN Q 142 -17.06 -14.90 23.05
CA ASN Q 142 -17.32 -14.38 21.69
C ASN Q 142 -17.26 -12.83 21.61
N PHE Q 143 -16.21 -12.22 22.15
CA PHE Q 143 -16.08 -10.76 22.24
C PHE Q 143 -14.81 -10.21 21.58
N TYR Q 144 -14.81 -8.91 21.27
CA TYR Q 144 -13.65 -8.22 20.68
C TYR Q 144 -13.72 -6.73 21.07
N PRO Q 145 -12.59 -6.07 21.36
CA PRO Q 145 -11.23 -6.67 21.42
C PRO Q 145 -10.96 -7.44 22.69
N LYS Q 146 -9.76 -8.00 22.80
CA LYS Q 146 -9.38 -8.86 23.93
C LYS Q 146 -9.52 -8.16 25.28
N ASP Q 147 -9.31 -6.83 25.30
CA ASP Q 147 -9.20 -6.08 26.54
C ASP Q 147 -10.55 -5.89 27.27
N ILE Q 148 -10.60 -6.37 28.51
CA ILE Q 148 -11.84 -6.51 29.27
C ILE Q 148 -11.59 -6.53 30.78
N ASN Q 149 -12.59 -6.11 31.55
CA ASN Q 149 -12.54 -6.14 33.00
C ASN Q 149 -13.68 -6.90 33.58
N VAL Q 150 -13.36 -7.83 34.47
CA VAL Q 150 -14.36 -8.63 35.14
C VAL Q 150 -14.16 -8.52 36.65
N LYS Q 151 -15.27 -8.37 37.39
CA LYS Q 151 -15.24 -7.92 38.76
C LYS Q 151 -16.24 -8.76 39.52
N TRP Q 152 -15.78 -9.62 40.44
CA TRP Q 152 -16.70 -10.42 41.28
C TRP Q 152 -17.23 -9.61 42.47
N LYS Q 153 -18.40 -10.02 42.98
CA LYS Q 153 -19.04 -9.38 44.14
C LYS Q 153 -19.81 -10.41 44.95
N ILE Q 154 -19.57 -10.48 46.26
CA ILE Q 154 -20.29 -11.39 47.15
C ILE Q 154 -21.16 -10.52 48.07
N ASP Q 155 -22.48 -10.60 47.88
CA ASP Q 155 -23.49 -9.75 48.55
C ASP Q 155 -23.38 -8.27 48.21
N GLY Q 156 -23.04 -7.97 46.95
CA GLY Q 156 -22.90 -6.59 46.48
C GLY Q 156 -21.56 -5.92 46.76
N SER Q 157 -20.68 -6.55 47.55
CA SER Q 157 -19.35 -6.03 47.88
C SER Q 157 -18.23 -6.89 47.28
N GLU Q 158 -17.12 -6.23 46.92
CA GLU Q 158 -16.18 -6.77 45.95
C GLU Q 158 -15.27 -7.83 46.53
N ARG Q 159 -14.81 -8.74 45.65
CA ARG Q 159 -13.96 -9.86 46.06
C ARG Q 159 -12.80 -10.00 45.09
N GLN Q 160 -11.57 -9.97 45.61
CA GLN Q 160 -10.36 -10.02 44.81
C GLN Q 160 -9.66 -11.38 44.93
N ASN Q 161 -9.44 -11.82 46.18
CA ASN Q 161 -8.84 -13.15 46.43
C ASN Q 161 -9.67 -14.31 45.84
N GLY Q 162 -8.96 -15.36 45.42
CA GLY Q 162 -9.56 -16.58 44.90
C GLY Q 162 -9.80 -16.57 43.39
N VAL Q 163 -9.83 -15.39 42.77
CA VAL Q 163 -10.28 -15.25 41.38
C VAL Q 163 -9.12 -15.54 40.44
N LEU Q 164 -9.37 -16.43 39.47
CA LEU Q 164 -8.45 -16.68 38.35
C LEU Q 164 -9.13 -16.47 36.98
N ASN Q 165 -8.41 -15.90 36.02
CA ASN Q 165 -8.90 -15.70 34.67
C ASN Q 165 -8.08 -16.43 33.62
N SER Q 166 -8.75 -16.98 32.61
CA SER Q 166 -8.09 -17.66 31.51
C SER Q 166 -8.75 -17.25 30.19
N TRP Q 167 -7.97 -16.76 29.23
CA TRP Q 167 -8.49 -16.39 27.89
C TRP Q 167 -8.16 -17.45 26.86
N THR Q 168 -9.01 -17.59 25.86
CA THR Q 168 -8.66 -18.25 24.63
C THR Q 168 -7.80 -17.30 23.79
N ASP Q 169 -7.00 -17.88 22.91
CA ASP Q 169 -6.43 -17.11 21.80
C ASP Q 169 -7.59 -16.71 20.86
N GLN Q 170 -7.29 -15.77 19.96
CA GLN Q 170 -8.26 -15.33 18.97
C GLN Q 170 -8.79 -16.52 18.17
N ASP Q 171 -10.09 -16.53 17.88
CA ASP Q 171 -10.70 -17.61 17.04
C ASP Q 171 -10.30 -17.46 15.58
N SER Q 172 -10.03 -18.58 14.92
CA SER Q 172 -9.56 -18.58 13.54
C SER Q 172 -10.68 -18.22 12.49
N LYS Q 173 -11.93 -18.14 12.93
CA LYS Q 173 -13.08 -17.96 12.01
C LYS Q 173 -13.77 -16.61 12.19
N ASP Q 174 -14.20 -16.32 13.42
CA ASP Q 174 -14.91 -15.05 13.70
C ASP Q 174 -14.08 -13.94 14.39
N SER Q 175 -12.80 -14.21 14.62
CA SER Q 175 -11.84 -13.22 15.14
C SER Q 175 -12.13 -12.68 16.55
N THR Q 176 -12.89 -13.42 17.36
CA THR Q 176 -13.23 -13.01 18.73
C THR Q 176 -12.46 -13.80 19.72
N TYR Q 177 -12.37 -13.23 20.91
CA TYR Q 177 -11.74 -13.85 22.07
C TYR Q 177 -12.84 -14.29 23.03
N SER Q 178 -12.44 -15.09 24.03
CA SER Q 178 -13.40 -15.61 25.02
C SER Q 178 -12.64 -15.85 26.32
N MET Q 179 -13.27 -15.63 27.49
CA MET Q 179 -12.58 -15.87 28.78
C MET Q 179 -13.45 -16.52 29.83
N SER Q 180 -12.79 -17.11 30.82
CA SER Q 180 -13.45 -17.84 31.88
C SER Q 180 -12.88 -17.29 33.17
N SER Q 181 -13.74 -16.67 33.97
CA SER Q 181 -13.36 -16.16 35.27
C SER Q 181 -13.96 -17.07 36.34
N THR Q 182 -13.16 -17.39 37.35
CA THR Q 182 -13.50 -18.44 38.32
C THR Q 182 -13.12 -18.03 39.77
N LEU Q 183 -14.15 -17.70 40.58
CA LEU Q 183 -13.98 -17.40 42.01
C LEU Q 183 -14.03 -18.71 42.79
N THR Q 184 -12.90 -19.13 43.35
CA THR Q 184 -12.80 -20.39 44.11
C THR Q 184 -12.82 -20.12 45.64
N LEU Q 185 -13.76 -20.75 46.34
CA LEU Q 185 -13.95 -20.57 47.79
C LEU Q 185 -14.02 -21.91 48.49
N THR Q 186 -14.05 -21.86 49.82
CA THR Q 186 -14.41 -23.03 50.64
C THR Q 186 -15.92 -23.20 50.60
N LYS Q 187 -16.37 -24.42 50.86
CA LYS Q 187 -17.80 -24.70 51.08
C LYS Q 187 -18.36 -23.87 52.24
N ASP Q 188 -17.59 -23.70 53.32
CA ASP Q 188 -18.02 -22.94 54.51
C ASP Q 188 -18.45 -21.52 54.17
N GLU Q 189 -17.55 -20.82 53.48
CA GLU Q 189 -17.78 -19.42 53.09
C GLU Q 189 -18.89 -19.24 52.08
N TYR Q 190 -18.99 -20.17 51.15
CA TYR Q 190 -20.07 -20.14 50.15
C TYR Q 190 -21.47 -20.15 50.78
N GLU Q 191 -21.62 -20.81 51.93
CA GLU Q 191 -22.90 -20.91 52.62
C GLU Q 191 -23.22 -19.76 53.58
N ARG Q 192 -22.24 -18.90 53.90
CA ARG Q 192 -22.49 -17.69 54.69
C ARG Q 192 -23.29 -16.71 53.88
N HIS Q 193 -22.77 -16.38 52.70
CA HIS Q 193 -23.32 -15.34 51.85
C HIS Q 193 -24.40 -15.87 50.94
N ASN Q 194 -25.20 -14.93 50.43
CA ASN Q 194 -26.37 -15.24 49.62
C ASN Q 194 -26.10 -15.00 48.13
N SER Q 195 -25.83 -13.75 47.78
CA SER Q 195 -25.87 -13.29 46.39
C SER Q 195 -24.49 -13.19 45.72
N TYR Q 196 -24.27 -13.88 44.59
CA TYR Q 196 -22.95 -13.91 43.88
C TYR Q 196 -23.05 -13.28 42.49
N THR Q 197 -22.30 -12.20 42.28
CA THR Q 197 -22.40 -11.38 41.07
C THR Q 197 -21.06 -11.33 40.34
N CYS Q 198 -21.12 -11.18 39.02
CA CYS Q 198 -19.94 -11.17 38.15
C CYS Q 198 -20.18 -10.06 37.14
N GLU Q 199 -19.35 -9.01 37.20
CA GLU Q 199 -19.55 -7.78 36.44
C GLU Q 199 -18.51 -7.64 35.36
N ALA Q 200 -18.96 -7.63 34.11
CA ALA Q 200 -18.06 -7.42 32.98
C ALA Q 200 -18.21 -6.00 32.41
N THR Q 201 -17.07 -5.38 32.13
CA THR Q 201 -17.02 -3.99 31.66
C THR Q 201 -16.15 -4.00 30.41
N HIS Q 202 -16.69 -3.51 29.30
CA HIS Q 202 -16.05 -3.68 28.00
C HIS Q 202 -16.19 -2.42 27.17
N LYS Q 203 -15.23 -2.23 26.25
CA LYS Q 203 -15.27 -1.14 25.23
C LYS Q 203 -16.63 -0.87 24.57
N THR Q 204 -17.45 -1.90 24.46
CA THR Q 204 -18.73 -1.86 23.75
C THR Q 204 -19.93 -1.28 24.52
N SER Q 205 -19.78 -1.05 25.82
CA SER Q 205 -20.86 -0.47 26.63
C SER Q 205 -20.26 0.18 27.88
N THR Q 206 -20.60 1.45 28.11
CA THR Q 206 -20.18 2.16 29.33
C THR Q 206 -20.70 1.41 30.58
N SER Q 207 -21.96 0.99 30.52
CA SER Q 207 -22.60 0.22 31.59
C SER Q 207 -22.15 -1.24 31.49
N PRO Q 208 -21.79 -1.85 32.64
CA PRO Q 208 -21.31 -3.22 32.59
C PRO Q 208 -22.42 -4.26 32.41
N ILE Q 209 -22.06 -5.38 31.79
CA ILE Q 209 -22.92 -6.57 31.80
C ILE Q 209 -22.78 -7.19 33.17
N VAL Q 210 -23.91 -7.35 33.84
CA VAL Q 210 -23.98 -7.92 35.16
C VAL Q 210 -24.76 -9.23 35.09
N LYS Q 211 -24.18 -10.25 35.70
CA LYS Q 211 -24.83 -11.54 35.82
C LYS Q 211 -24.74 -11.98 37.28
N SER Q 212 -25.86 -12.46 37.82
CA SER Q 212 -25.94 -12.81 39.25
C SER Q 212 -27.06 -13.79 39.60
N PHE Q 213 -26.92 -14.38 40.78
CA PHE Q 213 -27.92 -15.30 41.34
C PHE Q 213 -27.89 -15.26 42.87
N ASN Q 214 -28.85 -15.95 43.49
CA ASN Q 214 -28.88 -16.15 44.94
C ASN Q 214 -28.82 -17.65 45.27
N ARG Q 215 -28.21 -17.98 46.41
CA ARG Q 215 -28.12 -19.37 46.86
C ARG Q 215 -29.29 -19.66 47.79
N HYP R 12 18.34 -29.68 -2.07
CA HYP R 12 19.37 -29.31 -1.13
C HYP R 12 19.81 -30.45 -0.28
O HYP R 12 20.70 -30.29 0.59
CB HYP R 12 18.77 -28.21 -0.27
CG HYP R 12 17.34 -27.98 -0.76
CD HYP R 12 17.10 -28.94 -1.91
OD1 HYP R 12 17.20 -26.63 -1.22
N GLY R 13 19.20 -31.62 -0.48
CA GLY R 13 19.55 -32.81 0.30
C GLY R 13 18.70 -33.01 1.54
N GLY R 14 19.20 -33.87 2.43
CA GLY R 14 18.57 -34.09 3.75
C GLY R 14 18.69 -32.96 4.75
N ARG R 15 19.58 -31.99 4.48
CA ARG R 15 19.66 -30.72 5.22
C ARG R 15 18.34 -30.02 5.34
N GLY R 16 17.53 -30.10 4.29
CA GLY R 16 16.22 -29.45 4.25
C GLY R 16 16.38 -28.02 3.81
N LEU R 17 15.30 -27.44 3.31
CA LEU R 17 15.33 -26.06 2.81
C LEU R 17 15.69 -25.07 3.93
N THR R 18 15.32 -25.40 5.17
CA THR R 18 15.68 -24.63 6.39
C THR R 18 17.08 -24.92 6.97
N GLY R 19 17.75 -25.94 6.45
CA GLY R 19 19.06 -26.35 6.91
C GLY R 19 20.17 -25.35 6.60
N PRO R 20 21.34 -25.53 7.20
CA PRO R 20 22.48 -24.68 6.91
C PRO R 20 23.02 -24.97 5.52
N ILE R 21 23.54 -23.94 4.86
CA ILE R 21 24.28 -24.09 3.58
C ILE R 21 25.71 -24.63 3.81
N GLY R 22 26.34 -25.15 2.75
CA GLY R 22 27.71 -25.70 2.82
C GLY R 22 28.68 -25.27 1.70
N PRO R 23 29.95 -25.74 1.77
CA PRO R 23 30.92 -25.52 0.67
C PRO R 23 31.00 -26.70 -0.32
N VAL S 2 -41.06 36.55 22.83
CA VAL S 2 -40.97 38.04 22.96
C VAL S 2 -40.06 38.62 21.88
N LYS S 3 -40.42 39.75 21.28
CA LYS S 3 -39.61 40.38 20.20
C LYS S 3 -39.68 41.89 20.23
N LEU S 4 -38.53 42.56 20.07
CA LEU S 4 -38.43 44.02 20.18
C LEU S 4 -37.45 44.53 19.15
N GLU S 5 -37.84 45.54 18.37
CA GLU S 5 -37.05 45.96 17.22
C GLU S 5 -37.04 47.47 17.12
N GLU S 6 -35.86 48.08 17.15
CA GLU S 6 -35.72 49.53 17.21
C GLU S 6 -35.31 50.08 15.85
N SER S 7 -35.78 51.29 15.50
CA SER S 7 -35.44 51.93 14.21
C SER S 7 -35.41 53.43 14.36
N GLY S 8 -34.68 54.12 13.46
CA GLY S 8 -34.72 55.58 13.35
C GLY S 8 -33.41 56.32 13.61
N GLY S 9 -32.37 55.59 14.00
CA GLY S 9 -31.14 56.20 14.51
C GLY S 9 -30.16 56.56 13.42
N GLY S 10 -29.15 57.36 13.76
CA GLY S 10 -28.22 57.90 12.77
C GLY S 10 -27.42 59.08 13.31
N LEU S 11 -27.07 60.03 12.45
CA LEU S 11 -26.42 61.30 12.85
C LEU S 11 -27.42 62.46 12.82
N VAL S 12 -27.20 63.45 13.69
CA VAL S 12 -27.79 64.78 13.51
C VAL S 12 -26.95 65.83 14.23
N GLN S 13 -26.82 67.00 13.60
CA GLN S 13 -25.96 68.07 14.11
C GLN S 13 -26.55 68.66 15.40
N PRO S 14 -25.70 69.05 16.38
CA PRO S 14 -26.17 69.29 17.74
C PRO S 14 -27.21 70.40 17.82
N GLY S 15 -28.39 70.06 18.33
CA GLY S 15 -29.57 70.92 18.23
C GLY S 15 -30.72 70.38 17.38
N GLY S 16 -30.47 69.31 16.61
CA GLY S 16 -31.47 68.78 15.65
C GLY S 16 -32.43 67.75 16.24
N SER S 17 -33.36 67.28 15.41
CA SER S 17 -34.44 66.39 15.85
C SER S 17 -34.29 64.96 15.33
N MET S 18 -34.89 64.02 16.05
CA MET S 18 -34.93 62.62 15.65
C MET S 18 -36.02 61.89 16.46
N LYS S 19 -36.71 60.93 15.81
CA LYS S 19 -37.81 60.21 16.45
C LYS S 19 -37.48 58.72 16.33
N LEU S 20 -37.07 58.11 17.43
CA LEU S 20 -36.78 56.65 17.47
C LEU S 20 -38.06 55.85 17.70
N SER S 21 -38.10 54.58 17.28
CA SER S 21 -39.34 53.80 17.44
C SER S 21 -39.10 52.33 17.63
N CYS S 22 -40.05 51.68 18.30
CA CYS S 22 -39.88 50.31 18.81
C CYS S 22 -41.09 49.45 18.40
N ALA S 23 -40.85 48.40 17.62
CA ALA S 23 -41.88 47.42 17.24
C ALA S 23 -41.79 46.22 18.19
N ALA S 24 -42.86 45.96 18.94
CA ALA S 24 -42.86 44.97 20.03
C ALA S 24 -43.99 43.95 19.95
N SER S 25 -43.73 42.70 20.34
CA SER S 25 -44.74 41.64 20.29
C SER S 25 -44.43 40.54 21.30
N GLY S 26 -45.32 39.55 21.41
CA GLY S 26 -45.12 38.41 22.29
C GLY S 26 -45.48 38.57 23.76
N PHE S 27 -46.01 39.73 24.14
CA PHE S 27 -46.58 39.94 25.48
C PHE S 27 -47.83 40.79 25.39
N THR S 28 -48.56 40.88 26.49
CA THR S 28 -49.71 41.78 26.56
C THR S 28 -49.15 43.21 26.60
N PHE S 29 -48.99 43.82 25.41
CA PHE S 29 -48.39 45.16 25.25
C PHE S 29 -49.16 46.21 26.02
N SER S 30 -50.47 46.27 25.79
CA SER S 30 -51.33 47.25 26.49
C SER S 30 -51.14 47.22 28.02
N ASP S 31 -50.83 46.03 28.55
CA ASP S 31 -50.57 45.84 29.98
C ASP S 31 -49.14 46.19 30.43
N ALA S 32 -48.21 46.39 29.50
CA ALA S 32 -46.77 46.50 29.83
C ALA S 32 -46.28 47.94 30.13
N TRP S 33 -45.26 48.04 30.98
CA TRP S 33 -44.52 49.26 31.18
C TRP S 33 -43.30 49.17 30.25
N MET S 34 -43.16 50.11 29.34
CA MET S 34 -42.03 50.13 28.39
C MET S 34 -41.06 51.23 28.75
N ASP S 35 -39.79 51.03 28.40
CA ASP S 35 -38.73 51.98 28.68
C ASP S 35 -37.76 52.07 27.52
N TRP S 36 -36.91 53.08 27.59
CA TRP S 36 -35.79 53.24 26.70
C TRP S 36 -34.57 53.32 27.58
N VAL S 37 -33.62 52.43 27.34
CA VAL S 37 -32.31 52.45 27.97
C VAL S 37 -31.32 52.78 26.87
N ARG S 38 -30.30 53.59 27.17
CA ARG S 38 -29.23 53.84 26.20
C ARG S 38 -27.86 53.44 26.77
N GLN S 39 -26.89 53.15 25.91
CA GLN S 39 -25.57 52.72 26.30
C GLN S 39 -24.52 53.44 25.47
N SER S 40 -23.63 54.22 26.09
CA SER S 40 -22.41 54.73 25.42
C SER S 40 -21.18 54.25 26.20
N PRO S 41 -19.99 54.29 25.56
CA PRO S 41 -18.77 53.94 26.28
C PRO S 41 -18.49 54.78 27.54
N GLU S 42 -18.89 56.05 27.53
CA GLU S 42 -18.56 56.95 28.62
C GLU S 42 -19.46 56.73 29.84
N LYS S 43 -20.78 56.68 29.63
CA LYS S 43 -21.76 56.59 30.74
C LYS S 43 -22.23 55.14 31.11
N GLY S 44 -21.87 54.17 30.27
CA GLY S 44 -22.40 52.81 30.41
C GLY S 44 -23.89 52.84 30.14
N LEU S 45 -24.66 52.19 31.02
CA LEU S 45 -26.08 52.02 30.79
C LEU S 45 -26.82 53.10 31.54
N GLU S 46 -27.50 53.94 30.77
CA GLU S 46 -28.27 55.05 31.26
C GLU S 46 -29.73 54.77 30.92
N TRP S 47 -30.56 54.66 31.96
CA TRP S 47 -32.01 54.69 31.77
C TRP S 47 -32.38 56.07 31.22
N VAL S 48 -33.24 56.06 30.21
CA VAL S 48 -33.64 57.31 29.51
C VAL S 48 -35.08 57.70 29.80
N ALA S 49 -36.03 56.76 29.72
CA ALA S 49 -37.44 57.09 29.80
C ALA S 49 -38.36 55.91 30.05
N GLU S 50 -39.44 56.15 30.80
CA GLU S 50 -40.46 55.14 31.09
C GLU S 50 -41.80 55.63 30.59
N ILE S 51 -42.62 54.69 30.14
CA ILE S 51 -44.04 54.91 29.93
C ILE S 51 -44.78 53.72 30.51
N ARG S 52 -45.65 54.02 31.47
CA ARG S 52 -46.40 53.00 32.18
C ARG S 52 -47.69 52.66 31.41
N ASN S 53 -48.44 51.66 31.89
CA ASN S 53 -49.63 51.17 31.16
C ASN S 53 -50.83 52.12 31.32
N LYS S 54 -51.89 51.83 30.57
CA LYS S 54 -53.13 52.62 30.63
C LYS S 54 -53.70 52.71 32.04
N VAL S 55 -53.64 51.62 32.80
CA VAL S 55 -54.15 51.61 34.17
C VAL S 55 -53.41 52.60 35.07
N ASN S 56 -52.12 52.89 34.78
CA ASN S 56 -51.37 53.97 35.46
C ASN S 56 -51.33 55.29 34.71
N ASN S 57 -52.35 55.55 33.90
CA ASN S 57 -52.51 56.77 33.14
C ASN S 57 -51.38 57.06 32.12
N HIS S 58 -50.80 56.02 31.53
CA HIS S 58 -49.65 56.17 30.62
C HIS S 58 -48.60 57.15 31.16
N ALA S 59 -48.36 57.06 32.47
CA ALA S 59 -47.52 58.00 33.16
C ALA S 59 -46.10 57.85 32.68
N THR S 60 -45.52 58.99 32.35
CA THR S 60 -44.18 59.06 31.78
C THR S 60 -43.17 59.56 32.78
N ASN S 61 -41.91 59.24 32.52
CA ASN S 61 -40.80 59.74 33.33
C ASN S 61 -39.50 59.65 32.53
N TYR S 62 -38.54 60.49 32.89
CA TYR S 62 -37.31 60.62 32.14
C TYR S 62 -36.11 60.89 33.07
N ALA S 63 -34.91 60.59 32.59
CA ALA S 63 -33.69 60.98 33.31
C ALA S 63 -33.63 62.51 33.32
N GLU S 64 -33.20 63.11 34.44
CA GLU S 64 -33.14 64.57 34.54
C GLU S 64 -32.32 65.21 33.40
N SER S 65 -31.36 64.48 32.86
CA SER S 65 -30.57 64.96 31.73
C SER S 65 -31.23 64.83 30.32
N VAL S 66 -32.51 64.50 30.29
CA VAL S 66 -33.33 64.59 29.08
C VAL S 66 -34.71 65.27 29.24
N LYS S 67 -35.03 65.79 30.44
CA LYS S 67 -36.37 66.31 30.74
C LYS S 67 -36.63 67.59 29.96
N GLY S 68 -37.70 67.62 29.16
CA GLY S 68 -38.05 68.77 28.33
C GLY S 68 -37.60 68.63 26.89
N ARG S 69 -36.52 67.89 26.68
CA ARG S 69 -36.01 67.59 25.34
C ARG S 69 -36.57 66.31 24.72
N PHE S 70 -36.96 65.34 25.56
CA PHE S 70 -37.33 64.00 25.11
C PHE S 70 -38.81 63.77 25.41
N THR S 71 -39.50 63.13 24.48
CA THR S 71 -40.89 62.77 24.65
C THR S 71 -41.10 61.32 24.25
N ILE S 72 -41.46 60.51 25.24
CA ILE S 72 -41.81 59.11 25.04
C ILE S 72 -43.33 58.99 24.82
N SER S 73 -43.74 58.01 24.03
CA SER S 73 -45.17 57.76 23.78
C SER S 73 -45.39 56.34 23.27
N ARG S 74 -46.66 55.94 23.23
CA ARG S 74 -47.02 54.61 22.77
C ARG S 74 -48.38 54.62 22.09
N ASP S 75 -48.52 53.71 21.13
CA ASP S 75 -49.81 53.43 20.49
C ASP S 75 -50.17 52.00 20.87
N ASP S 76 -50.92 51.84 21.95
CA ASP S 76 -51.32 50.51 22.42
C ASP S 76 -52.06 49.67 21.36
N SER S 77 -52.63 50.32 20.33
CA SER S 77 -53.30 49.59 19.23
C SER S 77 -52.35 49.11 18.09
N ARG S 78 -51.12 49.64 18.03
CA ARG S 78 -50.08 49.14 17.09
C ARG S 78 -48.85 48.52 17.76
N SER S 79 -48.89 48.34 19.09
CA SER S 79 -47.78 47.83 19.88
C SER S 79 -46.44 48.49 19.54
N VAL S 80 -46.39 49.81 19.73
CA VAL S 80 -45.24 50.61 19.34
C VAL S 80 -44.95 51.69 20.39
N VAL S 81 -43.67 51.92 20.62
CA VAL S 81 -43.21 52.96 21.52
C VAL S 81 -42.34 53.90 20.70
N TYR S 82 -42.44 55.20 20.98
CA TYR S 82 -41.69 56.23 20.24
C TYR S 82 -40.78 57.02 21.19
N LEU S 83 -39.79 57.70 20.62
CA LEU S 83 -38.89 58.58 21.38
C LEU S 83 -38.49 59.82 20.56
N GLN S 84 -39.34 60.84 20.70
CA GLN S 84 -39.11 62.15 20.09
C GLN S 84 -38.07 62.89 20.89
N MET S 85 -37.05 63.43 20.21
CA MET S 85 -35.93 64.13 20.86
C MET S 85 -35.55 65.44 20.18
N ASN S 86 -35.38 66.50 20.97
CA ASN S 86 -35.10 67.85 20.44
C ASN S 86 -33.84 68.42 21.08
N ASN S 87 -33.16 69.32 20.37
CA ASN S 87 -31.95 69.98 20.87
C ASN S 87 -30.92 68.91 21.30
N LEU S 88 -30.61 68.01 20.38
CA LEU S 88 -29.71 66.88 20.68
C LEU S 88 -28.28 67.35 20.98
N LYS S 89 -27.61 66.65 21.91
CA LYS S 89 -26.35 67.11 22.51
C LYS S 89 -25.33 65.98 22.51
N PRO S 90 -24.03 66.30 22.62
CA PRO S 90 -23.00 65.26 22.45
C PRO S 90 -23.04 64.12 23.46
N GLU S 91 -23.33 64.46 24.71
CA GLU S 91 -23.56 63.48 25.76
C GLU S 91 -24.68 62.45 25.46
N ASP S 92 -25.60 62.79 24.54
CA ASP S 92 -26.72 61.89 24.22
C ASP S 92 -26.43 60.85 23.13
N THR S 93 -25.27 60.98 22.50
CA THR S 93 -24.71 60.00 21.59
C THR S 93 -24.63 58.60 22.24
N GLY S 94 -25.13 57.57 21.55
CA GLY S 94 -25.04 56.17 22.05
C GLY S 94 -25.98 55.19 21.35
N ILE S 95 -26.05 53.95 21.86
CA ILE S 95 -26.89 52.88 21.33
C ILE S 95 -28.17 52.84 22.17
N TYR S 96 -29.33 53.01 21.54
CA TYR S 96 -30.59 53.11 22.26
C TYR S 96 -31.31 51.79 22.19
N TYR S 97 -31.52 51.19 23.36
CA TYR S 97 -32.32 49.99 23.52
C TYR S 97 -33.75 50.34 23.94
N CYS S 98 -34.74 49.70 23.30
CA CYS S 98 -36.11 49.70 23.79
C CYS S 98 -36.29 48.43 24.63
N THR S 99 -36.79 48.58 25.85
CA THR S 99 -37.07 47.46 26.73
C THR S 99 -38.55 47.36 27.09
N GLY S 100 -39.00 46.15 27.46
CA GLY S 100 -40.41 45.90 27.79
C GLY S 100 -40.53 45.19 29.11
N LEU S 101 -41.64 45.43 29.80
CA LEU S 101 -41.82 45.00 31.20
C LEU S 101 -40.63 45.48 32.02
N THR S 102 -40.54 46.81 32.08
CA THR S 102 -39.35 47.50 32.60
C THR S 102 -38.09 46.92 31.92
N PHE S 103 -37.33 46.04 32.59
CA PHE S 103 -36.08 45.53 32.01
C PHE S 103 -36.03 44.01 31.83
N ASP S 104 -37.19 43.37 31.80
CA ASP S 104 -37.26 41.91 31.68
C ASP S 104 -36.89 41.45 30.24
N TYR S 105 -37.31 42.24 29.23
CA TYR S 105 -37.12 41.94 27.83
C TYR S 105 -36.43 43.12 27.13
N TRP S 106 -35.50 42.83 26.21
CA TRP S 106 -34.63 43.84 25.61
C TRP S 106 -34.57 43.74 24.09
N GLY S 107 -34.56 44.88 23.40
CA GLY S 107 -34.40 44.92 21.94
C GLY S 107 -32.93 44.98 21.54
N GLN S 108 -32.65 45.04 20.24
CA GLN S 108 -31.28 44.92 19.73
C GLN S 108 -30.63 46.28 19.73
N GLY S 109 -31.38 47.28 19.26
CA GLY S 109 -31.01 48.67 19.48
C GLY S 109 -30.88 49.48 18.21
N THR S 110 -30.34 50.68 18.34
CA THR S 110 -30.12 51.59 17.21
C THR S 110 -29.13 52.68 17.63
N THR S 111 -28.20 53.03 16.75
CA THR S 111 -27.11 53.95 17.09
C THR S 111 -27.49 55.45 16.84
N LEU S 112 -26.98 56.32 17.70
CA LEU S 112 -27.22 57.76 17.66
C LEU S 112 -25.88 58.49 17.81
N THR S 113 -25.70 59.57 17.06
CA THR S 113 -24.48 60.38 17.09
C THR S 113 -24.78 61.89 17.02
N VAL S 114 -24.31 62.64 18.01
CA VAL S 114 -24.41 64.10 18.03
C VAL S 114 -23.01 64.73 17.95
N SER S 115 -22.64 65.20 16.75
CA SER S 115 -21.33 65.79 16.47
C SER S 115 -21.42 66.72 15.24
N SER S 116 -20.61 67.79 15.24
CA SER S 116 -20.65 68.79 14.16
C SER S 116 -20.01 68.28 12.87
N ALA S 117 -19.09 67.33 12.98
CA ALA S 117 -18.68 66.50 11.84
C ALA S 117 -19.92 65.77 11.28
N LYS S 118 -20.08 65.75 9.95
CA LYS S 118 -21.23 65.07 9.30
C LYS S 118 -20.78 63.76 8.60
N THR S 119 -21.72 63.13 7.90
CA THR S 119 -21.52 61.91 7.13
C THR S 119 -20.24 61.81 6.30
N THR S 120 -19.66 60.61 6.25
CA THR S 120 -18.50 60.33 5.39
C THR S 120 -18.55 58.83 5.13
N ALA S 121 -18.78 58.41 3.88
CA ALA S 121 -18.90 56.97 3.55
C ALA S 121 -17.55 56.26 3.72
N PRO S 122 -17.56 54.94 4.04
CA PRO S 122 -16.30 54.20 4.16
C PRO S 122 -15.66 53.86 2.81
N SER S 123 -14.47 53.27 2.89
CA SER S 123 -13.84 52.63 1.76
C SER S 123 -13.70 51.14 2.12
N VAL S 124 -13.94 50.28 1.13
CA VAL S 124 -13.82 48.84 1.28
C VAL S 124 -12.71 48.39 0.32
N TYR S 125 -11.54 48.07 0.88
CA TYR S 125 -10.43 47.45 0.11
C TYR S 125 -10.22 46.07 0.73
N PRO S 126 -10.43 44.98 -0.05
CA PRO S 126 -10.25 43.62 0.52
C PRO S 126 -8.80 43.13 0.67
N LEU S 127 -8.64 41.99 1.37
CA LEU S 127 -7.32 41.41 1.63
C LEU S 127 -7.23 39.89 1.38
N ALA S 128 -6.41 39.51 0.38
CA ALA S 128 -6.11 38.11 0.08
C ALA S 128 -4.70 37.74 0.60
N PRO S 129 -4.43 36.44 0.84
CA PRO S 129 -3.20 36.05 1.53
C PRO S 129 -1.91 36.39 0.80
N VAL S 130 -0.79 36.14 1.48
CA VAL S 130 0.52 36.58 1.00
C VAL S 130 0.87 35.82 -0.28
N CYS S 131 1.37 36.54 -1.28
CA CYS S 131 1.60 35.98 -2.60
C CYS S 131 2.73 34.97 -2.41
N GLY S 132 2.38 33.68 -2.35
CA GLY S 132 3.33 32.61 -2.09
C GLY S 132 3.68 32.49 -0.62
N GLY S 136 0.46 26.13 2.89
CA GLY S 136 0.00 26.43 4.24
C GLY S 136 -1.01 25.40 4.73
N SER S 137 -0.98 25.13 6.04
CA SER S 137 -1.80 24.08 6.67
C SER S 137 -3.28 24.40 6.43
N SER S 138 -3.70 25.56 6.93
CA SER S 138 -5.09 26.08 6.81
C SER S 138 -5.02 27.57 6.41
N VAL S 139 -5.96 28.06 5.59
CA VAL S 139 -5.86 29.43 5.00
C VAL S 139 -6.62 30.50 5.84
N THR S 140 -6.28 31.78 5.68
CA THR S 140 -6.90 32.89 6.41
C THR S 140 -7.01 34.15 5.52
N LEU S 141 -8.15 34.87 5.59
CA LEU S 141 -8.51 35.90 4.61
C LEU S 141 -9.04 37.11 5.35
N GLY S 142 -8.92 38.31 4.76
CA GLY S 142 -9.25 39.56 5.46
C GLY S 142 -9.88 40.67 4.62
N CYS S 143 -10.48 41.65 5.28
CA CYS S 143 -11.19 42.74 4.63
C CYS S 143 -11.14 44.00 5.51
N LEU S 144 -10.67 45.14 4.98
CA LEU S 144 -10.47 46.37 5.79
C LEU S 144 -11.48 47.44 5.38
N VAL S 145 -12.07 48.13 6.37
CA VAL S 145 -13.12 49.14 6.12
C VAL S 145 -12.66 50.46 6.75
N LYS S 146 -12.26 51.44 5.92
CA LYS S 146 -11.42 52.58 6.39
C LYS S 146 -11.96 53.94 5.99
N GLY S 147 -11.86 54.91 6.90
CA GLY S 147 -12.07 56.31 6.58
C GLY S 147 -13.53 56.62 6.49
N TYR S 148 -14.23 56.46 7.63
CA TYR S 148 -15.68 56.66 7.67
C TYR S 148 -16.16 57.39 8.93
N PHE S 149 -17.40 57.91 8.85
CA PHE S 149 -18.09 58.49 10.01
C PHE S 149 -19.59 58.50 9.66
N PRO S 150 -20.48 58.22 10.60
CA PRO S 150 -20.20 57.77 11.96
C PRO S 150 -20.46 56.26 12.10
N GLU S 151 -20.40 55.74 13.34
CA GLU S 151 -20.81 54.35 13.61
C GLU S 151 -22.32 54.25 13.44
N PRO S 152 -22.86 53.10 13.05
CA PRO S 152 -22.15 51.85 12.85
C PRO S 152 -21.86 51.52 11.39
N VAL S 153 -21.02 50.52 11.19
CA VAL S 153 -21.05 49.68 9.97
C VAL S 153 -21.39 48.26 10.44
N THR S 154 -21.95 47.47 9.52
CA THR S 154 -22.16 46.05 9.75
C THR S 154 -21.37 45.30 8.68
N LEU S 155 -20.73 44.22 9.10
CA LEU S 155 -19.89 43.39 8.24
C LEU S 155 -20.21 41.90 8.43
N THR S 156 -20.16 41.16 7.33
CA THR S 156 -20.46 39.72 7.34
C THR S 156 -19.99 39.20 6.00
N TRP S 157 -19.39 38.00 5.99
CA TRP S 157 -18.80 37.41 4.78
C TRP S 157 -19.81 36.51 4.09
N ASN S 158 -20.05 36.75 2.80
CA ASN S 158 -20.89 35.90 1.97
C ASN S 158 -22.27 35.83 2.62
N SER S 159 -22.88 37.00 2.77
CA SER S 159 -24.21 37.18 3.40
C SER S 159 -24.36 36.60 4.83
N GLY S 160 -23.27 36.48 5.57
CA GLY S 160 -23.26 35.82 6.89
C GLY S 160 -23.29 34.29 6.87
N SER S 161 -23.23 33.70 5.68
CA SER S 161 -23.32 32.23 5.51
C SER S 161 -22.20 31.46 6.21
N LEU S 162 -21.00 32.05 6.27
CA LEU S 162 -19.90 31.51 7.09
C LEU S 162 -19.87 32.21 8.44
N SER S 163 -20.21 31.48 9.50
CA SER S 163 -20.29 32.00 10.87
C SER S 163 -19.11 31.58 11.79
N SER S 164 -18.51 30.41 11.55
CA SER S 164 -17.42 29.88 12.38
C SER S 164 -16.03 30.26 11.82
N GLY S 165 -15.02 30.21 12.68
CA GLY S 165 -13.65 30.61 12.34
C GLY S 165 -13.52 32.08 11.91
N VAL S 166 -14.43 32.92 12.40
CA VAL S 166 -14.50 34.35 12.02
C VAL S 166 -14.15 35.26 13.20
N HIS S 167 -13.54 36.42 12.91
CA HIS S 167 -13.28 37.46 13.92
C HIS S 167 -13.47 38.87 13.30
N THR S 168 -14.67 39.44 13.46
CA THR S 168 -14.93 40.83 13.05
C THR S 168 -14.56 41.76 14.18
N PHE S 169 -13.76 42.77 13.88
CA PHE S 169 -13.12 43.58 14.89
C PHE S 169 -13.93 44.84 15.12
N PRO S 170 -14.10 45.26 16.39
CA PRO S 170 -14.68 46.58 16.67
C PRO S 170 -13.95 47.73 15.92
N ALA S 171 -14.67 48.82 15.68
CA ALA S 171 -14.06 50.00 15.05
C ALA S 171 -13.16 50.81 16.02
N LEU S 172 -12.46 51.82 15.50
CA LEU S 172 -11.65 52.74 16.35
C LEU S 172 -11.41 54.11 15.68
N LEU S 173 -11.19 55.15 16.49
CA LEU S 173 -11.12 56.55 16.03
C LEU S 173 -9.69 57.12 15.99
N LEU S 174 -9.38 57.76 14.86
CA LEU S 174 -8.18 58.59 14.70
C LEU S 174 -8.42 59.71 13.65
N SER S 175 -8.18 60.95 14.07
CA SER S 175 -8.51 62.16 13.30
C SER S 175 -9.94 62.14 12.76
N GLY S 176 -10.90 62.08 13.68
CA GLY S 176 -12.32 62.27 13.36
C GLY S 176 -13.06 61.21 12.53
N LEU S 177 -12.37 60.13 12.15
CA LEU S 177 -12.92 59.06 11.32
C LEU S 177 -12.62 57.69 11.97
N TYR S 178 -13.63 56.80 12.00
CA TYR S 178 -13.43 55.40 12.44
C TYR S 178 -12.88 54.44 11.35
N THR S 179 -12.24 53.37 11.82
CA THR S 179 -11.80 52.24 10.97
C THR S 179 -12.25 50.90 11.58
N LEU S 180 -12.54 49.93 10.71
CA LEU S 180 -12.92 48.57 11.10
C LEU S 180 -12.23 47.56 10.17
N SER S 181 -12.13 46.30 10.63
CA SER S 181 -11.57 45.21 9.81
C SER S 181 -12.37 43.92 10.03
N SER S 182 -11.98 42.82 9.38
CA SER S 182 -12.50 41.48 9.73
C SER S 182 -11.59 40.38 9.19
N SER S 183 -11.84 39.13 9.59
CA SER S 183 -10.91 38.01 9.35
C SER S 183 -11.66 36.69 9.36
N VAL S 184 -11.33 35.77 8.45
CA VAL S 184 -11.94 34.43 8.43
C VAL S 184 -10.87 33.37 8.14
N THR S 185 -10.91 32.22 8.84
CA THR S 185 -10.00 31.10 8.59
C THR S 185 -10.80 29.92 8.04
N VAL S 186 -10.39 29.43 6.87
CA VAL S 186 -10.95 28.23 6.24
C VAL S 186 -9.86 27.15 6.22
N THR S 187 -10.23 25.91 5.85
CA THR S 187 -9.22 24.89 5.53
C THR S 187 -8.69 25.19 4.13
N SER S 188 -7.40 24.91 3.92
CA SER S 188 -6.64 25.39 2.74
C SER S 188 -7.19 24.94 1.36
N ASN S 189 -7.96 23.84 1.34
CA ASN S 189 -8.61 23.37 0.11
C ASN S 189 -9.87 24.17 -0.22
N THR S 190 -10.57 24.70 0.79
CA THR S 190 -11.79 25.52 0.59
C THR S 190 -11.60 26.78 -0.30
N TRP S 191 -10.43 27.40 -0.23
CA TRP S 191 -10.12 28.60 -1.00
C TRP S 191 -8.69 28.47 -1.56
N PRO S 192 -8.46 28.74 -2.86
CA PRO S 192 -9.40 29.41 -3.80
C PRO S 192 -10.43 28.53 -4.58
N SER S 193 -10.65 27.29 -4.11
CA SER S 193 -11.68 26.43 -4.69
C SER S 193 -13.06 27.07 -4.67
N GLN S 194 -13.46 27.67 -3.54
CA GLN S 194 -14.81 28.28 -3.40
C GLN S 194 -14.71 29.79 -3.21
N THR S 195 -15.67 30.51 -3.77
CA THR S 195 -15.72 31.98 -3.71
C THR S 195 -15.86 32.54 -2.28
N ILE S 196 -15.26 33.72 -2.08
CA ILE S 196 -15.33 34.46 -0.82
C ILE S 196 -15.48 36.00 -1.04
N THR S 197 -16.20 36.65 -0.13
CA THR S 197 -16.59 38.07 -0.25
C THR S 197 -16.93 38.66 1.16
N CYS S 198 -16.37 39.84 1.50
CA CYS S 198 -16.82 40.61 2.69
C CYS S 198 -17.95 41.63 2.30
N ASN S 199 -19.06 41.62 3.06
CA ASN S 199 -20.20 42.54 2.82
C ASN S 199 -20.22 43.70 3.81
N VAL S 200 -20.27 44.95 3.31
CA VAL S 200 -20.23 46.13 4.17
C VAL S 200 -21.39 47.05 3.84
N ALA S 201 -22.20 47.43 4.85
CA ALA S 201 -23.28 48.39 4.68
C ALA S 201 -23.08 49.47 5.74
N HIS S 202 -23.07 50.74 5.33
CA HIS S 202 -22.90 51.88 6.23
C HIS S 202 -24.17 52.69 6.10
N PRO S 203 -24.97 52.82 7.18
CA PRO S 203 -26.35 53.31 6.97
C PRO S 203 -26.43 54.79 6.57
N ALA S 204 -25.67 55.64 7.25
CA ALA S 204 -25.84 57.10 7.12
C ALA S 204 -25.58 57.64 5.72
N SER S 205 -24.57 57.08 5.04
CA SER S 205 -24.14 57.52 3.73
C SER S 205 -24.80 56.77 2.56
N SER S 206 -25.70 55.82 2.87
CA SER S 206 -26.28 54.91 1.87
C SER S 206 -25.18 54.21 1.05
N THR S 207 -24.25 53.62 1.78
CA THR S 207 -23.21 52.77 1.22
C THR S 207 -23.58 51.29 1.48
N LYS S 208 -23.39 50.45 0.47
CA LYS S 208 -23.60 49.00 0.58
C LYS S 208 -22.80 48.32 -0.52
N VAL S 209 -21.67 47.68 -0.17
CA VAL S 209 -20.73 47.17 -1.18
C VAL S 209 -20.32 45.77 -0.82
N ASP S 210 -20.54 44.82 -1.72
CA ASP S 210 -19.86 43.54 -1.68
C ASP S 210 -18.60 43.56 -2.57
N LYS S 211 -17.45 43.15 -2.03
CA LYS S 211 -16.19 43.10 -2.79
C LYS S 211 -15.50 41.73 -2.68
N LYS S 212 -15.07 41.20 -3.83
CA LYS S 212 -14.46 39.87 -3.92
C LYS S 212 -13.04 39.87 -3.28
N ILE S 213 -12.59 38.74 -2.75
CA ILE S 213 -11.21 38.59 -2.26
C ILE S 213 -10.57 37.56 -3.17
N GLU S 214 -9.64 37.99 -4.02
CA GLU S 214 -9.14 37.18 -5.15
C GLU S 214 -7.68 36.77 -4.88
N PRO S 215 -7.27 35.54 -5.29
CA PRO S 215 -5.84 35.21 -5.27
C PRO S 215 -5.00 36.20 -6.07
N ARG S 216 -3.76 36.38 -5.66
CA ARG S 216 -2.92 37.49 -6.13
C ARG S 216 -2.25 37.24 -7.50
N GLY S 217 -1.57 38.26 -8.02
CA GLY S 217 -0.80 38.15 -9.26
C GLY S 217 0.27 39.23 -9.28
N PRO S 218 1.49 38.92 -9.80
CA PRO S 218 2.51 39.94 -9.97
C PRO S 218 2.46 40.61 -11.33
N ASP T 1 -30.45 60.92 43.32
CA ASP T 1 -30.05 59.67 42.57
C ASP T 1 -29.37 58.65 43.45
N ILE T 2 -29.77 57.40 43.31
CA ILE T 2 -29.05 56.28 43.89
C ILE T 2 -27.94 55.90 42.91
N VAL T 3 -26.70 56.16 43.30
CA VAL T 3 -25.54 55.75 42.51
C VAL T 3 -25.14 54.31 42.87
N LEU T 4 -24.85 53.50 41.85
CA LEU T 4 -24.37 52.11 42.06
C LEU T 4 -22.87 52.01 41.73
N THR T 5 -22.11 51.31 42.58
CA THR T 5 -20.66 51.20 42.43
C THR T 5 -20.29 49.73 42.55
N GLN T 6 -19.70 49.18 41.48
CA GLN T 6 -19.44 47.78 41.38
C GLN T 6 -17.96 47.54 41.55
N SER T 7 -17.63 46.58 42.41
CA SER T 7 -16.27 46.05 42.50
C SER T 7 -16.27 44.51 42.31
N PRO T 8 -15.20 43.95 41.74
CA PRO T 8 -14.10 44.67 41.10
C PRO T 8 -14.48 45.14 39.69
N ALA T 9 -13.62 45.92 39.04
CA ALA T 9 -13.87 46.33 37.64
C ALA T 9 -13.65 45.21 36.64
N SER T 10 -12.80 44.24 36.99
CA SER T 10 -12.57 43.04 36.19
C SER T 10 -11.91 41.95 37.03
N LEU T 11 -12.02 40.70 36.57
CA LEU T 11 -11.49 39.53 37.28
C LEU T 11 -11.36 38.29 36.37
N ALA T 12 -10.49 37.36 36.74
CA ALA T 12 -10.21 36.17 35.93
C ALA T 12 -10.38 34.89 36.75
N VAL T 13 -11.53 34.24 36.54
CA VAL T 13 -11.87 33.01 37.25
C VAL T 13 -11.55 31.78 36.42
N SER T 14 -11.00 30.77 37.05
CA SER T 14 -10.73 29.49 36.38
C SER T 14 -12.01 28.67 36.20
N LEU T 15 -12.03 27.77 35.22
CA LEU T 15 -13.20 26.89 34.99
C LEU T 15 -13.50 26.05 36.23
N GLY T 16 -14.75 26.06 36.65
CA GLY T 16 -15.15 25.38 37.88
C GLY T 16 -14.77 26.07 39.18
N GLN T 17 -14.37 27.34 39.13
CA GLN T 17 -14.17 28.15 40.34
C GLN T 17 -15.39 29.07 40.55
N ARG T 18 -15.29 29.99 41.52
CA ARG T 18 -16.35 30.94 41.86
C ARG T 18 -15.98 32.34 41.42
N ALA T 19 -16.93 33.03 40.79
CA ALA T 19 -16.81 34.46 40.53
C ALA T 19 -17.80 35.13 41.44
N THR T 20 -17.30 35.99 42.33
CA THR T 20 -18.15 36.83 43.17
C THR T 20 -17.94 38.30 42.76
N ILE T 21 -19.05 38.96 42.45
CA ILE T 21 -19.09 40.36 42.02
C ILE T 21 -19.96 41.12 43.00
N SER T 22 -19.59 42.37 43.30
CA SER T 22 -20.31 43.18 44.31
C SER T 22 -20.89 44.46 43.72
N CYS T 23 -21.87 45.02 44.44
CA CYS T 23 -22.50 46.29 44.10
C CYS T 23 -22.86 47.03 45.39
N ARG T 24 -22.42 48.27 45.48
CA ARG T 24 -22.70 49.17 46.61
C ARG T 24 -23.58 50.33 46.16
N ALA T 25 -24.77 50.45 46.73
CA ALA T 25 -25.65 51.60 46.45
C ALA T 25 -25.42 52.79 47.42
N SER T 26 -25.59 54.02 46.94
CA SER T 26 -25.33 55.24 47.74
C SER T 26 -26.38 55.44 48.85
N GLU T 27 -27.60 54.97 48.62
CA GLU T 27 -28.65 54.89 49.68
C GLU T 27 -29.11 53.45 49.79
N SER T 28 -29.94 53.15 50.79
CA SER T 28 -30.70 51.91 50.81
C SER T 28 -31.56 51.78 49.56
N VAL T 29 -31.62 50.57 49.01
CA VAL T 29 -32.62 50.22 47.98
C VAL T 29 -33.72 49.29 48.50
N ASP T 30 -33.80 49.09 49.82
CA ASP T 30 -34.86 48.26 50.43
C ASP T 30 -36.19 49.00 50.38
N ASN T 31 -37.25 48.27 50.05
CA ASN T 31 -38.53 48.86 49.72
C ASN T 31 -39.58 47.81 50.08
N TYR T 32 -40.24 47.98 51.23
CA TYR T 32 -41.27 47.05 51.73
C TYR T 32 -40.73 45.64 52.08
N GLY T 33 -39.53 45.60 52.66
CA GLY T 33 -38.82 44.33 52.94
C GLY T 33 -38.37 43.55 51.72
N ILE T 34 -38.34 44.21 50.56
CA ILE T 34 -37.91 43.63 49.28
C ILE T 34 -36.84 44.56 48.74
N SER T 35 -35.69 44.00 48.33
CA SER T 35 -34.58 44.78 47.80
C SER T 35 -34.72 44.86 46.28
N SER T 36 -35.09 46.04 45.76
CA SER T 36 -35.11 46.26 44.31
C SER T 36 -33.67 46.34 43.80
N MET T 37 -33.10 45.18 43.47
CA MET T 37 -31.75 45.09 42.90
C MET T 37 -31.74 43.90 41.93
N ASN T 38 -31.49 44.19 40.67
CA ASN T 38 -31.46 43.20 39.62
C ASN T 38 -30.05 43.11 39.05
N TRP T 39 -29.75 41.97 38.44
CA TRP T 39 -28.46 41.74 37.80
C TRP T 39 -28.68 41.38 36.36
N PHE T 40 -27.84 41.94 35.49
CA PHE T 40 -27.86 41.62 34.06
C PHE T 40 -26.56 41.02 33.62
N GLN T 41 -26.64 40.22 32.57
CA GLN T 41 -25.46 39.80 31.83
C GLN T 41 -25.47 40.42 30.44
N GLN T 42 -24.32 40.94 30.00
CA GLN T 42 -24.19 41.44 28.62
C GLN T 42 -23.03 40.76 27.90
N LYS T 43 -23.38 39.84 27.02
CA LYS T 43 -22.41 39.12 26.23
C LYS T 43 -21.97 39.97 25.07
N ALA T 44 -20.90 39.57 24.39
CA ALA T 44 -20.33 40.33 23.28
C ALA T 44 -21.35 40.72 22.23
N GLY T 45 -21.43 42.02 21.93
CA GLY T 45 -22.23 42.51 20.82
C GLY T 45 -23.69 42.12 20.98
N GLN T 46 -24.21 42.38 22.17
CA GLN T 46 -25.55 41.97 22.53
C GLN T 46 -26.22 42.91 23.53
N PRO T 47 -27.54 42.77 23.71
CA PRO T 47 -28.18 43.53 24.76
C PRO T 47 -27.89 42.95 26.12
N PRO T 48 -28.22 43.69 27.19
CA PRO T 48 -28.30 43.03 28.47
C PRO T 48 -29.38 41.94 28.49
N LYS T 49 -29.08 40.85 29.18
CA LYS T 49 -29.98 39.75 29.38
C LYS T 49 -30.23 39.73 30.87
N PHE T 50 -31.49 39.76 31.22
CA PHE T 50 -31.94 39.75 32.59
C PHE T 50 -31.59 38.42 33.28
N LEU T 51 -30.92 38.51 34.43
CA LEU T 51 -30.63 37.32 35.26
C LEU T 51 -31.45 37.26 36.56
N ILE T 52 -31.13 38.11 37.54
CA ILE T 52 -31.61 38.00 38.91
C ILE T 52 -32.49 39.21 39.20
N TYR T 53 -33.61 39.01 39.91
CA TYR T 53 -34.40 40.13 40.45
C TYR T 53 -34.57 40.04 41.95
N ALA T 54 -35.11 41.11 42.53
CA ALA T 54 -35.36 41.22 43.96
C ALA T 54 -34.18 40.74 44.81
N ALA T 55 -32.98 41.14 44.40
CA ALA T 55 -31.69 40.77 45.03
C ALA T 55 -31.28 39.31 44.95
N SER T 56 -32.18 38.40 45.32
CA SER T 56 -31.89 36.96 45.42
C SER T 56 -32.68 36.03 44.50
N LYS T 57 -33.71 36.53 43.82
CA LYS T 57 -34.62 35.68 43.05
C LYS T 57 -34.16 35.47 41.60
N GLN T 58 -34.57 34.33 41.04
CA GLN T 58 -34.05 33.84 39.76
C GLN T 58 -34.93 34.24 38.56
N GLY T 59 -34.30 34.37 37.40
CA GLY T 59 -35.00 34.80 36.19
C GLY T 59 -35.73 33.66 35.50
N SER T 60 -36.24 33.93 34.30
CA SER T 60 -36.89 32.92 33.50
C SER T 60 -35.84 32.09 32.77
N GLY T 61 -35.77 30.80 33.08
CA GLY T 61 -34.82 29.87 32.43
C GLY T 61 -33.34 30.21 32.62
N VAL T 62 -33.01 30.88 33.72
CA VAL T 62 -31.64 31.34 34.00
C VAL T 62 -30.92 30.28 34.83
N PRO T 63 -29.74 29.78 34.36
CA PRO T 63 -29.04 28.67 35.03
C PRO T 63 -28.83 28.79 36.54
N ALA T 64 -28.69 27.65 37.18
CA ALA T 64 -28.61 27.55 38.64
C ALA T 64 -27.34 28.20 39.20
N ARG T 65 -26.24 28.00 38.48
CA ARG T 65 -24.93 28.57 38.85
C ARG T 65 -24.95 30.09 39.14
N PHE T 66 -25.84 30.82 38.47
CA PHE T 66 -26.14 32.23 38.80
C PHE T 66 -27.01 32.34 40.04
N SER T 67 -26.64 33.22 40.97
CA SER T 67 -27.42 33.45 42.22
C SER T 67 -26.95 34.74 42.88
N GLY T 68 -27.89 35.50 43.45
CA GLY T 68 -27.56 36.82 44.06
C GLY T 68 -27.89 36.90 45.54
N SER T 69 -27.36 37.90 46.24
CA SER T 69 -27.55 38.01 47.68
C SER T 69 -27.25 39.42 48.18
N GLY T 70 -27.90 39.82 49.29
CA GLY T 70 -27.69 41.12 49.92
C GLY T 70 -28.94 41.72 50.56
N SER T 71 -28.75 42.81 51.29
CA SER T 71 -29.80 43.75 51.65
C SER T 71 -29.23 45.18 51.62
N GLY T 72 -30.07 46.15 51.92
CA GLY T 72 -29.62 47.53 52.15
C GLY T 72 -28.86 48.17 51.00
N THR T 73 -27.53 48.25 51.15
CA THR T 73 -26.65 48.88 50.15
C THR T 73 -25.60 47.95 49.53
N ASP T 74 -25.46 46.72 50.07
CA ASP T 74 -24.38 45.82 49.74
C ASP T 74 -24.97 44.53 49.18
N PHE T 75 -24.76 44.31 47.89
CA PHE T 75 -25.22 43.10 47.20
C PHE T 75 -24.06 42.45 46.42
N SER T 76 -24.27 41.20 46.02
CA SER T 76 -23.29 40.47 45.26
C SER T 76 -23.95 39.41 44.38
N LEU T 77 -23.48 39.34 43.14
CA LEU T 77 -23.81 38.26 42.21
C LEU T 77 -22.73 37.19 42.36
N ILE T 78 -23.12 35.90 42.41
CA ILE T 78 -22.19 34.76 42.40
C ILE T 78 -22.48 33.83 41.20
N ILE T 79 -21.42 33.39 40.51
CA ILE T 79 -21.50 32.36 39.47
C ILE T 79 -20.61 31.18 39.87
N HIS T 80 -21.20 29.99 40.02
CA HIS T 80 -20.45 28.78 40.41
C HIS T 80 -21.17 27.46 40.05
N PRO T 81 -20.55 26.56 39.28
CA PRO T 81 -19.21 26.69 38.71
C PRO T 81 -19.20 27.45 37.39
N VAL T 82 -18.16 28.25 37.18
CA VAL T 82 -18.05 29.11 36.00
C VAL T 82 -17.74 28.28 34.77
N GLU T 83 -18.59 28.41 33.75
CA GLU T 83 -18.36 27.83 32.43
C GLU T 83 -17.73 28.84 31.46
N GLU T 84 -17.35 28.37 30.28
CA GLU T 84 -16.73 29.18 29.25
C GLU T 84 -17.63 30.35 28.85
N ASP T 85 -18.92 30.06 28.65
CA ASP T 85 -19.90 31.05 28.13
C ASP T 85 -20.21 32.19 29.10
N ASP T 86 -19.81 32.05 30.36
CA ASP T 86 -20.05 33.11 31.33
C ASP T 86 -19.14 34.34 31.16
N THR T 87 -18.20 34.30 30.20
CA THR T 87 -17.43 35.49 29.81
C THR T 87 -18.36 36.60 29.29
N ALA T 88 -18.49 37.67 30.07
CA ALA T 88 -19.38 38.78 29.72
C ALA T 88 -19.26 39.90 30.74
N VAL T 89 -19.99 41.01 30.53
CA VAL T 89 -20.05 42.10 31.52
C VAL T 89 -21.32 41.91 32.33
N TYR T 90 -21.19 42.00 33.66
CA TYR T 90 -22.34 41.87 34.58
C TYR T 90 -22.71 43.23 35.21
N PHE T 91 -24.01 43.53 35.31
CA PHE T 91 -24.49 44.84 35.76
C PHE T 91 -25.48 44.64 36.87
N CYS T 92 -25.22 45.25 38.03
CA CYS T 92 -26.25 45.43 39.03
C CYS T 92 -27.05 46.63 38.58
N GLN T 93 -28.31 46.65 38.96
CA GLN T 93 -29.23 47.72 38.59
C GLN T 93 -30.34 47.83 39.63
N GLN T 94 -30.79 49.06 39.87
CA GLN T 94 -31.66 49.41 40.99
C GLN T 94 -33.02 49.88 40.50
N SER T 95 -34.10 49.40 41.13
CA SER T 95 -35.49 49.87 40.83
C SER T 95 -36.27 50.40 42.05
N LYS T 96 -35.56 50.83 43.08
CA LYS T 96 -36.17 51.42 44.27
C LYS T 96 -36.69 52.84 44.05
N GLY T 97 -35.95 53.64 43.27
CA GLY T 97 -36.28 55.03 43.01
C GLY T 97 -35.96 55.46 41.60
N VAL T 98 -36.73 56.43 41.12
CA VAL T 98 -36.54 57.02 39.81
C VAL T 98 -35.46 58.11 40.01
N PRO T 99 -34.46 58.23 39.14
CA PRO T 99 -34.27 57.40 37.95
C PRO T 99 -33.68 56.01 38.26
N TYR T 100 -34.06 55.01 37.48
CA TYR T 100 -33.47 53.68 37.57
C TYR T 100 -32.00 53.83 37.10
N THR T 101 -31.08 53.18 37.80
CA THR T 101 -29.64 53.35 37.60
C THR T 101 -28.90 51.99 37.52
N PHE T 102 -27.88 51.94 36.67
CA PHE T 102 -27.03 50.75 36.55
C PHE T 102 -25.64 51.00 37.13
N GLY T 103 -24.98 49.92 37.55
CA GLY T 103 -23.57 50.00 37.92
C GLY T 103 -22.68 50.22 36.70
N GLY T 104 -21.41 50.47 36.96
CA GLY T 104 -20.41 50.55 35.91
C GLY T 104 -20.23 49.26 35.12
N GLY T 105 -20.50 48.14 35.77
CA GLY T 105 -20.33 46.81 35.15
C GLY T 105 -19.01 46.17 35.50
N THR T 106 -19.00 44.84 35.52
CA THR T 106 -17.84 44.06 35.94
C THR T 106 -17.58 42.98 34.91
N LYS T 107 -16.38 42.96 34.33
CA LYS T 107 -16.03 42.00 33.30
C LYS T 107 -15.46 40.75 33.90
N LEU T 108 -16.10 39.64 33.60
CA LEU T 108 -15.67 38.33 34.00
C LEU T 108 -14.81 37.74 32.87
N GLU T 109 -13.53 37.49 33.12
CA GLU T 109 -12.62 36.82 32.16
C GLU T 109 -12.48 35.37 32.61
N ILE T 110 -12.61 34.40 31.68
CA ILE T 110 -12.35 32.99 32.02
C ILE T 110 -10.87 32.73 31.82
N LYS T 111 -10.22 32.33 32.91
CA LYS T 111 -8.83 31.93 32.87
C LYS T 111 -8.74 30.63 32.06
N ARG T 112 -7.75 30.56 31.20
CA ARG T 112 -7.38 29.33 30.51
C ARG T 112 -5.86 29.25 30.36
N ALA T 113 -5.39 28.12 29.85
CA ALA T 113 -3.97 27.93 29.59
C ALA T 113 -3.53 28.97 28.55
N ASP T 114 -2.28 29.43 28.69
CA ASP T 114 -1.70 30.33 27.70
C ASP T 114 -1.70 29.66 26.33
N ALA T 115 -1.83 30.47 25.26
CA ALA T 115 -1.77 29.96 23.87
C ALA T 115 -1.38 31.05 22.90
N ALA T 116 -0.44 30.73 22.02
CA ALA T 116 0.18 31.73 21.16
C ALA T 116 -0.72 32.08 19.99
N PRO T 117 -0.55 33.27 19.40
CA PRO T 117 -1.38 33.68 18.30
C PRO T 117 -0.95 33.10 16.96
N THR T 118 -1.91 32.97 16.05
CA THR T 118 -1.65 32.62 14.66
C THR T 118 -1.67 33.90 13.85
N VAL T 119 -0.49 34.29 13.37
CA VAL T 119 -0.30 35.58 12.71
C VAL T 119 -0.34 35.45 11.21
N SER T 120 -1.12 36.34 10.60
CA SER T 120 -1.31 36.36 9.14
C SER T 120 -1.11 37.80 8.70
N ILE T 121 -0.19 38.04 7.76
CA ILE T 121 -0.04 39.38 7.15
C ILE T 121 -0.71 39.45 5.80
N PHE T 122 -1.23 40.64 5.50
CA PHE T 122 -1.97 40.90 4.26
C PHE T 122 -1.52 42.23 3.68
N PRO T 123 -0.93 42.22 2.46
CA PRO T 123 -0.56 43.47 1.81
C PRO T 123 -1.77 44.30 1.37
N PRO T 124 -1.53 45.50 0.80
CA PRO T 124 -2.63 46.30 0.26
C PRO T 124 -3.45 45.59 -0.83
N SER T 125 -4.38 46.32 -1.45
CA SER T 125 -5.13 45.83 -2.60
C SER T 125 -4.73 46.58 -3.88
N SER T 126 -5.39 46.25 -5.00
CA SER T 126 -5.30 47.04 -6.24
C SER T 126 -5.87 48.46 -6.10
N GLU T 127 -6.87 48.61 -5.24
CA GLU T 127 -7.72 49.79 -5.19
C GLU T 127 -7.14 50.89 -4.27
N GLN T 128 -6.59 50.48 -3.13
CA GLN T 128 -6.15 51.42 -2.10
C GLN T 128 -4.94 52.20 -2.54
N LEU T 129 -3.94 51.47 -3.02
CA LEU T 129 -2.66 52.04 -3.45
C LEU T 129 -2.84 53.15 -4.46
N THR T 130 -3.65 52.86 -5.47
CA THR T 130 -3.98 53.85 -6.52
C THR T 130 -4.83 55.05 -6.06
N SER T 131 -5.40 54.99 -4.85
CA SER T 131 -6.11 56.12 -4.23
C SER T 131 -5.23 57.20 -3.60
N GLY T 132 -3.96 56.88 -3.31
CA GLY T 132 -3.10 57.73 -2.49
C GLY T 132 -2.67 57.05 -1.19
N GLY T 133 -3.60 56.35 -0.55
CA GLY T 133 -3.35 55.71 0.75
C GLY T 133 -2.47 54.49 0.67
N ALA T 134 -2.25 53.88 1.83
CA ALA T 134 -1.54 52.61 1.95
C ALA T 134 -1.71 52.10 3.37
N SER T 135 -2.42 50.99 3.55
CA SER T 135 -2.63 50.37 4.86
C SER T 135 -2.31 48.86 4.77
N VAL T 136 -1.38 48.42 5.60
CA VAL T 136 -1.01 47.02 5.69
C VAL T 136 -1.66 46.40 6.94
N VAL T 137 -2.17 45.17 6.82
CA VAL T 137 -2.98 44.58 7.88
C VAL T 137 -2.36 43.28 8.38
N CYS T 138 -2.28 43.14 9.71
CA CYS T 138 -1.95 41.85 10.36
C CYS T 138 -3.08 41.38 11.26
N PHE T 139 -3.41 40.09 11.20
CA PHE T 139 -4.27 39.45 12.21
C PHE T 139 -3.47 38.57 13.14
N LEU T 140 -3.89 38.60 14.39
CA LEU T 140 -3.31 37.78 15.43
C LEU T 140 -4.48 37.08 16.10
N ASN T 141 -4.61 35.78 15.87
CA ASN T 141 -5.85 35.07 16.13
C ASN T 141 -5.70 33.94 17.16
N ASN T 142 -6.72 33.83 18.01
CA ASN T 142 -6.92 32.70 18.95
C ASN T 142 -5.81 32.55 19.97
N PHE T 143 -5.57 33.63 20.73
CA PHE T 143 -4.51 33.65 21.74
C PHE T 143 -4.99 34.05 23.13
N TYR T 144 -4.17 33.75 24.13
CA TYR T 144 -4.45 34.06 25.53
C TYR T 144 -3.12 34.14 26.28
N PRO T 145 -2.90 35.12 27.18
CA PRO T 145 -3.86 36.16 27.54
C PRO T 145 -3.96 37.30 26.53
N LYS T 146 -4.87 38.23 26.81
CA LYS T 146 -5.15 39.37 25.92
C LYS T 146 -3.97 40.29 25.66
N ASP T 147 -3.04 40.35 26.62
CA ASP T 147 -1.93 41.31 26.60
C ASP T 147 -0.89 41.01 25.48
N ILE T 148 -0.75 41.92 24.50
CA ILE T 148 0.07 41.67 23.30
C ILE T 148 0.61 42.95 22.70
N ASN T 149 1.86 42.96 22.23
CA ASN T 149 2.49 44.13 21.59
C ASN T 149 2.89 43.77 20.17
N VAL T 150 2.42 44.54 19.19
CA VAL T 150 2.60 44.19 17.79
C VAL T 150 3.39 45.35 17.18
N LYS T 151 4.56 45.04 16.63
CA LYS T 151 5.53 46.04 16.18
C LYS T 151 5.62 45.99 14.67
N TRP T 152 5.27 47.08 14.01
CA TRP T 152 5.48 47.19 12.57
C TRP T 152 6.89 47.68 12.25
N LYS T 153 7.40 47.23 11.11
CA LYS T 153 8.68 47.70 10.55
C LYS T 153 8.59 47.99 9.04
N ILE T 154 9.41 48.95 8.59
CA ILE T 154 9.54 49.26 7.17
C ILE T 154 11.04 49.19 6.81
N ASP T 155 11.43 48.16 6.04
CA ASP T 155 12.86 47.78 5.84
C ASP T 155 13.66 47.60 7.17
N GLY T 156 12.96 47.32 8.27
CA GLY T 156 13.58 47.31 9.61
C GLY T 156 13.42 48.58 10.43
N SER T 157 13.09 49.71 9.78
CA SER T 157 12.86 51.00 10.44
C SER T 157 11.57 50.82 11.19
N GLU T 158 11.66 50.84 12.53
CA GLU T 158 10.47 50.75 13.37
C GLU T 158 9.47 51.88 13.04
N ARG T 159 8.18 51.58 13.26
CA ARG T 159 7.12 52.50 12.91
C ARG T 159 5.95 52.54 13.91
N GLN T 160 5.43 53.75 14.15
CA GLN T 160 4.38 54.00 15.14
C GLN T 160 3.30 55.03 14.71
N ASN T 161 3.06 55.19 13.41
CA ASN T 161 1.98 56.05 12.87
C ASN T 161 0.83 55.24 12.26
N GLY T 162 -0.38 55.79 12.35
CA GLY T 162 -1.61 55.14 11.85
C GLY T 162 -1.77 53.70 12.29
N VAL T 163 -1.22 53.38 13.48
CA VAL T 163 -1.25 52.05 14.03
C VAL T 163 -2.58 52.00 14.77
N LEU T 164 -3.53 51.28 14.17
CA LEU T 164 -4.87 51.14 14.68
C LEU T 164 -5.07 49.67 14.97
N ASN T 165 -5.24 49.38 16.26
CA ASN T 165 -5.37 48.01 16.74
C ASN T 165 -6.73 47.88 17.41
N SER T 166 -7.54 46.94 16.95
CA SER T 166 -8.80 46.60 17.62
C SER T 166 -8.80 45.13 18.04
N TRP T 167 -9.16 44.86 19.31
CA TRP T 167 -9.30 43.47 19.83
C TRP T 167 -10.74 43.00 19.79
N THR T 168 -10.94 41.68 19.73
CA THR T 168 -12.25 41.10 19.97
C THR T 168 -12.44 40.91 21.47
N ASP T 169 -13.69 40.72 21.89
CA ASP T 169 -13.99 40.25 23.22
C ASP T 169 -13.60 38.79 23.35
N GLN T 170 -13.49 38.33 24.59
CA GLN T 170 -13.12 36.94 24.83
C GLN T 170 -14.19 36.03 24.20
N ASP T 171 -13.74 34.93 23.57
CA ASP T 171 -14.62 33.99 22.88
C ASP T 171 -15.45 33.16 23.89
N SER T 172 -16.71 32.91 23.57
CA SER T 172 -17.62 32.18 24.46
C SER T 172 -17.34 30.69 24.58
N LYS T 173 -16.73 30.12 23.55
CA LYS T 173 -16.47 28.67 23.46
C LYS T 173 -15.08 28.28 23.90
N ASP T 174 -14.04 28.93 23.36
CA ASP T 174 -12.65 28.54 23.60
C ASP T 174 -11.81 29.52 24.45
N SER T 175 -12.44 30.58 24.97
CA SER T 175 -11.82 31.50 25.93
C SER T 175 -10.60 32.30 25.44
N THR T 176 -10.43 32.42 24.13
CA THR T 176 -9.28 33.10 23.52
C THR T 176 -9.67 34.51 23.06
N TYR T 177 -8.67 35.29 22.64
CA TYR T 177 -8.86 36.62 22.06
C TYR T 177 -8.27 36.63 20.66
N SER T 178 -8.65 37.62 19.85
CA SER T 178 -8.01 37.85 18.56
C SER T 178 -7.92 39.35 18.32
N MET T 179 -6.86 39.83 17.67
CA MET T 179 -6.63 41.25 17.47
C MET T 179 -6.18 41.50 16.05
N SER T 180 -6.72 42.55 15.44
CA SER T 180 -6.23 43.06 14.16
C SER T 180 -5.40 44.31 14.41
N SER T 181 -4.28 44.36 13.70
CA SER T 181 -3.44 45.52 13.61
C SER T 181 -3.43 46.04 12.18
N THR T 182 -3.43 47.36 12.05
CA THR T 182 -3.32 48.01 10.75
C THR T 182 -2.39 49.24 10.78
N LEU T 183 -1.40 49.27 9.87
CA LEU T 183 -0.45 50.40 9.73
C LEU T 183 -0.69 51.19 8.45
N THR T 184 -0.93 52.50 8.59
CA THR T 184 -1.17 53.41 7.46
C THR T 184 0.02 54.30 7.10
N LEU T 185 0.27 54.44 5.78
CA LEU T 185 1.30 55.33 5.23
C LEU T 185 0.72 56.17 4.07
N THR T 186 1.57 56.96 3.42
CA THR T 186 1.30 57.43 2.06
C THR T 186 1.78 56.34 1.10
N LYS T 187 1.10 56.20 -0.02
CA LYS T 187 1.57 55.36 -1.13
C LYS T 187 3.01 55.70 -1.53
N ASP T 188 3.32 57.01 -1.61
CA ASP T 188 4.64 57.50 -2.02
C ASP T 188 5.80 56.92 -1.19
N GLU T 189 5.61 56.84 0.13
CA GLU T 189 6.61 56.25 1.03
C GLU T 189 6.42 54.72 1.28
N TYR T 190 5.26 54.16 0.93
CA TYR T 190 5.10 52.70 0.81
C TYR T 190 5.95 52.16 -0.33
N GLU T 191 5.89 52.84 -1.48
CA GLU T 191 6.62 52.43 -2.68
C GLU T 191 8.11 52.79 -2.66
N ARG T 192 8.53 53.72 -1.79
CA ARG T 192 9.96 54.01 -1.59
C ARG T 192 10.71 52.98 -0.72
N HIS T 193 10.00 52.22 0.13
CA HIS T 193 10.57 51.08 0.85
C HIS T 193 10.03 49.72 0.30
N ASN T 194 10.59 48.58 0.76
CA ASN T 194 10.32 47.25 0.14
C ASN T 194 9.80 46.12 1.05
N SER T 195 10.43 46.00 2.22
CA SER T 195 10.17 44.90 3.17
C SER T 195 9.30 45.35 4.34
N TYR T 196 8.15 44.69 4.51
CA TYR T 196 7.21 45.00 5.59
C TYR T 196 6.91 43.78 6.44
N THR T 197 7.31 43.89 7.70
CA THR T 197 7.10 42.88 8.70
C THR T 197 6.12 43.39 9.76
N CYS T 198 5.33 42.48 10.34
CA CYS T 198 4.75 42.71 11.67
C CYS T 198 5.28 41.66 12.66
N GLU T 199 5.77 42.13 13.81
CA GLU T 199 6.40 41.30 14.84
C GLU T 199 5.47 41.32 16.05
N ALA T 200 4.78 40.20 16.28
CA ALA T 200 3.99 40.03 17.48
C ALA T 200 4.91 39.57 18.59
N THR T 201 4.96 40.33 19.68
CA THR T 201 5.59 39.88 20.93
C THR T 201 4.45 39.56 21.89
N HIS T 202 4.48 38.36 22.46
CA HIS T 202 3.41 37.86 23.32
C HIS T 202 4.00 37.08 24.50
N LYS T 203 3.28 37.07 25.61
CA LYS T 203 3.64 36.39 26.86
C LYS T 203 4.23 34.95 26.72
N THR T 204 3.77 34.24 25.71
CA THR T 204 4.14 32.85 25.45
C THR T 204 5.58 32.66 24.93
N SER T 205 6.21 33.71 24.39
CA SER T 205 7.60 33.61 23.94
C SER T 205 8.25 34.99 23.80
N THR T 206 9.48 35.12 24.31
CA THR T 206 10.24 36.39 24.23
C THR T 206 10.69 36.70 22.79
N SER T 207 11.08 35.64 22.05
CA SER T 207 11.32 35.74 20.62
C SER T 207 9.99 36.01 19.97
N PRO T 208 9.86 37.14 19.26
CA PRO T 208 8.56 37.45 18.65
C PRO T 208 8.18 36.51 17.50
N ILE T 209 6.89 36.43 17.23
CA ILE T 209 6.36 35.81 16.03
C ILE T 209 6.42 36.88 14.94
N VAL T 210 7.15 36.58 13.87
CA VAL T 210 7.40 37.54 12.78
C VAL T 210 6.69 37.08 11.51
N LYS T 211 6.01 38.01 10.84
CA LYS T 211 5.36 37.72 9.56
C LYS T 211 5.64 38.82 8.59
N SER T 212 6.09 38.44 7.39
CA SER T 212 6.57 39.42 6.44
C SER T 212 6.25 39.12 5.00
N PHE T 213 6.33 40.17 4.20
CA PHE T 213 6.32 40.12 2.75
C PHE T 213 7.29 41.19 2.23
N ASN T 214 7.73 40.99 0.99
CA ASN T 214 8.37 42.05 0.21
C ASN T 214 7.48 42.40 -0.98
N ARG T 215 7.53 43.66 -1.38
CA ARG T 215 6.53 44.26 -2.29
C ARG T 215 6.36 43.58 -3.67
N ASN T 216 7.44 43.48 -4.45
CA ASN T 216 7.38 42.82 -5.78
C ASN T 216 7.13 41.30 -5.77
N GLU T 217 7.72 40.61 -4.79
CA GLU T 217 7.73 39.15 -4.68
C GLU T 217 6.35 38.47 -4.78
N CYS T 218 6.30 37.36 -5.53
CA CYS T 218 5.13 36.46 -5.55
C CYS T 218 5.58 34.99 -5.53
N HYP U 12 -46.87 39.81 39.07
CA HYP U 12 -46.16 41.07 39.08
C HYP U 12 -46.74 42.05 38.10
O HYP U 12 -46.68 43.28 38.34
CB HYP U 12 -44.73 40.73 38.69
CG HYP U 12 -44.66 39.22 38.46
CD HYP U 12 -46.06 38.68 38.72
OD1 HYP U 12 -43.73 38.65 39.39
N GLY U 13 -47.31 41.55 37.01
CA GLY U 13 -47.91 42.41 36.00
C GLY U 13 -46.96 42.89 34.91
N GLY U 14 -47.40 43.93 34.20
CA GLY U 14 -46.58 44.60 33.20
C GLY U 14 -45.51 45.55 33.72
N ARG U 15 -45.32 45.63 35.04
CA ARG U 15 -44.10 46.17 35.66
C ARG U 15 -42.85 45.35 35.31
N GLY U 16 -43.03 44.04 35.15
CA GLY U 16 -41.91 43.11 35.00
C GLY U 16 -41.38 42.72 36.35
N LEU U 17 -40.69 41.59 36.39
CA LEU U 17 -40.01 41.14 37.61
C LEU U 17 -39.01 42.17 38.16
N THR U 18 -38.44 42.95 37.25
CA THR U 18 -37.44 43.96 37.53
C THR U 18 -38.00 45.35 37.89
N GLY U 19 -39.30 45.58 37.68
CA GLY U 19 -39.90 46.90 37.93
C GLY U 19 -39.99 47.30 39.40
N PRO U 20 -40.39 48.56 39.67
CA PRO U 20 -40.56 49.00 41.05
C PRO U 20 -41.79 48.35 41.72
N ILE U 21 -41.90 48.46 43.04
CA ILE U 21 -42.95 47.78 43.83
C ILE U 21 -44.11 48.73 44.15
N GLY U 22 -45.33 48.20 44.24
CA GLY U 22 -46.52 48.96 44.70
C GLY U 22 -46.68 48.92 46.23
N PRO U 23 -47.24 50.01 46.83
CA PRO U 23 -47.57 50.01 48.28
C PRO U 23 -48.51 48.88 48.72
N GLU V 1 -4.16 23.47 25.69
CA GLU V 1 -3.09 22.69 26.34
C GLU V 1 -3.33 21.17 26.23
N VAL V 2 -2.25 20.40 26.37
CA VAL V 2 -2.28 18.93 26.40
C VAL V 2 -2.33 18.45 27.85
N LYS V 3 -3.06 17.36 28.09
CA LYS V 3 -3.29 16.83 29.44
C LYS V 3 -3.32 15.31 29.39
N LEU V 4 -2.49 14.64 30.20
CA LEU V 4 -2.49 13.17 30.33
C LEU V 4 -2.61 12.86 31.80
N GLU V 5 -3.66 12.15 32.20
CA GLU V 5 -3.92 11.87 33.61
C GLU V 5 -3.86 10.37 33.79
N GLU V 6 -2.86 9.89 34.54
CA GLU V 6 -2.84 8.51 34.99
C GLU V 6 -3.85 8.30 36.12
N SER V 7 -4.22 7.03 36.35
CA SER V 7 -5.07 6.64 37.48
C SER V 7 -5.04 5.12 37.59
N GLY V 8 -5.20 4.61 38.81
CA GLY V 8 -5.21 3.17 39.09
C GLY V 8 -3.96 2.61 39.74
N GLY V 9 -3.01 3.48 40.12
CA GLY V 9 -1.83 3.04 40.86
C GLY V 9 -2.27 2.61 42.24
N GLY V 10 -1.69 1.51 42.73
CA GLY V 10 -2.11 0.94 44.00
C GLY V 10 -1.15 -0.10 44.51
N LEU V 11 -1.71 -1.10 45.19
CA LEU V 11 -0.94 -2.04 45.99
C LEU V 11 -1.41 -3.47 45.72
N VAL V 12 -0.47 -4.41 45.62
CA VAL V 12 -0.79 -5.85 45.44
C VAL V 12 0.43 -6.74 45.75
N GLN V 13 0.18 -7.96 46.25
CA GLN V 13 1.27 -8.90 46.61
C GLN V 13 2.02 -9.38 45.36
N PRO V 14 3.35 -9.67 45.48
CA PRO V 14 4.13 -10.08 44.30
C PRO V 14 3.55 -11.36 43.71
N GLY V 15 3.03 -11.27 42.49
CA GLY V 15 2.28 -12.36 41.85
C GLY V 15 0.92 -11.92 41.33
N GLY V 16 0.33 -10.88 41.92
CA GLY V 16 -1.05 -10.47 41.60
C GLY V 16 -1.18 -9.71 40.28
N SER V 17 -2.26 -8.93 40.15
CA SER V 17 -2.62 -8.29 38.88
C SER V 17 -3.11 -6.84 39.09
N MET V 18 -2.90 -5.98 38.09
CA MET V 18 -3.20 -4.54 38.21
C MET V 18 -3.50 -3.92 36.84
N LYS V 19 -4.33 -2.87 36.83
CA LYS V 19 -4.72 -2.18 35.60
C LYS V 19 -4.60 -0.66 35.74
N LEU V 20 -3.80 -0.02 34.86
CA LEU V 20 -3.59 1.43 34.91
C LEU V 20 -4.27 2.05 33.72
N SER V 21 -4.99 3.15 33.93
CA SER V 21 -5.56 3.91 32.83
C SER V 21 -4.86 5.26 32.69
N CYS V 22 -4.80 5.76 31.45
CA CYS V 22 -4.20 7.05 31.13
C CYS V 22 -5.18 7.81 30.23
N ALA V 23 -5.83 8.84 30.78
CA ALA V 23 -6.88 9.60 30.08
C ALA V 23 -6.25 10.84 29.47
N ALA V 24 -6.25 10.90 28.14
CA ALA V 24 -5.52 11.93 27.39
C ALA V 24 -6.43 12.86 26.58
N SER V 25 -5.97 14.10 26.41
CA SER V 25 -6.74 15.14 25.75
C SER V 25 -5.80 16.26 25.34
N GLY V 26 -6.18 16.98 24.29
CA GLY V 26 -5.38 18.10 23.75
C GLY V 26 -4.63 17.84 22.45
N PHE V 27 -4.93 16.74 21.77
CA PHE V 27 -4.35 16.41 20.47
C PHE V 27 -5.35 15.53 19.67
N THR V 28 -4.90 14.91 18.57
CA THR V 28 -5.69 13.83 17.98
C THR V 28 -5.17 12.49 18.53
N PHE V 29 -5.91 11.96 19.50
CA PHE V 29 -5.54 10.73 20.21
C PHE V 29 -5.35 9.55 19.28
N SER V 30 -6.36 9.30 18.43
CA SER V 30 -6.31 8.16 17.49
C SER V 30 -5.06 8.15 16.64
N ASP V 31 -4.56 9.34 16.29
CA ASP V 31 -3.31 9.49 15.54
C ASP V 31 -2.03 9.35 16.39
N ALA V 32 -2.13 9.51 17.71
CA ALA V 32 -0.95 9.52 18.61
C ALA V 32 -0.28 8.17 18.86
N TRP V 33 1.02 8.21 19.15
CA TRP V 33 1.78 7.04 19.57
C TRP V 33 1.90 7.18 21.09
N MET V 34 1.35 6.24 21.87
CA MET V 34 1.36 6.33 23.33
C MET V 34 2.39 5.36 23.88
N ASP V 35 3.11 5.77 24.92
CA ASP V 35 4.10 4.90 25.58
C ASP V 35 3.91 4.92 27.10
N TRP V 36 4.58 4.00 27.80
CA TRP V 36 4.68 4.05 29.28
C TRP V 36 6.14 4.03 29.71
N VAL V 37 6.44 4.74 30.81
CA VAL V 37 7.81 4.92 31.29
C VAL V 37 7.74 4.78 32.77
N ARG V 38 8.52 3.89 33.37
CA ARG V 38 8.58 3.77 34.83
C ARG V 38 9.84 4.47 35.37
N GLN V 39 9.74 5.02 36.58
CA GLN V 39 10.90 5.60 37.25
C GLN V 39 10.97 5.17 38.70
N SER V 40 12.15 4.69 39.08
CA SER V 40 12.48 4.31 40.46
C SER V 40 14.00 4.52 40.64
N PRO V 41 14.47 4.53 41.91
CA PRO V 41 15.84 5.02 42.17
C PRO V 41 17.00 4.06 41.80
N GLU V 42 16.72 2.77 41.64
CA GLU V 42 17.75 1.84 41.11
C GLU V 42 17.84 1.92 39.58
N LYS V 43 16.69 1.80 38.92
CA LYS V 43 16.61 1.62 37.46
C LYS V 43 16.57 2.92 36.64
N GLY V 44 16.41 4.08 37.29
CA GLY V 44 16.29 5.36 36.59
C GLY V 44 14.99 5.41 35.82
N LEU V 45 15.03 6.01 34.64
CA LEU V 45 13.89 6.00 33.71
C LEU V 45 13.97 4.80 32.80
N GLU V 46 12.88 4.03 32.73
CA GLU V 46 12.80 2.84 31.86
C GLU V 46 11.52 2.87 31.05
N TRP V 47 11.66 2.86 29.73
CA TRP V 47 10.52 2.64 28.84
C TRP V 47 10.01 1.23 29.08
N VAL V 48 8.70 1.11 29.27
CA VAL V 48 8.03 -0.15 29.55
C VAL V 48 7.26 -0.69 28.33
N ALA V 49 6.47 0.15 27.67
CA ALA V 49 5.62 -0.30 26.57
C ALA V 49 5.28 0.80 25.54
N GLU V 50 4.98 0.36 24.31
CA GLU V 50 4.53 1.25 23.23
C GLU V 50 3.22 0.75 22.67
N ILE V 51 2.41 1.68 22.16
CA ILE V 51 1.38 1.35 21.20
C ILE V 51 1.34 2.45 20.12
N ARG V 52 1.39 2.02 18.86
CA ARG V 52 1.43 2.96 17.74
C ARG V 52 0.02 3.24 17.22
N ASN V 53 -0.10 4.17 16.29
CA ASN V 53 -1.43 4.58 15.75
C ASN V 53 -1.99 3.55 14.76
N LYS V 54 -3.24 3.77 14.33
CA LYS V 54 -3.91 2.80 13.46
C LYS V 54 -3.18 2.54 12.13
N VAL V 55 -2.52 3.58 11.60
CA VAL V 55 -1.74 3.45 10.35
C VAL V 55 -0.61 2.43 10.49
N ASN V 56 -0.08 2.24 11.71
CA ASN V 56 0.92 1.20 12.01
C ASN V 56 0.32 -0.09 12.63
N ASN V 57 -0.96 -0.37 12.34
CA ASN V 57 -1.70 -1.52 12.86
C ASN V 57 -1.79 -1.61 14.39
N HIS V 58 -1.69 -0.48 15.10
CA HIS V 58 -1.68 -0.48 16.56
C HIS V 58 -0.63 -1.46 17.10
N ALA V 59 0.58 -1.30 16.60
CA ALA V 59 1.70 -2.17 16.95
C ALA V 59 2.22 -1.89 18.35
N THR V 60 2.51 -2.95 19.09
CA THR V 60 3.07 -2.85 20.43
C THR V 60 4.49 -3.36 20.42
N ASN V 61 5.36 -2.72 21.18
CA ASN V 61 6.53 -3.39 21.68
C ASN V 61 6.68 -3.13 23.17
N TYR V 62 7.37 -4.03 23.83
CA TYR V 62 7.61 -3.93 25.26
C TYR V 62 9.11 -3.98 25.61
N ALA V 63 9.43 -3.69 26.87
CA ALA V 63 10.79 -3.82 27.37
C ALA V 63 11.06 -5.27 27.69
N GLU V 64 12.29 -5.69 27.45
CA GLU V 64 12.64 -7.10 27.63
C GLU V 64 12.32 -7.65 29.02
N SER V 65 12.37 -6.78 30.03
CA SER V 65 12.06 -7.16 31.39
C SER V 65 10.57 -7.41 31.68
N VAL V 66 9.66 -7.08 30.75
CA VAL V 66 8.20 -7.20 30.99
C VAL V 66 7.42 -8.08 30.00
N LYS V 67 8.07 -8.60 28.96
CA LYS V 67 7.37 -9.25 27.84
C LYS V 67 6.64 -10.51 28.26
N GLY V 68 5.37 -10.61 27.90
CA GLY V 68 4.51 -11.73 28.33
C GLY V 68 3.75 -11.49 29.63
N ARG V 69 4.12 -10.44 30.36
CA ARG V 69 3.49 -10.07 31.62
C ARG V 69 2.66 -8.80 31.49
N PHE V 70 3.19 -7.81 30.77
CA PHE V 70 2.55 -6.52 30.60
C PHE V 70 1.77 -6.53 29.28
N THR V 71 0.56 -5.97 29.27
CA THR V 71 -0.23 -5.81 28.06
C THR V 71 -0.73 -4.37 27.97
N ILE V 72 -0.25 -3.66 26.94
CA ILE V 72 -0.70 -2.31 26.65
C ILE V 72 -1.88 -2.37 25.67
N SER V 73 -2.82 -1.44 25.82
CA SER V 73 -3.96 -1.33 24.93
C SER V 73 -4.48 0.10 24.89
N ARG V 74 -5.42 0.33 23.97
CA ARG V 74 -6.01 1.65 23.80
C ARG V 74 -7.46 1.58 23.34
N ASP V 75 -8.14 2.71 23.49
CA ASP V 75 -9.56 2.85 23.21
C ASP V 75 -9.74 4.20 22.52
N ASP V 76 -9.45 4.26 21.22
CA ASP V 76 -9.49 5.53 20.48
C ASP V 76 -10.86 6.23 20.50
N SER V 77 -11.94 5.50 20.79
CA SER V 77 -13.27 6.09 20.95
C SER V 77 -13.44 6.86 22.28
N ARG V 78 -12.80 6.37 23.35
CA ARG V 78 -12.77 7.09 24.64
C ARG V 78 -11.48 7.88 24.88
N SER V 79 -10.51 7.83 23.97
CA SER V 79 -9.18 8.43 24.13
C SER V 79 -8.54 8.09 25.47
N VAL V 80 -8.33 6.79 25.70
CA VAL V 80 -7.65 6.30 26.92
C VAL V 80 -6.67 5.15 26.59
N VAL V 81 -5.50 5.12 27.24
CA VAL V 81 -4.53 4.01 27.11
C VAL V 81 -4.61 3.20 28.39
N TYR V 82 -4.46 1.89 28.28
CA TYR V 82 -4.51 0.99 29.44
C TYR V 82 -3.19 0.25 29.59
N LEU V 83 -2.87 -0.17 30.82
CA LEU V 83 -1.73 -1.08 31.08
C LEU V 83 -2.10 -2.19 32.06
N GLN V 84 -2.32 -3.38 31.52
CA GLN V 84 -2.61 -4.59 32.29
C GLN V 84 -1.28 -5.25 32.64
N MET V 85 -1.06 -5.53 33.92
CA MET V 85 0.15 -6.20 34.40
C MET V 85 -0.18 -7.52 35.11
N ASN V 86 0.38 -8.64 34.63
CA ASN V 86 0.22 -9.96 35.26
C ASN V 86 1.56 -10.43 35.82
N ASN V 87 1.51 -11.31 36.83
CA ASN V 87 2.71 -11.90 37.44
C ASN V 87 3.65 -10.79 37.92
N LEU V 88 3.10 -9.90 38.75
CA LEU V 88 3.85 -8.75 39.26
C LEU V 88 5.02 -9.19 40.13
N LYS V 89 6.11 -8.41 40.05
CA LYS V 89 7.39 -8.74 40.68
C LYS V 89 7.89 -7.53 41.48
N PRO V 90 8.86 -7.72 42.40
CA PRO V 90 9.34 -6.57 43.19
C PRO V 90 9.98 -5.49 42.33
N GLU V 91 10.86 -5.89 41.41
CA GLU V 91 11.56 -4.95 40.52
C GLU V 91 10.66 -4.15 39.54
N ASP V 92 9.37 -4.47 39.50
CA ASP V 92 8.40 -3.65 38.77
C ASP V 92 7.90 -2.44 39.56
N THR V 93 8.15 -2.43 40.88
CA THR V 93 7.74 -1.33 41.75
C THR V 93 8.36 -0.01 41.30
N GLY V 94 7.53 1.03 41.21
CA GLY V 94 7.97 2.36 40.78
C GLY V 94 6.84 3.32 40.44
N ILE V 95 7.20 4.45 39.82
CA ILE V 95 6.24 5.50 39.45
C ILE V 95 6.02 5.41 37.94
N TYR V 96 4.78 5.17 37.51
CA TYR V 96 4.53 4.82 36.12
C TYR V 96 3.99 6.06 35.39
N TYR V 97 4.73 6.56 34.39
CA TYR V 97 4.35 7.72 33.60
C TYR V 97 3.75 7.26 32.29
N CYS V 98 2.52 7.67 32.01
CA CYS V 98 1.95 7.55 30.69
C CYS V 98 2.38 8.74 29.88
N THR V 99 2.82 8.48 28.65
CA THR V 99 3.29 9.53 27.77
C THR V 99 2.57 9.49 26.42
N GLY V 100 2.46 10.65 25.79
CA GLY V 100 1.83 10.77 24.48
C GLY V 100 2.79 11.39 23.48
N LEU V 101 2.58 11.07 22.20
CA LEU V 101 3.51 11.44 21.12
C LEU V 101 4.92 11.01 21.50
N THR V 102 5.05 9.70 21.64
CA THR V 102 6.14 9.10 22.39
C THR V 102 6.42 9.86 23.71
N PHE V 103 7.44 10.71 23.73
CA PHE V 103 7.85 11.41 24.97
C PHE V 103 7.79 12.94 24.85
N ASP V 104 6.97 13.44 23.94
CA ASP V 104 6.75 14.89 23.82
C ASP V 104 5.96 15.44 25.02
N TYR V 105 4.95 14.68 25.44
CA TYR V 105 4.06 15.01 26.52
C TYR V 105 4.08 13.88 27.52
N TRP V 106 4.11 14.26 28.79
CA TRP V 106 4.13 13.34 29.91
C TRP V 106 3.02 13.66 30.91
N GLY V 107 2.36 12.61 31.42
CA GLY V 107 1.41 12.76 32.52
C GLY V 107 2.13 13.03 33.84
N GLN V 108 1.38 13.03 34.94
CA GLN V 108 1.96 13.34 36.28
C GLN V 108 2.51 12.10 36.97
N GLY V 109 1.85 10.99 36.72
CA GLY V 109 2.30 9.69 37.16
C GLY V 109 1.26 8.96 37.99
N THR V 110 1.59 7.74 38.36
CA THR V 110 0.82 6.97 39.33
C THR V 110 1.72 5.84 39.83
N THR V 111 1.73 5.66 41.15
CA THR V 111 2.76 4.86 41.81
C THR V 111 2.25 3.45 42.02
N LEU V 112 2.98 2.50 41.45
CA LEU V 112 2.70 1.08 41.66
C LEU V 112 3.51 0.57 42.84
N THR V 113 2.92 -0.40 43.55
CA THR V 113 3.56 -0.99 44.74
C THR V 113 3.32 -2.51 44.93
N VAL V 114 4.39 -3.21 45.35
CA VAL V 114 4.36 -4.64 45.66
C VAL V 114 4.31 -4.84 47.17
N SER V 115 3.27 -5.52 47.66
CA SER V 115 2.86 -5.42 49.05
C SER V 115 3.57 -6.41 49.92
N SER V 116 3.98 -5.97 51.11
CA SER V 116 4.07 -6.86 52.24
C SER V 116 3.02 -6.37 53.22
N ALA V 117 3.06 -5.08 53.56
CA ALA V 117 2.09 -4.47 54.48
C ALA V 117 0.78 -4.07 53.77
N LYS V 118 -0.29 -3.98 54.56
CA LYS V 118 -1.62 -3.61 54.06
C LYS V 118 -1.79 -2.08 54.04
N THR V 119 -2.88 -1.62 53.42
CA THR V 119 -3.28 -0.21 53.41
C THR V 119 -3.73 0.22 54.81
N THR V 120 -3.17 1.31 55.34
CA THR V 120 -3.47 1.79 56.68
C THR V 120 -4.36 3.01 56.59
N TYR V 125 -0.70 13.49 63.63
CA TYR V 125 -0.21 13.96 64.92
C TYR V 125 0.51 15.28 64.64
N PRO V 126 0.02 16.41 65.16
CA PRO V 126 0.63 17.72 64.86
C PRO V 126 1.82 18.07 65.76
N LEU V 127 2.75 18.85 65.22
CA LEU V 127 3.93 19.29 65.96
C LEU V 127 3.74 20.72 66.45
N ALA V 128 3.76 20.89 67.77
CA ALA V 128 3.55 22.20 68.41
C ALA V 128 4.91 22.85 68.70
N PRO V 129 5.00 24.20 68.65
CA PRO V 129 6.26 24.87 68.96
C PRO V 129 6.79 24.59 70.36
N VAL V 130 7.93 25.20 70.66
CA VAL V 130 8.53 25.20 72.00
C VAL V 130 7.58 25.69 73.09
N CYS V 131 7.91 25.33 74.33
CA CYS V 131 7.16 25.73 75.50
C CYS V 131 8.03 26.71 76.28
N GLY V 132 7.62 27.98 76.31
CA GLY V 132 8.40 29.06 76.93
C GLY V 132 9.66 29.44 76.17
N GLY V 136 12.46 36.10 68.41
CA GLY V 136 12.32 36.27 66.98
C GLY V 136 10.87 36.41 66.52
N SER V 137 10.67 37.09 65.39
CA SER V 137 9.32 37.34 64.82
C SER V 137 8.97 36.53 63.55
N SER V 138 9.50 35.31 63.45
CA SER V 138 8.91 34.24 62.64
C SER V 138 8.64 33.04 63.55
N VAL V 139 7.54 32.34 63.26
CA VAL V 139 7.12 31.20 64.07
C VAL V 139 6.93 30.01 63.12
N THR V 140 7.44 28.86 63.53
CA THR V 140 7.55 27.70 62.65
C THR V 140 6.68 26.58 63.19
N LEU V 141 5.88 25.99 62.29
CA LEU V 141 4.89 24.98 62.64
C LEU V 141 5.14 23.74 61.82
N GLY V 142 4.64 22.60 62.28
CA GLY V 142 4.87 21.32 61.62
C GLY V 142 3.80 20.29 61.88
N CYS V 143 3.64 19.38 60.93
CA CYS V 143 2.66 18.32 61.02
C CYS V 143 3.38 17.05 60.62
N LEU V 144 3.61 16.15 61.58
CA LEU V 144 4.18 14.82 61.30
C LEU V 144 3.09 13.84 60.80
N VAL V 145 3.48 12.93 59.91
CA VAL V 145 2.55 11.93 59.31
C VAL V 145 3.08 10.51 59.49
N LYS V 146 2.35 9.69 60.25
CA LYS V 146 2.66 8.25 60.41
C LYS V 146 1.39 7.38 60.34
N GLY V 147 1.56 6.19 59.76
CA GLY V 147 0.50 5.19 59.67
C GLY V 147 -0.28 5.28 58.38
N TYR V 148 0.44 5.21 57.26
CA TYR V 148 -0.18 5.11 55.94
C TYR V 148 0.78 4.42 54.97
N PHE V 149 0.21 3.56 54.14
CA PHE V 149 0.91 2.84 53.10
C PHE V 149 -0.18 2.52 52.04
N PRO V 150 0.09 2.66 50.73
CA PRO V 150 1.41 2.87 50.17
C PRO V 150 1.63 4.33 49.77
N GLU V 151 2.71 4.59 49.03
CA GLU V 151 2.89 5.86 48.33
C GLU V 151 1.73 5.99 47.30
N PRO V 152 1.21 7.19 47.04
CA PRO V 152 1.69 8.45 47.59
C PRO V 152 1.06 8.81 48.94
N VAL V 153 1.79 9.59 49.75
CA VAL V 153 1.23 10.30 50.90
C VAL V 153 1.28 11.75 50.45
N THR V 154 0.16 12.47 50.55
CA THR V 154 0.05 13.83 50.02
C THR V 154 -0.51 14.74 51.10
N LEU V 155 -0.05 16.00 51.10
CA LEU V 155 -0.22 16.89 52.25
C LEU V 155 -0.11 18.37 51.81
N THR V 156 -0.97 19.25 52.32
CA THR V 156 -0.87 20.71 52.08
C THR V 156 -1.24 21.50 53.35
N TRP V 157 -1.07 22.82 53.32
CA TRP V 157 -1.42 23.70 54.46
C TRP V 157 -2.57 24.60 54.04
N ASN V 158 -3.69 24.52 54.76
CA ASN V 158 -4.94 25.16 54.37
C ASN V 158 -5.28 24.94 52.89
N SER V 159 -5.11 23.69 52.45
CA SER V 159 -5.47 23.24 51.10
C SER V 159 -4.85 24.11 50.01
N GLY V 160 -3.56 24.37 50.14
CA GLY V 160 -2.79 25.11 49.15
C GLY V 160 -3.11 26.60 49.05
N SER V 161 -3.84 27.14 50.03
CA SER V 161 -4.15 28.57 50.08
C SER V 161 -2.85 29.32 50.34
N LEU V 162 -2.17 28.95 51.42
CA LEU V 162 -0.77 29.34 51.64
C LEU V 162 0.10 28.28 50.98
N SER V 163 0.74 28.64 49.85
CA SER V 163 1.62 27.73 49.11
C SER V 163 3.06 27.91 49.57
N SER V 164 3.55 29.15 49.51
CA SER V 164 4.95 29.44 49.79
C SER V 164 5.21 29.55 51.29
N GLY V 165 6.43 29.19 51.71
CA GLY V 165 6.78 29.06 53.13
C GLY V 165 6.78 27.63 53.68
N VAL V 166 6.28 26.68 52.88
CA VAL V 166 6.23 25.27 53.26
C VAL V 166 7.47 24.52 52.78
N HIS V 167 7.87 23.51 53.56
CA HIS V 167 8.93 22.57 53.19
C HIS V 167 8.51 21.12 53.50
N THR V 168 7.86 20.47 52.54
CA THR V 168 7.37 19.11 52.71
C THR V 168 8.47 18.15 52.32
N PHE V 169 8.87 17.26 53.22
CA PHE V 169 10.06 16.44 53.02
C PHE V 169 9.71 15.11 52.37
N PRO V 170 10.64 14.53 51.57
CA PRO V 170 10.33 13.26 50.91
C PRO V 170 10.14 12.17 51.96
N ALA V 171 9.10 11.37 51.78
CA ALA V 171 8.77 10.32 52.74
C ALA V 171 9.91 9.31 52.73
N LEU V 172 10.49 9.02 53.89
CA LEU V 172 11.41 7.92 54.04
C LEU V 172 10.64 6.91 54.88
N LEU V 173 10.31 5.76 54.28
CA LEU V 173 9.55 4.69 54.96
C LEU V 173 10.26 4.07 56.17
N LEU V 174 9.50 3.85 57.25
CA LEU V 174 10.02 3.30 58.51
C LEU V 174 9.59 1.81 58.67
N SER V 175 10.08 1.00 57.71
CA SER V 175 9.85 -0.45 57.70
C SER V 175 8.36 -0.79 57.72
N GLY V 176 7.68 -0.40 56.65
CA GLY V 176 6.27 -0.76 56.43
C GLY V 176 5.36 0.42 56.19
N LEU V 177 5.50 1.44 57.04
CA LEU V 177 4.66 2.65 56.99
C LEU V 177 5.44 3.85 56.44
N TYR V 178 4.79 4.64 55.58
CA TYR V 178 5.39 5.90 55.08
C TYR V 178 5.19 7.02 56.09
N THR V 179 6.31 7.67 56.43
CA THR V 179 6.31 8.84 57.32
C THR V 179 7.00 9.99 56.61
N LEU V 180 6.36 11.15 56.63
CA LEU V 180 6.95 12.38 56.11
C LEU V 180 6.38 13.51 56.94
N SER V 181 7.27 14.40 57.40
CA SER V 181 6.86 15.61 58.10
C SER V 181 6.86 16.73 57.10
N SER V 182 5.96 17.68 57.29
CA SER V 182 6.03 18.98 56.62
C SER V 182 6.11 20.09 57.67
N SER V 183 6.44 21.28 57.18
CA SER V 183 6.66 22.44 58.04
C SER V 183 6.30 23.71 57.29
N VAL V 184 5.57 24.60 57.96
CA VAL V 184 5.19 25.90 57.41
C VAL V 184 5.65 27.00 58.37
N THR V 185 6.13 28.11 57.81
CA THR V 185 6.61 29.24 58.57
C THR V 185 6.15 30.52 57.89
N VAL V 186 5.35 31.31 58.60
CA VAL V 186 5.18 32.75 58.28
C VAL V 186 5.31 33.49 59.64
N THR V 187 4.76 34.71 59.75
CA THR V 187 5.18 35.66 60.80
C THR V 187 4.59 35.31 62.16
N SER V 188 5.05 36.03 63.20
CA SER V 188 4.68 35.75 64.61
C SER V 188 3.17 35.88 64.90
N ASN V 189 2.51 36.82 64.23
CA ASN V 189 1.07 37.08 64.42
C ASN V 189 0.14 36.28 63.47
N THR V 190 0.68 35.20 62.88
CA THR V 190 -0.12 34.21 62.13
C THR V 190 -0.74 33.16 63.06
N TRP V 191 0.08 32.59 63.94
CA TRP V 191 -0.33 31.52 64.87
C TRP V 191 -0.12 32.02 66.31
N PRO V 192 -1.11 31.87 67.22
CA PRO V 192 -2.45 31.27 66.96
C PRO V 192 -3.57 32.28 66.52
N SER V 193 -3.18 33.37 65.85
CA SER V 193 -4.13 34.44 65.47
C SER V 193 -5.11 33.93 64.42
N GLN V 194 -4.55 33.46 63.30
CA GLN V 194 -5.32 32.78 62.24
C GLN V 194 -5.22 31.25 62.34
N THR V 195 -6.13 30.55 61.66
CA THR V 195 -6.21 29.08 61.71
C THR V 195 -5.16 28.43 60.77
N ILE V 196 -4.36 27.50 61.33
CA ILE V 196 -3.37 26.72 60.57
C ILE V 196 -3.85 25.27 60.60
N THR V 197 -4.03 24.72 59.40
CA THR V 197 -4.62 23.41 59.21
C THR V 197 -3.70 22.61 58.29
N CYS V 198 -3.13 21.53 58.82
CA CYS V 198 -2.38 20.55 58.04
C CYS V 198 -3.45 19.70 57.35
N ASN V 199 -3.71 19.97 56.06
CA ASN V 199 -4.70 19.22 55.28
C ASN V 199 -4.04 17.98 54.69
N VAL V 200 -4.46 16.80 55.15
CA VAL V 200 -3.98 15.53 54.58
C VAL V 200 -5.18 14.83 53.89
N ALA V 201 -4.97 14.34 52.67
CA ALA V 201 -5.99 13.64 51.90
C ALA V 201 -5.35 12.80 50.80
N HIS V 202 -5.95 11.63 50.52
CA HIS V 202 -5.43 10.70 49.49
C HIS V 202 -6.41 9.55 49.15
N PRO V 203 -6.24 8.92 47.95
CA PRO V 203 -7.17 7.85 47.56
C PRO V 203 -6.92 6.47 48.20
N ALA V 204 -5.67 6.10 48.43
CA ALA V 204 -5.31 4.67 48.53
C ALA V 204 -5.90 3.97 49.74
N SER V 205 -5.92 4.66 50.87
CA SER V 205 -6.71 4.23 52.05
C SER V 205 -8.04 4.95 52.20
N SER V 206 -8.30 5.94 51.36
CA SER V 206 -9.43 6.87 51.48
C SER V 206 -9.43 7.76 52.74
N THR V 207 -8.28 7.92 53.41
CA THR V 207 -8.16 8.74 54.62
C THR V 207 -8.16 10.21 54.23
N LYS V 208 -8.96 11.03 54.93
CA LYS V 208 -8.94 12.48 54.76
C LYS V 208 -8.96 13.12 56.15
N VAL V 209 -7.82 13.64 56.61
CA VAL V 209 -7.71 14.24 57.95
C VAL V 209 -7.33 15.71 57.80
N ASP V 210 -8.08 16.60 58.46
CA ASP V 210 -7.82 18.04 58.45
C ASP V 210 -7.38 18.33 59.88
N LYS V 211 -6.07 18.53 60.09
CA LYS V 211 -5.53 18.83 61.45
C LYS V 211 -5.43 20.32 61.84
N LYS V 212 -5.23 20.55 63.13
CA LYS V 212 -4.87 21.86 63.68
C LYS V 212 -3.90 21.61 64.82
N ILE V 213 -2.81 22.37 64.88
CA ILE V 213 -1.78 22.17 65.89
C ILE V 213 -2.18 22.88 67.18
N GLU V 214 -2.29 22.11 68.29
CA GLU V 214 -2.73 22.65 69.59
C GLU V 214 -1.50 23.15 70.37
N PRO V 215 -1.59 24.31 71.07
CA PRO V 215 -0.54 24.64 72.05
C PRO V 215 -0.66 23.75 73.30
N ARG V 216 0.46 23.29 73.84
CA ARG V 216 0.47 22.35 74.97
C ARG V 216 0.22 23.07 76.31
N GLY V 217 -0.46 22.39 77.22
CA GLY V 217 -0.65 22.86 78.59
C GLY V 217 0.45 22.29 79.48
N PRO V 218 0.91 23.05 80.50
CA PRO V 218 2.02 22.58 81.35
C PRO V 218 1.59 21.46 82.30
N ASP W 1 20.42 -3.31 23.02
CA ASP W 1 20.30 -2.12 23.92
C ASP W 1 21.33 -1.07 23.56
N ILE W 2 20.86 0.14 23.30
CA ILE W 2 21.73 1.29 23.10
C ILE W 2 21.87 1.99 24.46
N VAL W 3 23.04 1.86 25.10
CA VAL W 3 23.27 2.44 26.43
C VAL W 3 23.66 3.89 26.30
N LEU W 4 22.99 4.75 27.06
CA LEU W 4 23.38 6.15 27.23
C LEU W 4 24.05 6.38 28.59
N THR W 5 25.08 7.23 28.62
CA THR W 5 25.83 7.52 29.85
C THR W 5 26.20 8.98 29.91
N GLN W 6 25.80 9.63 31.00
CA GLN W 6 25.93 11.08 31.13
C GLN W 6 27.10 11.50 31.99
N SER W 7 27.61 12.71 31.74
CA SER W 7 28.65 13.32 32.56
C SER W 7 28.50 14.86 32.57
N PRO W 8 28.79 15.52 33.69
CA PRO W 8 29.13 14.91 34.97
C PRO W 8 27.91 14.30 35.63
N ALA W 9 28.11 13.63 36.76
CA ALA W 9 26.98 13.12 37.55
C ALA W 9 26.19 14.26 38.13
N SER W 10 26.91 15.24 38.69
CA SER W 10 26.34 16.52 39.15
C SER W 10 27.34 17.65 39.04
N LEU W 11 26.83 18.87 39.14
CA LEU W 11 27.62 20.09 38.97
C LEU W 11 26.89 21.30 39.55
N ALA W 12 27.66 22.27 40.02
CA ALA W 12 27.13 23.47 40.65
C ALA W 12 27.61 24.68 39.87
N VAL W 13 26.67 25.32 39.16
CA VAL W 13 26.98 26.50 38.34
C VAL W 13 26.43 27.78 38.95
N SER W 14 27.17 28.88 38.83
CA SER W 14 26.70 30.19 39.32
C SER W 14 25.65 30.79 38.41
N LEU W 15 24.87 31.70 38.96
CA LEU W 15 23.85 32.42 38.21
C LEU W 15 24.54 33.20 37.09
N GLY W 16 24.18 32.94 35.85
CA GLY W 16 24.76 33.64 34.70
C GLY W 16 25.80 32.82 33.95
N GLN W 17 26.52 31.95 34.65
CA GLN W 17 27.54 31.11 34.00
C GLN W 17 26.87 30.02 33.18
N ARG W 18 27.69 29.32 32.38
CA ARG W 18 27.21 28.22 31.52
C ARG W 18 27.26 26.88 32.23
N ALA W 19 26.25 26.05 31.95
CA ALA W 19 26.22 24.68 32.37
C ALA W 19 26.32 23.83 31.12
N THR W 20 27.32 22.96 31.08
CA THR W 20 27.49 22.03 29.97
C THR W 20 27.28 20.63 30.54
N ILE W 21 26.29 19.93 29.99
CA ILE W 21 26.05 18.51 30.26
C ILE W 21 26.44 17.68 29.01
N SER W 22 26.84 16.41 29.20
CA SER W 22 27.24 15.52 28.09
C SER W 22 26.57 14.17 28.16
N CYS W 23 26.35 13.55 27.00
CA CYS W 23 25.72 12.23 26.89
C CYS W 23 26.44 11.36 25.88
N ARG W 24 26.71 10.10 26.26
CA ARG W 24 27.52 9.17 25.47
C ARG W 24 26.72 7.93 25.08
N ALA W 25 26.60 7.69 23.77
CA ALA W 25 25.95 6.49 23.26
C ALA W 25 26.95 5.33 23.08
N SER W 26 26.52 4.10 23.39
CA SER W 26 27.37 2.90 23.23
C SER W 26 27.51 2.47 21.77
N GLU W 27 26.47 2.73 20.97
CA GLU W 27 26.53 2.64 19.52
C GLU W 27 26.26 4.02 18.93
N SER W 28 26.32 4.16 17.61
CA SER W 28 25.75 5.35 16.94
C SER W 28 24.25 5.51 17.27
N VAL W 29 23.75 6.76 17.19
CA VAL W 29 22.30 7.01 17.08
C VAL W 29 21.92 7.78 15.81
N ASP W 30 22.85 7.95 14.87
CA ASP W 30 22.54 8.51 13.55
C ASP W 30 21.60 7.55 12.83
N ASN W 31 20.55 8.09 12.24
CA ASN W 31 19.55 7.31 11.52
C ASN W 31 18.93 8.18 10.42
N TYR W 32 19.20 7.81 9.17
CA TYR W 32 18.81 8.62 8.00
C TYR W 32 19.32 10.07 8.09
N GLY W 33 20.60 10.22 8.46
CA GLY W 33 21.26 11.53 8.58
C GLY W 33 20.89 12.37 9.79
N ILE W 34 19.95 11.88 10.60
CA ILE W 34 19.33 12.61 11.70
C ILE W 34 19.65 11.87 13.00
N SER W 35 19.97 12.62 14.06
CA SER W 35 20.35 12.03 15.35
C SER W 35 19.14 11.97 16.27
N SER W 36 18.70 10.75 16.63
CA SER W 36 17.61 10.58 17.60
C SER W 36 18.13 10.77 19.02
N MET W 37 18.37 12.04 19.39
CA MET W 37 18.79 12.39 20.75
C MET W 37 17.87 13.46 21.28
N ASN W 38 17.15 13.10 22.33
CA ASN W 38 16.26 14.00 23.00
C ASN W 38 16.84 14.30 24.38
N TRP W 39 16.60 15.51 24.86
CA TRP W 39 16.96 15.91 26.21
C TRP W 39 15.70 16.21 27.00
N PHE W 40 15.70 15.78 28.26
CA PHE W 40 14.59 16.08 29.17
C PHE W 40 15.07 16.80 30.40
N GLN W 41 14.19 17.65 30.96
CA GLN W 41 14.44 18.28 32.25
C GLN W 41 13.42 17.75 33.24
N GLN W 42 13.89 17.26 34.38
CA GLN W 42 13.01 16.80 35.44
C GLN W 42 13.25 17.63 36.69
N LYS W 43 12.25 18.39 37.11
CA LYS W 43 12.33 19.16 38.33
C LYS W 43 11.80 18.30 39.46
N ALA W 44 11.97 18.80 40.69
CA ALA W 44 11.36 18.20 41.87
C ALA W 44 9.86 17.87 41.69
N GLY W 45 9.45 16.68 42.13
CA GLY W 45 8.06 16.27 42.18
C GLY W 45 7.29 16.46 40.88
N GLN W 46 8.00 16.34 39.75
CA GLN W 46 7.40 16.57 38.43
C GLN W 46 7.86 15.51 37.41
N PRO W 47 7.08 15.30 36.33
CA PRO W 47 7.57 14.43 35.27
C PRO W 47 8.69 15.07 34.47
N PRO W 48 9.34 14.28 33.62
CA PRO W 48 10.23 14.88 32.64
C PRO W 48 9.50 15.86 31.73
N LYS W 49 10.18 16.95 31.38
CA LYS W 49 9.70 17.92 30.43
C LYS W 49 10.59 17.77 29.23
N PHE W 50 9.98 17.57 28.08
CA PHE W 50 10.68 17.49 26.81
C PHE W 50 11.32 18.83 26.44
N LEU W 51 12.65 18.88 26.29
CA LEU W 51 13.38 20.15 26.05
C LEU W 51 13.88 20.29 24.62
N ILE W 52 14.71 19.34 24.21
CA ILE W 52 15.40 19.37 22.90
C ILE W 52 15.12 18.04 22.19
N TYR W 53 14.81 18.06 20.89
CA TYR W 53 14.76 16.84 20.05
C TYR W 53 15.80 16.90 18.94
N ALA W 54 15.94 15.76 18.27
CA ALA W 54 16.82 15.63 17.12
C ALA W 54 18.22 16.23 17.34
N ALA W 55 18.76 16.04 18.54
CA ALA W 55 20.03 16.61 18.99
C ALA W 55 20.02 18.13 19.16
N SER W 56 19.72 18.84 18.07
CA SER W 56 19.85 20.29 17.98
C SER W 56 18.55 21.10 18.14
N LYS W 57 17.40 20.48 17.87
CA LYS W 57 16.16 21.23 17.59
C LYS W 57 15.38 21.54 18.85
N GLN W 58 14.71 22.69 18.85
CA GLN W 58 14.06 23.24 20.05
C GLN W 58 12.66 22.67 20.24
N GLY W 59 12.32 22.36 21.49
CA GLY W 59 10.92 22.10 21.84
C GLY W 59 10.10 23.39 21.75
N SER W 60 8.78 23.24 21.67
CA SER W 60 7.88 24.40 21.54
C SER W 60 7.69 25.08 22.90
N GLY W 61 7.96 26.39 22.96
CA GLY W 61 7.97 27.16 24.22
C GLY W 61 9.22 27.02 25.10
N VAL W 62 10.09 26.05 24.80
CA VAL W 62 11.35 25.85 25.52
C VAL W 62 12.28 27.03 25.20
N PRO W 63 12.74 27.77 26.24
CA PRO W 63 13.57 28.97 26.01
C PRO W 63 14.79 28.78 25.09
N ALA W 64 15.28 29.90 24.55
CA ALA W 64 16.47 29.91 23.69
C ALA W 64 17.73 29.45 24.43
N ARG W 65 17.79 29.70 25.75
CA ARG W 65 18.97 29.36 26.57
C ARG W 65 19.31 27.86 26.68
N PHE W 66 18.33 26.99 26.47
CA PHE W 66 18.55 25.55 26.33
C PHE W 66 18.85 25.23 24.86
N SER W 67 20.01 24.61 24.57
CA SER W 67 20.27 24.05 23.24
C SER W 67 21.20 22.86 23.36
N GLY W 68 20.92 21.80 22.59
CA GLY W 68 21.80 20.65 22.49
C GLY W 68 22.63 20.68 21.22
N SER W 69 23.76 20.00 21.25
CA SER W 69 24.53 19.71 20.04
C SER W 69 25.09 18.28 20.09
N GLY W 70 25.72 17.89 18.99
CA GLY W 70 26.36 16.58 18.84
C GLY W 70 25.72 15.71 17.79
N SER W 71 26.36 14.56 17.56
CA SER W 71 25.93 13.58 16.56
C SER W 71 26.84 12.37 16.62
N GLY W 72 26.41 11.31 15.95
CA GLY W 72 27.13 10.06 15.95
C GLY W 72 26.93 9.38 17.29
N THR W 73 27.93 9.52 18.15
CA THR W 73 27.98 8.83 19.43
C THR W 73 28.00 9.75 20.69
N ASP W 74 28.17 11.05 20.48
CA ASP W 74 28.40 12.04 21.55
C ASP W 74 27.54 13.31 21.41
N PHE W 75 26.96 13.73 22.53
CA PHE W 75 26.07 14.90 22.58
C PHE W 75 26.31 15.74 23.81
N SER W 76 25.91 17.00 23.74
CA SER W 76 25.83 17.84 24.95
C SER W 76 24.44 18.51 25.15
N LEU W 77 24.33 19.23 26.27
CA LEU W 77 23.25 20.21 26.49
C LEU W 77 23.91 21.46 27.08
N ILE W 78 23.56 22.62 26.55
CA ILE W 78 24.09 23.91 27.03
C ILE W 78 22.95 24.74 27.59
N ILE W 79 23.12 25.16 28.84
CA ILE W 79 22.20 26.05 29.51
C ILE W 79 23.03 27.29 29.81
N HIS W 80 22.75 28.37 29.10
CA HIS W 80 23.42 29.66 29.33
C HIS W 80 22.56 30.83 28.84
N PRO W 81 22.25 31.82 29.68
CA PRO W 81 22.70 31.93 31.08
C PRO W 81 21.83 31.15 32.06
N VAL W 82 22.45 30.60 33.09
CA VAL W 82 21.77 29.74 34.07
C VAL W 82 20.91 30.57 35.03
N GLU W 83 19.65 30.17 35.20
CA GLU W 83 18.73 30.79 36.15
C GLU W 83 18.49 29.93 37.37
N GLU W 84 17.88 30.53 38.39
CA GLU W 84 17.52 29.80 39.63
C GLU W 84 16.67 28.55 39.37
N ASP W 85 15.70 28.72 38.47
CA ASP W 85 14.72 27.69 38.14
C ASP W 85 15.26 26.51 37.35
N ASP W 86 16.45 26.66 36.78
CA ASP W 86 17.09 25.58 36.05
C ASP W 86 17.59 24.42 36.93
N THR W 87 17.45 24.53 38.24
CA THR W 87 17.77 23.46 39.19
C THR W 87 16.90 22.23 38.93
N ALA W 88 17.55 21.13 38.54
CA ALA W 88 16.84 19.98 37.98
C ALA W 88 17.79 18.87 37.68
N VAL W 89 17.22 17.71 37.44
CA VAL W 89 17.95 16.61 36.84
C VAL W 89 17.69 16.68 35.32
N TYR W 90 18.77 16.61 34.53
CA TYR W 90 18.68 16.56 33.09
C TYR W 90 19.04 15.18 32.57
N PHE W 91 18.21 14.68 31.65
CA PHE W 91 18.34 13.36 31.05
C PHE W 91 18.52 13.49 29.53
N CYS W 92 19.38 12.63 28.97
CA CYS W 92 19.39 12.40 27.53
C CYS W 92 18.58 11.13 27.25
N GLN W 93 18.15 10.96 26.00
CA GLN W 93 17.26 9.84 25.66
C GLN W 93 17.27 9.61 24.19
N GLN W 94 17.25 8.32 23.85
CA GLN W 94 17.57 7.86 22.51
C GLN W 94 16.34 7.21 21.86
N SER W 95 16.18 7.46 20.57
CA SER W 95 15.06 6.91 19.79
C SER W 95 15.46 6.28 18.45
N LYS W 96 16.73 5.91 18.29
CA LYS W 96 17.16 5.20 17.09
C LYS W 96 16.64 3.78 17.20
N GLY W 97 17.08 3.10 18.25
CA GLY W 97 16.78 1.69 18.44
C GLY W 97 15.67 1.40 19.43
N VAL W 98 15.19 0.15 19.38
CA VAL W 98 14.32 -0.40 20.40
C VAL W 98 15.21 -1.32 21.28
N PRO W 99 15.07 -1.31 22.62
CA PRO W 99 14.17 -0.42 23.34
C PRO W 99 14.65 1.03 23.38
N TYR W 100 13.68 1.94 23.54
CA TYR W 100 13.97 3.35 23.83
C TYR W 100 14.60 3.39 25.21
N THR W 101 15.69 4.12 25.37
CA THR W 101 16.46 4.16 26.63
C THR W 101 16.89 5.56 27.03
N PHE W 102 16.93 5.81 28.33
CA PHE W 102 17.33 7.11 28.87
C PHE W 102 18.69 7.00 29.58
N GLY W 103 19.39 8.12 29.68
CA GLY W 103 20.61 8.21 30.48
C GLY W 103 20.31 8.09 31.97
N GLY W 104 21.35 8.01 32.77
CA GLY W 104 21.22 7.91 34.23
C GLY W 104 20.76 9.20 34.90
N GLY W 105 21.10 10.33 34.29
CA GLY W 105 20.78 11.65 34.81
C GLY W 105 22.02 12.47 35.16
N THR W 106 21.87 13.80 35.12
CA THR W 106 22.90 14.75 35.53
C THR W 106 22.23 15.85 36.34
N LYS W 107 22.74 16.09 37.55
CA LYS W 107 22.09 16.99 38.51
C LYS W 107 22.73 18.35 38.51
N LEU W 108 21.94 19.37 38.15
CA LEU W 108 22.40 20.75 38.13
C LEU W 108 21.99 21.40 39.45
N GLU W 109 22.98 21.88 40.21
CA GLU W 109 22.74 22.64 41.42
C GLU W 109 23.14 24.08 41.10
N ILE W 110 22.29 25.04 41.50
CA ILE W 110 22.64 26.46 41.36
C ILE W 110 23.49 26.90 42.55
N LYS W 111 24.65 27.49 42.28
CA LYS W 111 25.58 27.97 43.31
C LYS W 111 24.96 29.20 43.98
N ARG W 112 25.00 29.28 45.32
CA ARG W 112 24.59 30.50 46.02
C ARG W 112 25.45 30.76 47.22
N ALA W 113 25.30 31.95 47.79
CA ALA W 113 26.01 32.31 49.03
C ALA W 113 25.62 31.34 50.13
N ASP W 114 26.58 31.06 51.01
CA ASP W 114 26.31 30.21 52.16
C ASP W 114 25.22 30.84 53.04
N ALA W 115 24.53 29.97 53.78
CA ALA W 115 23.42 30.40 54.67
C ALA W 115 23.09 29.34 55.72
N ALA W 116 22.91 29.74 56.98
CA ALA W 116 22.80 28.78 58.08
C ALA W 116 21.36 28.34 58.25
N PRO W 117 21.16 27.12 58.82
CA PRO W 117 19.80 26.63 59.02
C PRO W 117 19.06 27.42 60.12
N THR W 118 17.73 27.50 59.98
CA THR W 118 16.89 28.13 60.97
C THR W 118 16.22 26.98 61.68
N VAL W 119 16.74 26.66 62.85
CA VAL W 119 16.41 25.42 63.55
C VAL W 119 15.21 25.57 64.47
N SER W 120 14.32 24.58 64.43
CA SER W 120 13.09 24.56 65.22
C SER W 120 12.97 23.17 65.83
N ILE W 121 12.81 23.09 67.16
CA ILE W 121 12.60 21.80 67.85
C ILE W 121 11.13 21.62 68.21
N PHE W 122 10.66 20.37 68.11
CA PHE W 122 9.27 20.01 68.36
C PHE W 122 9.23 18.75 69.21
N PRO W 123 8.80 18.87 70.47
CA PRO W 123 8.57 17.67 71.28
C PRO W 123 7.36 16.85 70.82
N PRO W 124 7.15 15.65 71.41
CA PRO W 124 6.06 14.77 70.96
C PRO W 124 4.67 15.38 71.12
N SER W 125 3.69 14.85 70.37
CA SER W 125 2.36 15.44 70.35
C SER W 125 1.55 15.01 71.57
N SER W 126 0.60 15.83 71.97
CA SER W 126 -0.39 15.46 72.98
C SER W 126 -1.53 14.55 72.44
N GLU W 127 -1.71 14.54 71.10
CA GLU W 127 -2.55 13.54 70.42
C GLU W 127 -1.76 12.32 69.87
N GLN W 128 -0.55 12.08 70.36
CA GLN W 128 0.29 10.93 69.97
C GLN W 128 0.75 10.14 71.21
N LEU W 129 1.15 10.87 72.24
CA LEU W 129 1.19 10.34 73.60
C LEU W 129 -0.15 9.68 74.03
N THR W 130 -1.29 10.18 73.53
CA THR W 130 -2.58 9.50 73.68
C THR W 130 -2.72 8.31 72.69
N SER W 131 -2.12 8.41 71.50
CA SER W 131 -2.03 7.29 70.55
C SER W 131 -1.14 6.11 71.00
N GLY W 132 -0.27 6.32 71.99
CA GLY W 132 0.55 5.23 72.56
C GLY W 132 1.95 5.13 71.96
N GLY W 133 2.56 6.27 71.67
CA GLY W 133 3.89 6.32 71.06
C GLY W 133 4.64 7.61 71.37
N ALA W 134 5.67 7.90 70.56
CA ALA W 134 6.55 9.05 70.78
C ALA W 134 7.42 9.39 69.55
N SER W 135 7.54 10.70 69.25
CA SER W 135 8.35 11.17 68.12
C SER W 135 8.80 12.62 68.35
N VAL W 136 10.13 12.84 68.31
CA VAL W 136 10.71 14.14 68.60
C VAL W 136 11.41 14.60 67.33
N VAL W 137 11.09 15.79 66.84
CA VAL W 137 11.55 16.27 65.52
C VAL W 137 12.29 17.61 65.61
N CYS W 138 13.30 17.73 64.76
CA CYS W 138 14.09 18.95 64.62
C CYS W 138 14.10 19.32 63.13
N PHE W 139 13.58 20.50 62.80
CA PHE W 139 13.66 21.04 61.44
C PHE W 139 14.83 22.00 61.30
N LEU W 140 15.51 21.91 60.16
CA LEU W 140 16.61 22.79 59.80
C LEU W 140 16.29 23.31 58.41
N ASN W 141 15.94 24.59 58.31
CA ASN W 141 15.35 25.14 57.09
C ASN W 141 16.21 26.21 56.41
N ASN W 142 16.17 26.19 55.08
CA ASN W 142 16.72 27.25 54.21
C ASN W 142 18.21 27.52 54.36
N PHE W 143 19.00 26.45 54.26
CA PHE W 143 20.46 26.55 54.34
C PHE W 143 21.16 26.18 53.03
N TYR W 144 22.42 26.61 52.90
CA TYR W 144 23.26 26.28 51.75
C TYR W 144 24.71 26.26 52.24
N PRO W 145 25.52 25.24 51.91
CA PRO W 145 25.18 24.13 51.04
C PRO W 145 24.46 22.99 51.74
N LYS W 146 24.09 21.97 50.95
CA LYS W 146 23.35 20.78 51.42
C LYS W 146 23.99 20.09 52.63
N ASP W 147 25.31 20.18 52.73
CA ASP W 147 26.09 19.37 53.63
C ASP W 147 25.96 19.83 55.09
N ILE W 148 25.42 18.98 55.95
CA ILE W 148 25.05 19.36 57.32
C ILE W 148 25.09 18.15 58.29
N ASN W 149 25.45 18.38 59.56
CA ASN W 149 25.42 17.34 60.59
C ASN W 149 24.43 17.70 61.70
N VAL W 150 23.68 16.69 62.13
CA VAL W 150 22.67 16.88 63.17
C VAL W 150 22.92 15.85 64.25
N LYS W 151 23.00 16.31 65.49
CA LYS W 151 23.27 15.45 66.65
C LYS W 151 22.11 15.48 67.64
N TRP W 152 21.65 14.31 68.08
CA TRP W 152 20.73 14.24 69.22
C TRP W 152 21.52 13.90 70.48
N LYS W 153 21.24 14.61 71.57
CA LYS W 153 21.88 14.41 72.86
C LYS W 153 20.77 14.21 73.88
N ILE W 154 20.74 13.03 74.47
CA ILE W 154 19.82 12.72 75.57
C ILE W 154 20.58 12.91 76.88
N ASP W 155 20.10 13.87 77.68
CA ASP W 155 20.81 14.37 78.88
C ASP W 155 22.25 14.83 78.61
N GLY W 156 22.54 15.30 77.39
CA GLY W 156 23.90 15.58 76.97
C GLY W 156 24.73 14.38 76.50
N SER W 157 24.15 13.16 76.52
CA SER W 157 24.83 11.95 75.99
C SER W 157 24.38 11.76 74.53
N GLU W 158 25.33 11.68 73.61
CA GLU W 158 25.03 11.50 72.19
C GLU W 158 24.43 10.12 71.96
N ARG W 159 23.38 10.05 71.13
CA ARG W 159 22.78 8.77 70.73
C ARG W 159 22.34 8.74 69.26
N GLN W 160 22.56 7.60 68.61
CA GLN W 160 22.34 7.42 67.16
C GLN W 160 21.33 6.27 66.85
N ASN W 161 20.28 6.14 67.66
CA ASN W 161 19.27 5.07 67.53
C ASN W 161 17.93 5.65 67.12
N GLY W 162 17.33 5.12 66.05
CA GLY W 162 15.99 5.52 65.61
C GLY W 162 15.90 6.87 64.90
N VAL W 163 17.04 7.38 64.43
CA VAL W 163 17.11 8.67 63.73
C VAL W 163 16.65 8.50 62.25
N LEU W 164 15.86 9.46 61.73
CA LEU W 164 15.45 9.49 60.33
C LEU W 164 15.67 10.90 59.84
N ASN W 165 16.59 11.05 58.89
CA ASN W 165 16.87 12.31 58.24
C ASN W 165 16.34 12.34 56.81
N SER W 166 15.77 13.48 56.42
CA SER W 166 15.13 13.61 55.14
C SER W 166 15.37 15.02 54.62
N TRP W 167 15.98 15.12 53.43
CA TRP W 167 16.32 16.42 52.81
C TRP W 167 15.34 16.73 51.68
N THR W 168 14.98 18.00 51.52
CA THR W 168 14.30 18.45 50.31
C THR W 168 15.32 18.66 49.22
N ASP W 169 14.84 18.75 47.98
CA ASP W 169 15.66 19.15 46.85
C ASP W 169 15.89 20.64 46.92
N GLN W 170 16.85 21.10 46.13
CA GLN W 170 17.18 22.52 46.07
C GLN W 170 15.96 23.29 45.62
N ASP W 171 15.66 24.37 46.34
CA ASP W 171 14.51 25.22 46.03
C ASP W 171 14.68 25.86 44.64
N SER W 172 13.56 25.93 43.90
CA SER W 172 13.55 26.54 42.55
C SER W 172 13.73 28.06 42.54
N LYS W 173 13.40 28.71 43.65
CA LYS W 173 13.41 30.15 43.77
C LYS W 173 14.64 30.68 44.55
N ASP W 174 14.76 30.31 45.83
CA ASP W 174 15.82 30.86 46.71
C ASP W 174 17.11 30.02 46.80
N SER W 175 17.18 28.92 46.06
CA SER W 175 18.39 28.08 45.89
C SER W 175 18.89 27.34 47.15
N THR W 176 18.09 27.27 48.22
CA THR W 176 18.51 26.67 49.49
C THR W 176 18.01 25.23 49.62
N TYR W 177 18.44 24.55 50.69
CA TYR W 177 17.97 23.22 51.03
C TYR W 177 17.31 23.27 52.41
N SER W 178 16.41 22.35 52.69
CA SER W 178 15.85 22.16 54.03
C SER W 178 15.88 20.69 54.39
N MET W 179 15.87 20.41 55.68
CA MET W 179 16.05 19.05 56.18
C MET W 179 15.32 18.84 57.50
N SER W 180 14.72 17.65 57.70
CA SER W 180 14.20 17.25 59.02
C SER W 180 14.97 16.08 59.59
N SER W 181 15.18 16.10 60.92
CA SER W 181 15.64 14.92 61.66
C SER W 181 14.59 14.54 62.70
N THR W 182 14.43 13.23 62.88
CA THR W 182 13.44 12.70 63.81
C THR W 182 14.01 11.57 64.64
N LEU W 183 14.08 11.77 65.95
CA LEU W 183 14.32 10.72 66.92
C LEU W 183 13.00 10.09 67.37
N THR W 184 12.84 8.80 67.10
CA THR W 184 11.67 8.03 67.49
C THR W 184 12.05 7.10 68.66
N LEU W 185 11.47 7.34 69.83
CA LEU W 185 11.76 6.54 71.04
C LEU W 185 10.51 5.88 71.58
N THR W 186 10.72 5.00 72.56
CA THR W 186 9.62 4.47 73.37
C THR W 186 9.17 5.57 74.39
N LYS W 187 8.31 5.22 75.34
CA LYS W 187 7.93 6.12 76.43
C LYS W 187 8.71 5.80 77.70
N ASP W 188 8.76 4.51 78.05
CA ASP W 188 9.48 4.03 79.25
C ASP W 188 10.94 4.50 79.39
N GLU W 189 11.60 4.80 78.27
CA GLU W 189 12.92 5.43 78.28
C GLU W 189 12.92 6.90 77.82
N TYR W 190 11.85 7.35 77.11
CA TYR W 190 11.63 8.81 76.93
C TYR W 190 11.57 9.53 78.27
N GLU W 191 10.85 8.92 79.22
CA GLU W 191 10.58 9.54 80.51
C GLU W 191 11.62 9.31 81.59
N ARG W 192 12.63 8.47 81.35
CA ARG W 192 13.76 8.32 82.28
C ARG W 192 14.62 9.58 82.23
N HIS W 193 15.02 9.98 81.02
CA HIS W 193 15.85 11.16 80.82
C HIS W 193 15.02 12.41 80.66
N ASN W 194 15.64 13.54 80.95
CA ASN W 194 14.97 14.82 81.14
C ASN W 194 15.24 15.88 80.07
N SER W 195 16.52 16.10 79.73
CA SER W 195 16.93 17.06 78.69
C SER W 195 17.17 16.41 77.30
N TYR W 196 16.59 17.01 76.24
CA TYR W 196 16.76 16.54 74.85
C TYR W 196 17.25 17.66 73.92
N THR W 197 18.52 17.56 73.50
CA THR W 197 19.18 18.57 72.68
C THR W 197 19.27 18.09 71.23
N CYS W 198 19.23 19.06 70.32
CA CYS W 198 19.40 18.85 68.90
C CYS W 198 20.49 19.86 68.52
N GLU W 199 21.70 19.37 68.24
CA GLU W 199 22.86 20.21 67.86
C GLU W 199 23.06 20.14 66.35
N ALA W 200 22.90 21.28 65.66
CA ALA W 200 23.10 21.35 64.22
C ALA W 200 24.48 21.96 63.96
N THR W 201 25.40 21.23 63.30
CA THR W 201 26.75 21.76 63.00
C THR W 201 26.88 21.85 61.49
N HIS W 202 27.32 23.00 60.99
CA HIS W 202 27.21 23.35 59.57
C HIS W 202 28.36 24.29 59.16
N LYS W 203 28.75 24.25 57.87
CA LYS W 203 29.87 25.05 57.30
C LYS W 203 29.94 26.53 57.72
N THR W 204 28.77 27.13 57.95
CA THR W 204 28.65 28.55 58.27
C THR W 204 29.26 28.98 59.61
N SER W 205 29.43 28.04 60.54
CA SER W 205 29.93 28.36 61.89
C SER W 205 30.65 27.14 62.48
N THR W 206 31.81 27.38 63.10
CA THR W 206 32.54 26.35 63.84
C THR W 206 31.65 25.84 64.98
N SER W 207 31.14 26.80 65.77
CA SER W 207 30.19 26.52 66.87
C SER W 207 28.89 25.99 66.29
N PRO W 208 28.29 24.97 66.94
CA PRO W 208 27.03 24.42 66.44
C PRO W 208 25.81 25.21 66.94
N ILE W 209 24.74 25.23 66.15
CA ILE W 209 23.47 25.85 66.53
C ILE W 209 22.75 24.83 67.40
N VAL W 210 22.49 25.18 68.66
CA VAL W 210 21.86 24.27 69.62
C VAL W 210 20.40 24.66 69.89
N LYS W 211 19.57 23.65 70.07
CA LYS W 211 18.14 23.83 70.20
C LYS W 211 17.65 22.69 71.07
N SER W 212 17.02 23.02 72.20
CA SER W 212 16.71 22.01 73.21
C SER W 212 15.46 22.33 74.04
N PHE W 213 14.96 21.30 74.73
CA PHE W 213 13.77 21.43 75.59
C PHE W 213 13.89 20.55 76.82
N ASN W 214 12.90 20.66 77.72
CA ASN W 214 12.81 19.84 78.91
C ASN W 214 11.40 19.29 79.01
N ARG W 215 11.34 18.02 79.43
CA ARG W 215 10.10 17.26 79.52
C ARG W 215 9.26 17.63 80.76
N ASN W 216 9.94 17.91 81.89
CA ASN W 216 9.28 18.43 83.08
C ASN W 216 8.89 19.91 82.91
N GLU W 217 9.81 20.76 82.42
CA GLU W 217 9.53 22.20 82.17
C GLU W 217 8.33 22.39 81.23
N CYS W 218 7.40 23.25 81.64
CA CYS W 218 6.06 23.41 81.00
C CYS W 218 5.80 22.52 79.77
N HYP X 12 6.98 14.63 11.37
CA HYP X 12 6.65 13.90 12.60
C HYP X 12 5.34 13.15 12.81
O HYP X 12 5.37 11.93 13.00
CB HYP X 12 7.59 14.34 13.74
CG HYP X 12 8.37 15.54 13.14
CD HYP X 12 8.05 15.58 11.63
OD1 HYP X 12 9.78 15.41 13.38
N GLY X 13 4.21 13.85 12.74
CA GLY X 13 2.90 13.28 13.06
C GLY X 13 2.78 12.80 14.50
N GLY X 14 1.87 11.85 14.71
CA GLY X 14 1.60 11.27 16.01
C GLY X 14 2.69 10.45 16.66
N ARG X 15 3.75 10.14 15.90
CA ARG X 15 5.03 9.68 16.45
C ARG X 15 5.54 10.58 17.56
N GLY X 16 5.40 11.89 17.36
CA GLY X 16 5.93 12.90 18.24
C GLY X 16 7.27 13.39 17.72
N LEU X 17 7.68 14.56 18.17
CA LEU X 17 8.98 15.12 17.84
C LEU X 17 10.11 14.22 18.30
N THR X 18 9.91 13.59 19.46
CA THR X 18 10.91 12.71 20.10
C THR X 18 10.94 11.26 19.61
N GLY X 19 9.93 10.84 18.86
CA GLY X 19 9.83 9.48 18.36
C GLY X 19 10.91 9.09 17.34
N PRO X 20 10.91 7.82 16.90
CA PRO X 20 11.89 7.37 15.92
C PRO X 20 11.52 7.85 14.50
N ILE X 21 12.39 7.54 13.55
CA ILE X 21 12.23 7.94 12.16
C ILE X 21 12.03 6.65 11.39
N GLY X 22 10.87 6.50 10.72
CA GLY X 22 10.55 5.30 9.91
C GLY X 22 11.03 5.37 8.45
N PRO X 23 11.13 4.21 7.77
CA PRO X 23 11.86 4.12 6.49
C PRO X 23 11.29 4.97 5.35
#